data_4R7N
#
_entry.id   4R7N
#
_cell.length_a   178.100
_cell.length_b   208.410
_cell.length_c   214.380
_cell.angle_alpha   90.00
_cell.angle_beta   90.00
_cell.angle_gamma   90.00
#
_symmetry.space_group_name_H-M   'P 21 2 21'
#
loop_
_entity.id
_entity.type
_entity.pdbx_description
1 polymer 'Fab C2E3 Heavy chain'
2 polymer 'Fab C2E3 Light chain'
#
loop_
_entity_poly.entity_id
_entity_poly.type
_entity_poly.pdbx_seq_one_letter_code
_entity_poly.pdbx_strand_id
1 'polypeptide(L)'
;QVQLQESGPGLVKPSDTLSLTCAVSGYPIRFGYSWHWIRQPPGKGLEWMGYIHYSGYTDFNPSLKTRITISRDTSKNQFS
LKLSSVTAVDTAVYYCARKDSGNYFPYWGQGTLVTVSSASTKGPSVFPLAPSSKSTSGGTAALGCLVKDYFPEPVTVSWN
SGALTSGVHTFPAVLQSSGLYSLSSVVTVPSSSLGTQTYICNVNHKPSNTKVDKRVEPKSCDKTH
;
A,C,E,G,I,K,M,O,Q,S
2 'polypeptide(L)'
;EIVLTQSPDFQSVTPKEKVTITCRASQSISDHLHWYQQKPDQSPKLLIKYASHAISGVPSRFSGSGSGTDFTLTINSLEA
EDAATYYCQQGYDFPLTFGGGTKVEIKRTVAAPSVFIFPPSDEQLKSGTASVVCLLNNFYPREAKVQWKVDNALQSGNSQ
ESVTEQDSKDSTYSLSSTLTLSKADYEKHKVYACEVTHQGLSSPVTKSFNRGEC
;
B,D,F,H,J,L,N,P,R,T
#
# COMPACT_ATOMS: atom_id res chain seq x y z
N GLN A 1 27.02 56.41 50.20
CA GLN A 1 25.92 55.79 50.94
C GLN A 1 24.63 56.58 50.69
N VAL A 2 24.68 57.47 49.70
CA VAL A 2 23.52 58.28 49.34
C VAL A 2 22.51 57.42 48.58
N GLN A 3 21.23 57.61 48.88
CA GLN A 3 20.17 56.91 48.18
C GLN A 3 19.10 57.89 47.72
N LEU A 4 18.52 57.62 46.55
CA LEU A 4 17.50 58.48 45.99
C LEU A 4 16.31 57.65 45.54
N GLN A 5 15.11 58.19 45.77
CA GLN A 5 13.89 57.51 45.37
C GLN A 5 12.86 58.50 44.87
N GLU A 6 12.23 58.19 43.75
CA GLU A 6 11.26 59.08 43.13
C GLU A 6 9.84 58.55 43.26
N SER A 7 8.92 59.45 43.57
CA SER A 7 7.52 59.08 43.76
C SER A 7 6.60 60.14 43.18
N GLY A 8 5.47 59.69 42.64
CA GLY A 8 4.47 60.60 42.09
C GLY A 8 3.32 59.81 41.51
N PRO A 9 2.46 60.47 40.73
CA PRO A 9 1.31 59.81 40.13
C PRO A 9 1.74 58.87 39.01
N GLY A 10 1.03 57.75 38.87
CA GLY A 10 1.38 56.75 37.88
C GLY A 10 0.89 57.12 36.49
N LEU A 11 -0.19 57.89 36.44
CA LEU A 11 -0.85 58.21 35.18
C LEU A 11 -1.25 59.68 35.13
N VAL A 12 -1.10 60.29 33.96
CA VAL A 12 -1.51 61.68 33.78
C VAL A 12 -2.17 61.88 32.42
N LYS A 13 -3.31 62.57 32.42
CA LYS A 13 -4.01 62.89 31.19
C LYS A 13 -3.16 63.82 30.33
N PRO A 14 -3.30 63.71 29.00
CA PRO A 14 -2.55 64.58 28.10
C PRO A 14 -2.99 66.04 28.25
N SER A 15 -2.10 66.96 27.88
CA SER A 15 -2.33 68.40 28.01
C SER A 15 -2.45 68.86 29.47
N ASP A 16 -2.03 68.00 30.40
CA ASP A 16 -1.99 68.37 31.81
C ASP A 16 -0.56 68.65 32.23
N THR A 17 -0.32 68.63 33.54
CA THR A 17 1.01 68.89 34.07
C THR A 17 1.55 67.68 34.82
N LEU A 18 2.76 67.27 34.46
CA LEU A 18 3.44 66.17 35.13
C LEU A 18 4.17 66.70 36.35
N SER A 19 3.98 66.06 37.50
CA SER A 19 4.65 66.48 38.73
C SER A 19 5.33 65.30 39.40
N LEU A 20 6.60 65.46 39.72
CA LEU A 20 7.39 64.41 40.35
C LEU A 20 8.32 64.95 41.42
N THR A 21 8.64 64.11 42.39
CA THR A 21 9.48 64.49 43.51
C THR A 21 10.48 63.38 43.81
N CYS A 22 11.74 63.75 43.97
CA CYS A 22 12.77 62.79 44.34
C CYS A 22 13.22 63.04 45.78
N ALA A 23 13.27 61.97 46.58
CA ALA A 23 13.61 62.09 47.99
C ALA A 23 15.02 61.59 48.27
N VAL A 24 15.87 62.46 48.78
CA VAL A 24 17.25 62.12 49.08
C VAL A 24 17.44 61.78 50.55
N SER A 25 18.14 60.67 50.81
CA SER A 25 18.40 60.23 52.17
C SER A 25 19.87 59.91 52.34
N GLY A 26 20.43 60.26 53.50
CA GLY A 26 21.82 59.98 53.81
C GLY A 26 22.73 61.16 53.50
N TYR A 27 22.16 62.17 52.88
CA TYR A 27 22.90 63.38 52.54
C TYR A 27 21.91 64.52 52.28
N PRO A 28 22.14 65.66 52.95
CA PRO A 28 21.37 66.91 52.77
C PRO A 28 21.75 67.71 51.51
N ILE A 29 20.76 67.93 50.65
CA ILE A 29 20.95 68.69 49.40
C ILE A 29 21.55 70.07 49.63
N ARG A 30 21.25 70.68 50.78
CA ARG A 30 21.69 72.05 51.00
C ARG A 30 23.21 72.18 50.91
N PHE A 31 23.92 71.19 51.46
CA PHE A 31 25.35 71.12 51.23
C PHE A 31 25.53 70.31 49.94
N GLY A 32 26.69 70.47 49.29
CA GLY A 32 27.17 69.52 48.30
C GLY A 32 26.46 69.33 46.96
N TYR A 33 26.86 68.26 46.28
CA TYR A 33 26.54 68.00 44.87
C TYR A 33 25.20 68.50 44.32
N SER A 34 25.17 68.81 43.03
CA SER A 34 23.93 69.21 42.39
C SER A 34 23.16 68.01 41.87
N TRP A 35 21.84 68.17 41.70
CA TRP A 35 20.94 67.03 41.58
C TRP A 35 20.07 67.16 40.34
N HIS A 36 19.88 66.04 39.67
CA HIS A 36 19.38 66.06 38.29
C HIS A 36 18.14 65.21 38.08
N TRP A 37 17.48 65.45 36.96
CA TRP A 37 16.34 64.66 36.52
C TRP A 37 16.61 64.09 35.14
N ILE A 38 16.52 62.78 35.01
CA ILE A 38 16.77 62.12 33.74
C ILE A 38 15.60 61.19 33.41
N ARG A 39 15.17 61.22 32.15
CA ARG A 39 14.05 60.36 31.74
C ARG A 39 14.43 59.44 30.60
N GLN A 40 13.77 58.30 30.55
CA GLN A 40 14.01 57.32 29.50
C GLN A 40 12.70 56.70 29.02
N PRO A 41 12.26 57.05 27.81
CA PRO A 41 11.10 56.42 27.19
C PRO A 41 11.37 54.94 26.91
N PRO A 42 10.31 54.11 26.92
CA PRO A 42 10.44 52.66 26.75
C PRO A 42 11.17 52.28 25.46
N GLY A 43 12.24 51.50 25.60
CA GLY A 43 12.99 51.02 24.47
C GLY A 43 13.75 52.12 23.74
N LYS A 44 14.02 53.22 24.44
CA LYS A 44 14.74 54.33 23.86
C LYS A 44 15.86 54.84 24.77
N GLY A 45 16.59 55.84 24.29
CA GLY A 45 17.73 56.36 25.00
C GLY A 45 17.39 57.32 26.13
N LEU A 46 18.36 57.56 27.00
CA LEU A 46 18.20 58.46 28.13
C LEU A 46 18.23 59.92 27.68
N GLU A 47 17.41 60.74 28.32
CA GLU A 47 17.40 62.17 28.04
C GLU A 47 17.61 62.97 29.31
N TRP A 48 18.52 63.94 29.25
CA TRP A 48 18.82 64.79 30.39
C TRP A 48 17.94 66.04 30.38
N MET A 49 17.19 66.24 31.46
CA MET A 49 16.26 67.37 31.55
C MET A 49 16.90 68.64 32.11
N GLY A 50 17.48 68.53 33.29
CA GLY A 50 18.06 69.69 33.95
C GLY A 50 18.53 69.35 35.34
N TYR A 51 18.90 70.38 36.10
CA TYR A 51 19.42 70.16 37.43
C TYR A 51 19.16 71.32 38.37
N ILE A 52 19.34 71.04 39.66
CA ILE A 52 19.29 72.08 40.67
C ILE A 52 20.52 71.97 41.57
N HIS A 53 21.26 73.08 41.67
CA HIS A 53 22.44 73.14 42.51
C HIS A 53 22.00 73.16 43.97
N TYR A 54 22.91 72.81 44.88
CA TYR A 54 22.64 72.98 46.31
C TYR A 54 22.32 74.42 46.59
N SER A 55 22.97 75.30 45.83
CA SER A 55 22.84 76.74 46.00
C SER A 55 21.43 77.22 45.66
N GLY A 56 20.67 76.37 44.97
CA GLY A 56 19.33 76.73 44.55
C GLY A 56 19.34 77.18 43.10
N TYR A 57 20.53 77.18 42.51
CA TYR A 57 20.71 77.45 41.10
C TYR A 57 19.98 76.38 40.30
N THR A 58 19.38 76.75 39.17
CA THR A 58 18.70 75.81 38.31
C THR A 58 18.99 76.10 36.84
N ASP A 59 19.30 75.05 36.08
CA ASP A 59 19.52 75.17 34.65
C ASP A 59 18.83 74.00 33.93
N PHE A 60 18.41 74.23 32.70
CA PHE A 60 17.61 73.24 31.97
C PHE A 60 18.17 72.89 30.60
N ASN A 61 17.72 71.76 30.08
CA ASN A 61 17.98 71.40 28.69
C ASN A 61 17.18 72.31 27.77
N PRO A 62 17.79 72.77 26.66
CA PRO A 62 17.11 73.69 25.74
C PRO A 62 15.90 73.05 25.05
N SER A 63 15.96 71.75 24.79
CA SER A 63 14.85 71.03 24.18
C SER A 63 13.97 70.53 25.30
N LEU A 64 12.65 70.65 25.10
CA LEU A 64 11.59 70.36 26.09
C LEU A 64 11.37 71.53 27.04
N LYS A 65 12.23 72.55 26.91
CA LYS A 65 12.15 73.75 27.73
C LYS A 65 10.81 74.46 27.61
N THR A 66 10.60 75.46 28.47
CA THR A 66 9.33 76.20 28.57
C THR A 66 8.19 75.34 29.11
N ARG A 67 8.47 74.06 29.32
CA ARG A 67 7.50 73.15 29.91
C ARG A 67 8.03 72.67 31.25
N ILE A 68 9.34 72.83 31.43
CA ILE A 68 10.01 72.27 32.60
C ILE A 68 10.38 73.30 33.66
N THR A 69 10.11 72.95 34.91
CA THR A 69 10.52 73.75 36.05
C THR A 69 10.98 72.81 37.15
N ILE A 70 12.14 73.11 37.74
CA ILE A 70 12.66 72.30 38.83
C ILE A 70 12.70 73.09 40.12
N SER A 71 12.16 72.49 41.17
CA SER A 71 12.13 73.14 42.49
C SER A 71 12.53 72.15 43.57
N ARG A 72 12.79 72.67 44.76
CA ARG A 72 13.20 71.83 45.87
C ARG A 72 12.54 72.26 47.17
N ASP A 73 12.49 71.31 48.11
CA ASP A 73 12.07 71.61 49.46
C ASP A 73 13.12 71.07 50.41
N THR A 74 14.08 71.92 50.75
CA THR A 74 15.23 71.51 51.56
C THR A 74 14.82 70.91 52.90
N SER A 75 13.73 71.40 53.46
CA SER A 75 13.23 70.91 54.75
C SER A 75 12.97 69.41 54.71
N LYS A 76 12.48 68.93 53.58
CA LYS A 76 12.14 67.52 53.43
C LYS A 76 13.23 66.76 52.69
N ASN A 77 14.33 67.43 52.40
CA ASN A 77 15.41 66.86 51.63
C ASN A 77 14.91 66.34 50.27
N GLN A 78 14.19 67.21 49.57
CA GLN A 78 13.58 66.81 48.30
C GLN A 78 13.81 67.83 47.18
N PHE A 79 13.81 67.34 45.95
CA PHE A 79 13.87 68.20 44.76
C PHE A 79 12.91 67.69 43.69
N SER A 80 12.02 68.56 43.24
CA SER A 80 10.89 68.14 42.43
C SER A 80 10.98 68.54 40.96
N LEU A 81 10.19 67.86 40.13
CA LEU A 81 10.16 68.11 38.69
C LEU A 81 8.73 68.36 38.22
N LYS A 82 8.58 69.34 37.34
CA LYS A 82 7.28 69.66 36.76
C LYS A 82 7.35 69.82 35.25
N LEU A 83 6.53 69.04 34.55
CA LEU A 83 6.44 69.12 33.09
C LEU A 83 5.01 69.46 32.71
N SER A 84 4.85 70.47 31.86
CA SER A 84 3.53 70.97 31.51
C SER A 84 3.19 70.70 30.04
N SER A 85 1.90 70.75 29.72
CA SER A 85 1.41 70.47 28.37
C SER A 85 1.92 69.12 27.90
N VAL A 86 1.71 68.11 28.74
CA VAL A 86 2.22 66.77 28.51
C VAL A 86 1.52 66.07 27.36
N THR A 87 2.30 65.37 26.54
CA THR A 87 1.75 64.60 25.44
C THR A 87 2.14 63.13 25.59
N ALA A 88 1.82 62.34 24.58
CA ALA A 88 2.10 60.90 24.61
C ALA A 88 3.60 60.62 24.57
N VAL A 89 4.37 61.56 24.03
CA VAL A 89 5.82 61.40 23.93
C VAL A 89 6.47 61.39 25.30
N ASP A 90 5.91 62.16 26.23
CA ASP A 90 6.48 62.31 27.56
C ASP A 90 6.39 61.06 28.42
N THR A 91 5.76 60.01 27.88
CA THR A 91 5.66 58.74 28.60
C THR A 91 7.03 58.09 28.73
N ALA A 92 7.51 57.98 29.96
CA ALA A 92 8.85 57.47 30.21
C ALA A 92 9.05 57.10 31.68
N VAL A 93 10.19 56.46 31.95
CA VAL A 93 10.62 56.27 33.33
C VAL A 93 11.52 57.44 33.72
N TYR A 94 11.36 57.91 34.96
CA TYR A 94 12.07 59.09 35.40
C TYR A 94 13.08 58.76 36.48
N TYR A 95 14.25 59.38 36.39
CA TYR A 95 15.37 59.04 37.26
C TYR A 95 15.85 60.20 38.11
N CYS A 96 16.24 59.87 39.35
CA CYS A 96 16.91 60.81 40.23
C CYS A 96 18.38 60.47 40.27
N ALA A 97 19.22 61.48 40.32
CA ALA A 97 20.66 61.25 40.31
C ALA A 97 21.44 62.29 41.12
N ARG A 98 22.75 62.29 40.90
CA ARG A 98 23.64 63.25 41.52
C ARG A 98 24.70 63.61 40.49
N LYS A 99 24.82 64.90 40.16
CA LYS A 99 25.83 65.34 39.20
C LYS A 99 27.19 64.89 39.66
N ASP A 100 27.35 64.85 40.98
CA ASP A 100 28.64 64.60 41.59
C ASP A 100 29.56 65.71 41.07
N SER A 101 30.73 65.33 40.57
CA SER A 101 31.67 66.29 40.02
C SER A 101 32.13 65.79 38.66
N GLY A 102 32.57 66.70 37.80
CA GLY A 102 32.99 66.32 36.46
C GLY A 102 31.86 65.80 35.60
N ASN A 103 30.63 66.05 36.07
CA ASN A 103 29.42 65.71 35.33
C ASN A 103 29.29 64.23 34.96
N TYR A 104 29.48 63.37 35.97
CA TYR A 104 29.13 61.96 35.85
C TYR A 104 28.25 61.59 37.04
N PHE A 105 27.21 60.80 36.78
CA PHE A 105 26.26 60.43 37.82
C PHE A 105 26.58 59.05 38.36
N PRO A 106 27.04 58.98 39.61
CA PRO A 106 27.37 57.67 40.19
C PRO A 106 26.16 57.00 40.84
N TYR A 107 25.25 57.81 41.38
CA TYR A 107 24.11 57.29 42.13
C TYR A 107 22.80 57.59 41.42
N TRP A 108 22.03 56.55 41.15
CA TRP A 108 20.76 56.69 40.45
C TRP A 108 19.59 56.26 41.33
N GLY A 109 18.42 56.82 41.04
CA GLY A 109 17.21 56.44 41.75
C GLY A 109 16.70 55.11 41.25
N GLN A 110 15.68 54.59 41.92
CA GLN A 110 15.05 53.32 41.53
C GLN A 110 14.36 53.49 40.18
N GLY A 111 13.84 54.68 39.94
CA GLY A 111 13.12 54.98 38.72
C GLY A 111 11.64 54.73 38.86
N THR A 112 10.83 55.70 38.44
CA THR A 112 9.39 55.54 38.47
C THR A 112 8.82 55.75 37.08
N LEU A 113 7.74 55.04 36.78
CA LEU A 113 7.11 55.15 35.47
C LEU A 113 5.94 56.12 35.53
N VAL A 114 5.76 56.85 34.43
CA VAL A 114 4.63 57.74 34.23
C VAL A 114 4.16 57.54 32.80
N THR A 115 2.86 57.27 32.63
CA THR A 115 2.31 57.08 31.30
C THR A 115 1.21 58.08 31.01
N VAL A 116 1.19 58.59 29.79
CA VAL A 116 0.24 59.62 29.41
C VAL A 116 -0.93 59.05 28.61
N SER A 117 -2.06 58.90 29.29
CA SER A 117 -3.27 58.40 28.66
C SER A 117 -4.51 59.03 29.27
N SER A 118 -5.54 59.17 28.44
CA SER A 118 -6.80 59.73 28.90
C SER A 118 -7.64 58.67 29.60
N ALA A 119 -7.22 57.41 29.47
CA ALA A 119 -7.96 56.29 30.02
C ALA A 119 -7.93 56.28 31.54
N SER A 120 -8.91 55.63 32.14
CA SER A 120 -8.99 55.53 33.60
C SER A 120 -8.23 54.29 34.08
N THR A 121 -8.21 54.09 35.39
CA THR A 121 -7.41 53.02 35.98
C THR A 121 -8.25 51.83 36.48
N LYS A 122 -7.67 50.65 36.32
CA LYS A 122 -8.17 49.40 36.87
C LYS A 122 -6.91 48.82 37.50
N GLY A 123 -6.94 47.73 38.27
CA GLY A 123 -8.10 46.89 38.56
C GLY A 123 -7.85 45.47 38.10
N PRO A 124 -6.67 44.90 38.43
CA PRO A 124 -6.30 43.61 37.82
C PRO A 124 -7.04 42.43 38.42
N SER A 125 -7.26 41.41 37.59
CA SER A 125 -7.78 40.13 38.05
C SER A 125 -6.65 39.12 38.05
N VAL A 126 -6.55 38.34 39.11
CA VAL A 126 -5.47 37.36 39.22
C VAL A 126 -6.02 35.94 39.12
N PHE A 127 -5.62 35.25 38.06
CA PHE A 127 -6.07 33.88 37.82
C PHE A 127 -4.89 32.92 37.83
N PRO A 128 -5.07 31.76 38.49
CA PRO A 128 -3.99 30.79 38.60
C PRO A 128 -3.88 29.89 37.37
N LEU A 129 -2.65 29.50 37.03
CA LEU A 129 -2.42 28.50 36.00
C LEU A 129 -2.05 27.20 36.68
N ALA A 130 -2.63 26.11 36.21
CA ALA A 130 -2.46 24.80 36.85
C ALA A 130 -1.22 24.08 36.35
N PRO A 131 -0.41 23.55 37.28
CA PRO A 131 0.83 22.84 36.94
C PRO A 131 0.56 21.52 36.23
N SER A 132 1.60 20.94 35.66
CA SER A 132 1.48 19.70 34.88
C SER A 132 0.86 18.56 35.68
N SER A 133 0.08 17.73 35.00
CA SER A 133 -0.60 16.62 35.64
C SER A 133 0.33 15.44 35.93
N LYS A 134 1.52 15.46 35.34
CA LYS A 134 2.48 14.36 35.54
C LYS A 134 3.36 14.56 36.77
N SER A 135 2.86 14.14 37.93
CA SER A 135 3.60 14.27 39.17
C SER A 135 4.53 13.07 39.40
N THR A 136 4.31 12.00 38.63
CA THR A 136 5.10 10.78 38.78
C THR A 136 6.44 10.91 38.06
N SER A 137 6.53 11.86 37.14
CA SER A 137 7.72 12.03 36.31
C SER A 137 8.97 12.40 37.11
N GLY A 138 8.78 13.11 38.21
CA GLY A 138 9.88 13.49 39.07
C GLY A 138 10.73 14.63 38.52
N GLY A 139 10.41 15.06 37.31
CA GLY A 139 11.15 16.12 36.66
C GLY A 139 10.65 17.50 37.05
N THR A 140 11.08 18.52 36.31
CA THR A 140 10.66 19.89 36.57
C THR A 140 9.28 20.17 35.96
N ALA A 141 8.46 20.87 36.73
CA ALA A 141 7.13 21.27 36.26
C ALA A 141 6.99 22.78 36.39
N ALA A 142 5.91 23.34 35.87
CA ALA A 142 5.73 24.78 35.91
C ALA A 142 4.29 25.22 36.13
N LEU A 143 4.13 26.23 36.96
CA LEU A 143 2.84 26.84 37.29
C LEU A 143 2.98 28.35 37.13
N GLY A 144 1.92 29.08 37.48
CA GLY A 144 2.01 30.51 37.44
C GLY A 144 0.71 31.26 37.62
N CYS A 145 0.82 32.55 37.93
CA CYS A 145 -0.35 33.39 38.01
C CYS A 145 -0.55 34.12 36.70
N LEU A 146 -1.81 34.36 36.38
CA LEU A 146 -2.16 35.17 35.22
C LEU A 146 -2.73 36.48 35.71
N VAL A 147 -2.08 37.57 35.35
CA VAL A 147 -2.55 38.90 35.73
C VAL A 147 -3.14 39.57 34.51
N LYS A 148 -4.42 39.91 34.59
CA LYS A 148 -5.13 40.35 33.41
C LYS A 148 -6.01 41.58 33.67
N ASP A 149 -6.16 42.41 32.64
CA ASP A 149 -7.08 43.54 32.63
C ASP A 149 -6.77 44.58 33.70
N TYR A 150 -5.58 45.16 33.62
CA TYR A 150 -5.22 46.25 34.52
C TYR A 150 -4.65 47.42 33.74
N PHE A 151 -4.72 48.61 34.33
CA PHE A 151 -4.21 49.81 33.70
C PHE A 151 -4.00 50.91 34.73
N PRO A 152 -2.85 51.59 34.66
CA PRO A 152 -1.77 51.31 33.71
C PRO A 152 -0.69 50.46 34.37
N GLU A 153 0.47 50.39 33.71
CA GLU A 153 1.63 49.70 34.27
C GLU A 153 2.30 50.57 35.33
N PRO A 154 3.11 49.97 36.21
CA PRO A 154 3.43 48.54 36.28
C PRO A 154 2.70 47.81 37.40
N VAL A 155 2.87 46.50 37.39
CA VAL A 155 2.37 45.63 38.43
C VAL A 155 3.56 44.82 38.92
N THR A 156 3.54 44.45 40.20
CA THR A 156 4.66 43.71 40.79
C THR A 156 4.21 42.35 41.28
N VAL A 157 4.95 41.32 40.88
CA VAL A 157 4.62 39.95 41.24
C VAL A 157 5.80 39.27 41.92
N SER A 158 5.52 38.63 43.05
CA SER A 158 6.55 37.87 43.76
C SER A 158 5.93 36.57 44.26
N TRP A 159 6.77 35.58 44.52
CA TRP A 159 6.28 34.27 44.93
C TRP A 159 6.72 33.92 46.35
N ASN A 160 5.76 33.43 47.13
CA ASN A 160 5.99 33.10 48.54
C ASN A 160 6.59 34.25 49.32
N SER A 161 6.09 35.45 49.05
CA SER A 161 6.54 36.67 49.73
C SER A 161 8.04 36.90 49.60
N GLY A 162 8.60 36.53 48.45
CA GLY A 162 10.00 36.76 48.16
C GLY A 162 10.92 35.63 48.57
N ALA A 163 10.35 34.58 49.16
CA ALA A 163 11.13 33.42 49.57
C ALA A 163 11.61 32.63 48.35
N LEU A 164 10.74 32.55 47.35
CA LEU A 164 11.04 31.82 46.13
C LEU A 164 11.35 32.80 44.99
N THR A 165 12.60 32.85 44.59
CA THR A 165 13.03 33.80 43.56
C THR A 165 13.76 33.12 42.42
N SER A 166 14.06 31.84 42.59
CA SER A 166 14.81 31.10 41.58
C SER A 166 13.91 30.43 40.55
N GLY A 167 14.25 30.61 39.28
CA GLY A 167 13.52 29.98 38.19
C GLY A 167 12.17 30.62 37.94
N VAL A 168 12.04 31.89 38.30
CA VAL A 168 10.79 32.62 38.12
C VAL A 168 10.88 33.56 36.93
N HIS A 169 9.95 33.43 36.00
CA HIS A 169 9.89 34.32 34.85
C HIS A 169 8.59 35.11 34.84
N THR A 170 8.71 36.42 34.92
CA THR A 170 7.56 37.31 34.81
C THR A 170 7.62 38.07 33.50
N PHE A 171 6.74 37.69 32.58
CA PHE A 171 6.74 38.28 31.24
C PHE A 171 6.29 39.74 31.26
N PRO A 172 6.91 40.56 30.39
CA PRO A 172 6.49 41.96 30.24
C PRO A 172 5.07 42.02 29.68
N ALA A 173 4.30 42.96 30.18
CA ALA A 173 2.89 43.08 29.80
C ALA A 173 2.71 43.42 28.33
N VAL A 174 1.55 43.07 27.81
CA VAL A 174 1.18 43.41 26.44
C VAL A 174 -0.19 44.08 26.47
N LEU A 175 -0.39 45.04 25.57
CA LEU A 175 -1.65 45.77 25.52
C LEU A 175 -2.69 45.00 24.72
N GLN A 176 -3.74 44.58 25.41
CA GLN A 176 -4.82 43.82 24.78
C GLN A 176 -5.70 44.71 23.92
N SER A 177 -6.57 44.08 23.14
CA SER A 177 -7.51 44.80 22.29
C SER A 177 -8.51 45.57 23.13
N SER A 178 -8.71 45.11 24.37
CA SER A 178 -9.61 45.76 25.32
C SER A 178 -9.04 47.08 25.80
N GLY A 179 -7.75 47.27 25.61
CA GLY A 179 -7.06 48.47 26.05
C GLY A 179 -6.54 48.31 27.46
N LEU A 180 -6.42 47.06 27.89
CA LEU A 180 -5.94 46.75 29.24
C LEU A 180 -4.71 45.85 29.17
N TYR A 181 -3.72 46.17 29.98
CA TYR A 181 -2.51 45.37 30.03
C TYR A 181 -2.79 44.01 30.66
N SER A 182 -1.99 43.02 30.26
CA SER A 182 -2.10 41.68 30.80
C SER A 182 -0.79 40.93 30.67
N LEU A 183 -0.46 40.13 31.67
CA LEU A 183 0.75 39.33 31.63
C LEU A 183 0.63 38.08 32.50
N SER A 184 1.61 37.19 32.35
CA SER A 184 1.65 35.96 33.13
C SER A 184 3.04 35.81 33.76
N SER A 185 3.06 35.36 35.01
CA SER A 185 4.31 35.10 35.69
C SER A 185 4.38 33.64 36.08
N VAL A 186 5.44 32.96 35.65
CA VAL A 186 5.55 31.53 35.84
C VAL A 186 6.86 31.14 36.53
N VAL A 187 6.85 30.00 37.20
CA VAL A 187 8.05 29.47 37.85
C VAL A 187 8.11 27.95 37.74
N THR A 188 9.30 27.43 37.49
CA THR A 188 9.51 26.00 37.37
C THR A 188 10.01 25.41 38.68
N VAL A 189 9.34 24.34 39.12
CA VAL A 189 9.70 23.66 40.36
C VAL A 189 9.73 22.15 40.13
N PRO A 190 10.47 21.41 40.98
CA PRO A 190 10.45 19.95 40.90
C PRO A 190 9.04 19.41 41.10
N SER A 191 8.64 18.45 40.27
CA SER A 191 7.29 17.91 40.31
C SER A 191 6.98 17.23 41.63
N SER A 192 8.01 16.71 42.29
CA SER A 192 7.85 16.03 43.57
C SER A 192 7.45 17.01 44.68
N SER A 193 7.81 18.27 44.50
CA SER A 193 7.60 19.30 45.52
C SER A 193 6.14 19.74 45.62
N LEU A 194 5.37 19.48 44.57
CA LEU A 194 3.99 19.97 44.47
C LEU A 194 3.10 19.61 45.66
N GLY A 195 3.21 18.37 46.12
CA GLY A 195 2.39 17.90 47.22
C GLY A 195 2.77 18.54 48.55
N THR A 196 4.07 18.56 48.82
CA THR A 196 4.58 19.03 50.11
C THR A 196 4.66 20.55 50.21
N GLN A 197 4.96 21.20 49.09
CA GLN A 197 5.19 22.64 49.08
C GLN A 197 4.02 23.43 48.47
N THR A 198 3.64 24.51 49.15
CA THR A 198 2.58 25.38 48.67
C THR A 198 3.17 26.60 47.97
N TYR A 199 2.54 27.00 46.87
CA TYR A 199 3.02 28.14 46.10
C TYR A 199 1.98 29.24 45.99
N ILE A 200 2.38 30.46 46.31
CA ILE A 200 1.48 31.61 46.29
C ILE A 200 2.09 32.77 45.52
N CYS A 201 1.31 33.36 44.62
CA CYS A 201 1.75 34.53 43.89
C CYS A 201 1.34 35.81 44.64
N ASN A 202 2.31 36.67 44.89
CA ASN A 202 2.02 37.96 45.54
C ASN A 202 1.94 39.06 44.49
N VAL A 203 0.71 39.44 44.15
CA VAL A 203 0.48 40.45 43.14
C VAL A 203 0.11 41.79 43.78
N ASN A 204 0.77 42.85 43.32
CA ASN A 204 0.50 44.17 43.85
C ASN A 204 0.42 45.23 42.75
N HIS A 205 -0.59 46.09 42.86
CA HIS A 205 -0.81 47.12 41.85
C HIS A 205 -0.95 48.49 42.52
N LYS A 206 0.01 49.37 42.29
CA LYS A 206 0.03 50.68 42.93
C LYS A 206 -1.07 51.67 42.51
N PRO A 207 -1.28 51.88 41.19
CA PRO A 207 -2.26 52.89 40.78
C PRO A 207 -3.67 52.66 41.33
N SER A 208 -4.15 51.43 41.24
CA SER A 208 -5.49 51.11 41.72
C SER A 208 -5.45 50.62 43.15
N ASN A 209 -4.25 50.62 43.73
CA ASN A 209 -4.03 50.19 45.10
C ASN A 209 -4.62 48.80 45.36
N THR A 210 -4.28 47.86 44.48
CA THR A 210 -4.81 46.50 44.57
C THR A 210 -3.73 45.52 44.98
N LYS A 211 -4.06 44.64 45.92
CA LYS A 211 -3.12 43.64 46.38
C LYS A 211 -3.80 42.28 46.48
N VAL A 212 -3.49 41.41 45.53
CA VAL A 212 -4.12 40.09 45.47
C VAL A 212 -3.10 38.97 45.62
N ASP A 213 -3.43 37.97 46.44
CA ASP A 213 -2.60 36.79 46.59
C ASP A 213 -3.37 35.55 46.14
N LYS A 214 -2.70 34.68 45.39
CA LYS A 214 -3.35 33.49 44.85
C LYS A 214 -2.53 32.23 45.03
N ARG A 215 -3.16 31.21 45.61
CA ARG A 215 -2.53 29.91 45.75
C ARG A 215 -2.67 29.11 44.45
N VAL A 216 -1.64 28.36 44.10
CA VAL A 216 -1.67 27.56 42.89
C VAL A 216 -1.71 26.06 43.21
N GLU A 217 -2.81 25.41 42.80
CA GLU A 217 -3.00 24.00 43.07
C GLU A 217 -3.55 23.28 41.84
N PRO A 218 -3.17 22.00 41.68
CA PRO A 218 -3.68 21.18 40.57
C PRO A 218 -5.18 20.91 40.73
N GLU B 1 24.10 71.58 21.52
CA GLU B 1 23.98 70.21 22.01
C GLU B 1 24.94 69.26 21.30
N ILE B 2 25.88 68.70 22.06
CA ILE B 2 26.83 67.73 21.51
C ILE B 2 26.13 66.40 21.31
N VAL B 3 26.37 65.79 20.15
CA VAL B 3 25.73 64.53 19.81
C VAL B 3 26.71 63.37 19.79
N LEU B 4 26.43 62.35 20.58
CA LEU B 4 27.27 61.16 20.64
C LEU B 4 26.68 60.06 19.77
N THR B 5 27.56 59.30 19.13
CA THR B 5 27.14 58.20 18.27
C THR B 5 27.91 56.93 18.60
N GLN B 6 27.17 55.89 18.96
CA GLN B 6 27.78 54.62 19.34
C GLN B 6 27.69 53.59 18.22
N SER B 7 28.63 52.65 18.23
CA SER B 7 28.65 51.56 17.26
C SER B 7 29.23 50.32 17.91
N PRO B 8 28.59 49.16 17.69
CA PRO B 8 27.35 49.04 16.90
C PRO B 8 26.13 49.36 17.76
N ASP B 9 24.98 49.56 17.12
CA ASP B 9 23.75 49.79 17.88
C ASP B 9 23.24 48.49 18.47
N PHE B 10 23.56 47.39 17.80
CA PHE B 10 23.25 46.06 18.30
C PHE B 10 24.42 45.12 18.07
N GLN B 11 24.65 44.24 19.02
CA GLN B 11 25.81 43.35 18.98
C GLN B 11 25.48 42.00 19.57
N SER B 12 25.97 40.95 18.92
CA SER B 12 25.75 39.58 19.38
C SER B 12 27.09 38.85 19.47
N VAL B 13 27.48 38.49 20.69
CA VAL B 13 28.79 37.90 20.93
C VAL B 13 28.71 36.56 21.65
N THR B 14 29.70 35.71 21.39
CA THR B 14 29.85 34.44 22.09
C THR B 14 30.52 34.66 23.45
N PRO B 15 30.14 33.85 24.45
CA PRO B 15 30.67 33.98 25.81
C PRO B 15 32.19 33.88 25.87
N LYS B 16 32.77 34.47 26.91
CA LYS B 16 34.21 34.39 27.16
C LYS B 16 35.02 34.99 26.00
N GLU B 17 34.44 35.95 25.30
CA GLU B 17 35.11 36.58 24.17
C GLU B 17 35.14 38.10 24.29
N LYS B 18 36.04 38.72 23.53
CA LYS B 18 36.25 40.16 23.59
C LYS B 18 35.08 40.92 22.97
N VAL B 19 34.66 41.99 23.65
CA VAL B 19 33.57 42.83 23.17
C VAL B 19 34.02 44.29 23.14
N THR B 20 33.80 44.95 22.01
CA THR B 20 34.25 46.33 21.83
C THR B 20 33.11 47.24 21.40
N ILE B 21 33.08 48.44 21.98
CA ILE B 21 32.06 49.43 21.65
C ILE B 21 32.72 50.80 21.47
N THR B 22 32.41 51.47 20.37
CA THR B 22 33.00 52.76 20.07
C THR B 22 32.00 53.89 20.26
N CYS B 23 32.51 55.04 20.69
CA CYS B 23 31.65 56.21 20.88
C CYS B 23 32.29 57.44 20.27
N ARG B 24 31.76 57.86 19.12
CA ARG B 24 32.27 59.04 18.43
C ARG B 24 31.47 60.27 18.82
N ALA B 25 32.16 61.40 18.95
CA ALA B 25 31.56 62.63 19.45
C ALA B 25 31.63 63.78 18.44
N SER B 26 30.59 64.60 18.42
CA SER B 26 30.48 65.72 17.48
C SER B 26 31.68 66.66 17.57
N GLN B 27 32.02 67.03 18.79
CA GLN B 27 33.20 67.86 19.03
C GLN B 27 34.11 67.09 19.97
N SER B 28 35.41 67.36 19.88
CA SER B 28 36.38 66.76 20.79
C SER B 28 35.97 67.04 22.21
N ILE B 29 35.80 65.98 22.99
CA ILE B 29 35.42 66.18 24.37
C ILE B 29 36.61 66.01 25.31
N SER B 30 37.77 65.83 24.71
CA SER B 30 39.02 65.68 25.45
C SER B 30 38.89 64.55 26.45
N ASP B 31 39.20 64.85 27.71
CA ASP B 31 39.23 63.86 28.76
C ASP B 31 37.82 63.36 29.13
N HIS B 32 36.84 64.26 29.01
CA HIS B 32 35.52 64.07 29.63
C HIS B 32 34.59 63.14 28.85
N LEU B 33 34.53 61.89 29.26
CA LEU B 33 33.59 60.93 28.67
C LEU B 33 33.34 59.81 29.69
N HIS B 34 32.10 59.37 29.79
CA HIS B 34 31.74 58.34 30.76
C HIS B 34 30.99 57.18 30.11
N TRP B 35 30.92 56.06 30.80
CA TRP B 35 30.26 54.87 30.29
C TRP B 35 29.30 54.29 31.33
N TYR B 36 28.12 53.88 30.86
CA TYR B 36 27.11 53.30 31.74
C TYR B 36 26.64 51.94 31.26
N GLN B 37 26.24 51.10 32.22
CA GLN B 37 25.65 49.81 31.92
C GLN B 37 24.23 49.76 32.45
N GLN B 38 23.27 49.53 31.56
CA GLN B 38 21.88 49.48 31.98
C GLN B 38 21.25 48.11 31.69
N LYS B 39 21.04 47.33 32.75
CA LYS B 39 20.31 46.08 32.63
C LYS B 39 18.82 46.38 32.58
N PRO B 40 18.01 45.49 31.98
CA PRO B 40 16.58 45.75 31.84
C PRO B 40 15.87 45.96 33.18
N ASP B 41 14.94 46.90 33.22
CA ASP B 41 14.18 47.22 34.42
C ASP B 41 15.07 47.65 35.59
N GLN B 42 16.18 48.30 35.26
CA GLN B 42 17.09 48.83 36.27
C GLN B 42 17.66 50.17 35.86
N SER B 43 18.14 50.91 36.84
CA SER B 43 18.80 52.18 36.60
C SER B 43 20.20 51.93 36.06
N PRO B 44 20.69 52.84 35.18
CA PRO B 44 22.05 52.76 34.64
C PRO B 44 23.09 52.71 35.74
N LYS B 45 24.18 52.00 35.48
CA LYS B 45 25.25 51.84 36.45
C LYS B 45 26.52 52.46 35.89
N LEU B 46 27.27 53.14 36.75
CA LEU B 46 28.51 53.78 36.36
C LEU B 46 29.60 52.73 36.15
N LEU B 47 30.12 52.65 34.92
CA LEU B 47 31.15 51.67 34.60
C LEU B 47 32.52 52.32 34.65
N ILE B 48 32.61 53.52 34.09
CA ILE B 48 33.89 54.16 33.86
C ILE B 48 33.81 55.66 34.10
N LYS B 49 34.56 56.16 35.08
CA LYS B 49 34.75 57.60 35.29
C LYS B 49 35.42 58.18 34.06
N TYR B 50 35.43 59.51 33.92
CA TYR B 50 36.06 60.17 32.77
C TYR B 50 37.37 59.51 32.33
N ALA B 51 37.61 59.48 31.03
CA ALA B 51 38.61 58.61 30.42
C ALA B 51 38.28 57.17 30.79
N SER B 52 39.21 56.48 31.44
CA SER B 52 39.03 55.05 31.71
C SER B 52 39.06 54.61 33.16
N HIS B 53 39.00 55.57 34.09
CA HIS B 53 39.11 55.28 35.52
C HIS B 53 37.98 54.36 35.99
N ALA B 54 38.36 53.20 36.54
CA ALA B 54 37.39 52.23 37.02
C ALA B 54 36.60 52.79 38.21
N ILE B 55 35.55 52.08 38.61
CA ILE B 55 34.46 52.71 39.37
C ILE B 55 34.33 52.29 40.84
N SER B 56 35.12 51.30 41.26
CA SER B 56 35.04 50.66 42.58
C SER B 56 33.86 49.70 42.63
N GLY B 57 34.04 48.56 41.98
CA GLY B 57 33.02 47.52 41.94
C GLY B 57 32.91 46.90 40.57
N VAL B 58 33.54 47.53 39.58
CA VAL B 58 33.51 46.99 38.22
C VAL B 58 34.65 46.00 37.99
N PRO B 59 34.31 44.80 37.50
CA PRO B 59 35.27 43.73 37.26
C PRO B 59 36.40 44.16 36.32
N SER B 60 37.51 43.44 36.37
CA SER B 60 38.69 43.77 35.57
C SER B 60 38.43 43.60 34.08
N ARG B 61 37.44 42.77 33.74
CA ARG B 61 37.07 42.53 32.36
C ARG B 61 36.63 43.83 31.70
N PHE B 62 35.89 44.63 32.46
CA PHE B 62 35.45 45.93 31.99
C PHE B 62 36.61 46.93 31.95
N SER B 63 36.72 47.62 30.83
CA SER B 63 37.76 48.62 30.65
C SER B 63 37.27 49.72 29.72
N GLY B 64 38.19 50.58 29.31
CA GLY B 64 37.87 51.65 28.40
C GLY B 64 39.13 52.39 27.99
N SER B 65 38.99 53.25 26.98
CA SER B 65 40.10 54.09 26.53
C SER B 65 39.61 55.15 25.58
N GLY B 66 40.41 56.19 25.40
CA GLY B 66 40.09 57.22 24.44
C GLY B 66 40.46 58.62 24.85
N SER B 67 40.36 59.51 23.87
CA SER B 67 40.59 60.92 24.05
C SER B 67 39.97 61.56 22.82
N GLY B 68 39.88 62.88 22.80
CA GLY B 68 39.37 63.59 21.65
C GLY B 68 38.03 63.09 21.13
N THR B 69 37.93 62.94 19.81
CA THR B 69 36.69 62.58 19.16
C THR B 69 36.25 61.12 19.39
N ASP B 70 37.20 60.25 19.71
CA ASP B 70 36.92 58.81 19.74
C ASP B 70 37.20 58.10 21.07
N PHE B 71 36.23 57.29 21.50
CA PHE B 71 36.35 56.52 22.73
C PHE B 71 35.90 55.09 22.53
N THR B 72 36.54 54.18 23.26
CA THR B 72 36.25 52.76 23.11
C THR B 72 36.15 52.05 24.44
N LEU B 73 35.02 51.39 24.67
CA LEU B 73 34.85 50.52 25.83
C LEU B 73 35.10 49.09 25.38
N THR B 74 35.92 48.36 26.15
CA THR B 74 36.23 46.99 25.82
C THR B 74 35.90 46.04 26.98
N ILE B 75 35.23 44.95 26.65
CA ILE B 75 35.00 43.88 27.61
C ILE B 75 35.91 42.73 27.27
N ASN B 76 36.98 42.56 28.06
CA ASN B 76 38.00 41.55 27.77
C ASN B 76 37.46 40.13 27.68
N SER B 77 36.58 39.77 28.60
CA SER B 77 35.94 38.46 28.59
C SER B 77 34.47 38.59 28.88
N LEU B 78 33.65 38.24 27.89
CA LEU B 78 32.20 38.37 28.01
C LEU B 78 31.63 37.32 28.95
N GLU B 79 30.92 37.77 29.98
CA GLU B 79 30.32 36.86 30.94
C GLU B 79 28.80 36.91 30.83
N ALA B 80 28.14 35.95 31.47
CA ALA B 80 26.68 35.84 31.42
C ALA B 80 25.98 37.07 31.97
N GLU B 81 26.53 37.62 33.03
CA GLU B 81 25.94 38.78 33.71
C GLU B 81 25.99 40.04 32.85
N ASP B 82 26.91 40.07 31.90
CA ASP B 82 27.15 41.26 31.08
C ASP B 82 26.00 41.60 30.13
N ALA B 83 25.04 40.68 30.02
CA ALA B 83 23.91 40.86 29.12
C ALA B 83 23.08 42.09 29.48
N ALA B 84 23.31 43.18 28.74
CA ALA B 84 22.61 44.43 28.98
C ALA B 84 22.81 45.38 27.81
N THR B 85 22.37 46.62 27.99
CA THR B 85 22.59 47.68 27.01
C THR B 85 23.50 48.74 27.62
N TYR B 86 24.45 49.22 26.83
CA TYR B 86 25.46 50.14 27.35
C TYR B 86 25.35 51.52 26.71
N TYR B 87 25.43 52.56 27.53
CA TYR B 87 25.31 53.93 27.06
C TYR B 87 26.58 54.71 27.35
N CYS B 88 26.96 55.58 26.41
CA CYS B 88 28.05 56.51 26.65
C CYS B 88 27.49 57.93 26.72
N GLN B 89 27.96 58.70 27.68
CA GLN B 89 27.54 60.09 27.79
C GLN B 89 28.75 60.99 28.00
N GLN B 90 28.61 62.24 27.58
CA GLN B 90 29.71 63.20 27.67
C GLN B 90 29.50 64.20 28.80
N GLY B 91 30.60 64.61 29.43
CA GLY B 91 30.52 65.56 30.51
C GLY B 91 31.19 66.88 30.20
N TYR B 92 31.68 67.04 28.96
CA TYR B 92 32.37 68.26 28.57
C TYR B 92 31.47 69.47 28.76
N ASP B 93 30.31 69.47 28.12
CA ASP B 93 29.48 70.67 28.15
C ASP B 93 27.98 70.39 28.24
N PHE B 94 27.30 71.32 28.90
CA PHE B 94 25.85 71.34 28.95
C PHE B 94 25.27 71.80 27.61
N PRO B 95 24.11 71.25 27.24
CA PRO B 95 23.36 70.23 27.99
C PRO B 95 24.03 68.87 27.90
N LEU B 96 23.94 68.09 28.97
CA LEU B 96 24.49 66.75 28.97
C LEU B 96 23.69 65.86 28.04
N THR B 97 24.38 64.96 27.36
CA THR B 97 23.73 64.07 26.40
C THR B 97 24.25 62.65 26.58
N PHE B 98 23.47 61.69 26.11
CA PHE B 98 23.84 60.29 26.16
C PHE B 98 23.96 59.71 24.77
N GLY B 99 24.62 58.56 24.66
CA GLY B 99 24.73 57.87 23.39
C GLY B 99 23.44 57.19 22.99
N GLY B 100 23.42 56.65 21.78
CA GLY B 100 22.24 55.97 21.27
C GLY B 100 21.97 54.68 21.99
N GLY B 101 22.99 54.17 22.67
CA GLY B 101 22.87 52.92 23.40
C GLY B 101 23.33 51.75 22.56
N THR B 102 23.93 50.77 23.22
CA THR B 102 24.42 49.58 22.53
C THR B 102 23.95 48.32 23.23
N LYS B 103 23.10 47.55 22.56
CA LYS B 103 22.58 46.32 23.13
C LYS B 103 23.49 45.16 22.80
N VAL B 104 23.88 44.41 23.83
CA VAL B 104 24.77 43.27 23.66
C VAL B 104 24.08 41.96 24.02
N GLU B 105 23.92 41.10 23.02
CA GLU B 105 23.29 39.81 23.23
C GLU B 105 24.33 38.70 23.26
N ILE B 106 24.23 37.84 24.26
CA ILE B 106 25.13 36.70 24.39
C ILE B 106 24.68 35.55 23.48
N LYS B 107 25.60 35.09 22.64
CA LYS B 107 25.29 33.98 21.73
C LYS B 107 25.67 32.64 22.35
N ARG B 108 24.72 32.05 23.06
CA ARG B 108 24.97 30.77 23.73
C ARG B 108 24.62 29.61 22.82
N THR B 109 25.23 28.47 23.09
CA THR B 109 24.96 27.25 22.34
C THR B 109 23.46 26.93 22.37
N VAL B 110 22.95 26.52 21.21
CA VAL B 110 21.51 26.32 21.02
C VAL B 110 20.90 25.36 22.04
N ALA B 111 19.75 25.74 22.58
CA ALA B 111 19.04 24.90 23.52
C ALA B 111 17.56 24.81 23.17
N ALA B 112 16.98 23.62 23.33
CA ALA B 112 15.59 23.39 22.99
C ALA B 112 14.65 23.93 24.06
N PRO B 113 13.49 24.48 23.63
CA PRO B 113 12.49 25.03 24.55
C PRO B 113 11.74 23.93 25.30
N SER B 114 11.57 24.11 26.61
CA SER B 114 10.73 23.23 27.39
C SER B 114 9.31 23.77 27.37
N VAL B 115 8.41 23.02 26.73
CA VAL B 115 7.06 23.54 26.47
C VAL B 115 6.02 23.02 27.46
N PHE B 116 5.18 23.94 27.94
CA PHE B 116 4.07 23.59 28.81
C PHE B 116 2.80 24.27 28.33
N ILE B 117 1.66 23.67 28.61
CA ILE B 117 0.37 24.26 28.22
C ILE B 117 -0.55 24.35 29.43
N PHE B 118 -1.29 25.45 29.52
CA PHE B 118 -2.16 25.69 30.66
C PHE B 118 -3.60 25.95 30.24
N PRO B 119 -4.53 25.17 30.81
CA PRO B 119 -5.97 25.37 30.58
C PRO B 119 -6.46 26.58 31.36
N PRO B 120 -7.54 27.22 30.88
CA PRO B 120 -8.12 28.38 31.56
C PRO B 120 -8.72 28.01 32.92
N SER B 121 -8.58 28.92 33.88
CA SER B 121 -9.06 28.69 35.24
C SER B 121 -10.57 28.65 35.31
N ASP B 122 -11.09 27.79 36.19
CA ASP B 122 -12.53 27.71 36.43
C ASP B 122 -13.09 29.04 36.93
N GLU B 123 -12.25 29.80 37.62
CA GLU B 123 -12.63 31.11 38.12
C GLU B 123 -12.80 32.09 36.97
N GLN B 124 -12.08 31.84 35.88
CA GLN B 124 -12.10 32.71 34.71
C GLN B 124 -13.28 32.37 33.78
N LEU B 125 -13.73 31.13 33.83
CA LEU B 125 -14.86 30.70 33.02
C LEU B 125 -16.13 31.44 33.43
N LYS B 126 -16.22 31.77 34.72
CA LYS B 126 -17.36 32.52 35.23
C LYS B 126 -17.40 33.93 34.62
N SER B 127 -16.23 34.45 34.27
CA SER B 127 -16.13 35.78 33.69
C SER B 127 -16.76 35.84 32.30
N GLY B 128 -16.81 34.70 31.63
CA GLY B 128 -17.38 34.62 30.30
C GLY B 128 -16.30 34.66 29.23
N THR B 129 -15.05 34.69 29.68
CA THR B 129 -13.91 34.71 28.76
C THR B 129 -12.91 33.63 29.16
N ALA B 130 -12.34 32.97 28.18
CA ALA B 130 -11.37 31.91 28.44
C ALA B 130 -10.03 32.21 27.78
N SER B 131 -8.97 32.15 28.58
CA SER B 131 -7.62 32.40 28.09
C SER B 131 -6.74 31.18 28.25
N VAL B 132 -6.16 30.73 27.14
CA VAL B 132 -5.27 29.58 27.14
C VAL B 132 -3.85 30.02 26.81
N VAL B 133 -2.91 29.64 27.66
CA VAL B 133 -1.52 30.05 27.47
C VAL B 133 -0.58 28.89 27.23
N CYS B 134 0.32 29.07 26.27
CA CYS B 134 1.36 28.10 25.98
C CYS B 134 2.69 28.69 26.41
N LEU B 135 3.51 27.89 27.09
CA LEU B 135 4.76 28.39 27.64
C LEU B 135 6.00 27.79 26.97
N LEU B 136 6.91 28.65 26.55
CA LEU B 136 8.20 28.23 26.00
C LEU B 136 9.29 28.70 26.97
N ASN B 137 9.74 27.78 27.81
CA ASN B 137 10.50 28.12 29.03
C ASN B 137 11.85 28.81 28.80
N ASN B 138 12.89 28.03 28.56
CA ASN B 138 14.19 28.62 28.29
C ASN B 138 14.66 28.13 26.94
N PHE B 139 15.04 29.07 26.08
CA PHE B 139 15.39 28.72 24.72
C PHE B 139 16.21 29.77 24.01
N TYR B 140 17.25 29.32 23.34
CA TYR B 140 18.07 30.19 22.51
C TYR B 140 18.27 29.53 21.15
N PRO B 141 18.15 30.31 20.06
CA PRO B 141 17.93 31.76 20.04
C PRO B 141 16.49 32.19 20.33
N ARG B 142 16.24 33.49 20.21
CA ARG B 142 14.95 34.08 20.53
C ARG B 142 13.88 33.71 19.51
N GLU B 143 14.31 33.46 18.28
CA GLU B 143 13.39 33.13 17.19
C GLU B 143 12.65 31.83 17.45
N ALA B 144 11.32 31.90 17.43
CA ALA B 144 10.49 30.73 17.66
C ALA B 144 9.10 30.91 17.05
N LYS B 145 8.45 29.79 16.74
CA LYS B 145 7.14 29.82 16.11
C LYS B 145 6.10 29.10 16.97
N VAL B 146 4.97 29.77 17.18
CA VAL B 146 3.88 29.21 17.98
C VAL B 146 2.60 29.09 17.16
N GLN B 147 2.06 27.89 17.09
CA GLN B 147 0.81 27.65 16.37
C GLN B 147 -0.27 27.09 17.29
N TRP B 148 -1.44 27.72 17.25
CA TRP B 148 -2.57 27.27 18.06
C TRP B 148 -3.56 26.44 17.25
N LYS B 149 -3.87 25.26 17.76
CA LYS B 149 -4.81 24.37 17.09
C LYS B 149 -5.99 24.04 17.99
N VAL B 150 -7.18 24.39 17.53
CA VAL B 150 -8.41 24.04 18.24
C VAL B 150 -9.17 22.98 17.44
N ASP B 151 -9.21 21.76 17.98
CA ASP B 151 -9.75 20.61 17.27
C ASP B 151 -9.08 20.47 15.91
N ASN B 152 -7.76 20.55 15.92
CA ASN B 152 -6.95 20.48 14.70
C ASN B 152 -7.31 21.54 13.66
N ALA B 153 -7.81 22.68 14.14
CA ALA B 153 -8.08 23.81 13.26
C ALA B 153 -7.15 24.96 13.61
N LEU B 154 -6.42 25.44 12.61
CA LEU B 154 -5.46 26.52 12.82
C LEU B 154 -6.16 27.83 13.17
N GLN B 155 -5.72 28.45 14.24
CA GLN B 155 -6.32 29.69 14.72
C GLN B 155 -5.43 30.89 14.40
N SER B 156 -6.07 32.01 14.09
CA SER B 156 -5.33 33.23 13.78
C SER B 156 -6.09 34.48 14.24
N GLY B 157 -5.35 35.43 14.81
CA GLY B 157 -5.92 36.70 15.23
C GLY B 157 -6.42 36.71 16.65
N ASN B 158 -6.33 35.55 17.32
CA ASN B 158 -6.79 35.43 18.69
C ASN B 158 -5.67 35.07 19.67
N SER B 159 -4.44 35.22 19.20
CA SER B 159 -3.28 34.89 20.02
C SER B 159 -2.34 36.08 20.14
N GLN B 160 -1.81 36.26 21.36
CA GLN B 160 -0.86 37.34 21.62
C GLN B 160 0.37 36.75 22.29
N GLU B 161 1.55 37.28 21.94
CA GLU B 161 2.80 36.73 22.45
C GLU B 161 3.61 37.74 23.25
N SER B 162 4.27 37.25 24.29
CA SER B 162 5.16 38.08 25.10
C SER B 162 6.51 37.40 25.29
N VAL B 163 7.58 38.17 25.08
CA VAL B 163 8.93 37.64 25.19
C VAL B 163 9.71 38.37 26.28
N THR B 164 10.42 37.62 27.10
CA THR B 164 11.20 38.22 28.18
C THR B 164 12.63 38.55 27.75
N GLU B 165 13.32 39.30 28.60
CA GLU B 165 14.70 39.68 28.33
C GLU B 165 15.64 38.51 28.58
N GLN B 166 16.86 38.63 28.06
CA GLN B 166 17.85 37.58 28.21
C GLN B 166 18.22 37.39 29.67
N ASP B 167 18.33 36.14 30.09
CA ASP B 167 18.60 35.82 31.48
C ASP B 167 20.04 36.15 31.86
N SER B 168 20.23 36.62 33.09
CA SER B 168 21.55 37.01 33.59
C SER B 168 22.45 35.80 33.80
N LYS B 169 21.84 34.66 34.15
CA LYS B 169 22.61 33.47 34.50
C LYS B 169 22.82 32.52 33.31
N ASP B 170 21.74 32.02 32.73
CA ASP B 170 21.84 31.03 31.65
C ASP B 170 21.70 31.64 30.25
N SER B 171 21.42 32.94 30.19
CA SER B 171 21.35 33.68 28.93
C SER B 171 20.32 33.10 27.96
N THR B 172 19.19 32.64 28.50
CA THR B 172 18.16 32.00 27.70
C THR B 172 16.89 32.84 27.68
N TYR B 173 16.22 32.87 26.54
CA TYR B 173 14.96 33.60 26.41
C TYR B 173 13.78 32.76 26.87
N SER B 174 12.66 33.43 27.10
CA SER B 174 11.41 32.79 27.48
C SER B 174 10.25 33.45 26.77
N LEU B 175 9.30 32.65 26.29
CA LEU B 175 8.18 33.17 25.52
C LEU B 175 6.87 32.61 26.03
N SER B 176 5.85 33.46 26.02
CA SER B 176 4.50 33.06 26.41
C SER B 176 3.51 33.51 25.36
N SER B 177 2.73 32.55 24.86
CA SER B 177 1.68 32.85 23.89
C SER B 177 0.32 32.64 24.52
N THR B 178 -0.53 33.65 24.43
CA THR B 178 -1.84 33.61 25.06
C THR B 178 -2.98 33.57 24.05
N LEU B 179 -3.80 32.52 24.15
CA LEU B 179 -4.96 32.37 23.29
C LEU B 179 -6.23 32.76 24.04
N THR B 180 -6.94 33.75 23.51
CA THR B 180 -8.12 34.27 24.18
C THR B 180 -9.40 33.95 23.41
N LEU B 181 -10.34 33.31 24.10
CA LEU B 181 -11.61 32.93 23.49
C LEU B 181 -12.75 33.16 24.46
N SER B 182 -13.94 33.39 23.91
CA SER B 182 -15.14 33.52 24.72
C SER B 182 -15.54 32.16 25.27
N LYS B 183 -16.20 32.14 26.41
CA LYS B 183 -16.71 30.91 27.00
C LYS B 183 -17.66 30.20 26.03
N ALA B 184 -18.44 31.00 25.32
CA ALA B 184 -19.39 30.48 24.33
C ALA B 184 -18.68 29.67 23.25
N ASP B 185 -17.52 30.13 22.83
CA ASP B 185 -16.77 29.45 21.77
C ASP B 185 -15.78 28.44 22.33
N TYR B 186 -15.37 28.64 23.58
CA TYR B 186 -14.39 27.78 24.22
C TYR B 186 -14.92 26.38 24.44
N GLU B 187 -16.22 26.29 24.73
CA GLU B 187 -16.83 25.02 25.10
C GLU B 187 -17.49 24.28 23.93
N LYS B 188 -17.42 24.88 22.75
CA LYS B 188 -17.90 24.22 21.54
C LYS B 188 -16.76 23.47 20.87
N HIS B 189 -15.76 23.10 21.65
CA HIS B 189 -14.57 22.42 21.15
C HIS B 189 -13.97 21.49 22.21
N LYS B 190 -13.14 20.56 21.76
CA LYS B 190 -12.58 19.55 22.67
C LYS B 190 -11.07 19.65 22.83
N VAL B 191 -10.35 19.64 21.71
CA VAL B 191 -8.90 19.57 21.74
C VAL B 191 -8.21 20.88 21.42
N TYR B 192 -7.38 21.34 22.34
CA TYR B 192 -6.59 22.56 22.17
C TYR B 192 -5.11 22.20 22.17
N ALA B 193 -4.38 22.75 21.22
CA ALA B 193 -2.97 22.38 21.05
C ALA B 193 -2.06 23.57 20.75
N CYS B 194 -0.82 23.47 21.25
CA CYS B 194 0.19 24.49 21.02
C CYS B 194 1.37 23.88 20.28
N GLU B 195 1.65 24.38 19.08
CA GLU B 195 2.73 23.84 18.26
C GLU B 195 3.95 24.75 18.24
N VAL B 196 5.08 24.20 18.67
CA VAL B 196 6.31 24.96 18.82
C VAL B 196 7.39 24.53 17.82
N THR B 197 7.91 25.48 17.07
CA THR B 197 8.98 25.21 16.11
C THR B 197 10.24 25.99 16.45
N HIS B 198 11.31 25.27 16.76
CA HIS B 198 12.57 25.90 17.17
C HIS B 198 13.76 25.14 16.59
N GLN B 199 14.92 25.79 16.57
CA GLN B 199 16.16 25.18 16.09
C GLN B 199 16.54 23.97 16.93
N GLY B 200 16.28 24.05 18.23
CA GLY B 200 16.63 22.99 19.16
C GLY B 200 15.81 21.73 18.91
N LEU B 201 14.63 21.91 18.35
CA LEU B 201 13.72 20.80 18.08
C LEU B 201 13.94 20.20 16.71
N SER B 202 14.12 18.89 16.66
CA SER B 202 14.31 18.17 15.40
C SER B 202 13.05 18.29 14.56
N SER B 203 11.92 18.09 15.23
CA SER B 203 10.61 18.21 14.60
C SER B 203 9.72 19.04 15.52
N PRO B 204 8.76 19.78 14.95
CA PRO B 204 7.83 20.60 15.72
C PRO B 204 7.17 19.81 16.85
N VAL B 205 7.14 20.40 18.04
CA VAL B 205 6.60 19.73 19.22
C VAL B 205 5.25 20.32 19.60
N THR B 206 4.28 19.45 19.82
CA THR B 206 2.93 19.87 20.17
C THR B 206 2.53 19.37 21.55
N LYS B 207 2.07 20.28 22.40
CA LYS B 207 1.60 19.94 23.74
C LYS B 207 0.12 20.29 23.82
N SER B 208 -0.71 19.30 24.16
CA SER B 208 -2.15 19.50 24.13
C SER B 208 -2.88 18.94 25.34
N PHE B 209 -4.09 19.43 25.55
CA PHE B 209 -4.96 18.95 26.61
C PHE B 209 -6.39 18.89 26.07
N ASN B 210 -7.27 18.21 26.79
CA ASN B 210 -8.64 18.03 26.33
C ASN B 210 -9.67 18.71 27.23
N ARG B 211 -10.92 18.28 27.07
CA ARG B 211 -12.05 18.79 27.85
C ARG B 211 -12.15 20.31 27.80
N GLN C 1 13.19 -30.25 -2.94
CA GLN C 1 13.14 -30.67 -4.34
C GLN C 1 13.45 -32.16 -4.47
N VAL C 2 13.47 -32.86 -3.34
CA VAL C 2 13.76 -34.29 -3.32
C VAL C 2 12.54 -35.07 -3.78
N GLN C 3 12.78 -36.08 -4.61
CA GLN C 3 11.71 -36.96 -5.06
C GLN C 3 12.12 -38.41 -4.91
N LEU C 4 11.16 -39.26 -4.55
CA LEU C 4 11.42 -40.68 -4.39
C LEU C 4 10.37 -41.50 -5.11
N GLN C 5 10.80 -42.58 -5.76
CA GLN C 5 9.90 -43.44 -6.49
C GLN C 5 10.33 -44.90 -6.35
N GLU C 6 9.38 -45.77 -6.06
CA GLU C 6 9.67 -47.18 -5.83
C GLU C 6 9.17 -48.04 -6.98
N SER C 7 9.99 -49.00 -7.38
CA SER C 7 9.64 -49.91 -8.46
C SER C 7 10.06 -51.33 -8.14
N GLY C 8 9.21 -52.28 -8.52
CA GLY C 8 9.51 -53.69 -8.31
C GLY C 8 8.41 -54.54 -8.91
N PRO C 9 8.43 -55.84 -8.61
CA PRO C 9 7.39 -56.75 -9.10
C PRO C 9 6.07 -56.48 -8.37
N GLY C 10 4.96 -56.66 -9.08
CA GLY C 10 3.65 -56.40 -8.50
C GLY C 10 3.19 -57.50 -7.56
N LEU C 11 3.63 -58.72 -7.83
CA LEU C 11 3.23 -59.86 -7.02
C LEU C 11 4.40 -60.80 -6.74
N VAL C 12 4.35 -61.44 -5.58
CA VAL C 12 5.37 -62.43 -5.22
C VAL C 12 4.72 -63.66 -4.61
N LYS C 13 5.22 -64.83 -5.01
CA LYS C 13 4.73 -66.09 -4.47
C LYS C 13 5.09 -66.19 -3.00
N PRO C 14 4.26 -66.90 -2.21
CA PRO C 14 4.56 -67.07 -0.79
C PRO C 14 5.84 -67.89 -0.59
N SER C 15 6.50 -67.67 0.54
CA SER C 15 7.75 -68.35 0.89
C SER C 15 8.90 -67.97 -0.06
N ASP C 16 8.71 -66.92 -0.84
CA ASP C 16 9.76 -66.42 -1.72
C ASP C 16 10.38 -65.16 -1.11
N THR C 17 11.06 -64.38 -1.94
CA THR C 17 11.70 -63.16 -1.50
C THR C 17 11.16 -61.94 -2.23
N LEU C 18 10.78 -60.93 -1.46
CA LEU C 18 10.27 -59.67 -2.00
C LEU C 18 11.44 -58.73 -2.23
N SER C 19 11.50 -58.17 -3.44
CA SER C 19 12.60 -57.28 -3.79
C SER C 19 12.09 -55.97 -4.40
N LEU C 20 12.44 -54.85 -3.76
CA LEU C 20 12.00 -53.54 -4.19
C LEU C 20 13.15 -52.55 -4.21
N THR C 21 13.07 -51.57 -5.11
CA THR C 21 14.12 -50.56 -5.26
C THR C 21 13.52 -49.16 -5.34
N CYS C 22 14.11 -48.23 -4.60
CA CYS C 22 13.67 -46.83 -4.65
C CYS C 22 14.74 -45.93 -5.25
N ALA C 23 14.33 -45.09 -6.19
CA ALA C 23 15.23 -44.19 -6.89
C ALA C 23 15.02 -42.74 -6.45
N VAL C 24 16.06 -42.15 -5.87
CA VAL C 24 16.00 -40.79 -5.38
C VAL C 24 16.58 -39.82 -6.41
N SER C 25 15.88 -38.70 -6.61
CA SER C 25 16.33 -37.67 -7.53
C SER C 25 16.27 -36.30 -6.88
N GLY C 26 17.31 -35.49 -7.08
CA GLY C 26 17.33 -34.13 -6.57
C GLY C 26 18.21 -33.97 -5.34
N TYR C 27 18.87 -35.05 -4.95
CA TYR C 27 19.78 -35.06 -3.82
C TYR C 27 20.49 -36.40 -3.79
N PRO C 28 21.80 -36.40 -4.07
CA PRO C 28 22.58 -37.64 -3.99
C PRO C 28 22.62 -38.17 -2.56
N ILE C 29 22.30 -39.45 -2.38
CA ILE C 29 22.09 -39.99 -1.05
C ILE C 29 23.37 -40.28 -0.27
N ARG C 30 24.53 -40.14 -0.90
CA ARG C 30 25.77 -40.31 -0.15
C ARG C 30 25.92 -39.12 0.80
N PHE C 31 25.30 -38.00 0.42
CA PHE C 31 25.28 -36.82 1.27
C PHE C 31 24.13 -37.00 2.29
N GLY C 32 24.26 -36.32 3.43
CA GLY C 32 23.19 -36.17 4.42
C GLY C 32 22.23 -37.27 4.86
N TYR C 33 20.95 -37.07 4.56
CA TYR C 33 19.85 -37.75 5.23
C TYR C 33 19.88 -39.28 5.15
N SER C 34 19.27 -39.92 6.14
CA SER C 34 19.10 -41.37 6.10
C SER C 34 17.75 -41.70 5.47
N TRP C 35 17.68 -42.87 4.84
CA TRP C 35 16.57 -43.18 3.94
C TRP C 35 15.84 -44.42 4.39
N HIS C 36 14.51 -44.32 4.42
CA HIS C 36 13.69 -45.31 5.12
C HIS C 36 12.72 -46.04 4.22
N TRP C 37 12.21 -47.15 4.74
CA TRP C 37 11.17 -47.93 4.06
C TRP C 37 9.95 -48.07 4.95
N ILE C 38 8.79 -47.72 4.41
CA ILE C 38 7.53 -47.82 5.15
C ILE C 38 6.53 -48.65 4.35
N ARG C 39 5.79 -49.52 5.03
CA ARG C 39 4.76 -50.30 4.36
C ARG C 39 3.39 -50.12 5.00
N GLN C 40 2.35 -50.23 4.19
CA GLN C 40 0.99 -50.09 4.66
C GLN C 40 0.07 -51.11 3.99
N PRO C 41 -0.40 -52.11 4.77
CA PRO C 41 -1.36 -53.09 4.27
C PRO C 41 -2.69 -52.40 3.96
N PRO C 42 -3.43 -52.94 2.97
CA PRO C 42 -4.68 -52.34 2.53
C PRO C 42 -5.67 -52.19 3.69
N GLY C 43 -6.10 -50.97 3.95
CA GLY C 43 -7.05 -50.70 5.03
C GLY C 43 -6.43 -50.90 6.40
N LYS C 44 -5.10 -50.82 6.46
CA LYS C 44 -4.39 -50.96 7.73
C LYS C 44 -3.43 -49.79 7.98
N GLY C 45 -2.82 -49.80 9.15
CA GLY C 45 -1.91 -48.73 9.54
C GLY C 45 -0.52 -48.91 8.96
N LEU C 46 0.26 -47.83 8.99
CA LEU C 46 1.61 -47.84 8.46
C LEU C 46 2.57 -48.53 9.42
N GLU C 47 3.53 -49.26 8.85
CA GLU C 47 4.55 -49.92 9.65
C GLU C 47 5.94 -49.52 9.17
N TRP C 48 6.81 -49.19 10.14
CA TRP C 48 8.17 -48.81 9.84
C TRP C 48 9.07 -50.04 9.79
N MET C 49 9.69 -50.28 8.64
CA MET C 49 10.50 -51.47 8.46
C MET C 49 11.98 -51.28 8.82
N GLY C 50 12.60 -50.25 8.29
CA GLY C 50 14.00 -49.98 8.56
C GLY C 50 14.54 -48.83 7.75
N TYR C 51 15.86 -48.64 7.83
CA TYR C 51 16.49 -47.53 7.14
C TYR C 51 17.95 -47.75 6.82
N ILE C 52 18.41 -47.05 5.78
CA ILE C 52 19.82 -47.03 5.42
C ILE C 52 20.38 -45.62 5.60
N HIS C 53 21.42 -45.51 6.41
CA HIS C 53 22.12 -44.25 6.56
C HIS C 53 22.88 -43.98 5.28
N TYR C 54 23.13 -42.71 5.01
CA TYR C 54 24.02 -42.34 3.90
C TYR C 54 25.42 -42.89 4.11
N SER C 55 25.82 -43.05 5.36
CA SER C 55 27.12 -43.59 5.71
C SER C 55 27.17 -45.09 5.47
N GLY C 56 26.00 -45.72 5.48
CA GLY C 56 25.90 -47.15 5.28
C GLY C 56 25.43 -47.88 6.52
N TYR C 57 25.13 -47.12 7.56
CA TYR C 57 24.54 -47.65 8.79
C TYR C 57 23.20 -48.27 8.42
N THR C 58 22.90 -49.46 8.94
CA THR C 58 21.60 -50.07 8.73
C THR C 58 21.05 -50.58 10.05
N ASP C 59 19.78 -50.30 10.31
CA ASP C 59 19.10 -50.83 11.48
C ASP C 59 17.66 -51.11 11.08
N PHE C 60 17.02 -52.06 11.78
CA PHE C 60 15.66 -52.46 11.42
C PHE C 60 14.75 -52.54 12.62
N ASN C 61 13.47 -52.29 12.37
CA ASN C 61 12.42 -52.64 13.29
C ASN C 61 12.56 -54.13 13.60
N PRO C 62 12.49 -54.49 14.89
CA PRO C 62 12.53 -55.92 15.18
C PRO C 62 11.26 -56.58 14.68
N SER C 63 11.12 -57.90 14.83
CA SER C 63 9.98 -58.66 14.32
C SER C 63 10.08 -58.96 12.82
N LEU C 64 11.06 -58.35 12.17
CA LEU C 64 11.38 -58.71 10.79
C LEU C 64 12.83 -59.15 10.80
N LYS C 65 13.41 -59.18 12.01
CA LYS C 65 14.84 -59.40 12.25
C LYS C 65 15.51 -60.34 11.25
N THR C 66 14.95 -61.53 11.10
CA THR C 66 15.48 -62.51 10.16
C THR C 66 15.15 -62.11 8.73
N ARG C 67 13.94 -61.60 8.54
CA ARG C 67 13.37 -61.39 7.20
C ARG C 67 13.99 -60.24 6.42
N ILE C 68 14.27 -59.12 7.09
CA ILE C 68 14.59 -57.88 6.38
C ILE C 68 16.08 -57.58 6.20
N THR C 69 16.44 -57.16 4.99
CA THR C 69 17.79 -56.68 4.69
C THR C 69 17.69 -55.49 3.75
N ILE C 70 18.42 -54.43 4.06
CA ILE C 70 18.41 -53.23 3.23
C ILE C 70 19.79 -52.94 2.66
N SER C 71 19.83 -52.69 1.36
CA SER C 71 21.08 -52.39 0.67
C SER C 71 20.89 -51.20 -0.27
N ARG C 72 22.00 -50.69 -0.79
CA ARG C 72 21.95 -49.54 -1.67
C ARG C 72 23.01 -49.61 -2.76
N ASP C 73 22.76 -48.86 -3.84
CA ASP C 73 23.73 -48.70 -4.91
C ASP C 73 23.90 -47.22 -5.18
N THR C 74 24.92 -46.63 -4.56
CA THR C 74 25.15 -45.18 -4.65
C THR C 74 25.35 -44.68 -6.07
N SER C 75 25.92 -45.53 -6.92
CA SER C 75 26.17 -45.18 -8.32
C SER C 75 24.90 -44.77 -9.06
N LYS C 76 23.82 -45.52 -8.79
CA LYS C 76 22.54 -45.23 -9.42
C LYS C 76 21.68 -44.39 -8.48
N ASN C 77 22.24 -44.05 -7.32
CA ASN C 77 21.53 -43.30 -6.30
C ASN C 77 20.26 -44.01 -5.88
N GLN C 78 20.40 -45.30 -5.55
CA GLN C 78 19.25 -46.12 -5.19
C GLN C 78 19.52 -46.90 -3.91
N PHE C 79 18.45 -47.25 -3.21
CA PHE C 79 18.56 -48.09 -2.02
C PHE C 79 17.39 -49.07 -1.98
N SER C 80 17.74 -50.36 -1.89
CA SER C 80 16.77 -51.42 -2.11
C SER C 80 16.33 -52.12 -0.84
N LEU C 81 15.20 -52.79 -0.92
CA LEU C 81 14.62 -53.52 0.22
C LEU C 81 14.37 -54.97 -0.18
N LYS C 82 14.65 -55.88 0.74
CA LYS C 82 14.50 -57.30 0.47
C LYS C 82 13.87 -58.07 1.63
N LEU C 83 12.58 -58.38 1.50
CA LEU C 83 11.90 -59.19 2.50
C LEU C 83 11.74 -60.62 1.99
N SER C 84 11.87 -61.58 2.90
CA SER C 84 11.94 -62.98 2.52
C SER C 84 10.92 -63.81 3.28
N SER C 85 10.81 -65.09 2.92
CA SER C 85 9.84 -66.02 3.50
C SER C 85 8.48 -65.34 3.55
N VAL C 86 8.10 -64.74 2.43
CA VAL C 86 6.92 -63.91 2.35
C VAL C 86 5.66 -64.72 2.55
N THR C 87 4.73 -64.17 3.32
CA THR C 87 3.45 -64.82 3.56
C THR C 87 2.31 -63.92 3.09
N ALA C 88 1.09 -64.32 3.40
CA ALA C 88 -0.09 -63.57 3.00
C ALA C 88 -0.19 -62.26 3.77
N VAL C 89 0.46 -62.19 4.92
CA VAL C 89 0.40 -60.99 5.75
C VAL C 89 1.16 -59.83 5.10
N ASP C 90 2.24 -60.17 4.40
CA ASP C 90 3.12 -59.16 3.84
C ASP C 90 2.55 -58.38 2.67
N THR C 91 1.35 -58.77 2.21
CA THR C 91 0.73 -58.02 1.13
C THR C 91 0.40 -56.61 1.61
N ALA C 92 0.98 -55.63 0.93
CA ALA C 92 0.86 -54.24 1.36
C ALA C 92 1.34 -53.28 0.29
N VAL C 93 1.03 -52.01 0.49
CA VAL C 93 1.60 -50.95 -0.31
C VAL C 93 2.90 -50.51 0.37
N TYR C 94 3.95 -50.34 -0.42
CA TYR C 94 5.25 -49.99 0.14
C TYR C 94 5.64 -48.56 -0.21
N TYR C 95 6.17 -47.84 0.79
CA TYR C 95 6.49 -46.43 0.64
C TYR C 95 7.98 -46.15 0.82
N CYS C 96 8.45 -45.11 0.15
CA CYS C 96 9.84 -44.68 0.19
C CYS C 96 9.93 -43.29 0.84
N ALA C 97 10.96 -43.06 1.65
CA ALA C 97 11.01 -41.82 2.42
C ALA C 97 12.39 -41.36 2.91
N ARG C 98 12.40 -40.20 3.56
CA ARG C 98 13.59 -39.53 4.07
C ARG C 98 13.39 -39.28 5.54
N LYS C 99 14.31 -39.76 6.38
CA LYS C 99 14.21 -39.53 7.82
C LYS C 99 14.17 -38.06 8.13
N ASP C 100 14.88 -37.29 7.30
CA ASP C 100 15.08 -35.87 7.56
C ASP C 100 15.77 -35.78 8.92
N SER C 101 15.28 -34.89 9.77
CA SER C 101 15.84 -34.73 11.10
C SER C 101 14.70 -34.85 12.11
N GLY C 102 15.02 -35.30 13.32
CA GLY C 102 14.01 -35.44 14.36
C GLY C 102 12.97 -36.48 14.04
N ASN C 103 13.30 -37.35 13.10
CA ASN C 103 12.50 -38.54 12.81
C ASN C 103 11.06 -38.24 12.39
N TYR C 104 10.92 -37.31 11.46
CA TYR C 104 9.67 -37.10 10.75
C TYR C 104 9.97 -37.15 9.26
N PHE C 105 9.11 -37.82 8.50
CA PHE C 105 9.32 -37.99 7.08
C PHE C 105 8.52 -36.95 6.29
N PRO C 106 9.21 -35.94 5.74
CA PRO C 106 8.54 -34.87 5.01
C PRO C 106 8.25 -35.26 3.57
N TYR C 107 9.08 -36.14 3.00
CA TYR C 107 8.91 -36.55 1.62
C TYR C 107 8.69 -38.05 1.49
N TRP C 108 7.60 -38.42 0.82
CA TRP C 108 7.23 -39.81 0.63
C TRP C 108 7.25 -40.20 -0.84
N GLY C 109 7.46 -41.48 -1.10
CA GLY C 109 7.42 -42.01 -2.44
C GLY C 109 5.99 -42.09 -2.95
N GLN C 110 5.83 -42.41 -4.23
CA GLN C 110 4.51 -42.53 -4.83
C GLN C 110 3.77 -43.73 -4.24
N GLY C 111 4.53 -44.75 -3.86
CA GLY C 111 3.97 -45.96 -3.30
C GLY C 111 3.67 -47.01 -4.34
N THR C 112 4.11 -48.23 -4.09
CA THR C 112 3.83 -49.34 -4.99
C THR C 112 3.15 -50.48 -4.24
N LEU C 113 2.32 -51.22 -4.96
CA LEU C 113 1.56 -52.30 -4.36
C LEU C 113 2.16 -53.66 -4.65
N VAL C 114 2.38 -54.44 -3.60
CA VAL C 114 2.84 -55.80 -3.73
C VAL C 114 1.85 -56.77 -3.10
N THR C 115 1.36 -57.71 -3.91
CA THR C 115 0.38 -58.67 -3.45
C THR C 115 0.94 -60.08 -3.44
N VAL C 116 0.70 -60.81 -2.37
CA VAL C 116 1.24 -62.16 -2.21
C VAL C 116 0.21 -63.23 -2.56
N SER C 117 0.39 -63.86 -3.70
CA SER C 117 -0.51 -64.91 -4.14
C SER C 117 0.21 -65.95 -5.00
N SER C 118 -0.30 -67.18 -4.95
CA SER C 118 0.27 -68.25 -5.74
C SER C 118 -0.26 -68.21 -7.17
N ALA C 119 -1.33 -67.43 -7.37
CA ALA C 119 -1.97 -67.34 -8.66
C ALA C 119 -1.10 -66.63 -9.68
N SER C 120 -1.36 -66.90 -10.95
CA SER C 120 -0.67 -66.24 -12.05
C SER C 120 -1.19 -64.82 -12.23
N THR C 121 -0.80 -64.20 -13.34
CA THR C 121 -1.24 -62.85 -13.65
C THR C 121 -2.10 -62.85 -14.92
N LYS C 122 -3.28 -62.26 -14.84
CA LYS C 122 -4.16 -62.18 -16.00
C LYS C 122 -4.35 -60.73 -16.46
N GLY C 123 -4.24 -60.51 -17.77
CA GLY C 123 -4.42 -59.21 -18.37
C GLY C 123 -5.85 -58.98 -18.85
N PRO C 124 -6.40 -57.79 -18.57
CA PRO C 124 -7.84 -57.47 -18.57
C PRO C 124 -8.47 -56.95 -19.86
N SER C 125 -9.76 -57.26 -19.99
CA SER C 125 -10.56 -56.82 -21.12
C SER C 125 -11.29 -55.52 -20.79
N VAL C 126 -11.36 -54.63 -21.77
CA VAL C 126 -12.02 -53.35 -21.62
C VAL C 126 -13.30 -53.31 -22.45
N PHE C 127 -14.43 -53.20 -21.78
CA PHE C 127 -15.72 -53.18 -22.46
C PHE C 127 -16.43 -51.86 -22.22
N PRO C 128 -17.02 -51.29 -23.29
CA PRO C 128 -17.67 -49.98 -23.20
C PRO C 128 -19.10 -50.05 -22.66
N LEU C 129 -19.51 -49.00 -21.97
CA LEU C 129 -20.88 -48.86 -21.50
C LEU C 129 -21.59 -47.83 -22.37
N ALA C 130 -22.85 -48.11 -22.71
CA ALA C 130 -23.60 -47.26 -23.62
C ALA C 130 -24.37 -46.15 -22.89
N PRO C 131 -24.16 -44.89 -23.33
CA PRO C 131 -24.81 -43.70 -22.76
C PRO C 131 -26.33 -43.77 -22.86
N SER C 132 -27.00 -42.88 -22.11
CA SER C 132 -28.46 -42.82 -22.10
C SER C 132 -29.03 -42.56 -23.49
N SER C 133 -30.21 -43.10 -23.76
CA SER C 133 -30.84 -42.99 -25.06
C SER C 133 -31.39 -41.59 -25.32
N LYS C 134 -31.55 -40.80 -24.26
CA LYS C 134 -32.10 -39.46 -24.39
C LYS C 134 -31.02 -38.39 -24.52
N SER C 135 -30.49 -38.26 -25.74
CA SER C 135 -29.46 -37.27 -26.02
C SER C 135 -30.08 -35.92 -26.40
N THR C 136 -31.35 -35.96 -26.79
CA THR C 136 -32.08 -34.75 -27.15
C THR C 136 -32.55 -34.00 -25.91
N SER C 137 -32.52 -34.69 -24.77
CA SER C 137 -33.01 -34.12 -23.52
C SER C 137 -32.20 -32.91 -23.04
N GLY C 138 -30.92 -32.88 -23.42
CA GLY C 138 -30.04 -31.78 -23.06
C GLY C 138 -29.55 -31.86 -21.63
N GLY C 139 -29.99 -32.89 -20.92
CA GLY C 139 -29.60 -33.09 -19.54
C GLY C 139 -28.28 -33.82 -19.42
N THR C 140 -27.94 -34.21 -18.19
CA THR C 140 -26.69 -34.90 -17.93
C THR C 140 -26.78 -36.38 -18.28
N ALA C 141 -25.74 -36.90 -18.93
CA ALA C 141 -25.68 -38.32 -19.27
C ALA C 141 -24.35 -38.90 -18.84
N ALA C 142 -24.35 -40.17 -18.48
CA ALA C 142 -23.15 -40.84 -17.98
C ALA C 142 -22.69 -41.96 -18.90
N LEU C 143 -21.38 -42.20 -18.92
CA LEU C 143 -20.79 -43.27 -19.71
C LEU C 143 -19.52 -43.77 -19.04
N GLY C 144 -19.12 -44.99 -19.37
CA GLY C 144 -17.94 -45.55 -18.75
C GLY C 144 -17.33 -46.75 -19.47
N CYS C 145 -16.15 -47.14 -19.01
CA CYS C 145 -15.47 -48.33 -19.52
C CYS C 145 -15.41 -49.38 -18.42
N LEU C 146 -15.70 -50.61 -18.80
CA LEU C 146 -15.67 -51.72 -17.86
C LEU C 146 -14.37 -52.51 -17.96
N VAL C 147 -13.68 -52.61 -16.83
CA VAL C 147 -12.44 -53.38 -16.76
C VAL C 147 -12.67 -54.68 -16.00
N LYS C 148 -12.48 -55.80 -16.69
CA LYS C 148 -12.86 -57.09 -16.12
C LYS C 148 -11.77 -58.14 -16.27
N ASP C 149 -11.71 -59.04 -15.28
CA ASP C 149 -10.86 -60.22 -15.33
C ASP C 149 -9.38 -59.88 -15.45
N TYR C 150 -8.82 -59.26 -14.42
CA TYR C 150 -7.38 -59.10 -14.34
C TYR C 150 -6.83 -59.48 -12.99
N PHE C 151 -5.53 -59.71 -12.99
CA PHE C 151 -4.83 -60.05 -11.79
C PHE C 151 -3.34 -59.83 -12.02
N PRO C 152 -2.65 -59.24 -11.03
CA PRO C 152 -3.27 -58.70 -9.82
C PRO C 152 -3.45 -57.19 -9.92
N GLU C 153 -3.90 -56.58 -8.84
CA GLU C 153 -3.97 -55.12 -8.72
C GLU C 153 -2.57 -54.51 -8.83
N PRO C 154 -2.48 -53.23 -9.22
CA PRO C 154 -3.58 -52.32 -9.58
C PRO C 154 -3.67 -52.08 -11.09
N VAL C 155 -4.74 -51.42 -11.50
CA VAL C 155 -4.92 -51.02 -12.88
C VAL C 155 -5.14 -49.51 -12.91
N THR C 156 -4.61 -48.86 -13.94
CA THR C 156 -4.73 -47.42 -14.06
C THR C 156 -5.59 -47.03 -15.25
N VAL C 157 -6.55 -46.13 -15.02
CA VAL C 157 -7.49 -45.73 -16.05
C VAL C 157 -7.52 -44.21 -16.20
N SER C 158 -7.46 -43.75 -17.44
CA SER C 158 -7.55 -42.32 -17.74
C SER C 158 -8.44 -42.09 -18.95
N TRP C 159 -9.01 -40.90 -19.05
CA TRP C 159 -9.93 -40.59 -20.14
C TRP C 159 -9.40 -39.48 -21.04
N ASN C 160 -9.52 -39.69 -22.35
CA ASN C 160 -9.03 -38.76 -23.36
C ASN C 160 -7.58 -38.37 -23.15
N SER C 161 -6.76 -39.35 -22.78
CA SER C 161 -5.34 -39.16 -22.56
C SER C 161 -5.04 -38.10 -21.50
N GLY C 162 -5.92 -38.01 -20.49
CA GLY C 162 -5.70 -37.11 -19.37
C GLY C 162 -6.36 -35.76 -19.51
N ALA C 163 -7.05 -35.55 -20.63
CA ALA C 163 -7.75 -34.30 -20.88
C ALA C 163 -9.09 -34.28 -20.15
N LEU C 164 -9.38 -35.36 -19.44
CA LEU C 164 -10.69 -35.56 -18.84
C LEU C 164 -10.58 -36.04 -17.40
N THR C 165 -10.81 -35.13 -16.47
CA THR C 165 -10.64 -35.41 -15.05
C THR C 165 -11.90 -35.05 -14.27
N SER C 166 -12.58 -34.00 -14.71
CA SER C 166 -13.74 -33.48 -14.00
C SER C 166 -14.94 -34.41 -14.14
N GLY C 167 -15.39 -34.95 -13.01
CA GLY C 167 -16.56 -35.80 -12.99
C GLY C 167 -16.27 -37.24 -13.35
N VAL C 168 -15.02 -37.65 -13.14
CA VAL C 168 -14.60 -39.01 -13.44
C VAL C 168 -14.49 -39.85 -12.18
N HIS C 169 -15.22 -40.98 -12.15
CA HIS C 169 -15.17 -41.88 -11.01
C HIS C 169 -14.62 -43.25 -11.40
N THR C 170 -13.49 -43.61 -10.80
CA THR C 170 -12.90 -44.93 -10.98
C THR C 170 -13.07 -45.75 -9.71
N PHE C 171 -14.00 -46.70 -9.76
CA PHE C 171 -14.30 -47.52 -8.59
C PHE C 171 -13.15 -48.45 -8.23
N PRO C 172 -12.97 -48.68 -6.91
CA PRO C 172 -11.98 -49.66 -6.46
C PRO C 172 -12.39 -51.06 -6.90
N ALA C 173 -11.39 -51.87 -7.27
CA ALA C 173 -11.64 -53.21 -7.77
C ALA C 173 -12.26 -54.13 -6.72
N VAL C 174 -12.97 -55.13 -7.20
CA VAL C 174 -13.52 -56.16 -6.32
C VAL C 174 -13.09 -57.53 -6.83
N LEU C 175 -12.84 -58.44 -5.90
CA LEU C 175 -12.40 -59.77 -6.26
C LEU C 175 -13.60 -60.65 -6.62
N GLN C 176 -13.68 -61.04 -7.89
CA GLN C 176 -14.77 -61.87 -8.36
C GLN C 176 -14.65 -63.30 -7.85
N SER C 177 -15.70 -64.07 -8.05
CA SER C 177 -15.70 -65.49 -7.68
C SER C 177 -14.69 -66.25 -8.53
N SER C 178 -14.41 -65.70 -9.70
CA SER C 178 -13.44 -66.29 -10.64
C SER C 178 -12.01 -66.15 -10.12
N GLY C 179 -11.82 -65.28 -9.14
CA GLY C 179 -10.51 -65.01 -8.59
C GLY C 179 -9.80 -63.92 -9.38
N LEU C 180 -10.58 -63.15 -10.12
CA LEU C 180 -10.06 -62.07 -10.94
C LEU C 180 -10.68 -60.74 -10.55
N TYR C 181 -9.85 -59.72 -10.40
CA TYR C 181 -10.33 -58.39 -10.06
C TYR C 181 -11.10 -57.79 -11.22
N SER C 182 -12.04 -56.92 -10.90
CA SER C 182 -12.86 -56.24 -11.90
C SER C 182 -13.40 -54.94 -11.36
N LEU C 183 -13.45 -53.93 -12.21
CA LEU C 183 -14.01 -52.64 -11.83
C LEU C 183 -14.52 -51.85 -13.03
N SER C 184 -15.24 -50.77 -12.74
CA SER C 184 -15.76 -49.89 -13.78
C SER C 184 -15.36 -48.46 -13.50
N SER C 185 -15.04 -47.72 -14.55
CA SER C 185 -14.71 -46.30 -14.43
C SER C 185 -15.68 -45.47 -15.26
N VAL C 186 -16.35 -44.53 -14.62
CA VAL C 186 -17.41 -43.78 -15.28
C VAL C 186 -17.20 -42.26 -15.20
N VAL C 187 -17.82 -41.55 -16.15
CA VAL C 187 -17.73 -40.10 -16.21
C VAL C 187 -19.05 -39.52 -16.70
N THR C 188 -19.47 -38.43 -16.07
CA THR C 188 -20.70 -37.76 -16.45
C THR C 188 -20.41 -36.57 -17.35
N VAL C 189 -21.13 -36.50 -18.47
CA VAL C 189 -20.93 -35.45 -19.45
C VAL C 189 -22.27 -34.89 -19.93
N PRO C 190 -22.27 -33.62 -20.38
CA PRO C 190 -23.47 -33.03 -20.99
C PRO C 190 -23.89 -33.78 -22.25
N SER C 191 -25.19 -34.00 -22.43
CA SER C 191 -25.71 -34.76 -23.57
C SER C 191 -25.37 -34.11 -24.91
N SER C 192 -25.18 -32.79 -24.91
CA SER C 192 -24.86 -32.07 -26.14
C SER C 192 -23.45 -32.40 -26.63
N SER C 193 -22.59 -32.80 -25.70
CA SER C 193 -21.19 -33.08 -26.01
C SER C 193 -21.01 -34.43 -26.70
N LEU C 194 -22.00 -35.32 -26.53
CA LEU C 194 -21.92 -36.69 -27.03
C LEU C 194 -21.63 -36.80 -28.53
N GLY C 195 -22.32 -35.98 -29.32
CA GLY C 195 -22.19 -36.03 -30.76
C GLY C 195 -20.88 -35.46 -31.26
N THR C 196 -20.50 -34.30 -30.72
CA THR C 196 -19.34 -33.57 -31.21
C THR C 196 -18.01 -34.10 -30.66
N GLN C 197 -18.04 -34.56 -29.41
CA GLN C 197 -16.83 -34.99 -28.73
C GLN C 197 -16.73 -36.50 -28.59
N THR C 198 -15.56 -37.04 -28.91
CA THR C 198 -15.31 -38.48 -28.78
C THR C 198 -14.61 -38.78 -27.46
N TYR C 199 -14.99 -39.90 -26.85
CA TYR C 199 -14.46 -40.28 -25.55
C TYR C 199 -13.73 -41.62 -25.60
N ILE C 200 -12.50 -41.63 -25.10
CA ILE C 200 -11.69 -42.84 -25.06
C ILE C 200 -11.14 -43.10 -23.66
N CYS C 201 -11.26 -44.35 -23.20
CA CYS C 201 -10.73 -44.71 -21.90
C CYS C 201 -9.36 -45.39 -22.05
N ASN C 202 -8.35 -44.77 -21.47
CA ASN C 202 -6.99 -45.31 -21.53
C ASN C 202 -6.70 -46.22 -20.34
N VAL C 203 -6.73 -47.52 -20.59
CA VAL C 203 -6.53 -48.50 -19.54
C VAL C 203 -5.13 -49.10 -19.60
N ASN C 204 -4.46 -49.12 -18.46
CA ASN C 204 -3.11 -49.66 -18.39
C ASN C 204 -2.93 -50.60 -17.20
N HIS C 205 -2.25 -51.72 -17.44
CA HIS C 205 -2.03 -52.72 -16.40
C HIS C 205 -0.53 -53.03 -16.28
N LYS C 206 0.04 -52.71 -15.13
CA LYS C 206 1.49 -52.79 -14.93
C LYS C 206 2.10 -54.18 -14.69
N PRO C 207 1.45 -55.03 -13.86
CA PRO C 207 2.02 -56.36 -13.64
C PRO C 207 2.21 -57.14 -14.95
N SER C 208 1.17 -57.18 -15.77
CA SER C 208 1.30 -57.68 -17.13
C SER C 208 1.75 -56.51 -17.99
N ASN C 209 1.83 -56.70 -19.30
CA ASN C 209 2.18 -55.61 -20.18
C ASN C 209 1.08 -55.28 -21.17
N THR C 210 -0.10 -55.02 -20.63
CA THR C 210 -1.27 -54.73 -21.47
C THR C 210 -1.69 -53.28 -21.32
N LYS C 211 -1.92 -52.63 -22.46
CA LYS C 211 -2.41 -51.26 -22.48
C LYS C 211 -3.51 -51.15 -23.53
N VAL C 212 -4.74 -50.99 -23.07
CA VAL C 212 -5.89 -50.99 -23.97
C VAL C 212 -6.62 -49.65 -23.99
N ASP C 213 -6.95 -49.18 -25.20
CA ASP C 213 -7.76 -47.99 -25.37
C ASP C 213 -9.08 -48.36 -26.04
N LYS C 214 -10.18 -47.81 -25.55
CA LYS C 214 -11.49 -48.16 -26.06
C LYS C 214 -12.36 -46.93 -26.28
N ARG C 215 -12.92 -46.81 -27.47
CA ARG C 215 -13.81 -45.71 -27.79
C ARG C 215 -15.22 -45.99 -27.27
N VAL C 216 -15.88 -44.95 -26.76
CA VAL C 216 -17.23 -45.09 -26.22
C VAL C 216 -18.24 -44.31 -27.04
N GLU C 217 -19.20 -45.03 -27.62
CA GLU C 217 -20.23 -44.39 -28.44
C GLU C 217 -21.59 -44.99 -28.15
N PRO C 218 -22.64 -44.15 -28.24
CA PRO C 218 -24.03 -44.62 -28.04
C PRO C 218 -24.45 -45.59 -29.14
N GLU D 1 9.29 -51.04 22.14
CA GLU D 1 8.42 -50.43 21.15
C GLU D 1 7.31 -49.61 21.79
N ILE D 2 7.33 -48.31 21.55
CA ILE D 2 6.30 -47.41 22.06
C ILE D 2 5.04 -47.60 21.24
N VAL D 3 3.90 -47.68 21.94
CA VAL D 3 2.63 -47.90 21.27
C VAL D 3 1.72 -46.68 21.33
N LEU D 4 1.31 -46.19 20.16
CA LEU D 4 0.41 -45.06 20.06
C LEU D 4 -1.02 -45.53 19.82
N THR D 5 -1.96 -44.87 20.47
CA THR D 5 -3.38 -45.18 20.29
C THR D 5 -4.18 -43.91 20.07
N GLN D 6 -4.88 -43.85 18.93
CA GLN D 6 -5.64 -42.66 18.58
C GLN D 6 -7.13 -42.83 18.88
N SER D 7 -7.79 -41.70 19.10
CA SER D 7 -9.23 -41.70 19.33
C SER D 7 -9.82 -40.43 18.75
N PRO D 8 -10.96 -40.55 18.04
CA PRO D 8 -11.65 -41.81 17.78
C PRO D 8 -11.07 -42.54 16.58
N ASP D 9 -11.40 -43.80 16.41
CA ASP D 9 -10.94 -44.55 15.23
C ASP D 9 -11.70 -44.11 13.99
N PHE D 10 -12.93 -43.69 14.20
CA PHE D 10 -13.76 -43.16 13.11
C PHE D 10 -14.51 -41.94 13.59
N GLN D 11 -14.70 -40.98 12.70
CA GLN D 11 -15.29 -39.71 13.08
C GLN D 11 -16.12 -39.13 11.94
N SER D 12 -17.29 -38.61 12.28
CA SER D 12 -18.17 -37.99 11.30
C SER D 12 -18.56 -36.58 11.74
N VAL D 13 -18.11 -35.59 10.98
CA VAL D 13 -18.30 -34.19 11.37
C VAL D 13 -18.98 -33.35 10.28
N THR D 14 -19.67 -32.30 10.72
CA THR D 14 -20.30 -31.33 9.85
C THR D 14 -19.25 -30.36 9.33
N PRO D 15 -19.35 -29.95 8.05
CA PRO D 15 -18.38 -29.00 7.49
C PRO D 15 -18.27 -27.70 8.29
N LYS D 16 -17.11 -27.04 8.17
CA LYS D 16 -16.86 -25.77 8.84
C LYS D 16 -17.00 -25.86 10.35
N GLU D 17 -16.69 -27.03 10.90
CA GLU D 17 -16.78 -27.24 12.33
C GLU D 17 -15.49 -27.84 12.88
N LYS D 18 -15.29 -27.72 14.19
CA LYS D 18 -14.09 -28.21 14.83
C LYS D 18 -13.96 -29.72 14.78
N VAL D 19 -12.76 -30.19 14.50
CA VAL D 19 -12.46 -31.61 14.50
C VAL D 19 -11.24 -31.84 15.40
N THR D 20 -11.36 -32.79 16.31
CA THR D 20 -10.29 -33.06 17.26
C THR D 20 -9.87 -34.52 17.27
N ILE D 21 -8.57 -34.75 17.33
CA ILE D 21 -8.03 -36.10 17.38
C ILE D 21 -6.97 -36.19 18.48
N THR D 22 -7.09 -37.20 19.32
CA THR D 22 -6.17 -37.37 20.44
C THR D 22 -5.23 -38.55 20.20
N CYS D 23 -4.00 -38.39 20.66
CA CYS D 23 -3.00 -39.44 20.50
C CYS D 23 -2.29 -39.71 21.83
N ARG D 24 -2.68 -40.81 22.48
CA ARG D 24 -2.09 -41.19 23.75
C ARG D 24 -0.94 -42.18 23.54
N ALA D 25 0.09 -42.06 24.36
CA ALA D 25 1.31 -42.86 24.19
C ALA D 25 1.64 -43.64 25.46
N SER D 26 2.29 -44.79 25.29
CA SER D 26 2.63 -45.64 26.42
C SER D 26 3.65 -44.99 27.36
N GLN D 27 4.62 -44.30 26.78
CA GLN D 27 5.62 -43.59 27.57
C GLN D 27 5.66 -42.12 27.16
N SER D 28 6.13 -41.27 28.08
CA SER D 28 6.35 -39.87 27.78
C SER D 28 7.30 -39.75 26.61
N ILE D 29 6.91 -38.96 25.63
CA ILE D 29 7.75 -38.73 24.46
C ILE D 29 8.09 -37.25 24.33
N SER D 30 7.59 -36.46 25.27
CA SER D 30 7.89 -35.04 25.36
C SER D 30 7.56 -34.35 24.04
N ASP D 31 8.49 -33.51 23.58
CA ASP D 31 8.31 -32.78 22.33
C ASP D 31 8.03 -33.70 21.14
N HIS D 32 8.78 -34.80 21.05
CA HIS D 32 8.76 -35.66 19.88
C HIS D 32 7.43 -36.36 19.56
N LEU D 33 6.70 -35.81 18.59
CA LEU D 33 5.47 -36.41 18.08
C LEU D 33 5.18 -35.73 16.75
N HIS D 34 4.55 -36.45 15.82
CA HIS D 34 4.25 -35.88 14.51
C HIS D 34 2.85 -36.27 14.05
N TRP D 35 2.35 -35.61 13.00
CA TRP D 35 1.01 -35.85 12.50
C TRP D 35 0.94 -35.91 10.98
N TYR D 36 0.14 -36.85 10.46
CA TYR D 36 0.00 -37.02 9.02
C TYR D 36 -1.44 -37.02 8.55
N GLN D 37 -1.58 -36.62 7.30
CA GLN D 37 -2.86 -36.69 6.62
C GLN D 37 -2.71 -37.58 5.40
N GLN D 38 -3.47 -38.66 5.38
CA GLN D 38 -3.41 -39.58 4.25
C GLN D 38 -4.76 -39.68 3.56
N LYS D 39 -4.87 -39.05 2.41
CA LYS D 39 -6.04 -39.19 1.56
C LYS D 39 -5.96 -40.54 0.85
N PRO D 40 -7.12 -41.11 0.45
CA PRO D 40 -7.12 -42.44 -0.14
C PRO D 40 -6.29 -42.52 -1.42
N ASP D 41 -5.60 -43.64 -1.60
CA ASP D 41 -4.76 -43.90 -2.77
C ASP D 41 -3.67 -42.86 -2.94
N GLN D 42 -3.16 -42.37 -1.82
CA GLN D 42 -2.07 -41.39 -1.83
C GLN D 42 -1.09 -41.64 -0.69
N SER D 43 0.10 -41.10 -0.83
CA SER D 43 1.12 -41.18 0.21
C SER D 43 0.80 -40.19 1.33
N PRO D 44 1.16 -40.55 2.57
CA PRO D 44 0.95 -39.68 3.72
C PRO D 44 1.62 -38.32 3.55
N LYS D 45 1.03 -37.30 4.14
CA LYS D 45 1.56 -35.95 4.04
C LYS D 45 1.93 -35.44 5.42
N LEU D 46 3.05 -34.73 5.50
CA LEU D 46 3.51 -34.17 6.78
C LEU D 46 2.68 -32.95 7.15
N LEU D 47 2.05 -33.00 8.32
CA LEU D 47 1.18 -31.92 8.76
C LEU D 47 1.79 -31.03 9.83
N ILE D 48 2.20 -31.66 10.92
CA ILE D 48 2.60 -30.92 12.11
C ILE D 48 3.85 -31.54 12.72
N LYS D 49 4.70 -30.69 13.26
CA LYS D 49 6.01 -31.08 13.72
C LYS D 49 6.21 -30.85 15.20
N TYR D 50 6.64 -31.89 15.91
CA TYR D 50 7.36 -31.71 17.17
C TYR D 50 6.68 -31.23 18.49
N ALA D 51 5.36 -31.22 18.68
CA ALA D 51 4.29 -31.54 17.74
C ALA D 51 3.34 -30.36 17.66
N SER D 52 3.90 -29.15 17.64
CA SER D 52 3.09 -27.94 17.61
C SER D 52 3.37 -27.12 16.36
N HIS D 53 4.42 -27.49 15.63
CA HIS D 53 4.92 -26.66 14.56
C HIS D 53 4.34 -26.99 13.19
N ALA D 54 3.68 -25.99 12.61
CA ALA D 54 3.10 -26.11 11.28
C ALA D 54 4.20 -26.31 10.26
N ILE D 55 3.86 -27.02 9.19
CA ILE D 55 4.73 -27.14 8.03
C ILE D 55 4.40 -25.95 7.12
N SER D 56 5.27 -25.65 6.16
CA SER D 56 5.02 -24.57 5.23
C SER D 56 4.27 -25.07 4.00
N GLY D 57 2.96 -24.88 3.98
CA GLY D 57 2.12 -25.35 2.90
C GLY D 57 0.87 -26.00 3.46
N VAL D 58 0.86 -26.15 4.78
CA VAL D 58 -0.30 -26.65 5.50
C VAL D 58 -1.19 -25.47 5.87
N PRO D 59 -2.48 -25.55 5.52
CA PRO D 59 -3.46 -24.48 5.78
C PRO D 59 -3.50 -24.08 7.25
N SER D 60 -3.94 -22.85 7.51
CA SER D 60 -3.97 -22.31 8.86
C SER D 60 -4.97 -23.03 9.74
N ARG D 61 -5.96 -23.67 9.12
CA ARG D 61 -7.01 -24.37 9.86
C ARG D 61 -6.43 -25.52 10.68
N PHE D 62 -5.38 -26.14 10.16
CA PHE D 62 -4.72 -27.23 10.87
C PHE D 62 -3.90 -26.70 12.03
N SER D 63 -4.05 -27.34 13.18
CA SER D 63 -3.31 -26.98 14.37
C SER D 63 -3.14 -28.20 15.26
N GLY D 64 -2.45 -28.02 16.38
CA GLY D 64 -2.23 -29.11 17.30
C GLY D 64 -1.54 -28.65 18.56
N SER D 65 -1.60 -29.48 19.59
CA SER D 65 -0.99 -29.16 20.87
C SER D 65 -0.68 -30.42 21.64
N GLY D 66 0.16 -30.29 22.66
CA GLY D 66 0.45 -31.40 23.53
C GLY D 66 1.88 -31.48 24.02
N SER D 67 2.08 -32.35 25.00
CA SER D 67 3.37 -32.63 25.55
C SER D 67 3.21 -33.95 26.29
N GLY D 68 4.32 -34.53 26.72
CA GLY D 68 4.29 -35.78 27.47
C GLY D 68 3.46 -36.87 26.83
N THR D 69 2.65 -37.53 27.65
CA THR D 69 1.87 -38.70 27.25
C THR D 69 0.75 -38.39 26.24
N ASP D 70 0.27 -37.13 26.25
CA ASP D 70 -0.94 -36.80 25.48
C ASP D 70 -0.78 -35.69 24.44
N PHE D 71 -1.28 -35.96 23.23
CA PHE D 71 -1.24 -34.99 22.13
C PHE D 71 -2.60 -34.87 21.46
N THR D 72 -2.89 -33.68 20.96
CA THR D 72 -4.17 -33.41 20.34
C THR D 72 -4.04 -32.57 19.08
N LEU D 73 -4.58 -33.08 17.98
CA LEU D 73 -4.65 -32.33 16.74
C LEU D 73 -6.03 -31.74 16.59
N THR D 74 -6.11 -30.46 16.24
CA THR D 74 -7.39 -29.78 16.07
C THR D 74 -7.49 -29.14 14.70
N ILE D 75 -8.62 -29.34 14.04
CA ILE D 75 -8.91 -28.66 12.78
C ILE D 75 -9.99 -27.63 13.00
N ASN D 76 -9.60 -26.36 12.96
CA ASN D 76 -10.50 -25.26 13.31
C ASN D 76 -11.76 -25.18 12.46
N SER D 77 -11.59 -25.34 11.15
CA SER D 77 -12.72 -25.30 10.23
C SER D 77 -12.61 -26.42 9.21
N LEU D 78 -13.58 -27.33 9.24
CA LEU D 78 -13.57 -28.50 8.36
C LEU D 78 -13.97 -28.13 6.94
N GLU D 79 -13.08 -28.43 5.99
CA GLU D 79 -13.36 -28.18 4.58
C GLU D 79 -13.51 -29.49 3.84
N ALA D 80 -14.05 -29.41 2.61
CA ALA D 80 -14.32 -30.59 1.80
C ALA D 80 -13.05 -31.41 1.52
N GLU D 81 -11.94 -30.71 1.30
CA GLU D 81 -10.69 -31.37 0.94
C GLU D 81 -10.09 -32.17 2.09
N ASP D 82 -10.48 -31.82 3.31
CA ASP D 82 -9.89 -32.43 4.51
C ASP D 82 -10.32 -33.87 4.75
N ALA D 83 -11.27 -34.35 3.93
CA ALA D 83 -11.78 -35.71 4.06
C ALA D 83 -10.69 -36.75 3.85
N ALA D 84 -10.19 -37.32 4.94
CA ALA D 84 -9.13 -38.32 4.88
C ALA D 84 -8.97 -39.04 6.20
N THR D 85 -7.94 -39.86 6.29
CA THR D 85 -7.59 -40.53 7.53
C THR D 85 -6.26 -39.99 8.04
N TYR D 86 -6.20 -39.71 9.33
CA TYR D 86 -5.02 -39.06 9.91
C TYR D 86 -4.28 -39.99 10.85
N TYR D 87 -2.96 -40.01 10.71
CA TYR D 87 -2.11 -40.85 11.54
C TYR D 87 -1.18 -40.01 12.39
N CYS D 88 -0.66 -40.60 13.46
CA CYS D 88 0.31 -39.92 14.30
C CYS D 88 1.49 -40.84 14.58
N GLN D 89 2.69 -40.35 14.32
CA GLN D 89 3.89 -41.10 14.63
C GLN D 89 4.68 -40.43 15.75
N GLN D 90 5.45 -41.23 16.47
CA GLN D 90 6.28 -40.73 17.55
C GLN D 90 7.72 -40.65 17.07
N GLY D 91 8.42 -39.59 17.43
CA GLY D 91 9.80 -39.42 17.01
C GLY D 91 10.80 -39.66 18.12
N TYR D 92 10.29 -40.03 19.30
CA TYR D 92 11.14 -40.15 20.49
C TYR D 92 12.16 -41.28 20.39
N ASP D 93 11.72 -42.47 20.03
CA ASP D 93 12.63 -43.62 20.01
C ASP D 93 12.26 -44.70 19.00
N PHE D 94 13.31 -45.32 18.47
CA PHE D 94 13.19 -46.49 17.62
C PHE D 94 12.74 -47.72 18.41
N PRO D 95 11.98 -48.61 17.76
CA PRO D 95 11.51 -48.43 16.38
C PRO D 95 10.37 -47.43 16.34
N LEU D 96 10.27 -46.70 15.22
CA LEU D 96 9.20 -45.74 15.06
C LEU D 96 7.88 -46.48 14.96
N THR D 97 6.81 -45.80 15.36
CA THR D 97 5.49 -46.39 15.37
C THR D 97 4.45 -45.36 14.97
N PHE D 98 3.37 -45.83 14.35
CA PHE D 98 2.28 -44.96 13.98
C PHE D 98 1.06 -45.24 14.83
N GLY D 99 0.13 -44.29 14.85
CA GLY D 99 -1.12 -44.48 15.56
C GLY D 99 -2.02 -45.46 14.83
N GLY D 100 -3.14 -45.80 15.45
CA GLY D 100 -4.10 -46.70 14.86
C GLY D 100 -4.76 -46.10 13.63
N GLY D 101 -4.70 -44.77 13.53
CA GLY D 101 -5.31 -44.07 12.42
C GLY D 101 -6.69 -43.56 12.79
N THR D 102 -7.04 -42.39 12.27
CA THR D 102 -8.34 -41.80 12.55
C THR D 102 -9.01 -41.36 11.26
N LYS D 103 -10.10 -42.03 10.91
CA LYS D 103 -10.84 -41.69 9.70
C LYS D 103 -11.86 -40.61 9.98
N VAL D 104 -11.81 -39.56 9.17
CA VAL D 104 -12.70 -38.42 9.34
C VAL D 104 -13.66 -38.29 8.17
N GLU D 105 -14.94 -38.43 8.44
CA GLU D 105 -15.95 -38.30 7.40
C GLU D 105 -16.74 -37.00 7.54
N ILE D 106 -16.88 -36.31 6.41
CA ILE D 106 -17.65 -35.07 6.38
C ILE D 106 -19.15 -35.38 6.30
N LYS D 107 -19.91 -34.80 7.23
CA LYS D 107 -21.35 -35.00 7.22
C LYS D 107 -22.04 -33.98 6.31
N ARG D 108 -22.25 -34.39 5.07
CA ARG D 108 -22.80 -33.51 4.04
C ARG D 108 -24.33 -33.57 4.03
N THR D 109 -24.95 -32.45 3.70
CA THR D 109 -26.40 -32.39 3.54
C THR D 109 -26.86 -33.45 2.55
N VAL D 110 -27.94 -34.15 2.90
CA VAL D 110 -28.44 -35.28 2.12
C VAL D 110 -28.63 -34.95 0.64
N ALA D 111 -28.16 -35.85 -0.21
CA ALA D 111 -28.28 -35.68 -1.65
C ALA D 111 -28.79 -36.94 -2.32
N ALA D 112 -29.68 -36.77 -3.30
CA ALA D 112 -30.28 -37.88 -4.02
C ALA D 112 -29.32 -38.45 -5.05
N PRO D 113 -29.32 -39.79 -5.21
CA PRO D 113 -28.46 -40.48 -6.18
C PRO D 113 -28.93 -40.27 -7.61
N SER D 114 -28.00 -40.01 -8.51
CA SER D 114 -28.29 -39.99 -9.93
C SER D 114 -28.07 -41.39 -10.48
N VAL D 115 -29.15 -42.04 -10.90
CA VAL D 115 -29.09 -43.45 -11.27
C VAL D 115 -29.07 -43.67 -12.78
N PHE D 116 -28.16 -44.53 -13.21
CA PHE D 116 -28.06 -44.90 -14.62
C PHE D 116 -27.88 -46.41 -14.73
N ILE D 117 -28.36 -46.98 -15.84
CA ILE D 117 -28.23 -48.41 -16.08
C ILE D 117 -27.58 -48.67 -17.44
N PHE D 118 -26.70 -49.65 -17.49
CA PHE D 118 -25.98 -49.97 -18.72
C PHE D 118 -26.15 -51.42 -19.14
N PRO D 119 -26.60 -51.64 -20.38
CA PRO D 119 -26.69 -52.98 -20.95
C PRO D 119 -25.30 -53.50 -21.29
N PRO D 120 -25.12 -54.83 -21.28
CA PRO D 120 -23.82 -55.44 -21.60
C PRO D 120 -23.44 -55.22 -23.06
N SER D 121 -22.15 -55.01 -23.30
CA SER D 121 -21.66 -54.76 -24.65
C SER D 121 -21.78 -56.00 -25.52
N ASP D 122 -22.03 -55.79 -26.81
CA ASP D 122 -22.13 -56.88 -27.77
C ASP D 122 -20.82 -57.66 -27.86
N GLU D 123 -19.71 -57.00 -27.57
CA GLU D 123 -18.40 -57.63 -27.59
C GLU D 123 -18.25 -58.62 -26.43
N GLN D 124 -18.99 -58.39 -25.36
CA GLN D 124 -18.93 -59.23 -24.18
C GLN D 124 -19.85 -60.44 -24.29
N LEU D 125 -20.89 -60.32 -25.12
CA LEU D 125 -21.81 -61.43 -25.35
C LEU D 125 -21.10 -62.61 -25.99
N LYS D 126 -20.09 -62.33 -26.80
CA LYS D 126 -19.31 -63.37 -27.45
C LYS D 126 -18.55 -64.24 -26.44
N SER D 127 -18.20 -63.65 -25.30
CA SER D 127 -17.47 -64.37 -24.27
C SER D 127 -18.34 -65.42 -23.58
N GLY D 128 -19.65 -65.26 -23.68
CA GLY D 128 -20.59 -66.19 -23.08
C GLY D 128 -21.10 -65.70 -21.73
N THR D 129 -20.60 -64.55 -21.31
CA THR D 129 -21.03 -63.94 -20.06
C THR D 129 -21.49 -62.51 -20.28
N ALA D 130 -22.54 -62.12 -19.58
CA ALA D 130 -23.09 -60.78 -19.70
C ALA D 130 -23.07 -60.07 -18.36
N SER D 131 -22.52 -58.86 -18.35
CA SER D 131 -22.46 -58.05 -17.14
C SER D 131 -23.28 -56.78 -17.27
N VAL D 132 -24.23 -56.59 -16.36
CA VAL D 132 -25.07 -55.40 -16.35
C VAL D 132 -24.75 -54.56 -15.12
N VAL D 133 -24.48 -53.28 -15.34
CA VAL D 133 -24.10 -52.40 -14.24
C VAL D 133 -25.08 -51.26 -14.01
N CYS D 134 -25.40 -51.04 -12.74
CA CYS D 134 -26.23 -49.91 -12.33
C CYS D 134 -25.36 -48.93 -11.58
N LEU D 135 -25.50 -47.65 -11.89
CA LEU D 135 -24.62 -46.63 -11.34
C LEU D 135 -25.35 -45.67 -10.40
N LEU D 136 -24.79 -45.49 -9.21
CA LEU D 136 -25.28 -44.51 -8.25
C LEU D 136 -24.20 -43.44 -8.08
N ASN D 137 -24.45 -42.26 -8.65
CA ASN D 137 -23.36 -41.34 -8.93
C ASN D 137 -22.93 -40.38 -7.82
N ASN D 138 -23.84 -39.52 -7.37
CA ASN D 138 -23.53 -38.62 -6.26
C ASN D 138 -24.62 -38.67 -5.21
N PHE D 139 -24.31 -39.32 -4.10
CA PHE D 139 -25.32 -39.54 -3.08
C PHE D 139 -24.71 -39.64 -1.69
N TYR D 140 -25.33 -38.92 -0.76
CA TYR D 140 -24.97 -39.01 0.65
C TYR D 140 -26.24 -39.16 1.45
N PRO D 141 -26.24 -40.05 2.46
CA PRO D 141 -25.14 -40.87 2.97
C PRO D 141 -24.75 -42.05 2.08
N ARG D 142 -23.80 -42.83 2.56
CA ARG D 142 -23.26 -43.98 1.83
C ARG D 142 -24.27 -45.11 1.75
N GLU D 143 -25.09 -45.23 2.79
CA GLU D 143 -26.05 -46.32 2.92
C GLU D 143 -27.08 -46.32 1.80
N ALA D 144 -27.12 -47.41 1.04
CA ALA D 144 -28.07 -47.56 -0.04
C ALA D 144 -28.25 -49.03 -0.38
N LYS D 145 -29.42 -49.38 -0.90
CA LYS D 145 -29.70 -50.76 -1.28
C LYS D 145 -30.06 -50.86 -2.76
N VAL D 146 -29.45 -51.82 -3.44
CA VAL D 146 -29.68 -52.03 -4.86
C VAL D 146 -30.28 -53.40 -5.10
N GLN D 147 -31.42 -53.43 -5.77
CA GLN D 147 -32.12 -54.68 -6.06
C GLN D 147 -32.26 -54.90 -7.57
N TRP D 148 -31.86 -56.08 -8.03
CA TRP D 148 -31.94 -56.40 -9.45
C TRP D 148 -33.19 -57.21 -9.78
N LYS D 149 -33.92 -56.78 -10.80
CA LYS D 149 -35.11 -57.48 -11.25
C LYS D 149 -34.99 -57.91 -12.70
N VAL D 150 -35.07 -59.20 -12.95
CA VAL D 150 -35.11 -59.73 -14.31
C VAL D 150 -36.53 -60.20 -14.64
N ASP D 151 -37.19 -59.49 -15.56
CA ASP D 151 -38.61 -59.69 -15.82
C ASP D 151 -39.37 -59.63 -14.51
N ASN D 152 -39.05 -58.62 -13.71
CA ASN D 152 -39.66 -58.41 -12.39
C ASN D 152 -39.43 -59.56 -11.42
N ALA D 153 -38.30 -60.24 -11.57
CA ALA D 153 -37.91 -61.30 -10.64
C ALA D 153 -36.64 -60.90 -9.88
N LEU D 154 -36.72 -60.96 -8.55
CA LEU D 154 -35.61 -60.54 -7.70
C LEU D 154 -34.41 -61.45 -7.81
N GLN D 155 -33.23 -60.85 -7.97
CA GLN D 155 -32.00 -61.61 -8.15
C GLN D 155 -31.07 -61.50 -6.95
N SER D 156 -30.37 -62.58 -6.66
CA SER D 156 -29.42 -62.61 -5.55
C SER D 156 -28.27 -63.58 -5.82
N GLY D 157 -27.08 -63.20 -5.36
CA GLY D 157 -25.91 -64.04 -5.49
C GLY D 157 -25.17 -63.84 -6.81
N ASN D 158 -25.72 -63.00 -7.67
CA ASN D 158 -25.13 -62.74 -8.97
C ASN D 158 -24.77 -61.26 -9.15
N SER D 159 -24.82 -60.53 -8.04
CA SER D 159 -24.53 -59.10 -8.06
C SER D 159 -23.44 -58.73 -7.07
N GLN D 160 -22.51 -57.89 -7.50
CA GLN D 160 -21.47 -57.37 -6.63
C GLN D 160 -21.46 -55.85 -6.64
N GLU D 161 -21.15 -55.26 -5.49
CA GLU D 161 -21.17 -53.80 -5.37
C GLU D 161 -19.81 -53.23 -4.98
N SER D 162 -19.50 -52.07 -5.55
CA SER D 162 -18.27 -51.35 -5.23
C SER D 162 -18.57 -49.90 -4.90
N VAL D 163 -17.98 -49.42 -3.82
CA VAL D 163 -18.20 -48.05 -3.36
C VAL D 163 -16.89 -47.28 -3.35
N THR D 164 -16.93 -46.04 -3.82
CA THR D 164 -15.74 -45.21 -3.85
C THR D 164 -15.62 -44.39 -2.56
N GLU D 165 -14.45 -43.79 -2.37
CA GLU D 165 -14.20 -42.95 -1.21
C GLU D 165 -14.90 -41.60 -1.34
N GLN D 166 -15.00 -40.90 -0.22
CA GLN D 166 -15.65 -39.60 -0.20
C GLN D 166 -14.91 -38.60 -1.07
N ASP D 167 -15.67 -37.82 -1.83
CA ASP D 167 -15.08 -36.90 -2.79
C ASP D 167 -14.39 -35.71 -2.11
N SER D 168 -13.29 -35.26 -2.70
CA SER D 168 -12.54 -34.12 -2.18
C SER D 168 -13.30 -32.82 -2.38
N LYS D 169 -14.11 -32.77 -3.42
CA LYS D 169 -14.82 -31.54 -3.78
C LYS D 169 -16.22 -31.45 -3.18
N ASP D 170 -17.11 -32.36 -3.58
CA ASP D 170 -18.50 -32.30 -3.14
C ASP D 170 -18.81 -33.24 -1.98
N SER D 171 -17.82 -34.03 -1.56
CA SER D 171 -17.96 -34.93 -0.43
C SER D 171 -19.09 -35.94 -0.60
N THR D 172 -19.26 -36.43 -1.82
CA THR D 172 -20.32 -37.39 -2.11
C THR D 172 -19.76 -38.75 -2.50
N TYR D 173 -20.43 -39.81 -2.06
CA TYR D 173 -20.04 -41.16 -2.41
C TYR D 173 -20.61 -41.57 -3.76
N SER D 174 -20.03 -42.63 -4.33
CA SER D 174 -20.53 -43.20 -5.57
C SER D 174 -20.49 -44.72 -5.50
N LEU D 175 -21.52 -45.36 -6.03
CA LEU D 175 -21.66 -46.80 -5.94
C LEU D 175 -21.96 -47.41 -7.30
N SER D 176 -21.38 -48.57 -7.56
CA SER D 176 -21.64 -49.31 -8.79
C SER D 176 -22.00 -50.76 -8.45
N SER D 177 -23.16 -51.20 -8.93
CA SER D 177 -23.57 -52.59 -8.72
C SER D 177 -23.50 -53.34 -10.04
N THR D 178 -22.80 -54.46 -10.05
CA THR D 178 -22.58 -55.23 -11.27
C THR D 178 -23.32 -56.56 -11.25
N LEU D 179 -24.17 -56.77 -12.24
CA LEU D 179 -24.95 -58.00 -12.36
C LEU D 179 -24.36 -58.88 -13.45
N THR D 180 -23.91 -60.07 -13.07
CA THR D 180 -23.25 -60.97 -14.00
C THR D 180 -24.10 -62.20 -14.31
N LEU D 181 -24.33 -62.42 -15.60
CA LEU D 181 -25.13 -63.55 -16.05
C LEU D 181 -24.54 -64.15 -17.32
N SER D 182 -24.82 -65.43 -17.54
CA SER D 182 -24.39 -66.11 -18.75
C SER D 182 -25.23 -65.65 -19.93
N LYS D 183 -24.66 -65.70 -21.12
CA LYS D 183 -25.37 -65.32 -22.34
C LYS D 183 -26.63 -66.17 -22.52
N ALA D 184 -26.53 -67.45 -22.16
CA ALA D 184 -27.64 -68.39 -22.28
C ALA D 184 -28.85 -67.92 -21.46
N ASP D 185 -28.58 -67.38 -20.28
CA ASP D 185 -29.64 -66.92 -19.39
C ASP D 185 -29.98 -65.45 -19.61
N TYR D 186 -29.03 -64.70 -20.15
CA TYR D 186 -29.23 -63.28 -20.38
C TYR D 186 -30.33 -63.01 -21.41
N GLU D 187 -30.40 -63.85 -22.43
CA GLU D 187 -31.36 -63.67 -23.51
C GLU D 187 -32.66 -64.45 -23.25
N LYS D 188 -32.68 -65.19 -22.16
CA LYS D 188 -33.90 -65.89 -21.76
C LYS D 188 -34.76 -64.96 -20.91
N HIS D 189 -34.58 -63.66 -21.09
CA HIS D 189 -35.31 -62.65 -20.33
C HIS D 189 -35.47 -61.37 -21.16
N LYS D 190 -36.41 -60.52 -20.75
CA LYS D 190 -36.71 -59.31 -21.51
C LYS D 190 -36.39 -58.04 -20.73
N VAL D 191 -36.93 -57.94 -19.52
CA VAL D 191 -36.81 -56.71 -18.73
C VAL D 191 -35.81 -56.82 -17.58
N TYR D 192 -34.83 -55.92 -17.59
CA TYR D 192 -33.84 -55.83 -16.53
C TYR D 192 -33.97 -54.50 -15.81
N ALA D 193 -34.01 -54.53 -14.49
CA ALA D 193 -34.26 -53.31 -13.72
C ALA D 193 -33.33 -53.14 -12.52
N CYS D 194 -33.02 -51.89 -12.22
CA CYS D 194 -32.20 -51.55 -11.06
C CYS D 194 -33.00 -50.67 -10.11
N GLU D 195 -33.25 -51.17 -8.90
CA GLU D 195 -34.05 -50.45 -7.92
C GLU D 195 -33.18 -49.83 -6.83
N VAL D 196 -33.24 -48.51 -6.72
CA VAL D 196 -32.42 -47.78 -5.76
C VAL D 196 -33.26 -47.14 -4.66
N THR D 197 -32.92 -47.44 -3.42
CA THR D 197 -33.61 -46.85 -2.27
C THR D 197 -32.63 -46.07 -1.40
N HIS D 198 -32.86 -44.77 -1.28
CA HIS D 198 -31.97 -43.90 -0.53
C HIS D 198 -32.75 -42.89 0.30
N GLN D 199 -32.08 -42.30 1.28
CA GLN D 199 -32.70 -41.26 2.10
C GLN D 199 -33.17 -40.07 1.28
N GLY D 200 -32.39 -39.75 0.24
CA GLY D 200 -32.69 -38.62 -0.62
C GLY D 200 -33.95 -38.83 -1.44
N LEU D 201 -34.27 -40.10 -1.69
CA LEU D 201 -35.43 -40.45 -2.50
C LEU D 201 -36.67 -40.65 -1.65
N SER D 202 -37.76 -39.99 -2.03
CA SER D 202 -39.04 -40.14 -1.35
C SER D 202 -39.58 -41.55 -1.56
N SER D 203 -39.48 -42.03 -2.79
CA SER D 203 -39.90 -43.38 -3.14
C SER D 203 -38.82 -44.02 -3.99
N PRO D 204 -38.66 -45.35 -3.89
CA PRO D 204 -37.67 -46.11 -4.65
C PRO D 204 -37.71 -45.79 -6.15
N VAL D 205 -36.54 -45.59 -6.73
CA VAL D 205 -36.43 -45.24 -8.14
C VAL D 205 -35.90 -46.41 -8.94
N THR D 206 -36.59 -46.74 -10.04
CA THR D 206 -36.21 -47.86 -10.88
C THR D 206 -35.81 -47.41 -12.28
N LYS D 207 -34.62 -47.84 -12.71
CA LYS D 207 -34.11 -47.53 -14.04
C LYS D 207 -34.00 -48.84 -14.81
N SER D 208 -34.68 -48.95 -15.94
CA SER D 208 -34.74 -50.21 -16.67
C SER D 208 -34.52 -50.06 -18.17
N PHE D 209 -34.16 -51.16 -18.80
CA PHE D 209 -34.06 -51.26 -20.25
C PHE D 209 -34.62 -52.60 -20.68
N ASN D 210 -34.85 -52.76 -21.98
CA ASN D 210 -35.44 -53.99 -22.49
C ASN D 210 -34.46 -54.83 -23.31
N ARG D 211 -35.03 -55.79 -24.05
CA ARG D 211 -34.28 -56.65 -24.96
C ARG D 211 -33.04 -57.28 -24.32
N GLN E 1 -35.78 -36.22 44.50
CA GLN E 1 -36.61 -37.41 44.63
C GLN E 1 -37.91 -37.24 43.84
N VAL E 2 -37.92 -36.23 42.98
CA VAL E 2 -39.09 -35.94 42.14
C VAL E 2 -39.18 -36.95 41.00
N GLN E 3 -40.40 -37.40 40.72
CA GLN E 3 -40.63 -38.33 39.62
C GLN E 3 -41.77 -37.86 38.74
N LEU E 4 -41.67 -38.15 37.44
CA LEU E 4 -42.69 -37.75 36.48
C LEU E 4 -43.06 -38.91 35.57
N GLN E 5 -44.36 -39.03 35.29
CA GLN E 5 -44.85 -40.06 34.37
C GLN E 5 -45.87 -39.47 33.42
N GLU E 6 -45.82 -39.92 32.17
CA GLU E 6 -46.66 -39.34 31.12
C GLU E 6 -47.68 -40.33 30.60
N SER E 7 -48.89 -39.84 30.38
CA SER E 7 -49.96 -40.67 29.84
C SER E 7 -50.75 -39.90 28.81
N GLY E 8 -51.15 -40.60 27.75
CA GLY E 8 -51.93 -39.99 26.69
C GLY E 8 -52.30 -41.00 25.62
N PRO E 9 -52.93 -40.53 24.53
CA PRO E 9 -53.31 -41.40 23.43
C PRO E 9 -52.08 -41.83 22.64
N GLY E 10 -52.11 -43.04 22.09
CA GLY E 10 -50.99 -43.56 21.33
C GLY E 10 -50.90 -42.96 19.93
N LEU E 11 -52.05 -42.67 19.35
CA LEU E 11 -52.09 -42.13 17.99
C LEU E 11 -53.10 -41.01 17.85
N VAL E 12 -52.82 -40.08 16.95
CA VAL E 12 -53.75 -38.99 16.67
C VAL E 12 -53.86 -38.76 15.16
N LYS E 13 -55.10 -38.58 14.70
CA LYS E 13 -55.35 -38.31 13.29
C LYS E 13 -54.81 -36.94 12.92
N PRO E 14 -54.39 -36.76 11.66
CA PRO E 14 -53.91 -35.45 11.20
C PRO E 14 -55.02 -34.40 11.23
N SER E 15 -54.63 -33.14 11.32
CA SER E 15 -55.57 -32.01 11.41
C SER E 15 -56.44 -32.05 12.66
N ASP E 16 -56.04 -32.87 13.63
CA ASP E 16 -56.73 -32.92 14.91
C ASP E 16 -55.92 -32.22 15.99
N THR E 17 -56.24 -32.50 17.24
CA THR E 17 -55.56 -31.87 18.37
C THR E 17 -54.87 -32.91 19.23
N LEU E 18 -53.59 -32.67 19.51
CA LEU E 18 -52.79 -33.55 20.36
C LEU E 18 -52.93 -33.15 21.83
N SER E 19 -53.32 -34.09 22.67
CA SER E 19 -53.51 -33.82 24.09
C SER E 19 -52.74 -34.81 24.95
N LEU E 20 -51.86 -34.29 25.80
CA LEU E 20 -51.04 -35.11 26.68
C LEU E 20 -51.09 -34.58 28.11
N THR E 21 -50.91 -35.48 29.07
CA THR E 21 -50.92 -35.11 30.48
C THR E 21 -49.73 -35.72 31.20
N CYS E 22 -49.04 -34.91 32.00
CA CYS E 22 -47.94 -35.42 32.81
C CYS E 22 -48.31 -35.47 34.29
N ALA E 23 -48.03 -36.61 34.91
CA ALA E 23 -48.34 -36.82 36.32
C ALA E 23 -47.08 -36.67 37.18
N VAL E 24 -47.19 -35.91 38.26
CA VAL E 24 -46.02 -35.61 39.08
C VAL E 24 -46.11 -36.20 40.48
N SER E 25 -45.06 -36.90 40.87
CA SER E 25 -44.86 -37.31 42.25
C SER E 25 -43.71 -36.51 42.85
N GLY E 26 -43.59 -36.53 44.17
CA GLY E 26 -42.44 -35.94 44.81
C GLY E 26 -42.49 -34.45 45.06
N TYR E 27 -43.41 -33.76 44.38
CA TYR E 27 -43.45 -32.31 44.46
C TYR E 27 -44.81 -31.79 44.03
N PRO E 28 -45.49 -31.09 44.94
CA PRO E 28 -46.66 -30.36 44.46
C PRO E 28 -46.15 -29.24 43.54
N ILE E 29 -46.81 -29.05 42.42
CA ILE E 29 -46.38 -28.05 41.47
C ILE E 29 -46.92 -26.68 41.86
N ARG E 30 -47.85 -26.64 42.81
CA ARG E 30 -48.38 -25.36 43.26
C ARG E 30 -47.25 -24.58 43.89
N PHE E 31 -46.35 -25.28 44.56
CA PHE E 31 -45.09 -24.66 44.92
C PHE E 31 -43.87 -25.34 44.36
N GLY E 32 -43.11 -24.62 43.55
CA GLY E 32 -41.81 -25.10 43.12
C GLY E 32 -41.25 -24.57 41.82
N TYR E 33 -40.73 -25.48 41.02
CA TYR E 33 -39.91 -25.04 39.91
C TYR E 33 -40.84 -25.10 38.72
N SER E 34 -40.36 -24.71 37.55
CA SER E 34 -41.22 -24.68 36.38
C SER E 34 -41.27 -26.06 35.75
N TRP E 35 -42.32 -26.33 34.99
CA TRP E 35 -42.59 -27.68 34.53
C TRP E 35 -42.75 -27.68 33.03
N HIS E 36 -41.88 -28.43 32.38
CA HIS E 36 -41.65 -28.29 30.96
C HIS E 36 -42.10 -29.47 30.14
N TRP E 37 -42.26 -29.21 28.85
CA TRP E 37 -42.55 -30.25 27.88
C TRP E 37 -41.47 -30.28 26.81
N ILE E 38 -40.85 -31.45 26.66
CA ILE E 38 -39.79 -31.61 25.68
C ILE E 38 -40.17 -32.75 24.73
N ARG E 39 -39.98 -32.54 23.44
CA ARG E 39 -40.30 -33.59 22.47
C ARG E 39 -39.08 -33.97 21.63
N GLN E 40 -39.02 -35.23 21.23
CA GLN E 40 -37.92 -35.73 20.44
C GLN E 40 -38.39 -36.65 19.32
N PRO E 41 -38.28 -36.18 18.07
CA PRO E 41 -38.59 -37.00 16.90
C PRO E 41 -37.66 -38.19 16.85
N PRO E 42 -38.11 -39.31 16.26
CA PRO E 42 -37.29 -40.53 16.21
C PRO E 42 -35.97 -40.30 15.48
N GLY E 43 -34.85 -40.57 16.17
CA GLY E 43 -33.53 -40.39 15.59
C GLY E 43 -33.17 -38.94 15.38
N LYS E 44 -33.80 -38.06 16.13
CA LYS E 44 -33.56 -36.62 16.02
C LYS E 44 -33.24 -35.98 17.35
N GLY E 45 -32.95 -34.69 17.32
CA GLY E 45 -32.58 -33.95 18.50
C GLY E 45 -33.76 -33.50 19.34
N LEU E 46 -33.46 -33.11 20.58
CA LEU E 46 -34.49 -32.65 21.51
C LEU E 46 -34.97 -31.25 21.14
N GLU E 47 -36.26 -31.02 21.30
CA GLU E 47 -36.84 -29.69 21.08
C GLU E 47 -37.61 -29.22 22.29
N TRP E 48 -37.37 -27.97 22.68
CA TRP E 48 -38.03 -27.39 23.85
C TRP E 48 -39.34 -26.74 23.44
N MET E 49 -40.44 -27.21 24.01
CA MET E 49 -41.77 -26.75 23.62
C MET E 49 -42.24 -25.54 24.44
N GLY E 50 -42.18 -25.68 25.76
CA GLY E 50 -42.61 -24.61 26.64
C GLY E 50 -42.75 -25.09 28.07
N TYR E 51 -43.28 -24.23 28.93
CA TYR E 51 -43.43 -24.58 30.33
C TYR E 51 -44.58 -23.90 31.02
N ILE E 52 -44.93 -24.44 32.18
CA ILE E 52 -45.88 -23.81 33.07
C ILE E 52 -45.23 -23.59 34.43
N HIS E 53 -45.26 -22.35 34.90
CA HIS E 53 -44.75 -22.00 36.21
C HIS E 53 -45.76 -22.51 37.24
N TYR E 54 -45.34 -22.60 38.50
CA TYR E 54 -46.28 -22.90 39.58
C TYR E 54 -47.38 -21.87 39.63
N SER E 55 -47.04 -20.65 39.26
CA SER E 55 -47.91 -19.51 39.44
C SER E 55 -49.02 -19.56 38.41
N GLY E 56 -48.89 -20.50 37.47
CA GLY E 56 -49.86 -20.63 36.39
C GLY E 56 -49.36 -19.85 35.19
N TYR E 57 -48.21 -19.21 35.36
CA TYR E 57 -47.52 -18.55 34.26
C TYR E 57 -47.27 -19.59 33.19
N THR E 58 -47.45 -19.21 31.94
CA THR E 58 -47.11 -20.08 30.82
C THR E 58 -46.42 -19.28 29.75
N ASP E 59 -45.33 -19.83 29.22
CA ASP E 59 -44.67 -19.25 28.07
C ASP E 59 -44.30 -20.37 27.12
N PHE E 60 -44.18 -20.06 25.84
CA PHE E 60 -43.99 -21.09 24.83
C PHE E 60 -42.85 -20.80 23.87
N ASN E 61 -42.36 -21.86 23.23
CA ASN E 61 -41.38 -21.73 22.18
C ASN E 61 -42.04 -21.21 20.91
N PRO E 62 -41.34 -20.34 20.16
CA PRO E 62 -41.83 -19.86 18.87
C PRO E 62 -42.01 -20.99 17.86
N SER E 63 -42.61 -20.67 16.71
CA SER E 63 -42.95 -21.65 15.68
C SER E 63 -43.99 -22.69 16.12
N LEU E 64 -44.42 -22.58 17.38
CA LEU E 64 -45.47 -23.43 17.92
C LEU E 64 -46.58 -22.55 18.47
N LYS E 65 -46.29 -21.25 18.53
CA LYS E 65 -47.11 -20.27 19.25
C LYS E 65 -48.60 -20.27 18.95
N THR E 66 -48.98 -20.73 17.76
CA THR E 66 -50.39 -20.72 17.37
C THR E 66 -51.08 -22.02 17.81
N ARG E 67 -50.32 -23.09 17.89
CA ARG E 67 -50.89 -24.41 18.13
C ARG E 67 -50.73 -24.96 19.55
N ILE E 68 -49.83 -24.37 20.33
CA ILE E 68 -49.54 -24.91 21.66
C ILE E 68 -50.19 -24.15 22.81
N THR E 69 -50.77 -24.91 23.73
CA THR E 69 -51.31 -24.38 24.98
C THR E 69 -51.01 -25.36 26.11
N ILE E 70 -50.56 -24.83 27.24
CA ILE E 70 -50.25 -25.66 28.40
C ILE E 70 -51.14 -25.32 29.60
N SER E 71 -51.71 -26.34 30.21
CA SER E 71 -52.60 -26.17 31.34
C SER E 71 -52.29 -27.20 32.42
N ARG E 72 -52.85 -27.01 33.61
CA ARG E 72 -52.57 -27.91 34.72
C ARG E 72 -53.81 -28.21 35.55
N ASP E 73 -53.77 -29.33 36.26
CA ASP E 73 -54.82 -29.69 37.20
C ASP E 73 -54.19 -29.94 38.57
N THR E 74 -54.25 -28.93 39.43
CA THR E 74 -53.59 -28.98 40.73
C THR E 74 -54.09 -30.11 41.61
N SER E 75 -55.39 -30.41 41.53
CA SER E 75 -56.01 -31.45 42.34
C SER E 75 -55.32 -32.80 42.17
N LYS E 76 -54.95 -33.10 40.94
CA LYS E 76 -54.28 -34.36 40.63
C LYS E 76 -52.76 -34.18 40.59
N ASN E 77 -52.32 -32.95 40.82
CA ASN E 77 -50.91 -32.59 40.70
C ASN E 77 -50.39 -32.92 39.31
N GLN E 78 -51.10 -32.46 38.28
CA GLN E 78 -50.76 -32.75 36.90
C GLN E 78 -50.75 -31.49 36.06
N PHE E 79 -49.99 -31.52 34.96
CA PHE E 79 -49.95 -30.41 34.02
C PHE E 79 -49.96 -30.94 32.59
N SER E 80 -50.92 -30.47 31.81
CA SER E 80 -51.21 -31.04 30.51
C SER E 80 -50.73 -30.18 29.34
N LEU E 81 -50.62 -30.82 28.18
CA LEU E 81 -50.15 -30.15 26.96
C LEU E 81 -51.14 -30.35 25.83
N LYS E 82 -51.38 -29.28 25.07
CA LYS E 82 -52.30 -29.34 23.93
C LYS E 82 -51.64 -28.81 22.66
N LEU E 83 -51.63 -29.65 21.62
CA LEU E 83 -51.10 -29.25 20.33
C LEU E 83 -52.15 -29.44 19.26
N SER E 84 -52.39 -28.40 18.45
CA SER E 84 -53.45 -28.42 17.47
C SER E 84 -52.92 -28.42 16.03
N SER E 85 -53.78 -28.82 15.10
CA SER E 85 -53.42 -28.92 13.68
C SER E 85 -52.19 -29.79 13.50
N VAL E 86 -52.24 -30.99 14.06
CA VAL E 86 -51.12 -31.91 14.07
C VAL E 86 -50.82 -32.45 12.67
N THR E 87 -49.53 -32.51 12.33
CA THR E 87 -49.11 -33.07 11.06
C THR E 87 -48.17 -34.26 11.29
N ALA E 88 -47.61 -34.77 10.20
CA ALA E 88 -46.70 -35.92 10.27
C ALA E 88 -45.40 -35.55 10.97
N VAL E 89 -45.06 -34.27 10.92
CA VAL E 89 -43.84 -33.77 11.54
C VAL E 89 -43.91 -33.91 13.06
N ASP E 90 -45.11 -33.71 13.61
CA ASP E 90 -45.31 -33.75 15.05
C ASP E 90 -45.16 -35.15 15.65
N THR E 91 -44.99 -36.14 14.79
CA THR E 91 -44.73 -37.50 15.25
C THR E 91 -43.39 -37.53 15.97
N ALA E 92 -43.44 -37.76 17.28
CA ALA E 92 -42.24 -37.72 18.10
C ALA E 92 -42.45 -38.39 19.45
N VAL E 93 -41.36 -38.59 20.17
CA VAL E 93 -41.42 -39.03 21.55
C VAL E 93 -41.48 -37.79 22.43
N TYR E 94 -42.39 -37.79 23.39
CA TYR E 94 -42.59 -36.63 24.24
C TYR E 94 -42.04 -36.87 25.64
N TYR E 95 -41.39 -35.86 26.18
CA TYR E 95 -40.75 -35.96 27.49
C TYR E 95 -41.32 -34.95 28.49
N CYS E 96 -41.22 -35.28 29.77
CA CYS E 96 -41.76 -34.46 30.84
C CYS E 96 -40.67 -34.20 31.88
N ALA E 97 -40.49 -32.95 32.27
CA ALA E 97 -39.34 -32.58 33.09
C ALA E 97 -39.47 -31.21 33.79
N ARG E 98 -38.60 -31.00 34.79
CA ARG E 98 -38.66 -29.79 35.62
C ARG E 98 -37.53 -28.81 35.31
N LYS E 99 -37.89 -27.53 35.16
CA LYS E 99 -36.89 -26.47 34.88
C LYS E 99 -35.78 -26.46 35.89
N ASP E 100 -36.14 -26.76 37.13
CA ASP E 100 -35.29 -26.52 38.27
C ASP E 100 -34.98 -25.02 38.30
N SER E 101 -33.71 -24.70 38.45
CA SER E 101 -33.26 -23.34 38.49
C SER E 101 -32.09 -23.22 37.53
N GLY E 102 -31.86 -22.01 37.01
CA GLY E 102 -30.78 -21.79 36.08
C GLY E 102 -30.99 -22.50 34.76
N ASN E 103 -32.22 -22.96 34.54
CA ASN E 103 -32.63 -23.53 33.27
C ASN E 103 -31.80 -24.74 32.82
N TYR E 104 -31.57 -25.65 33.75
CA TYR E 104 -31.06 -26.98 33.41
C TYR E 104 -32.07 -27.97 33.98
N PHE E 105 -32.35 -29.04 33.24
CA PHE E 105 -33.34 -30.02 33.66
C PHE E 105 -32.68 -31.19 34.37
N PRO E 106 -32.77 -31.22 35.70
CA PRO E 106 -32.13 -32.28 36.49
C PRO E 106 -33.01 -33.53 36.57
N TYR E 107 -34.31 -33.34 36.44
CA TYR E 107 -35.28 -34.41 36.60
C TYR E 107 -36.13 -34.54 35.34
N TRP E 108 -36.11 -35.74 34.74
CA TRP E 108 -36.85 -36.01 33.52
C TRP E 108 -37.84 -37.15 33.72
N GLY E 109 -38.83 -37.22 32.84
CA GLY E 109 -39.87 -38.25 32.94
C GLY E 109 -39.58 -39.51 32.15
N GLN E 110 -40.51 -40.45 32.22
CA GLN E 110 -40.36 -41.75 31.56
C GLN E 110 -40.41 -41.63 30.04
N GLY E 111 -41.24 -40.71 29.55
CA GLY E 111 -41.35 -40.46 28.13
C GLY E 111 -42.44 -41.28 27.46
N THR E 112 -43.22 -40.61 26.61
CA THR E 112 -44.30 -41.28 25.91
C THR E 112 -44.22 -41.03 24.41
N LEU E 113 -44.72 -41.99 23.64
CA LEU E 113 -44.64 -41.93 22.18
C LEU E 113 -45.97 -41.58 21.55
N VAL E 114 -45.95 -40.60 20.65
CA VAL E 114 -47.14 -40.20 19.92
C VAL E 114 -46.91 -40.33 18.41
N THR E 115 -47.78 -41.08 17.75
CA THR E 115 -47.67 -41.30 16.31
C THR E 115 -48.84 -40.68 15.56
N VAL E 116 -48.54 -39.96 14.49
CA VAL E 116 -49.56 -39.28 13.71
C VAL E 116 -49.87 -40.03 12.43
N SER E 117 -51.04 -40.67 12.39
CA SER E 117 -51.43 -41.43 11.20
C SER E 117 -52.96 -41.48 11.07
N SER E 118 -53.41 -41.60 9.82
CA SER E 118 -54.83 -41.72 9.55
C SER E 118 -55.28 -43.18 9.71
N ALA E 119 -54.31 -44.07 9.81
CA ALA E 119 -54.58 -45.49 9.94
C ALA E 119 -55.19 -45.83 11.30
N SER E 120 -55.88 -46.95 11.35
CA SER E 120 -56.51 -47.41 12.58
C SER E 120 -55.55 -48.30 13.37
N THR E 121 -55.93 -48.61 14.60
CA THR E 121 -55.08 -49.41 15.47
C THR E 121 -55.30 -50.91 15.32
N LYS E 122 -54.19 -51.65 15.30
CA LYS E 122 -54.25 -53.11 15.36
C LYS E 122 -53.54 -53.62 16.61
N GLY E 123 -53.93 -54.81 17.06
CA GLY E 123 -53.34 -55.42 18.23
C GLY E 123 -52.44 -56.58 17.87
N PRO E 124 -51.40 -56.83 18.68
CA PRO E 124 -50.27 -57.73 18.41
C PRO E 124 -50.60 -59.23 18.46
N SER E 125 -49.83 -60.01 17.71
CA SER E 125 -49.93 -61.46 17.72
C SER E 125 -48.73 -62.06 18.46
N VAL E 126 -49.00 -63.08 19.27
CA VAL E 126 -47.96 -63.74 20.05
C VAL E 126 -47.79 -65.17 19.57
N PHE E 127 -46.57 -65.54 19.17
CA PHE E 127 -46.32 -66.87 18.64
C PHE E 127 -45.42 -67.67 19.57
N PRO E 128 -45.75 -68.96 19.77
CA PRO E 128 -44.92 -69.82 20.62
C PRO E 128 -43.63 -70.18 19.93
N LEU E 129 -42.63 -70.53 20.73
CA LEU E 129 -41.30 -70.69 20.20
C LEU E 129 -40.67 -72.04 20.47
N ALA E 130 -40.07 -72.61 19.43
CA ALA E 130 -39.34 -73.87 19.55
C ALA E 130 -37.84 -73.65 19.74
N PRO E 131 -37.26 -74.31 20.75
CA PRO E 131 -35.81 -74.39 20.96
C PRO E 131 -35.14 -75.08 19.79
N SER E 132 -33.82 -74.95 19.69
CA SER E 132 -33.05 -75.57 18.61
C SER E 132 -33.21 -77.09 18.62
N SER E 133 -33.28 -77.67 17.43
CA SER E 133 -33.46 -79.12 17.29
C SER E 133 -32.20 -79.88 17.69
N LYS E 134 -31.07 -79.18 17.76
CA LYS E 134 -29.80 -79.80 18.11
C LYS E 134 -29.53 -79.70 19.61
N SER E 135 -30.09 -80.64 20.37
CA SER E 135 -29.91 -80.66 21.81
C SER E 135 -28.63 -81.40 22.19
N THR E 136 -28.03 -82.06 21.20
CA THR E 136 -26.81 -82.84 21.42
C THR E 136 -25.59 -81.94 21.54
N SER E 137 -25.73 -80.69 21.09
CA SER E 137 -24.62 -79.74 21.09
C SER E 137 -24.10 -79.43 22.50
N GLY E 138 -24.99 -79.50 23.48
CA GLY E 138 -24.62 -79.32 24.87
C GLY E 138 -24.32 -77.88 25.25
N GLY E 139 -24.37 -76.97 24.27
CA GLY E 139 -24.07 -75.58 24.50
C GLY E 139 -25.28 -74.78 24.95
N THR E 140 -25.11 -73.46 24.98
CA THR E 140 -26.20 -72.57 25.37
C THR E 140 -27.20 -72.44 24.22
N ALA E 141 -28.48 -72.40 24.57
CA ALA E 141 -29.53 -72.25 23.56
C ALA E 141 -30.39 -71.04 23.86
N ALA E 142 -30.86 -70.37 22.82
CA ALA E 142 -31.61 -69.13 22.97
C ALA E 142 -33.08 -69.29 22.62
N LEU E 143 -33.89 -68.39 23.14
CA LEU E 143 -35.33 -68.43 22.91
C LEU E 143 -35.98 -67.06 23.07
N GLY E 144 -37.04 -66.83 22.33
CA GLY E 144 -37.81 -65.60 22.44
C GLY E 144 -39.18 -65.56 21.78
N CYS E 145 -39.91 -64.49 22.07
CA CYS E 145 -41.28 -64.33 21.57
C CYS E 145 -41.36 -63.37 20.39
N LEU E 146 -42.17 -63.73 19.40
CA LEU E 146 -42.39 -62.91 18.22
C LEU E 146 -43.68 -62.12 18.32
N VAL E 147 -43.57 -60.79 18.19
CA VAL E 147 -44.73 -59.92 18.20
C VAL E 147 -44.97 -59.36 16.80
N LYS E 148 -46.13 -59.66 16.24
CA LYS E 148 -46.40 -59.33 14.84
C LYS E 148 -47.75 -58.66 14.63
N ASP E 149 -47.80 -57.76 13.64
CA ASP E 149 -49.05 -57.17 13.16
C ASP E 149 -49.76 -56.31 14.21
N TYR E 150 -49.08 -55.28 14.67
CA TYR E 150 -49.69 -54.31 15.58
C TYR E 150 -49.44 -52.90 15.12
N PHE E 151 -50.31 -51.98 15.54
CA PHE E 151 -50.19 -50.58 15.19
C PHE E 151 -51.02 -49.74 16.15
N PRO E 152 -50.46 -48.60 16.59
CA PRO E 152 -49.10 -48.15 16.28
C PRO E 152 -48.13 -48.47 17.40
N GLU E 153 -46.88 -48.03 17.24
CA GLU E 153 -45.88 -48.14 18.29
C GLU E 153 -46.31 -47.29 19.49
N PRO E 154 -45.80 -47.61 20.69
CA PRO E 154 -44.87 -48.68 21.01
C PRO E 154 -45.53 -49.88 21.70
N VAL E 155 -44.77 -50.95 21.82
CA VAL E 155 -45.19 -52.13 22.56
C VAL E 155 -44.18 -52.42 23.66
N THR E 156 -44.67 -52.85 24.82
CA THR E 156 -43.81 -53.14 25.94
C THR E 156 -43.79 -54.63 26.25
N VAL E 157 -42.59 -55.18 26.40
CA VAL E 157 -42.43 -56.61 26.64
C VAL E 157 -41.59 -56.87 27.88
N SER E 158 -42.07 -57.77 28.74
CA SER E 158 -41.32 -58.16 29.94
C SER E 158 -41.42 -59.67 30.13
N TRP E 159 -40.45 -60.22 30.85
CA TRP E 159 -40.41 -61.66 31.07
C TRP E 159 -40.57 -62.02 32.54
N ASN E 160 -41.45 -62.99 32.80
CA ASN E 160 -41.76 -63.41 34.17
C ASN E 160 -42.15 -62.24 35.06
N SER E 161 -42.93 -61.32 34.50
CA SER E 161 -43.38 -60.13 35.20
C SER E 161 -42.22 -59.30 35.75
N GLY E 162 -41.12 -59.27 35.02
CA GLY E 162 -39.96 -58.47 35.40
C GLY E 162 -38.94 -59.23 36.22
N ALA E 163 -39.21 -60.50 36.51
CA ALA E 163 -38.30 -61.31 37.30
C ALA E 163 -37.07 -61.73 36.50
N LEU E 164 -37.29 -62.03 35.22
CA LEU E 164 -36.21 -62.45 34.34
C LEU E 164 -35.86 -61.32 33.37
N THR E 165 -34.70 -60.69 33.59
CA THR E 165 -34.27 -59.56 32.77
C THR E 165 -32.87 -59.74 32.22
N SER E 166 -32.18 -60.78 32.69
CA SER E 166 -30.79 -61.01 32.29
C SER E 166 -30.70 -61.85 31.02
N GLY E 167 -29.86 -61.41 30.09
CA GLY E 167 -29.66 -62.12 28.84
C GLY E 167 -30.84 -61.98 27.90
N VAL E 168 -31.64 -60.95 28.12
CA VAL E 168 -32.85 -60.72 27.33
C VAL E 168 -32.63 -59.63 26.28
N HIS E 169 -32.91 -59.95 25.03
CA HIS E 169 -32.79 -58.98 23.95
C HIS E 169 -34.15 -58.73 23.31
N THR E 170 -34.64 -57.49 23.44
CA THR E 170 -35.88 -57.09 22.78
C THR E 170 -35.57 -56.17 21.61
N PHE E 171 -35.71 -56.71 20.41
CA PHE E 171 -35.36 -55.99 19.20
C PHE E 171 -36.34 -54.86 18.90
N PRO E 172 -35.81 -53.74 18.38
CA PRO E 172 -36.67 -52.62 17.97
C PRO E 172 -37.53 -53.03 16.78
N ALA E 173 -38.76 -52.52 16.76
CA ALA E 173 -39.73 -52.91 15.75
C ALA E 173 -39.35 -52.43 14.36
N VAL E 174 -39.86 -53.13 13.36
CA VAL E 174 -39.67 -52.74 11.97
C VAL E 174 -41.03 -52.68 11.29
N LEU E 175 -41.19 -51.72 10.38
CA LEU E 175 -42.46 -51.53 9.70
C LEU E 175 -42.59 -52.47 8.52
N GLN E 176 -43.55 -53.39 8.61
CA GLN E 176 -43.77 -54.36 7.53
C GLN E 176 -44.48 -53.72 6.34
N SER E 177 -44.57 -54.48 5.25
CA SER E 177 -45.25 -54.04 4.05
C SER E 177 -46.75 -53.96 4.29
N SER E 178 -47.22 -54.72 5.26
CA SER E 178 -48.63 -54.75 5.64
C SER E 178 -49.02 -53.47 6.36
N GLY E 179 -48.02 -52.71 6.77
CA GLY E 179 -48.25 -51.45 7.46
C GLY E 179 -48.45 -51.65 8.95
N LEU E 180 -48.05 -52.83 9.43
CA LEU E 180 -48.15 -53.14 10.85
C LEU E 180 -46.76 -53.48 11.37
N TYR E 181 -46.42 -52.93 12.53
CA TYR E 181 -45.12 -53.17 13.13
C TYR E 181 -44.99 -54.62 13.60
N SER E 182 -43.75 -55.10 13.63
CA SER E 182 -43.48 -56.46 14.07
C SER E 182 -42.06 -56.58 14.59
N LEU E 183 -41.89 -57.38 15.64
CA LEU E 183 -40.56 -57.58 16.22
C LEU E 183 -40.47 -58.90 16.96
N SER E 184 -39.24 -59.29 17.29
CA SER E 184 -39.01 -60.49 18.08
C SER E 184 -38.14 -60.12 19.28
N SER E 185 -38.45 -60.70 20.43
CA SER E 185 -37.65 -60.46 21.63
C SER E 185 -37.14 -61.80 22.15
N VAL E 186 -35.82 -61.95 22.22
CA VAL E 186 -35.22 -63.24 22.58
C VAL E 186 -34.40 -63.20 23.86
N VAL E 187 -34.21 -64.37 24.45
CA VAL E 187 -33.44 -64.50 25.69
C VAL E 187 -32.63 -65.79 25.70
N THR E 188 -31.38 -65.70 26.15
CA THR E 188 -30.51 -66.87 26.26
C THR E 188 -30.55 -67.44 27.68
N VAL E 189 -30.77 -68.75 27.78
CA VAL E 189 -30.85 -69.43 29.06
C VAL E 189 -30.04 -70.72 28.99
N PRO E 190 -29.63 -71.26 30.16
CA PRO E 190 -28.97 -72.57 30.18
C PRO E 190 -29.89 -73.65 29.60
N SER E 191 -29.33 -74.54 28.80
CA SER E 191 -30.11 -75.54 28.07
C SER E 191 -30.87 -76.50 28.97
N SER E 192 -30.38 -76.68 30.19
CA SER E 192 -31.01 -77.60 31.13
C SER E 192 -32.31 -77.03 31.69
N SER E 193 -32.40 -75.71 31.72
CA SER E 193 -33.51 -75.02 32.37
C SER E 193 -34.77 -74.92 31.51
N LEU E 194 -34.60 -74.99 30.18
CA LEU E 194 -35.72 -74.75 29.26
C LEU E 194 -36.93 -75.66 29.48
N GLY E 195 -36.67 -76.94 29.73
CA GLY E 195 -37.74 -77.91 29.91
C GLY E 195 -38.39 -77.83 31.27
N THR E 196 -37.58 -77.73 32.31
CA THR E 196 -38.07 -77.74 33.68
C THR E 196 -38.60 -76.38 34.14
N GLN E 197 -37.98 -75.31 33.65
CA GLN E 197 -38.36 -73.96 34.03
C GLN E 197 -39.22 -73.31 32.96
N THR E 198 -40.27 -72.62 33.38
CA THR E 198 -41.19 -71.99 32.44
C THR E 198 -40.85 -70.51 32.23
N TYR E 199 -40.92 -70.07 30.98
CA TYR E 199 -40.66 -68.68 30.64
C TYR E 199 -41.89 -68.07 29.98
N ILE E 200 -42.29 -66.89 30.43
CA ILE E 200 -43.46 -66.21 29.90
C ILE E 200 -43.13 -64.80 29.45
N CYS E 201 -43.43 -64.47 28.20
CA CYS E 201 -43.24 -63.12 27.70
C CYS E 201 -44.52 -62.29 27.84
N ASN E 202 -44.46 -61.26 28.69
CA ASN E 202 -45.61 -60.40 28.94
C ASN E 202 -45.67 -59.25 27.94
N VAL E 203 -46.58 -59.36 26.98
CA VAL E 203 -46.70 -58.36 25.93
C VAL E 203 -47.84 -57.39 26.23
N ASN E 204 -47.55 -56.10 26.13
CA ASN E 204 -48.56 -55.08 26.39
C ASN E 204 -48.60 -53.99 25.33
N HIS E 205 -49.81 -53.61 24.93
CA HIS E 205 -50.01 -52.55 23.96
C HIS E 205 -51.06 -51.59 24.50
N LYS E 206 -50.65 -50.35 24.80
CA LYS E 206 -51.53 -49.39 25.47
C LYS E 206 -52.75 -48.87 24.68
N PRO E 207 -52.55 -48.44 23.41
CA PRO E 207 -53.73 -48.01 22.65
C PRO E 207 -54.74 -49.13 22.49
N SER E 208 -54.28 -50.28 22.01
CA SER E 208 -55.11 -51.47 21.97
C SER E 208 -54.92 -52.25 23.26
N ASN E 209 -55.54 -51.77 24.33
CA ASN E 209 -55.52 -52.45 25.62
C ASN E 209 -55.80 -53.94 25.46
N THR E 210 -54.72 -54.71 25.35
CA THR E 210 -54.78 -56.15 25.18
C THR E 210 -53.47 -56.69 25.74
N LYS E 211 -53.57 -57.71 26.58
CA LYS E 211 -52.39 -58.31 27.19
C LYS E 211 -52.42 -59.82 27.08
N VAL E 212 -51.51 -60.37 26.28
CA VAL E 212 -51.46 -61.81 26.05
C VAL E 212 -50.21 -62.42 26.65
N ASP E 213 -50.37 -63.54 27.34
CA ASP E 213 -49.24 -64.28 27.90
C ASP E 213 -49.16 -65.66 27.26
N LYS E 214 -47.94 -66.12 26.99
CA LYS E 214 -47.76 -67.38 26.29
C LYS E 214 -46.70 -68.28 26.92
N ARG E 215 -47.07 -69.54 27.12
CA ARG E 215 -46.17 -70.53 27.70
C ARG E 215 -45.20 -71.03 26.63
N VAL E 216 -44.01 -71.43 27.04
CA VAL E 216 -42.98 -71.86 26.10
C VAL E 216 -42.55 -73.31 26.33
N GLU E 217 -42.81 -74.15 25.33
CA GLU E 217 -42.38 -75.55 25.37
C GLU E 217 -41.88 -75.96 23.99
N PRO E 218 -40.89 -76.89 23.96
CA PRO E 218 -40.40 -77.43 22.69
C PRO E 218 -41.47 -78.23 21.95
N GLU F 1 -33.56 -17.44 18.35
CA GLU F 1 -33.17 -18.78 18.77
C GLU F 1 -31.68 -19.03 18.58
N ILE F 2 -30.98 -19.28 19.68
CA ILE F 2 -29.57 -19.62 19.64
C ILE F 2 -29.43 -21.08 19.20
N VAL F 3 -28.51 -21.35 18.28
CA VAL F 3 -28.34 -22.68 17.74
C VAL F 3 -27.02 -23.27 18.19
N LEU F 4 -27.07 -24.46 18.80
CA LEU F 4 -25.87 -25.15 19.24
C LEU F 4 -25.43 -26.13 18.17
N THR F 5 -24.11 -26.26 18.00
CA THR F 5 -23.57 -27.21 17.05
C THR F 5 -22.51 -28.09 17.70
N GLN F 6 -22.74 -29.39 17.66
CA GLN F 6 -21.84 -30.33 18.31
C GLN F 6 -21.00 -31.09 17.28
N SER F 7 -19.81 -31.52 17.70
CA SER F 7 -18.91 -32.26 16.84
C SER F 7 -18.09 -33.25 17.65
N PRO F 8 -17.91 -34.47 17.12
CA PRO F 8 -18.47 -34.91 15.83
C PRO F 8 -19.89 -35.40 16.02
N ASP F 9 -20.65 -35.48 14.93
CA ASP F 9 -22.02 -35.97 15.01
C ASP F 9 -22.06 -37.47 15.29
N PHE F 10 -21.03 -38.17 14.83
CA PHE F 10 -20.88 -39.59 15.11
C PHE F 10 -19.44 -39.92 15.45
N GLN F 11 -19.26 -40.82 16.42
CA GLN F 11 -17.94 -41.13 16.93
C GLN F 11 -17.80 -42.58 17.33
N SER F 12 -16.66 -43.18 17.01
CA SER F 12 -16.38 -44.57 17.36
C SER F 12 -15.03 -44.68 18.06
N VAL F 13 -15.07 -45.06 19.34
CA VAL F 13 -13.86 -45.04 20.16
C VAL F 13 -13.57 -46.39 20.81
N THR F 14 -12.29 -46.64 21.06
CA THR F 14 -11.82 -47.83 21.76
C THR F 14 -11.99 -47.60 23.26
N PRO F 15 -12.39 -48.66 24.01
CA PRO F 15 -12.56 -48.55 25.46
C PRO F 15 -11.30 -48.08 26.18
N LYS F 16 -11.47 -47.50 27.37
CA LYS F 16 -10.37 -47.00 28.19
C LYS F 16 -9.56 -45.93 27.48
N GLU F 17 -10.21 -45.16 26.61
CA GLU F 17 -9.55 -44.09 25.88
C GLU F 17 -10.30 -42.78 26.01
N LYS F 18 -9.60 -41.69 25.70
CA LYS F 18 -10.16 -40.36 25.85
C LYS F 18 -11.18 -40.05 24.76
N VAL F 19 -12.30 -39.45 25.18
CA VAL F 19 -13.36 -39.07 24.26
C VAL F 19 -13.68 -37.59 24.43
N THR F 20 -13.72 -36.86 23.32
CA THR F 20 -13.95 -35.43 23.37
C THR F 20 -15.15 -35.02 22.52
N ILE F 21 -15.94 -34.10 23.05
CA ILE F 21 -17.11 -33.57 22.36
C ILE F 21 -17.12 -32.05 22.47
N THR F 22 -17.29 -31.37 21.34
CA THR F 22 -17.27 -29.92 21.32
C THR F 22 -18.66 -29.34 21.11
N CYS F 23 -18.92 -28.19 21.72
CA CYS F 23 -20.21 -27.54 21.60
C CYS F 23 -20.03 -26.07 21.24
N ARG F 24 -20.23 -25.75 19.96
CA ARG F 24 -20.11 -24.38 19.49
C ARG F 24 -21.47 -23.69 19.52
N ALA F 25 -21.48 -22.44 19.99
CA ALA F 25 -22.73 -21.70 20.15
C ALA F 25 -22.89 -20.59 19.12
N SER F 26 -24.13 -20.35 18.70
CA SER F 26 -24.43 -19.31 17.69
C SER F 26 -23.81 -17.98 18.07
N GLN F 27 -23.90 -17.66 19.35
CA GLN F 27 -23.27 -16.47 19.89
C GLN F 27 -22.86 -16.75 21.32
N SER F 28 -21.84 -16.03 21.79
CA SER F 28 -21.28 -16.23 23.12
C SER F 28 -22.35 -16.26 24.20
N ILE F 29 -22.31 -17.32 25.00
CA ILE F 29 -23.30 -17.51 26.06
C ILE F 29 -22.63 -17.62 27.41
N SER F 30 -21.32 -17.39 27.43
CA SER F 30 -20.55 -17.40 28.68
C SER F 30 -20.65 -18.73 29.42
N ASP F 31 -21.04 -18.65 30.69
CA ASP F 31 -20.99 -19.78 31.60
C ASP F 31 -22.09 -20.82 31.36
N HIS F 32 -23.26 -20.34 30.95
CA HIS F 32 -24.48 -21.14 30.98
C HIS F 32 -24.59 -22.18 29.87
N LEU F 33 -23.95 -23.33 30.09
CA LEU F 33 -24.02 -24.46 29.17
C LEU F 33 -24.21 -25.72 29.99
N HIS F 34 -24.95 -26.68 29.47
CA HIS F 34 -25.18 -27.93 30.17
C HIS F 34 -24.97 -29.13 29.27
N TRP F 35 -24.79 -30.30 29.87
CA TRP F 35 -24.55 -31.53 29.11
C TRP F 35 -25.48 -32.65 29.56
N TYR F 36 -26.00 -33.39 28.58
CA TYR F 36 -26.88 -34.51 28.87
C TYR F 36 -26.40 -35.81 28.25
N GLN F 37 -26.72 -36.91 28.91
CA GLN F 37 -26.44 -38.24 28.39
C GLN F 37 -27.75 -38.97 28.15
N GLN F 38 -27.97 -39.38 26.91
CA GLN F 38 -29.20 -40.08 26.56
C GLN F 38 -28.92 -41.47 26.02
N LYS F 39 -29.14 -42.48 26.85
CA LYS F 39 -29.03 -43.87 26.40
C LYS F 39 -30.28 -44.21 25.60
N PRO F 40 -30.18 -45.20 24.69
CA PRO F 40 -31.32 -45.53 23.82
C PRO F 40 -32.54 -45.99 24.60
N ASP F 41 -33.72 -45.59 24.14
CA ASP F 41 -34.99 -45.91 24.79
C ASP F 41 -35.04 -45.43 26.24
N GLN F 42 -34.36 -44.31 26.49
CA GLN F 42 -34.37 -43.71 27.82
C GLN F 42 -34.41 -42.20 27.73
N SER F 43 -34.81 -41.57 28.82
CA SER F 43 -34.81 -40.11 28.92
C SER F 43 -33.39 -39.61 29.11
N PRO F 44 -33.09 -38.40 28.62
CA PRO F 44 -31.75 -37.81 28.81
C PRO F 44 -31.42 -37.59 30.27
N LYS F 45 -30.14 -37.72 30.61
CA LYS F 45 -29.69 -37.60 31.99
C LYS F 45 -28.77 -36.39 32.14
N LEU F 46 -28.94 -35.67 33.24
CA LEU F 46 -28.11 -34.50 33.51
C LEU F 46 -26.70 -34.90 33.96
N LEU F 47 -25.70 -34.50 33.17
CA LEU F 47 -24.32 -34.84 33.47
C LEU F 47 -23.57 -33.71 34.18
N ILE F 48 -23.52 -32.55 33.52
CA ILE F 48 -22.73 -31.43 34.00
C ILE F 48 -23.52 -30.15 33.82
N LYS F 49 -23.23 -29.15 34.65
CA LYS F 49 -23.86 -27.85 34.55
C LYS F 49 -22.84 -26.72 34.79
N TYR F 50 -23.02 -25.63 34.05
CA TYR F 50 -22.37 -24.34 34.35
C TYR F 50 -20.87 -24.04 34.13
N ALA F 51 -20.11 -24.77 33.30
CA ALA F 51 -20.47 -25.99 32.61
C ALA F 51 -19.40 -27.02 32.95
N SER F 52 -18.75 -26.83 34.10
CA SER F 52 -17.63 -27.67 34.51
C SER F 52 -17.95 -28.41 35.81
N HIS F 53 -19.19 -28.30 36.27
CA HIS F 53 -19.58 -28.86 37.55
C HIS F 53 -20.29 -30.20 37.44
N ALA F 54 -19.63 -31.24 37.95
CA ALA F 54 -20.21 -32.56 38.00
C ALA F 54 -21.49 -32.56 38.82
N ILE F 55 -22.43 -33.40 38.42
CA ILE F 55 -23.62 -33.67 39.22
C ILE F 55 -23.24 -34.79 40.20
N SER F 56 -24.04 -34.97 41.25
CA SER F 56 -23.77 -35.99 42.26
C SER F 56 -24.32 -37.34 41.83
N GLY F 57 -23.46 -38.19 41.29
CA GLY F 57 -23.86 -39.51 40.81
C GLY F 57 -23.23 -39.78 39.46
N VAL F 58 -22.56 -38.75 38.93
CA VAL F 58 -21.81 -38.88 37.69
C VAL F 58 -20.37 -39.26 38.01
N PRO F 59 -19.88 -40.35 37.39
CA PRO F 59 -18.53 -40.85 37.61
C PRO F 59 -17.47 -39.78 37.37
N SER F 60 -16.30 -39.96 37.99
CA SER F 60 -15.25 -38.96 37.96
C SER F 60 -14.63 -38.78 36.57
N ARG F 61 -14.75 -39.79 35.72
CA ARG F 61 -14.14 -39.75 34.40
C ARG F 61 -14.79 -38.68 33.52
N PHE F 62 -16.08 -38.45 33.74
CA PHE F 62 -16.78 -37.39 33.03
C PHE F 62 -16.34 -36.03 33.54
N SER F 63 -16.00 -35.15 32.62
CA SER F 63 -15.61 -33.79 32.95
C SER F 63 -16.03 -32.87 31.82
N GLY F 64 -15.65 -31.61 31.94
CA GLY F 64 -16.01 -30.62 30.93
C GLY F 64 -15.39 -29.27 31.20
N SER F 65 -15.34 -28.44 30.16
CA SER F 65 -14.78 -27.11 30.27
C SER F 65 -15.32 -26.21 29.17
N GLY F 66 -15.18 -24.91 29.36
CA GLY F 66 -15.57 -23.96 28.35
C GLY F 66 -16.12 -22.65 28.86
N SER F 67 -16.21 -21.69 27.94
CA SER F 67 -16.80 -20.40 28.18
C SER F 67 -17.11 -19.87 26.80
N GLY F 68 -17.84 -18.76 26.74
CA GLY F 68 -18.15 -18.12 25.47
C GLY F 68 -18.69 -19.07 24.41
N THR F 69 -18.21 -18.90 23.18
CA THR F 69 -18.73 -19.62 22.02
C THR F 69 -18.42 -21.13 22.05
N ASP F 70 -17.38 -21.53 22.77
CA ASP F 70 -16.92 -22.92 22.70
C ASP F 70 -16.91 -23.70 24.02
N PHE F 71 -17.49 -24.90 23.98
CA PHE F 71 -17.52 -25.78 25.14
C PHE F 71 -17.07 -27.18 24.78
N THR F 72 -16.48 -27.88 25.74
CA THR F 72 -15.94 -29.21 25.49
C THR F 72 -16.32 -30.22 26.57
N LEU F 73 -16.93 -31.33 26.13
CA LEU F 73 -17.25 -32.44 27.02
C LEU F 73 -16.22 -33.55 26.84
N THR F 74 -15.64 -34.01 27.95
CA THR F 74 -14.59 -35.02 27.88
C THR F 74 -14.89 -36.25 28.73
N ILE F 75 -14.69 -37.42 28.15
CA ILE F 75 -14.77 -38.67 28.89
C ILE F 75 -13.39 -39.25 29.03
N ASN F 76 -12.84 -39.17 30.23
CA ASN F 76 -11.45 -39.57 30.49
C ASN F 76 -11.14 -41.01 30.11
N SER F 77 -12.02 -41.93 30.51
CA SER F 77 -11.83 -43.34 30.20
C SER F 77 -13.13 -43.96 29.72
N LEU F 78 -13.15 -44.39 28.47
CA LEU F 78 -14.36 -44.94 27.87
C LEU F 78 -14.72 -46.31 28.46
N GLU F 79 -15.92 -46.39 29.03
CA GLU F 79 -16.42 -47.66 29.55
C GLU F 79 -17.57 -48.18 28.72
N ALA F 80 -17.92 -49.45 28.91
CA ALA F 80 -18.97 -50.09 28.13
C ALA F 80 -20.33 -49.43 28.33
N GLU F 81 -20.59 -49.02 29.58
CA GLU F 81 -21.88 -48.42 29.92
C GLU F 81 -22.06 -47.04 29.29
N ASP F 82 -20.95 -46.39 28.95
CA ASP F 82 -20.97 -45.02 28.43
C ASP F 82 -21.56 -44.90 27.03
N ALA F 83 -21.83 -46.06 26.40
CA ALA F 83 -22.38 -46.08 25.05
C ALA F 83 -23.74 -45.40 25.00
N ALA F 84 -23.75 -44.19 24.44
CA ALA F 84 -24.99 -43.41 24.32
C ALA F 84 -24.78 -42.22 23.38
N THR F 85 -25.79 -41.37 23.30
CA THR F 85 -25.68 -40.12 22.55
C THR F 85 -25.79 -38.93 23.50
N TYR F 86 -24.94 -37.94 23.29
CA TYR F 86 -24.83 -36.82 24.21
C TYR F 86 -25.29 -35.51 23.59
N TYR F 87 -26.04 -34.75 24.38
CA TYR F 87 -26.58 -33.47 23.92
C TYR F 87 -26.08 -32.35 24.82
N CYS F 88 -26.19 -31.11 24.35
CA CYS F 88 -25.83 -29.96 25.15
C CYS F 88 -26.84 -28.84 24.97
N GLN F 89 -27.37 -28.33 26.08
CA GLN F 89 -28.32 -27.24 26.02
C GLN F 89 -27.84 -25.98 26.74
N GLN F 90 -27.93 -24.84 26.05
CA GLN F 90 -27.61 -23.56 26.65
C GLN F 90 -28.75 -23.12 27.56
N GLY F 91 -28.40 -22.45 28.66
CA GLY F 91 -29.42 -21.89 29.54
C GLY F 91 -29.40 -20.38 29.51
N TYR F 92 -28.54 -19.81 28.66
CA TYR F 92 -28.35 -18.36 28.57
C TYR F 92 -29.66 -17.63 28.29
N ASP F 93 -30.35 -18.01 27.23
CA ASP F 93 -31.52 -17.27 26.79
C ASP F 93 -32.62 -18.16 26.21
N PHE F 94 -33.85 -17.72 26.44
CA PHE F 94 -35.03 -18.39 25.89
C PHE F 94 -35.21 -18.06 24.42
N PRO F 95 -35.78 -19.00 23.65
CA PRO F 95 -36.17 -20.34 24.11
C PRO F 95 -34.95 -21.23 24.28
N LEU F 96 -35.09 -22.25 25.12
CA LEU F 96 -33.99 -23.17 25.35
C LEU F 96 -33.71 -23.93 24.07
N THR F 97 -32.48 -24.38 23.91
CA THR F 97 -32.07 -25.04 22.67
C THR F 97 -31.10 -26.16 22.96
N PHE F 98 -31.08 -27.16 22.08
CA PHE F 98 -30.26 -28.34 22.28
C PHE F 98 -29.37 -28.62 21.09
N GLY F 99 -28.19 -29.17 21.36
CA GLY F 99 -27.26 -29.54 20.30
C GLY F 99 -27.82 -30.63 19.42
N GLY F 100 -27.13 -30.90 18.31
CA GLY F 100 -27.57 -31.91 17.37
C GLY F 100 -27.46 -33.31 17.91
N GLY F 101 -26.62 -33.47 18.94
CA GLY F 101 -26.39 -34.77 19.53
C GLY F 101 -25.17 -35.45 18.94
N THR F 102 -24.43 -36.16 19.77
CA THR F 102 -23.24 -36.88 19.34
C THR F 102 -23.31 -38.33 19.79
N LYS F 103 -23.44 -39.23 18.83
CA LYS F 103 -23.52 -40.66 19.16
C LYS F 103 -22.12 -41.26 19.29
N VAL F 104 -21.89 -41.95 20.39
CA VAL F 104 -20.59 -42.55 20.66
C VAL F 104 -20.68 -44.07 20.68
N GLU F 105 -19.99 -44.70 19.75
CA GLU F 105 -19.96 -46.16 19.67
C GLU F 105 -18.65 -46.70 20.22
N ILE F 106 -18.75 -47.70 21.10
CA ILE F 106 -17.56 -48.35 21.64
C ILE F 106 -16.99 -49.33 20.62
N LYS F 107 -15.72 -49.17 20.31
CA LYS F 107 -15.06 -50.07 19.38
C LYS F 107 -14.37 -51.20 20.13
N ARG F 108 -15.12 -52.27 20.36
CA ARG F 108 -14.60 -53.41 21.11
C ARG F 108 -13.96 -54.42 20.19
N THR F 109 -13.04 -55.21 20.74
CA THR F 109 -12.35 -56.25 19.99
C THR F 109 -13.35 -57.19 19.34
N VAL F 110 -13.07 -57.57 18.09
CA VAL F 110 -13.99 -58.33 17.26
C VAL F 110 -14.45 -59.64 17.91
N ALA F 111 -15.75 -59.90 17.85
CA ALA F 111 -16.32 -61.13 18.37
C ALA F 111 -17.24 -61.76 17.34
N ALA F 112 -17.17 -63.09 17.22
CA ALA F 112 -17.98 -63.82 16.25
C ALA F 112 -19.42 -63.99 16.73
N PRO F 113 -20.37 -63.95 15.78
CA PRO F 113 -21.81 -64.09 16.10
C PRO F 113 -22.21 -65.55 16.36
N SER F 114 -23.01 -65.75 17.40
CA SER F 114 -23.60 -67.06 17.67
C SER F 114 -24.96 -67.11 17.00
N VAL F 115 -25.10 -67.98 16.00
CA VAL F 115 -26.28 -67.98 15.15
C VAL F 115 -27.29 -69.06 15.52
N PHE F 116 -28.55 -68.66 15.63
CA PHE F 116 -29.65 -69.59 15.92
C PHE F 116 -30.79 -69.36 14.93
N ILE F 117 -31.55 -70.41 14.66
CA ILE F 117 -32.66 -70.33 13.72
C ILE F 117 -33.96 -70.83 14.32
N PHE F 118 -35.05 -70.13 14.01
CA PHE F 118 -36.37 -70.45 14.56
C PHE F 118 -37.39 -70.73 13.47
N PRO F 119 -38.00 -71.93 13.52
CA PRO F 119 -39.10 -72.28 12.61
C PRO F 119 -40.37 -71.54 12.99
N PRO F 120 -41.27 -71.30 12.02
CA PRO F 120 -42.54 -70.66 12.34
C PRO F 120 -43.39 -71.59 13.19
N SER F 121 -44.17 -71.00 14.10
CA SER F 121 -44.93 -71.78 15.06
C SER F 121 -46.12 -72.49 14.44
N ASP F 122 -46.34 -73.74 14.86
CA ASP F 122 -47.48 -74.52 14.40
C ASP F 122 -48.80 -73.94 14.90
N GLU F 123 -48.73 -73.22 16.01
CA GLU F 123 -49.93 -72.70 16.68
C GLU F 123 -50.63 -71.62 15.85
N GLN F 124 -49.86 -70.87 15.07
CA GLN F 124 -50.44 -69.80 14.27
C GLN F 124 -50.18 -69.98 12.79
N LEU F 125 -49.50 -71.06 12.43
CA LEU F 125 -49.28 -71.42 11.04
C LEU F 125 -50.64 -71.68 10.38
N LYS F 126 -51.61 -72.09 11.19
CA LYS F 126 -52.97 -72.29 10.73
C LYS F 126 -53.58 -71.00 10.19
N SER F 127 -53.09 -69.86 10.65
CA SER F 127 -53.58 -68.57 10.19
C SER F 127 -53.25 -68.33 8.71
N GLY F 128 -52.27 -69.05 8.20
CA GLY F 128 -51.95 -69.00 6.79
C GLY F 128 -50.68 -68.22 6.47
N THR F 129 -49.99 -67.77 7.50
CA THR F 129 -48.74 -67.02 7.31
C THR F 129 -47.63 -67.63 8.15
N ALA F 130 -46.45 -67.78 7.55
CA ALA F 130 -45.32 -68.37 8.24
C ALA F 130 -44.13 -67.42 8.26
N SER F 131 -43.55 -67.24 9.45
CA SER F 131 -42.41 -66.37 9.63
C SER F 131 -41.23 -67.14 10.21
N VAL F 132 -40.09 -67.09 9.53
CA VAL F 132 -38.89 -67.77 10.00
C VAL F 132 -37.83 -66.77 10.41
N VAL F 133 -37.28 -66.96 11.59
CA VAL F 133 -36.34 -65.99 12.18
C VAL F 133 -34.96 -66.57 12.40
N CYS F 134 -33.94 -65.82 12.00
CA CYS F 134 -32.56 -66.18 12.27
C CYS F 134 -32.00 -65.21 13.31
N LEU F 135 -31.29 -65.73 14.29
CA LEU F 135 -30.81 -64.91 15.41
C LEU F 135 -29.30 -64.77 15.45
N LEU F 136 -28.82 -63.53 15.48
CA LEU F 136 -27.41 -63.24 15.65
C LEU F 136 -27.23 -62.50 16.97
N ASN F 137 -26.65 -63.18 17.95
CA ASN F 137 -26.75 -62.76 19.35
C ASN F 137 -25.76 -61.70 19.83
N ASN F 138 -24.49 -62.04 19.90
CA ASN F 138 -23.48 -61.08 20.33
C ASN F 138 -22.33 -60.98 19.34
N PHE F 139 -22.32 -59.90 18.58
CA PHE F 139 -21.30 -59.74 17.56
C PHE F 139 -20.95 -58.28 17.33
N TYR F 140 -19.66 -58.02 17.24
CA TYR F 140 -19.15 -56.70 16.90
C TYR F 140 -18.07 -56.85 15.83
N PRO F 141 -18.10 -55.97 14.81
CA PRO F 141 -18.97 -54.81 14.63
C PRO F 141 -20.38 -55.12 14.14
N ARG F 142 -21.16 -54.07 13.89
CA ARG F 142 -22.55 -54.19 13.47
C ARG F 142 -22.68 -54.79 12.08
N GLU F 143 -21.71 -54.50 11.23
CA GLU F 143 -21.74 -54.95 9.84
C GLU F 143 -21.74 -56.47 9.74
N ALA F 144 -22.78 -57.01 9.13
CA ALA F 144 -22.92 -58.45 8.94
C ALA F 144 -23.87 -58.73 7.78
N LYS F 145 -23.71 -59.89 7.16
CA LYS F 145 -24.55 -60.26 6.01
C LYS F 145 -25.31 -61.54 6.27
N VAL F 146 -26.62 -61.49 6.05
CA VAL F 146 -27.47 -62.65 6.26
C VAL F 146 -28.13 -63.09 4.97
N GLN F 147 -27.90 -64.34 4.60
CA GLN F 147 -28.50 -64.91 3.39
C GLN F 147 -29.38 -66.09 3.74
N TRP F 148 -30.60 -66.08 3.21
CA TRP F 148 -31.55 -67.17 3.43
C TRP F 148 -31.52 -68.17 2.29
N LYS F 149 -31.39 -69.45 2.63
CA LYS F 149 -31.38 -70.51 1.63
C LYS F 149 -32.51 -71.50 1.86
N VAL F 150 -33.40 -71.60 0.87
CA VAL F 150 -34.50 -72.56 0.92
C VAL F 150 -34.23 -73.67 -0.07
N ASP F 151 -33.87 -74.85 0.44
CA ASP F 151 -33.41 -75.95 -0.40
C ASP F 151 -32.30 -75.47 -1.33
N ASN F 152 -31.36 -74.75 -0.74
CA ASN F 152 -30.24 -74.15 -1.45
C ASN F 152 -30.66 -73.14 -2.52
N ALA F 153 -31.78 -72.47 -2.30
CA ALA F 153 -32.24 -71.42 -3.19
C ALA F 153 -32.23 -70.05 -2.49
N LEU F 154 -31.55 -69.09 -3.10
CA LEU F 154 -31.40 -67.76 -2.52
C LEU F 154 -32.71 -66.99 -2.50
N GLN F 155 -33.02 -66.39 -1.36
CA GLN F 155 -34.28 -65.69 -1.16
C GLN F 155 -34.09 -64.18 -1.14
N SER F 156 -35.06 -63.46 -1.67
CA SER F 156 -35.00 -62.00 -1.71
C SER F 156 -36.37 -61.36 -1.69
N GLY F 157 -36.48 -60.24 -0.97
CA GLY F 157 -37.70 -59.46 -0.94
C GLY F 157 -38.71 -59.91 0.10
N ASN F 158 -38.40 -60.99 0.81
CA ASN F 158 -39.30 -61.51 1.82
C ASN F 158 -38.69 -61.47 3.21
N SER F 159 -37.55 -60.78 3.33
CA SER F 159 -36.84 -60.70 4.60
C SER F 159 -36.64 -59.27 5.08
N GLN F 160 -36.89 -59.04 6.36
CA GLN F 160 -36.60 -57.76 6.99
C GLN F 160 -35.63 -57.96 8.14
N GLU F 161 -34.76 -56.98 8.36
CA GLU F 161 -33.74 -57.10 9.39
C GLU F 161 -33.86 -56.00 10.44
N SER F 162 -33.63 -56.38 11.69
CA SER F 162 -33.65 -55.44 12.80
C SER F 162 -32.39 -55.60 13.64
N VAL F 163 -31.76 -54.47 13.97
CA VAL F 163 -30.54 -54.48 14.76
C VAL F 163 -30.78 -53.71 16.05
N THR F 164 -30.30 -54.28 17.17
CA THR F 164 -30.49 -53.63 18.46
C THR F 164 -29.34 -52.70 18.79
N GLU F 165 -29.52 -51.90 19.83
CA GLU F 165 -28.50 -50.96 20.26
C GLU F 165 -27.37 -51.65 21.00
N GLN F 166 -26.27 -50.93 21.18
CA GLN F 166 -25.09 -51.48 21.83
C GLN F 166 -25.38 -51.82 23.29
N ASP F 167 -24.88 -52.98 23.72
CA ASP F 167 -25.13 -53.45 25.08
C ASP F 167 -24.39 -52.63 26.12
N SER F 168 -25.03 -52.43 27.26
CA SER F 168 -24.43 -51.67 28.35
C SER F 168 -23.25 -52.43 28.97
N LYS F 169 -23.32 -53.75 28.93
CA LYS F 169 -22.31 -54.57 29.60
C LYS F 169 -21.17 -54.99 28.67
N ASP F 170 -21.47 -55.75 27.63
CA ASP F 170 -20.44 -56.28 26.76
C ASP F 170 -20.26 -55.49 25.47
N SER F 171 -21.10 -54.48 25.28
CA SER F 171 -21.01 -53.59 24.12
C SER F 171 -21.12 -54.31 22.79
N THR F 172 -21.99 -55.33 22.74
CA THR F 172 -22.16 -56.12 21.52
C THR F 172 -23.54 -55.91 20.91
N TYR F 173 -23.60 -55.91 19.60
CA TYR F 173 -24.86 -55.73 18.88
C TYR F 173 -25.56 -57.06 18.68
N SER F 174 -26.85 -57.00 18.35
CA SER F 174 -27.63 -58.20 18.05
C SER F 174 -28.53 -57.95 16.85
N LEU F 175 -28.66 -58.96 16.00
CA LEU F 175 -29.42 -58.83 14.76
C LEU F 175 -30.36 -60.00 14.54
N SER F 176 -31.55 -59.71 14.03
CA SER F 176 -32.54 -60.74 13.72
C SER F 176 -33.12 -60.51 12.33
N SER F 177 -33.08 -61.55 11.50
CA SER F 177 -33.66 -61.47 10.16
C SER F 177 -34.87 -62.38 10.06
N THR F 178 -36.00 -61.81 9.67
CA THR F 178 -37.24 -62.56 9.60
C THR F 178 -37.75 -62.68 8.16
N LEU F 179 -37.93 -63.91 7.70
CA LEU F 179 -38.56 -64.14 6.41
C LEU F 179 -40.03 -64.52 6.60
N THR F 180 -40.91 -63.85 5.86
CA THR F 180 -42.34 -64.09 6.00
C THR F 180 -42.92 -64.68 4.73
N LEU F 181 -43.58 -65.82 4.87
CA LEU F 181 -44.20 -66.49 3.72
C LEU F 181 -45.58 -67.03 4.10
N SER F 182 -46.43 -67.21 3.09
CA SER F 182 -47.73 -67.80 3.30
C SER F 182 -47.59 -69.29 3.57
N LYS F 183 -48.58 -69.87 4.24
CA LYS F 183 -48.58 -71.29 4.56
C LYS F 183 -48.46 -72.15 3.31
N ALA F 184 -49.08 -71.68 2.23
CA ALA F 184 -49.07 -72.39 0.95
C ALA F 184 -47.65 -72.58 0.42
N ASP F 185 -46.81 -71.57 0.61
CA ASP F 185 -45.45 -71.60 0.09
C ASP F 185 -44.44 -72.17 1.10
N TYR F 186 -44.77 -72.10 2.38
CA TYR F 186 -43.87 -72.56 3.42
C TYR F 186 -43.62 -74.06 3.38
N GLU F 187 -44.65 -74.82 3.06
CA GLU F 187 -44.57 -76.28 3.11
C GLU F 187 -44.21 -76.94 1.79
N LYS F 188 -43.95 -76.13 0.76
CA LYS F 188 -43.51 -76.66 -0.52
C LYS F 188 -42.00 -76.85 -0.54
N HIS F 189 -41.41 -76.93 0.64
CA HIS F 189 -39.98 -77.12 0.80
C HIS F 189 -39.68 -77.83 2.12
N LYS F 190 -38.47 -78.37 2.23
CA LYS F 190 -38.09 -79.14 3.42
C LYS F 190 -37.01 -78.46 4.25
N VAL F 191 -35.92 -78.07 3.60
CA VAL F 191 -34.76 -77.55 4.31
C VAL F 191 -34.58 -76.04 4.13
N TYR F 192 -34.56 -75.31 5.24
CA TYR F 192 -34.31 -73.88 5.23
C TYR F 192 -32.96 -73.60 5.90
N ALA F 193 -32.19 -72.70 5.32
CA ALA F 193 -30.86 -72.41 5.84
C ALA F 193 -30.58 -70.91 5.99
N CYS F 194 -29.81 -70.57 7.02
CA CYS F 194 -29.44 -69.19 7.30
C CYS F 194 -27.93 -69.02 7.18
N GLU F 195 -27.49 -68.22 6.22
CA GLU F 195 -26.06 -68.03 5.97
C GLU F 195 -25.56 -66.68 6.49
N VAL F 196 -24.64 -66.74 7.44
CA VAL F 196 -24.13 -65.53 8.09
C VAL F 196 -22.67 -65.28 7.75
N THR F 197 -22.38 -64.08 7.26
CA THR F 197 -21.01 -63.68 6.94
C THR F 197 -20.57 -62.52 7.83
N HIS F 198 -19.55 -62.75 8.63
CA HIS F 198 -19.06 -61.74 9.57
C HIS F 198 -17.54 -61.77 9.64
N GLN F 199 -16.95 -60.68 10.16
CA GLN F 199 -15.51 -60.60 10.32
C GLN F 199 -14.99 -61.65 11.30
N GLY F 200 -15.77 -61.93 12.33
CA GLY F 200 -15.38 -62.88 13.36
C GLY F 200 -15.30 -64.31 12.84
N LEU F 201 -16.08 -64.59 11.80
CA LEU F 201 -16.15 -65.94 11.24
C LEU F 201 -15.12 -66.13 10.12
N SER F 202 -14.35 -67.20 10.21
CA SER F 202 -13.38 -67.56 9.17
C SER F 202 -14.13 -67.94 7.91
N SER F 203 -15.19 -68.71 8.09
CA SER F 203 -16.06 -69.12 7.00
C SER F 203 -17.51 -68.95 7.44
N PRO F 204 -18.42 -68.68 6.49
CA PRO F 204 -19.84 -68.47 6.80
C PRO F 204 -20.45 -69.64 7.57
N VAL F 205 -21.25 -69.32 8.58
CA VAL F 205 -21.87 -70.33 9.43
C VAL F 205 -23.34 -70.49 9.10
N THR F 206 -23.77 -71.74 8.92
CA THR F 206 -25.15 -72.02 8.53
C THR F 206 -25.92 -72.81 9.59
N LYS F 207 -27.08 -72.30 9.97
CA LYS F 207 -27.96 -72.97 10.91
C LYS F 207 -29.26 -73.33 10.19
N SER F 208 -29.59 -74.61 10.18
CA SER F 208 -30.75 -75.09 9.41
C SER F 208 -31.69 -75.97 10.20
N PHE F 209 -32.93 -76.07 9.70
CA PHE F 209 -33.94 -76.93 10.32
C PHE F 209 -34.79 -77.60 9.25
N ASN F 210 -35.51 -78.65 9.66
CA ASN F 210 -36.38 -79.38 8.75
C ASN F 210 -37.85 -79.23 9.11
N ARG F 211 -38.68 -80.10 8.54
CA ARG F 211 -40.12 -80.16 8.81
C ARG F 211 -40.81 -78.81 8.97
N GLN G 1 -10.79 52.19 11.19
CA GLN G 1 -10.69 50.74 11.06
C GLN G 1 -11.53 50.06 12.12
N VAL G 2 -12.39 50.84 12.76
CA VAL G 2 -13.27 50.33 13.80
C VAL G 2 -14.42 49.54 13.18
N GLN G 3 -14.78 48.43 13.82
CA GLN G 3 -15.90 47.62 13.38
C GLN G 3 -16.81 47.28 14.56
N LEU G 4 -18.11 47.27 14.31
CA LEU G 4 -19.09 46.99 15.36
C LEU G 4 -20.10 45.94 14.90
N GLN G 5 -20.47 45.05 15.81
CA GLN G 5 -21.46 44.04 15.51
C GLN G 5 -22.36 43.80 16.72
N GLU G 6 -23.66 43.71 16.47
CA GLU G 6 -24.64 43.56 17.54
C GLU G 6 -25.29 42.19 17.54
N SER G 7 -25.46 41.63 18.74
CA SER G 7 -26.05 40.31 18.89
C SER G 7 -27.00 40.28 20.09
N GLY G 8 -28.10 39.58 19.92
CA GLY G 8 -29.08 39.43 20.99
C GLY G 8 -30.20 38.49 20.56
N PRO G 9 -31.24 38.38 21.40
CA PRO G 9 -32.42 37.58 21.08
C PRO G 9 -33.17 38.17 19.89
N GLY G 10 -33.74 37.31 19.06
CA GLY G 10 -34.47 37.75 17.89
C GLY G 10 -35.87 38.21 18.21
N LEU G 11 -36.43 37.64 19.27
CA LEU G 11 -37.82 37.92 19.65
C LEU G 11 -37.95 38.09 21.15
N VAL G 12 -38.84 38.99 21.57
CA VAL G 12 -39.10 39.21 22.97
C VAL G 12 -40.60 39.38 23.24
N LYS G 13 -41.09 38.69 24.26
CA LYS G 13 -42.48 38.81 24.69
C LYS G 13 -42.77 40.24 25.13
N PRO G 14 -44.02 40.70 24.91
CA PRO G 14 -44.38 42.05 25.36
C PRO G 14 -44.35 42.14 26.88
N SER G 15 -44.15 43.36 27.39
CA SER G 15 -44.04 43.61 28.83
C SER G 15 -42.82 42.94 29.46
N ASP G 16 -41.88 42.53 28.61
CA ASP G 16 -40.61 41.98 29.10
C ASP G 16 -39.48 42.99 28.94
N THR G 17 -38.25 42.50 29.00
CA THR G 17 -37.09 43.37 28.88
C THR G 17 -36.24 42.99 27.67
N LEU G 18 -35.88 44.01 26.90
CA LEU G 18 -35.04 43.82 25.73
C LEU G 18 -33.58 43.96 26.13
N SER G 19 -32.76 42.99 25.74
CA SER G 19 -31.34 43.01 26.06
C SER G 19 -30.47 42.74 24.84
N LEU G 20 -29.57 43.67 24.54
CA LEU G 20 -28.69 43.56 23.38
C LEU G 20 -27.25 43.92 23.75
N THR G 21 -26.29 43.34 23.03
CA THR G 21 -24.88 43.60 23.28
C THR G 21 -24.14 43.86 21.97
N CYS G 22 -23.29 44.88 21.98
CA CYS G 22 -22.48 45.19 20.79
C CYS G 22 -20.99 44.98 21.08
N ALA G 23 -20.30 44.34 20.14
CA ALA G 23 -18.89 44.04 20.30
C ALA G 23 -18.04 44.88 19.36
N VAL G 24 -17.17 45.70 19.94
CA VAL G 24 -16.32 46.59 19.16
C VAL G 24 -14.95 45.96 18.95
N SER G 25 -14.41 46.10 17.74
CA SER G 25 -13.12 45.55 17.40
C SER G 25 -12.29 46.57 16.61
N GLY G 26 -10.99 46.60 16.87
CA GLY G 26 -10.11 47.51 16.16
C GLY G 26 -9.77 48.75 16.97
N TYR G 27 -10.54 48.98 18.03
CA TYR G 27 -10.30 50.08 18.93
C TYR G 27 -10.90 49.77 20.29
N PRO G 28 -10.17 50.11 21.37
CA PRO G 28 -10.67 49.88 22.73
C PRO G 28 -11.49 51.03 23.31
N ILE G 29 -12.73 50.70 23.68
CA ILE G 29 -13.65 51.67 24.26
C ILE G 29 -13.20 52.25 25.61
N ARG G 30 -12.13 51.72 26.21
CA ARG G 30 -11.64 52.30 27.45
C ARG G 30 -11.03 53.67 27.16
N PHE G 31 -10.30 53.77 26.05
CA PHE G 31 -9.88 55.07 25.56
C PHE G 31 -11.01 55.54 24.66
N GLY G 32 -10.84 56.68 23.99
CA GLY G 32 -11.64 57.04 22.84
C GLY G 32 -13.14 57.32 22.87
N TYR G 33 -13.64 57.70 21.70
CA TYR G 33 -14.99 58.18 21.48
C TYR G 33 -16.11 57.50 22.27
N SER G 34 -17.22 58.19 22.45
CA SER G 34 -18.37 57.61 23.14
C SER G 34 -19.24 56.79 22.17
N TRP G 35 -20.05 55.89 22.73
CA TRP G 35 -20.65 54.83 21.94
C TRP G 35 -22.15 54.76 22.14
N HIS G 36 -22.86 54.68 21.02
CA HIS G 36 -24.28 54.97 21.00
C HIS G 36 -25.13 53.80 20.54
N TRP G 37 -26.42 53.88 20.88
CA TRP G 37 -27.41 52.92 20.41
C TRP G 37 -28.49 53.64 19.64
N ILE G 38 -28.73 53.19 18.41
CA ILE G 38 -29.73 53.79 17.56
C ILE G 38 -30.68 52.73 17.02
N ARG G 39 -31.99 53.02 17.03
CA ARG G 39 -32.97 52.05 16.55
C ARG G 39 -33.83 52.60 15.42
N GLN G 40 -34.29 51.70 14.55
CA GLN G 40 -35.12 52.09 13.43
C GLN G 40 -36.26 51.09 13.22
N PRO G 41 -37.50 51.52 13.47
CA PRO G 41 -38.67 50.70 13.18
C PRO G 41 -38.78 50.43 11.69
N PRO G 42 -39.37 49.30 11.30
CA PRO G 42 -39.48 48.91 9.89
C PRO G 42 -40.23 49.96 9.07
N GLY G 43 -39.57 50.48 8.04
CA GLY G 43 -40.16 51.48 7.16
C GLY G 43 -40.37 52.80 7.87
N LYS G 44 -39.57 53.05 8.90
CA LYS G 44 -39.70 54.27 9.68
C LYS G 44 -38.34 54.94 9.87
N GLY G 45 -38.35 56.12 10.50
CA GLY G 45 -37.15 56.89 10.70
C GLY G 45 -36.29 56.40 11.85
N LEU G 46 -35.06 56.89 11.89
CA LEU G 46 -34.11 56.53 12.94
C LEU G 46 -34.42 57.26 14.22
N GLU G 47 -34.22 56.58 15.35
CA GLU G 47 -34.40 57.19 16.65
C GLU G 47 -33.16 56.96 17.50
N TRP G 48 -32.70 58.02 18.15
CA TRP G 48 -31.50 57.95 18.98
C TRP G 48 -31.86 57.58 20.42
N MET G 49 -31.26 56.50 20.91
CA MET G 49 -31.61 55.97 22.22
C MET G 49 -30.75 56.52 23.35
N GLY G 50 -29.42 56.42 23.20
CA GLY G 50 -28.52 56.89 24.24
C GLY G 50 -27.08 56.52 23.95
N TYR G 51 -26.21 56.81 24.91
CA TYR G 51 -24.79 56.51 24.75
C TYR G 51 -24.04 56.24 26.04
N ILE G 52 -22.82 55.73 25.88
CA ILE G 52 -21.92 55.54 27.01
C ILE G 52 -20.53 56.10 26.72
N HIS G 53 -20.04 56.93 27.63
CA HIS G 53 -18.73 57.53 27.51
C HIS G 53 -17.66 56.50 27.83
N TYR G 54 -16.43 56.71 27.35
CA TYR G 54 -15.33 55.82 27.75
C TYR G 54 -15.12 55.86 29.24
N SER G 55 -15.50 56.98 29.84
CA SER G 55 -15.33 57.23 31.25
C SER G 55 -16.35 56.40 32.00
N GLY G 56 -17.35 55.93 31.25
CA GLY G 56 -18.42 55.13 31.83
C GLY G 56 -19.62 56.02 32.10
N TYR G 57 -19.45 57.31 31.84
CA TYR G 57 -20.55 58.26 31.92
C TYR G 57 -21.61 57.86 30.90
N THR G 58 -22.87 57.88 31.33
CA THR G 58 -23.96 57.49 30.45
C THR G 58 -25.08 58.51 30.47
N ASP G 59 -25.71 58.72 29.32
CA ASP G 59 -26.86 59.60 29.22
C ASP G 59 -27.86 59.02 28.23
N PHE G 60 -29.13 59.37 28.40
CA PHE G 60 -30.18 58.77 27.60
C PHE G 60 -31.12 59.78 26.96
N ASN G 61 -31.86 59.32 25.97
CA ASN G 61 -32.94 60.10 25.38
C ASN G 61 -34.10 60.18 26.38
N PRO G 62 -34.71 61.38 26.50
CA PRO G 62 -35.78 61.62 27.47
C PRO G 62 -37.04 60.78 27.25
N SER G 63 -37.27 60.33 26.02
CA SER G 63 -38.47 59.54 25.73
C SER G 63 -38.36 58.12 26.29
N LEU G 64 -37.13 57.63 26.44
CA LEU G 64 -36.91 56.25 26.85
C LEU G 64 -36.30 56.13 28.24
N LYS G 65 -35.94 57.27 28.83
CA LYS G 65 -35.09 57.30 30.03
C LYS G 65 -35.57 56.38 31.15
N THR G 66 -36.87 56.42 31.42
CA THR G 66 -37.46 55.58 32.46
C THR G 66 -37.20 54.09 32.21
N ARG G 67 -37.05 53.74 30.94
CA ARG G 67 -36.96 52.34 30.54
C ARG G 67 -35.54 51.89 30.19
N ILE G 68 -34.67 52.83 29.85
CA ILE G 68 -33.38 52.48 29.26
C ILE G 68 -32.19 52.56 30.23
N THR G 69 -31.34 51.56 30.16
CA THR G 69 -30.06 51.55 30.88
C THR G 69 -28.99 50.97 29.98
N ILE G 70 -27.83 51.62 29.96
CA ILE G 70 -26.72 51.15 29.14
C ILE G 70 -25.51 50.81 29.99
N SER G 71 -24.92 49.65 29.72
CA SER G 71 -23.76 49.18 30.48
C SER G 71 -22.70 48.64 29.53
N ARG G 72 -21.50 48.40 30.06
CA ARG G 72 -20.41 47.91 29.24
C ARG G 72 -19.56 46.89 29.96
N ASP G 73 -18.85 46.08 29.20
CA ASP G 73 -17.85 45.15 29.72
C ASP G 73 -16.54 45.39 28.98
N THR G 74 -15.69 46.22 29.58
CA THR G 74 -14.46 46.66 28.93
C THR G 74 -13.50 45.53 28.59
N SER G 75 -13.50 44.48 29.42
CA SER G 75 -12.61 43.34 29.22
C SER G 75 -12.85 42.68 27.86
N LYS G 76 -14.12 42.63 27.46
CA LYS G 76 -14.49 42.03 26.18
C LYS G 76 -14.66 43.10 25.11
N ASN G 77 -14.42 44.35 25.48
CA ASN G 77 -14.59 45.48 24.58
C ASN G 77 -16.01 45.56 24.06
N GLN G 78 -16.98 45.49 24.97
CA GLN G 78 -18.39 45.46 24.60
C GLN G 78 -19.20 46.43 25.45
N PHE G 79 -20.33 46.89 24.90
CA PHE G 79 -21.25 47.73 25.64
C PHE G 79 -22.70 47.37 25.32
N SER G 80 -23.47 47.09 26.36
CA SER G 80 -24.79 46.48 26.20
C SER G 80 -25.95 47.44 26.43
N LEU G 81 -27.12 47.03 25.96
CA LEU G 81 -28.33 47.85 26.04
C LEU G 81 -29.47 47.09 26.70
N LYS G 82 -30.20 47.77 27.58
CA LYS G 82 -31.36 47.17 28.25
C LYS G 82 -32.58 48.05 28.11
N LEU G 83 -33.64 47.49 27.53
CA LEU G 83 -34.91 48.20 27.42
C LEU G 83 -36.00 47.37 28.09
N SER G 84 -36.78 48.00 28.96
CA SER G 84 -37.77 47.29 29.76
C SER G 84 -39.20 47.68 29.39
N SER G 85 -40.14 46.79 29.72
CA SER G 85 -41.56 46.99 29.43
C SER G 85 -41.79 47.23 27.94
N VAL G 86 -41.24 46.34 27.12
CA VAL G 86 -41.33 46.47 25.67
C VAL G 86 -42.76 46.32 25.16
N THR G 87 -43.10 47.13 24.17
CA THR G 87 -44.41 47.06 23.54
C THR G 87 -44.25 46.80 22.06
N ALA G 88 -45.35 46.86 21.32
CA ALA G 88 -45.34 46.62 19.88
C ALA G 88 -44.55 47.71 19.15
N VAL G 89 -44.52 48.90 19.74
CA VAL G 89 -43.82 50.04 19.17
C VAL G 89 -42.31 49.79 19.12
N ASP G 90 -41.81 49.09 20.14
CA ASP G 90 -40.38 48.85 20.29
C ASP G 90 -39.82 47.88 19.25
N THR G 91 -40.70 47.30 18.44
CA THR G 91 -40.28 46.42 17.36
C THR G 91 -39.52 47.20 16.31
N ALA G 92 -38.23 46.89 16.17
CA ALA G 92 -37.36 47.65 15.28
C ALA G 92 -36.04 46.92 15.02
N VAL G 93 -35.28 47.42 14.06
CA VAL G 93 -33.90 46.99 13.90
C VAL G 93 -33.02 47.91 14.74
N TYR G 94 -32.04 47.33 15.42
CA TYR G 94 -31.20 48.10 16.33
C TYR G 94 -29.78 48.22 15.81
N TYR G 95 -29.24 49.43 15.90
CA TYR G 95 -27.94 49.74 15.33
C TYR G 95 -26.92 50.10 16.42
N CYS G 96 -25.68 49.72 16.17
CA CYS G 96 -24.57 50.02 17.07
C CYS G 96 -23.65 51.00 16.36
N ALA G 97 -23.19 52.03 17.07
CA ALA G 97 -22.42 53.09 16.42
C ALA G 97 -21.47 53.88 17.34
N ARG G 98 -20.68 54.74 16.71
CA ARG G 98 -19.66 55.54 17.39
C ARG G 98 -19.98 57.03 17.25
N LYS G 99 -20.06 57.74 18.38
CA LYS G 99 -20.35 59.18 18.36
C LYS G 99 -19.32 59.91 17.54
N ASP G 100 -18.08 59.42 17.60
CA ASP G 100 -16.95 60.12 17.03
C ASP G 100 -16.86 61.47 17.72
N SER G 101 -16.69 62.52 16.93
CA SER G 101 -16.61 63.87 17.44
C SER G 101 -17.59 64.72 16.65
N GLY G 102 -18.08 65.79 17.25
CA GLY G 102 -19.04 66.65 16.57
C GLY G 102 -20.37 65.99 16.33
N ASN G 103 -20.59 64.88 17.03
CA ASN G 103 -21.87 64.18 17.02
C ASN G 103 -22.34 63.76 15.64
N TYR G 104 -21.43 63.14 14.89
CA TYR G 104 -21.79 62.45 13.66
C TYR G 104 -21.26 61.02 13.76
N PHE G 105 -22.06 60.06 13.31
CA PHE G 105 -21.70 58.65 13.44
C PHE G 105 -21.10 58.16 12.13
N PRO G 106 -19.76 58.01 12.09
CA PRO G 106 -19.08 57.56 10.87
C PRO G 106 -19.10 56.04 10.77
N TYR G 107 -19.18 55.36 11.91
CA TYR G 107 -19.12 53.91 11.95
C TYR G 107 -20.38 53.32 12.57
N TRP G 108 -21.02 52.44 11.81
CA TRP G 108 -22.26 51.80 12.24
C TRP G 108 -22.10 50.29 12.32
N GLY G 109 -23.02 49.65 13.05
CA GLY G 109 -23.05 48.21 13.14
C GLY G 109 -23.82 47.60 11.97
N GLN G 110 -23.80 46.28 11.87
CA GLN G 110 -24.51 45.57 10.83
C GLN G 110 -26.01 45.76 11.00
N GLY G 111 -26.44 45.87 12.25
CA GLY G 111 -27.85 46.01 12.58
C GLY G 111 -28.51 44.67 12.83
N THR G 112 -29.24 44.57 13.92
CA THR G 112 -29.99 43.37 14.23
C THR G 112 -31.46 43.67 14.46
N LEU G 113 -32.31 42.72 14.13
CA LEU G 113 -33.75 42.91 14.24
C LEU G 113 -34.32 42.25 15.48
N VAL G 114 -35.08 43.03 16.25
CA VAL G 114 -35.79 42.51 17.41
C VAL G 114 -37.28 42.77 17.23
N THR G 115 -38.08 41.71 17.29
CA THR G 115 -39.52 41.84 17.11
C THR G 115 -40.25 41.49 18.40
N VAL G 116 -41.20 42.34 18.77
CA VAL G 116 -41.96 42.15 20.00
C VAL G 116 -43.30 41.50 19.70
N SER G 117 -43.42 40.22 20.05
CA SER G 117 -44.64 39.48 19.83
C SER G 117 -44.83 38.40 20.88
N SER G 118 -46.09 38.10 21.19
CA SER G 118 -46.40 37.05 22.15
C SER G 118 -46.30 35.68 21.49
N ALA G 119 -46.24 35.68 20.16
CA ALA G 119 -46.14 34.44 19.39
C ALA G 119 -44.79 33.77 19.62
N SER G 120 -44.76 32.46 19.40
CA SER G 120 -43.55 31.69 19.61
C SER G 120 -42.72 31.59 18.33
N THR G 121 -41.52 31.03 18.47
CA THR G 121 -40.63 30.83 17.34
C THR G 121 -40.85 29.42 16.79
N LYS G 122 -40.50 29.22 15.52
CA LYS G 122 -40.74 27.93 14.89
C LYS G 122 -39.51 27.37 14.17
N GLY G 123 -39.16 27.96 13.04
CA GLY G 123 -38.06 27.47 12.23
C GLY G 123 -38.52 27.14 10.83
N PRO G 124 -37.89 27.77 9.83
CA PRO G 124 -38.30 27.67 8.42
C PRO G 124 -38.09 26.29 7.83
N SER G 125 -38.98 25.92 6.91
CA SER G 125 -38.79 24.73 6.09
C SER G 125 -38.31 25.18 4.73
N VAL G 126 -37.31 24.49 4.18
CA VAL G 126 -36.73 24.89 2.91
C VAL G 126 -37.09 23.93 1.80
N PHE G 127 -37.82 24.43 0.81
CA PHE G 127 -38.24 23.63 -0.34
C PHE G 127 -37.62 24.16 -1.61
N PRO G 128 -37.11 23.26 -2.46
CA PRO G 128 -36.45 23.66 -3.70
C PRO G 128 -37.44 23.94 -4.83
N LEU G 129 -37.12 24.92 -5.67
CA LEU G 129 -37.87 25.18 -6.88
C LEU G 129 -37.12 24.57 -8.06
N ALA G 130 -37.84 23.82 -8.88
CA ALA G 130 -37.23 23.14 -10.01
C ALA G 130 -37.09 24.09 -11.21
N PRO G 131 -35.88 24.10 -11.82
CA PRO G 131 -35.61 24.92 -13.00
C PRO G 131 -36.57 24.62 -14.14
N SER G 132 -36.70 25.56 -15.06
CA SER G 132 -37.63 25.43 -16.19
C SER G 132 -37.39 24.14 -16.98
N SER G 133 -38.48 23.55 -17.47
CA SER G 133 -38.39 22.33 -18.26
C SER G 133 -37.82 22.62 -19.65
N LYS G 134 -37.79 23.88 -20.01
CA LYS G 134 -37.20 24.31 -21.28
C LYS G 134 -35.71 24.56 -21.13
N SER G 135 -34.94 23.47 -21.08
CA SER G 135 -33.48 23.58 -20.94
C SER G 135 -32.81 23.65 -22.30
N THR G 136 -33.59 23.42 -23.36
CA THR G 136 -33.08 23.35 -24.71
C THR G 136 -32.72 24.73 -25.26
N SER G 137 -33.27 25.77 -24.65
CA SER G 137 -33.03 27.14 -25.10
C SER G 137 -31.56 27.52 -25.03
N GLY G 138 -30.84 26.94 -24.07
CA GLY G 138 -29.42 27.16 -23.93
C GLY G 138 -29.06 28.50 -23.33
N GLY G 139 -30.06 29.36 -23.15
CA GLY G 139 -29.84 30.68 -22.61
C GLY G 139 -29.91 30.72 -21.10
N THR G 140 -30.62 31.71 -20.58
CA THR G 140 -30.73 31.89 -19.14
C THR G 140 -31.79 30.96 -18.55
N ALA G 141 -31.47 30.35 -17.42
CA ALA G 141 -32.41 29.49 -16.71
C ALA G 141 -32.50 29.92 -15.25
N ALA G 142 -33.69 29.78 -14.67
CA ALA G 142 -33.91 30.23 -13.30
C ALA G 142 -34.18 29.08 -12.35
N LEU G 143 -33.73 29.24 -11.11
CA LEU G 143 -33.97 28.25 -10.06
C LEU G 143 -34.00 28.99 -8.72
N GLY G 144 -34.63 28.37 -7.73
CA GLY G 144 -34.77 29.02 -6.45
C GLY G 144 -35.06 28.10 -5.29
N CYS G 145 -34.91 28.64 -4.08
CA CYS G 145 -35.26 27.94 -2.86
C CYS G 145 -36.44 28.63 -2.21
N LEU G 146 -37.42 27.85 -1.78
CA LEU G 146 -38.60 28.39 -1.12
C LEU G 146 -38.48 28.24 0.39
N VAL G 147 -38.58 29.38 1.08
CA VAL G 147 -38.55 29.38 2.54
C VAL G 147 -39.93 29.70 3.07
N LYS G 148 -40.51 28.77 3.81
CA LYS G 148 -41.90 28.90 4.22
C LYS G 148 -42.12 28.58 5.70
N ASP G 149 -43.09 29.27 6.29
CA ASP G 149 -43.58 28.97 7.63
C ASP G 149 -42.52 29.16 8.72
N TYR G 150 -42.02 30.38 8.84
CA TYR G 150 -41.07 30.70 9.90
C TYR G 150 -41.48 31.96 10.63
N PHE G 151 -41.00 32.09 11.87
CA PHE G 151 -41.27 33.24 12.69
C PHE G 151 -40.25 33.31 13.80
N PRO G 152 -39.73 34.52 14.09
CA PRO G 152 -40.03 35.76 13.36
C PRO G 152 -38.92 36.10 12.37
N GLU G 153 -39.05 37.26 11.73
CA GLU G 153 -38.02 37.78 10.85
C GLU G 153 -36.73 38.05 11.64
N PRO G 154 -35.57 38.06 10.96
CA PRO G 154 -35.36 37.83 9.53
C PRO G 154 -34.73 36.48 9.23
N VAL G 155 -34.70 36.14 7.95
CA VAL G 155 -34.01 34.96 7.47
C VAL G 155 -33.01 35.39 6.40
N THR G 156 -31.83 34.76 6.40
CA THR G 156 -30.80 35.12 5.44
C THR G 156 -30.52 33.96 4.49
N VAL G 157 -30.48 34.28 3.20
CA VAL G 157 -30.28 33.26 2.18
C VAL G 157 -29.10 33.60 1.30
N SER G 158 -28.24 32.60 1.08
CA SER G 158 -27.10 32.76 0.18
C SER G 158 -26.94 31.49 -0.65
N TRP G 159 -26.27 31.63 -1.79
CA TRP G 159 -26.08 30.51 -2.70
C TRP G 159 -24.62 30.10 -2.80
N ASN G 160 -24.38 28.79 -2.77
CA ASN G 160 -23.04 28.24 -2.80
C ASN G 160 -22.13 28.84 -1.74
N SER G 161 -22.68 29.03 -0.55
CA SER G 161 -21.94 29.59 0.58
C SER G 161 -21.36 30.97 0.28
N GLY G 162 -22.11 31.75 -0.50
CA GLY G 162 -21.71 33.11 -0.81
C GLY G 162 -20.88 33.23 -2.08
N ALA G 163 -20.65 32.10 -2.75
CA ALA G 163 -19.87 32.09 -3.99
C ALA G 163 -20.66 32.73 -5.12
N LEU G 164 -21.96 32.49 -5.12
CA LEU G 164 -22.85 32.99 -6.17
C LEU G 164 -23.67 34.17 -5.68
N THR G 165 -23.35 35.36 -6.16
CA THR G 165 -24.02 36.58 -5.73
C THR G 165 -24.58 37.36 -6.92
N SER G 166 -24.23 36.93 -8.13
CA SER G 166 -24.67 37.61 -9.33
C SER G 166 -25.99 37.05 -9.85
N GLY G 167 -26.93 37.95 -10.13
CA GLY G 167 -28.23 37.58 -10.66
C GLY G 167 -29.09 36.91 -9.60
N VAL G 168 -28.81 37.20 -8.35
CA VAL G 168 -29.55 36.61 -7.23
C VAL G 168 -30.55 37.58 -6.65
N HIS G 169 -31.81 37.17 -6.62
CA HIS G 169 -32.87 37.98 -6.04
C HIS G 169 -33.52 37.27 -4.86
N THR G 170 -33.41 37.87 -3.69
CA THR G 170 -34.08 37.35 -2.51
C THR G 170 -35.19 38.31 -2.11
N PHE G 171 -36.42 37.89 -2.35
CA PHE G 171 -37.58 38.73 -2.09
C PHE G 171 -37.82 38.94 -0.61
N PRO G 172 -38.29 40.15 -0.25
CA PRO G 172 -38.67 40.42 1.14
C PRO G 172 -39.88 39.58 1.55
N ALA G 173 -39.87 39.12 2.79
CA ALA G 173 -40.89 38.22 3.29
C ALA G 173 -42.26 38.88 3.35
N VAL G 174 -43.29 38.05 3.32
CA VAL G 174 -44.66 38.51 3.50
C VAL G 174 -45.32 37.69 4.60
N LEU G 175 -46.16 38.35 5.39
CA LEU G 175 -46.83 37.68 6.49
C LEU G 175 -48.07 36.95 5.99
N GLN G 176 -48.01 35.63 6.07
CA GLN G 176 -49.13 34.80 5.61
C GLN G 176 -50.30 34.88 6.58
N SER G 177 -51.43 34.32 6.17
CA SER G 177 -52.62 34.25 7.01
C SER G 177 -52.35 33.34 8.21
N SER G 178 -51.39 32.44 8.03
CA SER G 178 -51.01 31.49 9.06
C SER G 178 -50.31 32.18 10.23
N GLY G 179 -49.82 33.38 9.98
CA GLY G 179 -49.06 34.12 10.98
C GLY G 179 -47.59 33.77 10.92
N LEU G 180 -47.19 33.18 9.79
CA LEU G 180 -45.81 32.79 9.57
C LEU G 180 -45.27 33.43 8.30
N TYR G 181 -44.06 33.97 8.40
CA TYR G 181 -43.41 34.60 7.26
C TYR G 181 -43.00 33.57 6.22
N SER G 182 -42.95 34.01 4.97
CA SER G 182 -42.54 33.14 3.87
C SER G 182 -42.01 33.94 2.70
N LEU G 183 -40.97 33.42 2.05
CA LEU G 183 -40.38 34.08 0.89
C LEU G 183 -39.66 33.09 -0.02
N SER G 184 -39.29 33.56 -1.20
CA SER G 184 -38.56 32.75 -2.15
C SER G 184 -37.33 33.52 -2.64
N SER G 185 -36.21 32.82 -2.78
CA SER G 185 -34.99 33.42 -3.29
C SER G 185 -34.58 32.72 -4.56
N VAL G 186 -34.39 33.49 -5.63
CA VAL G 186 -34.10 32.91 -6.93
C VAL G 186 -32.81 33.45 -7.53
N VAL G 187 -32.24 32.68 -8.45
CA VAL G 187 -31.00 33.04 -9.11
C VAL G 187 -31.03 32.60 -10.57
N THR G 188 -30.56 33.47 -11.46
CA THR G 188 -30.51 33.17 -12.88
C THR G 188 -29.12 32.69 -13.30
N VAL G 189 -29.08 31.55 -13.97
CA VAL G 189 -27.82 30.96 -14.43
C VAL G 189 -27.97 30.46 -15.87
N PRO G 190 -26.85 30.35 -16.60
CA PRO G 190 -26.88 29.76 -17.95
C PRO G 190 -27.40 28.34 -17.91
N SER G 191 -28.27 28.00 -18.86
CA SER G 191 -28.91 26.68 -18.90
C SER G 191 -27.90 25.56 -19.11
N SER G 192 -26.80 25.87 -19.79
CA SER G 192 -25.76 24.89 -20.08
C SER G 192 -25.00 24.49 -18.82
N SER G 193 -24.93 25.41 -17.86
CA SER G 193 -24.19 25.18 -16.62
C SER G 193 -24.93 24.26 -15.66
N LEU G 194 -26.25 24.14 -15.86
CA LEU G 194 -27.11 23.39 -14.96
C LEU G 194 -26.66 21.97 -14.70
N GLY G 195 -26.24 21.28 -15.77
CA GLY G 195 -25.83 19.90 -15.66
C GLY G 195 -24.51 19.72 -14.94
N THR G 196 -23.54 20.56 -15.30
CA THR G 196 -22.18 20.43 -14.77
C THR G 196 -22.02 21.07 -13.40
N GLN G 197 -22.77 22.14 -13.15
CA GLN G 197 -22.63 22.90 -11.92
C GLN G 197 -23.78 22.66 -10.94
N THR G 198 -23.45 22.44 -9.67
CA THR G 198 -24.44 22.21 -8.64
C THR G 198 -24.73 23.51 -7.88
N TYR G 199 -26.00 23.70 -7.53
CA TYR G 199 -26.42 24.91 -6.84
C TYR G 199 -27.05 24.60 -5.49
N ILE G 200 -26.62 25.34 -4.47
CA ILE G 200 -27.07 25.10 -3.10
C ILE G 200 -27.58 26.38 -2.46
N CYS G 201 -28.77 26.33 -1.87
CA CYS G 201 -29.30 27.48 -1.14
C CYS G 201 -28.98 27.38 0.34
N ASN G 202 -28.21 28.34 0.83
CA ASN G 202 -27.83 28.39 2.24
C ASN G 202 -28.80 29.24 3.04
N VAL G 203 -29.66 28.58 3.81
CA VAL G 203 -30.69 29.27 4.57
C VAL G 203 -30.33 29.35 6.04
N ASN G 204 -30.46 30.55 6.59
CA ASN G 204 -30.13 30.76 8.00
C ASN G 204 -31.21 31.55 8.74
N HIS G 205 -31.57 31.06 9.92
CA HIS G 205 -32.59 31.71 10.74
C HIS G 205 -32.07 31.90 12.16
N LYS G 206 -31.79 33.15 12.52
CA LYS G 206 -31.18 33.46 13.83
C LYS G 206 -32.05 33.22 15.07
N PRO G 207 -33.31 33.69 15.06
CA PRO G 207 -34.11 33.51 16.28
C PRO G 207 -34.29 32.05 16.70
N SER G 208 -34.56 31.17 15.74
CA SER G 208 -34.78 29.76 16.04
C SER G 208 -33.50 28.97 15.86
N ASN G 209 -32.41 29.69 15.60
CA ASN G 209 -31.08 29.09 15.40
C ASN G 209 -31.10 27.92 14.42
N THR G 210 -31.73 28.16 13.27
CA THR G 210 -31.89 27.12 12.27
C THR G 210 -31.02 27.40 11.06
N LYS G 211 -30.32 26.37 10.59
CA LYS G 211 -29.51 26.46 9.38
C LYS G 211 -29.80 25.28 8.48
N VAL G 212 -30.49 25.53 7.38
CA VAL G 212 -30.83 24.47 6.44
C VAL G 212 -30.19 24.69 5.08
N ASP G 213 -29.58 23.64 4.53
CA ASP G 213 -29.01 23.69 3.19
C ASP G 213 -29.72 22.69 2.28
N LYS G 214 -30.03 23.13 1.06
CA LYS G 214 -30.76 22.29 0.13
C LYS G 214 -30.22 22.38 -1.28
N ARG G 215 -29.93 21.24 -1.88
CA ARG G 215 -29.49 21.21 -3.27
C ARG G 215 -30.68 21.32 -4.22
N VAL G 216 -30.50 22.05 -5.31
CA VAL G 216 -31.56 22.25 -6.29
C VAL G 216 -31.23 21.55 -7.61
N GLU G 217 -32.06 20.59 -7.98
CA GLU G 217 -31.86 19.83 -9.21
C GLU G 217 -33.17 19.66 -9.97
N PRO G 218 -33.10 19.60 -11.30
CA PRO G 218 -34.31 19.40 -12.12
C PRO G 218 -34.83 17.97 -11.99
N GLU H 1 -36.34 68.97 22.28
CA GLU H 1 -36.03 68.17 21.10
C GLU H 1 -36.18 68.95 19.82
N ILE H 2 -35.07 69.13 19.10
CA ILE H 2 -35.08 69.81 17.82
C ILE H 2 -35.66 68.89 16.76
N VAL H 3 -36.54 69.42 15.92
CA VAL H 3 -37.23 68.59 14.93
C VAL H 3 -36.78 68.91 13.50
N LEU H 4 -36.31 67.89 12.81
CA LEU H 4 -35.89 68.04 11.42
C LEU H 4 -37.01 67.62 10.48
N THR H 5 -37.13 68.35 9.37
CA THR H 5 -38.13 68.05 8.36
C THR H 5 -37.50 68.07 6.98
N GLN H 6 -37.59 66.95 6.27
CA GLN H 6 -37.00 66.84 4.95
C GLN H 6 -38.06 66.96 3.86
N SER H 7 -37.62 67.37 2.68
CA SER H 7 -38.51 67.47 1.53
C SER H 7 -37.71 67.19 0.26
N PRO H 8 -38.28 66.39 -0.66
CA PRO H 8 -39.61 65.77 -0.51
C PRO H 8 -39.51 64.48 0.29
N ASP H 9 -40.64 63.96 0.74
CA ASP H 9 -40.65 62.67 1.42
C ASP H 9 -40.41 61.54 0.44
N PHE H 10 -40.86 61.75 -0.79
CA PHE H 10 -40.63 60.80 -1.87
C PHE H 10 -40.23 61.53 -3.15
N GLN H 11 -39.31 60.95 -3.88
CA GLN H 11 -38.75 61.60 -5.05
C GLN H 11 -38.44 60.58 -6.14
N SER H 12 -38.77 60.94 -7.38
CA SER H 12 -38.51 60.07 -8.53
C SER H 12 -37.77 60.85 -9.60
N VAL H 13 -36.53 60.45 -9.86
CA VAL H 13 -35.67 61.20 -10.78
C VAL H 13 -35.12 60.34 -11.90
N THR H 14 -34.87 60.99 -13.05
CA THR H 14 -34.21 60.33 -14.17
C THR H 14 -32.71 60.25 -13.94
N PRO H 15 -32.08 59.19 -14.46
CA PRO H 15 -30.62 58.98 -14.28
C PRO H 15 -29.79 60.14 -14.80
N LYS H 16 -28.59 60.28 -14.25
CA LYS H 16 -27.63 61.30 -14.66
C LYS H 16 -28.18 62.72 -14.55
N GLU H 17 -29.05 62.93 -13.56
CA GLU H 17 -29.66 64.23 -13.36
C GLU H 17 -29.51 64.72 -11.93
N LYS H 18 -29.68 66.03 -11.74
CA LYS H 18 -29.49 66.66 -10.45
C LYS H 18 -30.60 66.29 -9.48
N VAL H 19 -30.22 66.02 -8.23
CA VAL H 19 -31.17 65.66 -7.19
C VAL H 19 -30.95 66.55 -5.98
N THR H 20 -32.03 67.15 -5.48
CA THR H 20 -31.93 68.07 -4.36
C THR H 20 -32.83 67.65 -3.20
N ILE H 21 -32.29 67.77 -1.99
CA ILE H 21 -33.02 67.45 -0.78
C ILE H 21 -32.80 68.54 0.26
N THR H 22 -33.89 69.03 0.85
CA THR H 22 -33.80 70.11 1.83
C THR H 22 -34.08 69.59 3.23
N CYS H 23 -33.40 70.17 4.21
CA CYS H 23 -33.56 69.76 5.60
C CYS H 23 -33.78 70.99 6.48
N ARG H 24 -35.04 71.20 6.86
CA ARG H 24 -35.40 72.35 7.69
C ARG H 24 -35.45 71.96 9.16
N ALA H 25 -34.99 72.86 10.02
CA ALA H 25 -34.91 72.58 11.45
C ALA H 25 -35.84 73.48 12.27
N SER H 26 -36.12 73.06 13.49
CA SER H 26 -36.95 73.84 14.41
C SER H 26 -36.25 75.13 14.81
N GLN H 27 -34.98 75.01 15.15
CA GLN H 27 -34.17 76.15 15.53
C GLN H 27 -32.84 76.08 14.80
N SER H 28 -32.27 77.25 14.52
CA SER H 28 -31.02 77.35 13.77
C SER H 28 -29.96 76.47 14.40
N ILE H 29 -29.37 75.61 13.59
CA ILE H 29 -28.32 74.75 14.11
C ILE H 29 -26.93 75.17 13.65
N SER H 30 -26.89 76.25 12.89
CA SER H 30 -25.64 76.78 12.38
C SER H 30 -24.87 75.72 11.63
N ASP H 31 -23.61 75.55 12.00
CA ASP H 31 -22.68 74.69 11.29
C ASP H 31 -23.04 73.19 11.38
N HIS H 32 -23.64 72.80 12.50
CA HIS H 32 -23.84 71.38 12.82
C HIS H 32 -25.04 70.73 12.15
N LEU H 33 -24.77 69.95 11.10
CA LEU H 33 -25.79 69.18 10.41
C LEU H 33 -25.08 68.11 9.60
N HIS H 34 -25.67 66.90 9.55
CA HIS H 34 -25.04 65.79 8.85
C HIS H 34 -26.00 65.11 7.88
N TRP H 35 -25.45 64.33 6.96
CA TRP H 35 -26.26 63.63 5.96
C TRP H 35 -25.90 62.16 5.86
N TYR H 36 -26.92 61.31 5.76
CA TYR H 36 -26.72 59.87 5.69
C TYR H 36 -27.37 59.23 4.47
N GLN H 37 -26.77 58.14 4.02
CA GLN H 37 -27.32 57.34 2.94
C GLN H 37 -27.62 55.93 3.46
N GLN H 38 -28.88 55.53 3.36
CA GLN H 38 -29.28 54.20 3.83
C GLN H 38 -29.85 53.34 2.70
N LYS H 39 -29.04 52.39 2.25
CA LYS H 39 -29.49 51.41 1.27
C LYS H 39 -30.42 50.43 1.97
N PRO H 40 -31.33 49.79 1.22
CA PRO H 40 -32.28 48.86 1.85
C PRO H 40 -31.59 47.68 2.52
N ASP H 41 -32.09 47.30 3.70
CA ASP H 41 -31.53 46.21 4.50
C ASP H 41 -30.06 46.44 4.83
N GLN H 42 -29.70 47.70 5.03
CA GLN H 42 -28.35 48.07 5.42
C GLN H 42 -28.35 49.23 6.38
N SER H 43 -27.24 49.38 7.11
CA SER H 43 -27.08 50.50 8.03
C SER H 43 -26.75 51.77 7.26
N PRO H 44 -27.21 52.92 7.77
CA PRO H 44 -26.93 54.22 7.15
C PRO H 44 -25.43 54.47 7.04
N LYS H 45 -25.04 55.17 5.99
CA LYS H 45 -23.64 55.56 5.80
C LYS H 45 -23.50 57.07 5.91
N LEU H 46 -22.45 57.50 6.60
CA LEU H 46 -22.17 58.91 6.76
C LEU H 46 -21.67 59.53 5.47
N LEU H 47 -22.44 60.46 4.91
CA LEU H 47 -22.04 61.12 3.67
C LEU H 47 -21.27 62.40 3.94
N ILE H 48 -21.98 63.42 4.43
CA ILE H 48 -21.41 64.74 4.61
C ILE H 48 -21.61 65.22 6.03
N LYS H 49 -20.72 66.11 6.47
CA LYS H 49 -20.77 66.63 7.83
C LYS H 49 -20.41 68.11 7.86
N TYR H 50 -20.97 68.81 8.83
CA TYR H 50 -20.46 70.11 9.26
C TYR H 50 -20.50 71.37 8.36
N ALA H 51 -21.43 71.54 7.41
CA ALA H 51 -22.40 70.56 6.94
C ALA H 51 -22.14 70.39 5.45
N SER H 52 -20.91 70.67 5.06
CA SER H 52 -20.53 70.71 3.65
C SER H 52 -19.20 70.01 3.41
N HIS H 53 -18.75 69.25 4.41
CA HIS H 53 -17.45 68.61 4.33
C HIS H 53 -17.53 67.17 3.86
N ALA H 54 -17.05 66.96 2.63
CA ALA H 54 -16.99 65.63 2.04
C ALA H 54 -16.22 64.68 2.94
N ILE H 55 -16.69 63.44 2.96
CA ILE H 55 -15.99 62.37 3.66
C ILE H 55 -15.06 61.72 2.62
N SER H 56 -13.97 61.11 3.06
CA SER H 56 -13.03 60.47 2.16
C SER H 56 -13.54 59.10 1.71
N GLY H 57 -14.12 59.05 0.51
CA GLY H 57 -14.66 57.81 -0.02
C GLY H 57 -16.03 58.03 -0.61
N VAL H 58 -16.55 59.23 -0.40
CA VAL H 58 -17.82 59.65 -0.97
C VAL H 58 -17.55 60.32 -2.31
N PRO H 59 -18.24 59.85 -3.37
CA PRO H 59 -18.06 60.39 -4.73
C PRO H 59 -18.24 61.90 -4.80
N SER H 60 -17.64 62.51 -5.81
CA SER H 60 -17.68 63.96 -5.98
C SER H 60 -19.09 64.46 -6.29
N ARG H 61 -19.93 63.57 -6.81
CA ARG H 61 -21.29 63.93 -7.17
C ARG H 61 -22.09 64.38 -5.95
N PHE H 62 -21.79 63.78 -4.80
CA PHE H 62 -22.43 64.16 -3.55
C PHE H 62 -21.85 65.46 -3.03
N SER H 63 -22.73 66.35 -2.63
CA SER H 63 -22.32 67.65 -2.09
C SER H 63 -23.33 68.09 -1.05
N GLY H 64 -23.20 69.33 -0.59
CA GLY H 64 -24.12 69.85 0.40
C GLY H 64 -23.79 71.28 0.77
N SER H 65 -24.78 71.98 1.31
CA SER H 65 -24.62 73.36 1.72
C SER H 65 -25.65 73.73 2.76
N GLY H 66 -25.41 74.84 3.46
CA GLY H 66 -26.38 75.36 4.39
C GLY H 66 -25.80 75.94 5.66
N SER H 67 -26.68 76.62 6.39
CA SER H 67 -26.37 77.19 7.69
C SER H 67 -27.73 77.46 8.30
N GLY H 68 -27.74 77.83 9.58
CA GLY H 68 -28.98 78.19 10.27
C GLY H 68 -30.09 77.18 10.09
N THR H 69 -31.29 77.68 9.82
CA THR H 69 -32.49 76.85 9.76
C THR H 69 -32.54 75.92 8.53
N ASP H 70 -31.81 76.27 7.47
CA ASP H 70 -31.96 75.55 6.20
C ASP H 70 -30.69 74.89 5.66
N PHE H 71 -30.84 73.63 5.24
CA PHE H 71 -29.74 72.87 4.65
C PHE H 71 -30.19 72.13 3.39
N THR H 72 -29.25 71.97 2.47
CA THR H 72 -29.56 71.35 1.19
C THR H 72 -28.53 70.30 0.78
N LEU H 73 -29.01 69.11 0.47
CA LEU H 73 -28.17 68.03 -0.04
C LEU H 73 -28.36 67.93 -1.55
N THR H 74 -27.26 67.94 -2.29
CA THR H 74 -27.34 67.93 -3.75
C THR H 74 -26.55 66.77 -4.37
N ILE H 75 -27.18 66.08 -5.30
CA ILE H 75 -26.50 65.04 -6.06
C ILE H 75 -26.31 65.50 -7.49
N ASN H 76 -25.06 65.80 -7.84
CA ASN H 76 -24.74 66.35 -9.16
C ASN H 76 -25.22 65.49 -10.33
N SER H 77 -24.91 64.20 -10.27
CA SER H 77 -25.32 63.27 -11.32
C SER H 77 -25.85 62.00 -10.68
N LEU H 78 -27.14 61.73 -10.88
CA LEU H 78 -27.76 60.57 -10.29
C LEU H 78 -27.27 59.29 -10.94
N GLU H 79 -26.70 58.40 -10.13
CA GLU H 79 -26.20 57.13 -10.63
C GLU H 79 -27.10 55.99 -10.17
N ALA H 80 -26.94 54.82 -10.80
CA ALA H 80 -27.76 53.67 -10.49
C ALA H 80 -27.62 53.23 -9.03
N GLU H 81 -26.40 53.29 -8.51
CA GLU H 81 -26.11 52.87 -7.15
C GLU H 81 -26.73 53.80 -6.11
N ASP H 82 -26.99 55.04 -6.51
CA ASP H 82 -27.48 56.07 -5.60
C ASP H 82 -28.91 55.82 -5.11
N ALA H 83 -29.58 54.83 -5.70
CA ALA H 83 -30.95 54.51 -5.34
C ALA H 83 -31.05 54.08 -3.88
N ALA H 84 -31.55 54.99 -3.04
CA ALA H 84 -31.69 54.74 -1.61
C ALA H 84 -32.55 55.81 -0.95
N THR H 85 -32.61 55.76 0.37
CA THR H 85 -33.32 56.77 1.16
C THR H 85 -32.30 57.53 2.00
N TYR H 86 -32.42 58.85 2.03
CA TYR H 86 -31.44 59.70 2.68
C TYR H 86 -31.99 60.39 3.93
N TYR H 87 -31.20 60.40 4.99
CA TYR H 87 -31.59 61.01 6.25
C TYR H 87 -30.69 62.18 6.60
N CYS H 88 -31.18 63.06 7.45
CA CYS H 88 -30.37 64.18 7.95
C CYS H 88 -30.40 64.21 9.47
N GLN H 89 -29.23 64.45 10.07
CA GLN H 89 -29.09 64.46 11.51
C GLN H 89 -28.50 65.80 11.96
N GLN H 90 -28.93 66.28 13.11
CA GLN H 90 -28.39 67.53 13.66
C GLN H 90 -27.39 67.25 14.77
N GLY H 91 -26.34 68.05 14.84
CA GLY H 91 -25.33 67.87 15.87
C GLY H 91 -25.31 68.95 16.92
N TYR H 92 -26.23 69.92 16.81
CA TYR H 92 -26.24 71.07 17.72
C TYR H 92 -26.33 70.65 19.18
N ASP H 93 -27.40 69.96 19.52
CA ASP H 93 -27.65 69.66 20.92
C ASP H 93 -28.48 68.40 21.11
N PHE H 94 -28.26 67.77 22.26
CA PHE H 94 -29.02 66.62 22.69
C PHE H 94 -30.47 66.97 23.02
N PRO H 95 -31.37 66.00 22.84
CA PRO H 95 -31.08 64.68 22.27
C PRO H 95 -30.89 64.77 20.77
N LEU H 96 -30.01 63.93 20.23
CA LEU H 96 -29.78 63.88 18.79
C LEU H 96 -31.06 63.47 18.09
N THR H 97 -31.24 63.98 16.88
CA THR H 97 -32.47 63.72 16.14
C THR H 97 -32.18 63.46 14.67
N PHE H 98 -33.14 62.85 13.99
CA PHE H 98 -33.01 62.54 12.58
C PHE H 98 -34.20 63.05 11.77
N GLY H 99 -33.96 63.30 10.48
CA GLY H 99 -35.01 63.73 9.59
C GLY H 99 -36.01 62.62 9.31
N GLY H 100 -37.10 62.96 8.64
CA GLY H 100 -38.13 62.00 8.30
C GLY H 100 -37.68 60.99 7.26
N GLY H 101 -36.61 61.33 6.56
CA GLY H 101 -36.08 60.46 5.52
C GLY H 101 -36.63 60.82 4.16
N THR H 102 -35.80 60.68 3.13
CA THR H 102 -36.19 61.02 1.78
C THR H 102 -35.87 59.88 0.81
N LYS H 103 -36.91 59.27 0.25
CA LYS H 103 -36.71 58.16 -0.67
C LYS H 103 -36.55 58.65 -2.11
N VAL H 104 -35.48 58.21 -2.76
CA VAL H 104 -35.19 58.60 -4.13
C VAL H 104 -35.24 57.40 -5.06
N GLU H 105 -36.21 57.42 -5.97
CA GLU H 105 -36.37 56.35 -6.95
C GLU H 105 -35.87 56.79 -8.32
N ILE H 106 -35.07 55.93 -8.94
CA ILE H 106 -34.56 56.20 -10.28
C ILE H 106 -35.60 55.83 -11.34
N LYS H 107 -35.92 56.79 -12.20
CA LYS H 107 -36.87 56.56 -13.29
C LYS H 107 -36.15 56.18 -14.57
N ARG H 108 -35.96 54.88 -14.78
CA ARG H 108 -35.19 54.41 -15.91
C ARG H 108 -36.07 54.02 -17.10
N THR H 109 -35.40 53.70 -18.20
CA THR H 109 -36.08 53.27 -19.41
C THR H 109 -36.90 52.02 -19.16
N VAL H 110 -38.09 51.98 -19.74
CA VAL H 110 -39.02 50.86 -19.55
C VAL H 110 -38.39 49.53 -19.95
N ALA H 111 -38.60 48.52 -19.12
CA ALA H 111 -38.04 47.20 -19.37
C ALA H 111 -39.07 46.09 -19.17
N ALA H 112 -39.04 45.11 -20.07
CA ALA H 112 -40.00 44.00 -20.04
C ALA H 112 -39.59 42.93 -19.03
N PRO H 113 -40.59 42.33 -18.35
CA PRO H 113 -40.36 41.29 -17.35
C PRO H 113 -39.99 39.95 -17.97
N SER H 114 -39.02 39.27 -17.38
CA SER H 114 -38.70 37.90 -17.75
C SER H 114 -39.48 36.97 -16.83
N VAL H 115 -40.40 36.20 -17.42
CA VAL H 115 -41.33 35.41 -16.63
C VAL H 115 -40.97 33.93 -16.57
N PHE H 116 -40.99 33.38 -15.36
CA PHE H 116 -40.75 31.95 -15.15
C PHE H 116 -41.82 31.38 -14.22
N ILE H 117 -42.08 30.09 -14.35
CA ILE H 117 -43.07 29.42 -13.52
C ILE H 117 -42.47 28.19 -12.85
N PHE H 118 -42.82 27.96 -11.59
CA PHE H 118 -42.30 26.81 -10.85
C PHE H 118 -43.41 25.94 -10.28
N PRO H 119 -43.39 24.64 -10.64
CA PRO H 119 -44.30 23.66 -10.05
C PRO H 119 -43.91 23.38 -8.60
N PRO H 120 -44.89 23.02 -7.76
CA PRO H 120 -44.62 22.68 -6.36
C PRO H 120 -43.70 21.47 -6.25
N SER H 121 -42.84 21.50 -5.24
CA SER H 121 -41.88 20.43 -5.02
C SER H 121 -42.57 19.16 -4.52
N ASP H 122 -42.08 18.00 -4.99
CA ASP H 122 -42.60 16.72 -4.54
C ASP H 122 -42.46 16.55 -3.03
N GLU H 123 -41.44 17.20 -2.46
CA GLU H 123 -41.21 17.16 -1.03
C GLU H 123 -42.30 17.93 -0.29
N GLN H 124 -42.88 18.92 -0.96
CA GLN H 124 -43.91 19.75 -0.35
C GLN H 124 -45.30 19.14 -0.52
N LEU H 125 -45.46 18.33 -1.56
CA LEU H 125 -46.73 17.64 -1.78
C LEU H 125 -47.00 16.65 -0.65
N LYS H 126 -45.94 16.04 -0.13
CA LYS H 126 -46.06 15.13 0.99
C LYS H 126 -46.56 15.86 2.24
N SER H 127 -46.27 17.16 2.31
CA SER H 127 -46.69 17.98 3.45
C SER H 127 -48.20 18.21 3.45
N GLY H 128 -48.82 18.08 2.28
CA GLY H 128 -50.26 18.25 2.15
C GLY H 128 -50.65 19.63 1.68
N THR H 129 -49.64 20.45 1.38
CA THR H 129 -49.88 21.80 0.88
C THR H 129 -49.02 22.04 -0.36
N ALA H 130 -49.60 22.72 -1.34
CA ALA H 130 -48.88 22.98 -2.59
C ALA H 130 -48.82 24.47 -2.88
N SER H 131 -47.61 24.95 -3.17
CA SER H 131 -47.40 26.36 -3.47
C SER H 131 -46.80 26.53 -4.85
N VAL H 132 -47.45 27.33 -5.68
CA VAL H 132 -46.98 27.61 -7.03
C VAL H 132 -46.54 29.06 -7.12
N VAL H 133 -45.34 29.28 -7.63
CA VAL H 133 -44.79 30.63 -7.70
C VAL H 133 -44.53 31.10 -9.13
N CYS H 134 -44.89 32.34 -9.39
CA CYS H 134 -44.62 32.98 -10.68
C CYS H 134 -43.58 34.06 -10.46
N LEU H 135 -42.60 34.13 -11.36
CA LEU H 135 -41.46 35.03 -11.18
C LEU H 135 -41.40 36.12 -12.25
N LEU H 136 -41.26 37.36 -11.80
CA LEU H 136 -41.07 38.50 -12.69
C LEU H 136 -39.71 39.10 -12.38
N ASN H 137 -38.77 38.92 -13.30
CA ASN H 137 -37.35 39.03 -12.98
C ASN H 137 -36.71 40.43 -13.00
N ASN H 138 -36.70 41.06 -14.18
CA ASN H 138 -36.15 42.40 -14.29
C ASN H 138 -37.07 43.27 -15.12
N PHE H 139 -37.78 44.16 -14.44
CA PHE H 139 -38.80 44.95 -15.11
C PHE H 139 -39.01 46.32 -14.47
N TYR H 140 -39.06 47.34 -15.32
CA TYR H 140 -39.40 48.68 -14.88
C TYR H 140 -40.48 49.23 -15.80
N PRO H 141 -41.48 49.92 -15.23
CA PRO H 141 -41.64 50.30 -13.82
C PRO H 141 -42.12 49.16 -12.91
N ARG H 142 -42.33 49.49 -11.65
CA ARG H 142 -42.71 48.51 -10.63
C ARG H 142 -44.15 48.04 -10.79
N GLU H 143 -44.98 48.89 -11.37
CA GLU H 143 -46.40 48.57 -11.56
C GLU H 143 -46.56 47.40 -12.51
N ALA H 144 -47.22 46.35 -12.04
CA ALA H 144 -47.45 45.15 -12.83
C ALA H 144 -48.66 44.39 -12.33
N LYS H 145 -49.25 43.59 -13.21
CA LYS H 145 -50.44 42.82 -12.88
C LYS H 145 -50.20 41.33 -13.10
N VAL H 146 -50.53 40.53 -12.09
CA VAL H 146 -50.35 39.09 -12.16
C VAL H 146 -51.68 38.36 -12.00
N GLN H 147 -52.01 37.53 -12.98
CA GLN H 147 -53.26 36.78 -12.95
C GLN H 147 -53.00 35.27 -12.95
N TRP H 148 -53.61 34.57 -12.00
CA TRP H 148 -53.49 33.13 -11.90
C TRP H 148 -54.66 32.42 -12.57
N LYS H 149 -54.34 31.47 -13.44
CA LYS H 149 -55.36 30.68 -14.12
C LYS H 149 -55.22 29.19 -13.84
N VAL H 150 -56.26 28.63 -13.24
CA VAL H 150 -56.30 27.20 -12.95
C VAL H 150 -57.31 26.53 -13.88
N ASP H 151 -56.81 25.75 -14.84
CA ASP H 151 -57.64 25.19 -15.91
C ASP H 151 -58.42 26.31 -16.60
N ASN H 152 -57.72 27.40 -16.90
CA ASN H 152 -58.32 28.58 -17.51
C ASN H 152 -59.44 29.21 -16.67
N ALA H 153 -59.39 28.98 -15.37
CA ALA H 153 -60.33 29.63 -14.46
C ALA H 153 -59.61 30.63 -13.58
N LEU H 154 -60.09 31.87 -13.59
CA LEU H 154 -59.45 32.95 -12.86
C LEU H 154 -59.56 32.78 -11.35
N GLN H 155 -58.42 32.87 -10.68
CA GLN H 155 -58.35 32.69 -9.22
C GLN H 155 -58.05 34.01 -8.53
N SER H 156 -58.62 34.19 -7.35
CA SER H 156 -58.41 35.41 -6.58
C SER H 156 -58.45 35.15 -5.08
N GLY H 157 -57.56 35.80 -4.35
CA GLY H 157 -57.56 35.75 -2.90
C GLY H 157 -56.71 34.63 -2.32
N ASN H 158 -56.12 33.82 -3.18
CA ASN H 158 -55.28 32.72 -2.74
C ASN H 158 -53.82 32.93 -3.18
N SER H 159 -53.54 34.12 -3.64
CA SER H 159 -52.20 34.47 -4.10
C SER H 159 -51.66 35.68 -3.35
N GLN H 160 -50.38 35.61 -3.00
CA GLN H 160 -49.72 36.72 -2.32
C GLN H 160 -48.50 37.16 -3.10
N GLU H 161 -48.26 38.47 -3.13
CA GLU H 161 -47.17 39.01 -3.95
C GLU H 161 -46.12 39.75 -3.12
N SER H 162 -44.86 39.60 -3.54
CA SER H 162 -43.76 40.32 -2.91
C SER H 162 -42.91 41.02 -3.96
N VAL H 163 -42.55 42.27 -3.67
CA VAL H 163 -41.77 43.07 -4.60
C VAL H 163 -40.46 43.49 -3.94
N THR H 164 -39.37 43.38 -4.68
CA THR H 164 -38.06 43.74 -4.15
C THR H 164 -37.73 45.21 -4.40
N GLU H 165 -36.68 45.68 -3.73
CA GLU H 165 -36.24 47.06 -3.90
C GLU H 165 -35.52 47.27 -5.22
N GLN H 166 -35.34 48.51 -5.60
CA GLN H 166 -34.68 48.86 -6.85
C GLN H 166 -33.24 48.36 -6.85
N ASP H 167 -32.83 47.78 -7.96
CA ASP H 167 -31.49 47.20 -8.06
C ASP H 167 -30.40 48.27 -8.09
N SER H 168 -29.26 47.95 -7.50
CA SER H 168 -28.14 48.89 -7.44
C SER H 168 -27.50 49.09 -8.81
N LYS H 169 -27.53 48.05 -9.64
CA LYS H 169 -26.84 48.09 -10.93
C LYS H 169 -27.73 48.52 -12.08
N ASP H 170 -28.78 47.75 -12.36
CA ASP H 170 -29.64 48.02 -13.50
C ASP H 170 -30.93 48.77 -13.13
N SER H 171 -31.12 48.99 -11.83
CA SER H 171 -32.26 49.75 -11.31
C SER H 171 -33.62 49.17 -11.72
N THR H 172 -33.69 47.85 -11.80
CA THR H 172 -34.92 47.18 -12.19
C THR H 172 -35.55 46.45 -11.00
N TYR H 173 -36.87 46.46 -10.94
CA TYR H 173 -37.58 45.77 -9.87
C TYR H 173 -37.77 44.29 -10.21
N SER H 174 -38.09 43.51 -9.19
CA SER H 174 -38.42 42.10 -9.37
C SER H 174 -39.60 41.73 -8.47
N LEU H 175 -40.49 40.90 -9.01
CA LEU H 175 -41.70 40.54 -8.29
C LEU H 175 -41.92 39.04 -8.32
N SER H 176 -42.44 38.51 -7.21
CA SER H 176 -42.77 37.10 -7.12
C SER H 176 -44.19 36.94 -6.60
N SER H 177 -45.01 36.20 -7.33
CA SER H 177 -46.36 35.91 -6.89
C SER H 177 -46.49 34.44 -6.51
N THR H 178 -46.99 34.19 -5.31
CA THR H 178 -47.08 32.82 -4.79
C THR H 178 -48.53 32.37 -4.68
N LEU H 179 -48.83 31.26 -5.34
CA LEU H 179 -50.17 30.66 -5.28
C LEU H 179 -50.15 29.45 -4.36
N THR H 180 -50.94 29.50 -3.30
CA THR H 180 -50.94 28.44 -2.30
C THR H 180 -52.25 27.66 -2.30
N LEU H 181 -52.14 26.34 -2.43
CA LEU H 181 -53.30 25.47 -2.44
C LEU H 181 -53.04 24.20 -1.64
N SER H 182 -54.11 23.59 -1.14
CA SER H 182 -54.00 22.32 -0.44
C SER H 182 -53.78 21.22 -1.47
N LYS H 183 -53.13 20.14 -1.05
CA LYS H 183 -52.91 18.99 -1.93
C LYS H 183 -54.23 18.43 -2.44
N ALA H 184 -55.23 18.45 -1.57
CA ALA H 184 -56.56 17.97 -1.91
C ALA H 184 -57.14 18.70 -3.12
N ASP H 185 -56.91 20.01 -3.17
CA ASP H 185 -57.43 20.82 -4.27
C ASP H 185 -56.42 20.98 -5.40
N TYR H 186 -55.15 20.72 -5.09
CA TYR H 186 -54.08 20.91 -6.06
C TYR H 186 -54.18 19.94 -7.23
N GLU H 187 -54.62 18.72 -6.96
CA GLU H 187 -54.66 17.69 -7.99
C GLU H 187 -56.01 17.49 -8.65
N LYS H 188 -57.00 18.30 -8.26
CA LYS H 188 -58.30 18.27 -8.92
C LYS H 188 -58.30 19.20 -10.12
N HIS H 189 -57.11 19.45 -10.66
CA HIS H 189 -56.93 20.34 -11.80
C HIS H 189 -55.72 19.93 -12.62
N LYS H 190 -55.65 20.41 -13.86
CA LYS H 190 -54.58 19.99 -14.77
C LYS H 190 -53.65 21.15 -15.16
N VAL H 191 -54.24 22.25 -15.64
CA VAL H 191 -53.46 23.35 -16.20
C VAL H 191 -53.38 24.55 -15.27
N TYR H 192 -52.16 24.93 -14.92
CA TYR H 192 -51.92 26.13 -14.13
C TYR H 192 -51.18 27.17 -14.96
N ALA H 193 -51.65 28.41 -14.94
CA ALA H 193 -51.06 29.45 -15.77
C ALA H 193 -50.86 30.76 -15.02
N CYS H 194 -49.79 31.47 -15.36
CA CYS H 194 -49.49 32.76 -14.78
C CYS H 194 -49.52 33.83 -15.87
N GLU H 195 -50.45 34.78 -15.75
CA GLU H 195 -50.59 35.83 -16.76
C GLU H 195 -50.01 37.16 -16.29
N VAL H 196 -49.03 37.65 -17.03
CA VAL H 196 -48.33 38.88 -16.66
C VAL H 196 -48.67 40.03 -17.59
N THR H 197 -49.11 41.14 -17.01
CA THR H 197 -49.44 42.34 -17.76
C THR H 197 -48.57 43.49 -17.31
N HIS H 198 -47.76 44.02 -18.22
CA HIS H 198 -46.85 45.10 -17.90
C HIS H 198 -46.82 46.16 -19.01
N GLN H 199 -46.35 47.35 -18.67
CA GLN H 199 -46.24 48.44 -19.65
C GLN H 199 -45.25 48.10 -20.75
N GLY H 200 -44.19 47.37 -20.38
CA GLY H 200 -43.15 46.99 -21.33
C GLY H 200 -43.62 45.95 -22.31
N LEU H 201 -44.64 45.19 -21.94
CA LEU H 201 -45.18 44.14 -22.78
C LEU H 201 -46.29 44.68 -23.68
N SER H 202 -46.18 44.38 -24.97
CA SER H 202 -47.19 44.80 -25.94
C SER H 202 -48.51 44.11 -25.66
N SER H 203 -48.42 42.82 -25.37
CA SER H 203 -49.58 42.02 -25.01
C SER H 203 -49.24 41.17 -23.78
N PRO H 204 -50.25 40.89 -22.94
CA PRO H 204 -50.07 40.07 -21.75
C PRO H 204 -49.39 38.75 -22.05
N VAL H 205 -48.39 38.39 -21.24
CA VAL H 205 -47.64 37.17 -21.44
C VAL H 205 -48.02 36.11 -20.41
N THR H 206 -48.32 34.91 -20.89
CA THR H 206 -48.73 33.82 -20.02
C THR H 206 -47.77 32.64 -20.08
N LYS H 207 -47.25 32.24 -18.92
CA LYS H 207 -46.40 31.07 -18.80
C LYS H 207 -47.12 30.00 -17.99
N SER H 208 -47.25 28.81 -18.55
CA SER H 208 -48.03 27.76 -17.92
C SER H 208 -47.32 26.41 -17.91
N PHE H 209 -47.78 25.53 -17.05
CA PHE H 209 -47.27 24.17 -16.98
C PHE H 209 -48.43 23.21 -16.68
N ASN H 210 -48.20 21.93 -16.91
CA ASN H 210 -49.24 20.93 -16.70
C ASN H 210 -48.93 19.98 -15.55
N ARG H 211 -49.59 18.83 -15.56
CA ARG H 211 -49.35 17.77 -14.59
C ARG H 211 -49.68 18.22 -13.17
N GLN I 1 45.05 38.16 -13.36
CA GLN I 1 44.30 37.84 -14.56
C GLN I 1 43.82 36.38 -14.51
N VAL I 2 44.02 35.76 -13.36
CA VAL I 2 43.60 34.38 -13.17
C VAL I 2 42.08 34.31 -12.97
N GLN I 3 41.46 33.31 -13.59
CA GLN I 3 40.03 33.08 -13.43
C GLN I 3 39.79 31.61 -13.19
N LEU I 4 38.81 31.31 -12.34
CA LEU I 4 38.50 29.93 -11.99
C LEU I 4 37.01 29.67 -12.08
N GLN I 5 36.65 28.48 -12.58
CA GLN I 5 35.27 28.09 -12.72
C GLN I 5 35.10 26.61 -12.40
N GLU I 6 34.12 26.30 -11.56
CA GLU I 6 33.87 24.93 -11.14
C GLU I 6 32.57 24.40 -11.74
N SER I 7 32.60 23.15 -12.19
CA SER I 7 31.42 22.52 -12.78
C SER I 7 31.29 21.08 -12.33
N GLY I 8 30.05 20.66 -12.08
CA GLY I 8 29.78 19.30 -11.67
C GLY I 8 28.29 19.03 -11.54
N PRO I 9 27.93 17.85 -11.01
CA PRO I 9 26.54 17.50 -10.79
C PRO I 9 25.93 18.32 -9.66
N GLY I 10 24.64 18.62 -9.76
CA GLY I 10 23.97 19.43 -8.77
C GLY I 10 23.63 18.68 -7.49
N LEU I 11 23.35 17.39 -7.63
CA LEU I 11 22.98 16.57 -6.48
C LEU I 11 23.65 15.20 -6.51
N VAL I 12 23.93 14.67 -5.33
CA VAL I 12 24.52 13.34 -5.20
C VAL I 12 23.82 12.54 -4.11
N LYS I 13 23.60 11.26 -4.40
CA LYS I 13 22.97 10.37 -3.42
C LYS I 13 23.92 10.15 -2.25
N PRO I 14 23.36 9.90 -1.06
CA PRO I 14 24.22 9.63 0.11
C PRO I 14 24.96 8.31 -0.06
N SER I 15 26.10 8.19 0.61
CA SER I 15 26.98 7.02 0.52
C SER I 15 27.56 6.81 -0.88
N ASP I 16 27.45 7.83 -1.72
CA ASP I 16 28.06 7.79 -3.05
C ASP I 16 29.34 8.61 -3.07
N THR I 17 29.78 8.98 -4.27
CA THR I 17 31.00 9.76 -4.42
C THR I 17 30.72 11.11 -5.08
N LEU I 18 31.25 12.16 -4.46
CA LEU I 18 31.10 13.51 -4.97
C LEU I 18 32.29 13.83 -5.88
N SER I 19 31.99 14.28 -7.10
CA SER I 19 33.04 14.62 -8.05
C SER I 19 32.83 16.00 -8.65
N LEU I 20 33.87 16.83 -8.57
CA LEU I 20 33.82 18.18 -9.13
C LEU I 20 35.11 18.50 -9.86
N THR I 21 35.01 19.41 -10.83
CA THR I 21 36.15 19.79 -11.65
C THR I 21 36.22 21.30 -11.78
N CYS I 22 37.41 21.86 -11.61
CA CYS I 22 37.62 23.29 -11.79
C CYS I 22 38.49 23.58 -13.00
N ALA I 23 38.04 24.53 -13.82
CA ALA I 23 38.77 24.92 -15.03
C ALA I 23 39.39 26.29 -14.87
N VAL I 24 40.71 26.35 -14.97
CA VAL I 24 41.45 27.60 -14.78
C VAL I 24 41.70 28.30 -16.11
N SER I 25 41.44 29.59 -16.14
CA SER I 25 41.69 30.40 -17.34
C SER I 25 42.41 31.68 -16.97
N GLY I 26 43.30 32.13 -17.85
CA GLY I 26 44.07 33.34 -17.61
C GLY I 26 45.44 33.03 -17.03
N TYR I 27 45.62 31.78 -16.63
CA TYR I 27 46.88 31.32 -16.05
C TYR I 27 46.97 29.80 -16.18
N PRO I 28 48.19 29.28 -16.42
CA PRO I 28 48.46 27.85 -16.56
C PRO I 28 48.89 27.15 -15.26
N ILE I 29 48.23 26.04 -14.93
CA ILE I 29 48.43 25.32 -13.67
C ILE I 29 49.82 24.73 -13.49
N ARG I 30 50.31 24.07 -14.53
CA ARG I 30 51.58 23.35 -14.46
C ARG I 30 52.65 24.28 -13.93
N PHE I 31 52.59 25.52 -14.37
CA PHE I 31 53.48 26.53 -13.87
C PHE I 31 52.94 27.24 -12.65
N GLY I 32 53.87 27.52 -11.73
CA GLY I 32 53.57 28.39 -10.63
C GLY I 32 52.86 27.82 -9.42
N TYR I 33 51.87 28.55 -8.97
CA TYR I 33 51.37 28.38 -7.62
C TYR I 33 50.50 27.15 -7.44
N SER I 34 50.14 26.86 -6.19
CA SER I 34 49.33 25.68 -5.90
C SER I 34 47.85 26.01 -5.78
N TRP I 35 47.01 25.05 -6.13
CA TRP I 35 45.58 25.29 -6.31
C TRP I 35 44.75 24.52 -5.29
N HIS I 36 43.73 25.18 -4.75
CA HIS I 36 43.04 24.69 -3.56
C HIS I 36 41.54 24.46 -3.74
N TRP I 37 40.99 23.67 -2.83
CA TRP I 37 39.55 23.42 -2.79
C TRP I 37 38.97 23.80 -1.42
N ILE I 38 37.94 24.63 -1.45
CA ILE I 38 37.31 25.11 -0.22
C ILE I 38 35.80 24.95 -0.32
N ARG I 39 35.17 24.48 0.75
CA ARG I 39 33.72 24.31 0.75
C ARG I 39 33.06 25.10 1.87
N GLN I 40 31.82 25.54 1.63
CA GLN I 40 31.07 26.30 2.61
C GLN I 40 29.62 25.83 2.70
N PRO I 41 29.25 25.20 3.82
CA PRO I 41 27.85 24.81 4.06
C PRO I 41 26.96 26.05 4.13
N PRO I 42 25.67 25.90 3.80
CA PRO I 42 24.76 27.05 3.77
C PRO I 42 24.63 27.72 5.14
N GLY I 43 24.94 29.01 5.20
CA GLY I 43 24.85 29.76 6.43
C GLY I 43 25.91 29.36 7.44
N LYS I 44 27.00 28.79 6.96
CA LYS I 44 28.09 28.35 7.83
C LYS I 44 29.45 28.87 7.37
N GLY I 45 30.49 28.55 8.13
CA GLY I 45 31.83 29.03 7.86
C GLY I 45 32.55 28.24 6.80
N LEU I 46 33.63 28.81 6.29
CA LEU I 46 34.45 28.18 5.26
C LEU I 46 35.30 27.05 5.82
N GLU I 47 35.44 25.98 5.05
CA GLU I 47 36.28 24.86 5.42
C GLU I 47 37.29 24.57 4.32
N TRP I 48 38.56 24.43 4.72
CA TRP I 48 39.63 24.16 3.76
C TRP I 48 39.79 22.66 3.56
N MET I 49 39.60 22.20 2.34
CA MET I 49 39.59 20.76 2.05
C MET I 49 40.97 20.22 1.71
N GLY I 50 41.67 20.88 0.80
CA GLY I 50 42.98 20.43 0.40
C GLY I 50 43.50 21.17 -0.82
N TYR I 51 44.62 20.71 -1.36
CA TYR I 51 45.24 21.38 -2.50
C TYR I 51 46.11 20.48 -3.35
N ILE I 52 46.42 20.95 -4.54
CA ILE I 52 47.34 20.28 -5.44
C ILE I 52 48.44 21.26 -5.89
N HIS I 53 49.69 20.84 -5.71
CA HIS I 53 50.83 21.66 -6.12
C HIS I 53 50.92 21.61 -7.63
N TYR I 54 51.59 22.61 -8.22
CA TYR I 54 51.85 22.63 -9.65
C TYR I 54 52.68 21.44 -10.10
N SER I 55 53.49 20.92 -9.20
CA SER I 55 54.33 19.78 -9.49
C SER I 55 53.50 18.52 -9.40
N GLY I 56 52.26 18.67 -8.95
CA GLY I 56 51.36 17.55 -8.77
C GLY I 56 51.41 17.03 -7.34
N TYR I 57 52.20 17.71 -6.53
CA TYR I 57 52.35 17.38 -5.12
C TYR I 57 51.03 17.67 -4.40
N THR I 58 50.58 16.70 -3.59
CA THR I 58 49.29 16.79 -2.93
C THR I 58 49.35 16.60 -1.41
N ASP I 59 48.44 17.28 -0.71
CA ASP I 59 48.25 17.07 0.72
C ASP I 59 46.83 17.46 1.09
N PHE I 60 46.31 16.88 2.17
CA PHE I 60 44.90 17.08 2.53
C PHE I 60 44.68 17.53 3.96
N ASN I 61 43.52 18.14 4.17
CA ASN I 61 43.02 18.45 5.50
C ASN I 61 42.56 17.16 6.16
N PRO I 62 42.91 16.96 7.45
CA PRO I 62 42.39 15.80 8.18
C PRO I 62 40.86 15.75 8.24
N SER I 63 40.33 14.69 8.84
CA SER I 63 38.89 14.46 8.93
C SER I 63 38.20 14.31 7.57
N LEU I 64 39.00 14.36 6.51
CA LEU I 64 38.53 14.15 5.14
C LEU I 64 39.52 13.23 4.45
N LYS I 65 40.65 13.03 5.10
CA LYS I 65 41.83 12.40 4.50
C LYS I 65 41.57 11.05 3.83
N THR I 66 40.75 10.22 4.45
CA THR I 66 40.48 8.88 3.92
C THR I 66 39.59 8.94 2.68
N ARG I 67 38.74 9.96 2.58
CA ARG I 67 37.73 9.99 1.53
C ARG I 67 37.99 10.97 0.39
N ILE I 68 38.92 11.91 0.58
CA ILE I 68 39.17 12.92 -0.44
C ILE I 68 40.39 12.64 -1.30
N THR I 69 40.23 12.86 -2.61
CA THR I 69 41.34 12.74 -3.57
C THR I 69 41.26 13.87 -4.59
N ILE I 70 42.41 14.48 -4.86
CA ILE I 70 42.49 15.55 -5.86
C ILE I 70 43.43 15.16 -6.99
N SER I 71 42.96 15.32 -8.22
CA SER I 71 43.76 15.03 -9.40
C SER I 71 43.61 16.15 -10.41
N ARG I 72 44.44 16.15 -11.44
CA ARG I 72 44.42 17.22 -12.42
C ARG I 72 44.67 16.73 -13.83
N ASP I 73 44.21 17.52 -14.80
CA ASP I 73 44.48 17.26 -16.21
C ASP I 73 45.08 18.51 -16.84
N THR I 74 46.40 18.55 -16.91
CA THR I 74 47.13 19.71 -17.41
C THR I 74 46.76 20.09 -18.83
N SER I 75 46.39 19.09 -19.62
CA SER I 75 46.02 19.29 -21.02
C SER I 75 44.85 20.26 -21.17
N LYS I 76 43.86 20.10 -20.29
CA LYS I 76 42.66 20.93 -20.34
C LYS I 76 42.76 22.11 -19.38
N ASN I 77 43.92 22.22 -18.74
CA ASN I 77 44.13 23.27 -17.75
C ASN I 77 43.12 23.13 -16.61
N GLN I 78 42.97 21.92 -16.07
CA GLN I 78 41.98 21.65 -15.03
C GLN I 78 42.50 20.77 -13.89
N PHE I 79 41.87 20.90 -12.72
CA PHE I 79 42.18 20.05 -11.56
C PHE I 79 40.92 19.70 -10.77
N SER I 80 40.68 18.40 -10.61
CA SER I 80 39.42 17.90 -10.06
C SER I 80 39.52 17.40 -8.63
N LEU I 81 38.35 17.32 -7.97
CA LEU I 81 38.27 16.85 -6.60
C LEU I 81 37.23 15.73 -6.48
N LYS I 82 37.55 14.74 -5.64
CA LYS I 82 36.65 13.61 -5.44
C LYS I 82 36.44 13.33 -3.96
N LEU I 83 35.18 13.29 -3.55
CA LEU I 83 34.84 13.00 -2.17
C LEU I 83 33.95 11.76 -2.10
N SER I 84 34.31 10.80 -1.25
CA SER I 84 33.61 9.53 -1.19
C SER I 84 32.86 9.36 0.13
N SER I 85 31.91 8.43 0.13
CA SER I 85 31.06 8.15 1.29
C SER I 85 30.37 9.42 1.77
N VAL I 86 29.74 10.11 0.83
CA VAL I 86 29.11 11.41 1.08
C VAL I 86 27.91 11.28 2.00
N THR I 87 27.79 12.22 2.94
CA THR I 87 26.64 12.28 3.83
C THR I 87 25.92 13.61 3.68
N ALA I 88 24.92 13.82 4.53
CA ALA I 88 24.12 15.04 4.50
C ALA I 88 24.95 16.26 4.89
N VAL I 89 26.00 16.02 5.68
CA VAL I 89 26.87 17.09 6.16
C VAL I 89 27.63 17.74 5.00
N ASP I 90 27.98 16.92 4.00
CA ASP I 90 28.77 17.39 2.88
C ASP I 90 28.02 18.35 1.94
N THR I 91 26.74 18.55 2.22
CA THR I 91 25.95 19.50 1.44
C THR I 91 26.47 20.92 1.65
N ALA I 92 27.01 21.50 0.59
CA ALA I 92 27.64 22.81 0.68
C ALA I 92 27.89 23.40 -0.70
N VAL I 93 28.26 24.67 -0.73
CA VAL I 93 28.79 25.27 -1.96
C VAL I 93 30.29 25.07 -1.98
N TYR I 94 30.82 24.71 -3.13
CA TYR I 94 32.24 24.39 -3.22
C TYR I 94 33.00 25.46 -4.00
N TYR I 95 34.21 25.77 -3.54
CA TYR I 95 34.97 26.87 -4.10
C TYR I 95 36.32 26.46 -4.66
N CYS I 96 36.78 27.22 -5.65
CA CYS I 96 38.02 26.93 -6.35
C CYS I 96 38.95 28.13 -6.24
N ALA I 97 40.20 27.87 -5.86
CA ALA I 97 41.11 28.97 -5.50
C ALA I 97 42.58 28.56 -5.49
N ARG I 98 43.45 29.57 -5.38
CA ARG I 98 44.89 29.36 -5.46
C ARG I 98 45.63 29.81 -4.19
N LYS I 99 46.49 28.94 -3.66
CA LYS I 99 47.23 29.23 -2.42
C LYS I 99 48.00 30.51 -2.52
N ASP I 100 48.50 30.78 -3.71
CA ASP I 100 49.49 31.81 -3.91
C ASP I 100 50.71 31.46 -3.06
N SER I 101 51.22 32.45 -2.33
CA SER I 101 52.38 32.26 -1.48
C SER I 101 52.01 32.80 -0.11
N GLY I 102 52.64 32.35 0.96
CA GLY I 102 52.29 32.86 2.28
C GLY I 102 50.86 32.51 2.70
N ASN I 103 50.26 31.58 1.98
CA ASN I 103 48.96 31.00 2.32
C ASN I 103 47.82 32.02 2.45
N TYR I 104 47.68 32.86 1.43
CA TYR I 104 46.48 33.68 1.26
C TYR I 104 45.95 33.42 -0.12
N PHE I 105 44.63 33.30 -0.23
CA PHE I 105 43.98 33.03 -1.50
C PHE I 105 43.53 34.32 -2.16
N PRO I 106 44.27 34.78 -3.19
CA PRO I 106 43.94 36.05 -3.85
C PRO I 106 42.82 35.90 -4.87
N TYR I 107 42.63 34.69 -5.38
CA TYR I 107 41.68 34.45 -6.46
C TYR I 107 40.74 33.29 -6.16
N TRP I 108 39.44 33.53 -6.30
CA TRP I 108 38.44 32.51 -6.01
C TRP I 108 37.57 32.16 -7.22
N GLY I 109 36.97 30.99 -7.18
CA GLY I 109 36.07 30.55 -8.23
C GLY I 109 34.67 31.11 -8.03
N GLN I 110 33.80 30.89 -9.02
CA GLN I 110 32.45 31.40 -8.98
C GLN I 110 31.63 30.71 -7.89
N GLY I 111 31.93 29.45 -7.65
CA GLY I 111 31.23 28.68 -6.64
C GLY I 111 30.05 27.91 -7.20
N THR I 112 29.98 26.62 -6.86
CA THR I 112 28.87 25.78 -7.31
C THR I 112 28.23 25.07 -6.12
N LEU I 113 26.94 24.80 -6.23
CA LEU I 113 26.19 24.19 -5.14
C LEU I 113 25.93 22.70 -5.35
N VAL I 114 26.27 21.91 -4.35
CA VAL I 114 26.00 20.48 -4.37
C VAL I 114 25.16 20.08 -3.16
N THR I 115 24.02 19.44 -3.44
CA THR I 115 23.11 19.05 -2.38
C THR I 115 23.02 17.54 -2.28
N VAL I 116 23.09 17.03 -1.06
CA VAL I 116 23.06 15.59 -0.83
C VAL I 116 21.68 15.14 -0.36
N SER I 117 20.96 14.45 -1.23
CA SER I 117 19.63 13.98 -0.91
C SER I 117 19.28 12.70 -1.65
N SER I 118 18.41 11.90 -1.05
CA SER I 118 17.95 10.66 -1.67
C SER I 118 16.86 10.95 -2.68
N ALA I 119 16.35 12.17 -2.65
CA ALA I 119 15.26 12.59 -3.53
C ALA I 119 15.70 12.70 -4.98
N SER I 120 14.73 12.65 -5.88
CA SER I 120 14.99 12.76 -7.30
C SER I 120 15.00 14.23 -7.74
N THR I 121 15.19 14.44 -9.04
CA THR I 121 15.22 15.78 -9.60
C THR I 121 13.87 16.14 -10.19
N LYS I 122 13.38 17.35 -9.91
CA LYS I 122 12.19 17.84 -10.59
C LYS I 122 12.45 19.17 -11.29
N GLY I 123 11.85 19.33 -12.47
CA GLY I 123 12.00 20.53 -13.28
C GLY I 123 10.88 21.53 -13.03
N PRO I 124 11.23 22.82 -12.99
CA PRO I 124 10.46 23.95 -12.45
C PRO I 124 9.49 24.65 -13.39
N SER I 125 8.23 24.74 -12.98
CA SER I 125 7.22 25.45 -13.73
C SER I 125 7.36 26.96 -13.57
N VAL I 126 7.21 27.68 -14.67
CA VAL I 126 7.29 29.14 -14.66
C VAL I 126 5.94 29.77 -14.95
N PHE I 127 5.43 30.55 -14.00
CA PHE I 127 4.15 31.22 -14.17
C PHE I 127 4.33 32.72 -14.07
N PRO I 128 3.70 33.47 -14.99
CA PRO I 128 3.81 34.93 -15.00
C PRO I 128 2.95 35.60 -13.93
N LEU I 129 3.45 36.69 -13.38
CA LEU I 129 2.70 37.50 -12.43
C LEU I 129 2.21 38.76 -13.12
N ALA I 130 0.96 39.12 -12.87
CA ALA I 130 0.33 40.24 -13.56
C ALA I 130 0.62 41.59 -12.89
N PRO I 131 1.04 42.58 -13.69
CA PRO I 131 1.35 43.93 -13.22
C PRO I 131 0.16 44.62 -12.55
N SER I 132 0.45 45.70 -11.82
CA SER I 132 -0.57 46.44 -11.09
C SER I 132 -1.68 46.95 -12.01
N SER I 133 -2.89 46.99 -11.48
CA SER I 133 -4.05 47.43 -12.26
C SER I 133 -4.06 48.94 -12.45
N LYS I 134 -3.26 49.65 -11.66
CA LYS I 134 -3.20 51.11 -11.75
C LYS I 134 -2.11 51.58 -12.71
N SER I 135 -2.45 51.60 -14.00
CA SER I 135 -1.52 52.03 -15.03
C SER I 135 -1.64 53.53 -15.26
N THR I 136 -2.71 54.12 -14.74
CA THR I 136 -2.98 55.55 -14.89
C THR I 136 -2.15 56.37 -13.92
N SER I 137 -1.64 55.71 -12.89
CA SER I 137 -0.89 56.38 -11.82
C SER I 137 0.39 57.05 -12.34
N GLY I 138 0.97 56.47 -13.39
CA GLY I 138 2.19 57.02 -13.98
C GLY I 138 3.42 56.73 -13.15
N GLY I 139 3.23 56.12 -11.98
CA GLY I 139 4.33 55.79 -11.10
C GLY I 139 4.96 54.47 -11.47
N THR I 140 5.77 53.93 -10.56
CA THR I 140 6.44 52.66 -10.81
C THR I 140 5.48 51.49 -10.58
N ALA I 141 5.55 50.50 -11.46
CA ALA I 141 4.74 49.29 -11.33
C ALA I 141 5.62 48.06 -11.41
N ALA I 142 5.22 47.00 -10.73
CA ALA I 142 6.04 45.79 -10.63
C ALA I 142 5.40 44.58 -11.33
N LEU I 143 6.27 43.71 -11.84
CA LEU I 143 5.84 42.47 -12.48
C LEU I 143 6.91 41.42 -12.23
N GLY I 144 6.54 40.15 -12.35
CA GLY I 144 7.49 39.10 -12.07
C GLY I 144 7.16 37.73 -12.63
N CYS I 145 8.16 36.84 -12.57
CA CYS I 145 7.98 35.45 -12.97
C CYS I 145 8.06 34.56 -11.75
N LEU I 146 7.12 33.62 -11.66
CA LEU I 146 7.09 32.69 -10.54
C LEU I 146 7.74 31.35 -10.91
N VAL I 147 8.75 30.95 -10.14
CA VAL I 147 9.39 29.66 -10.33
C VAL I 147 8.99 28.73 -9.21
N LYS I 148 8.31 27.64 -9.57
CA LYS I 148 7.72 26.77 -8.56
C LYS I 148 7.99 25.30 -8.83
N ASP I 149 8.07 24.52 -7.76
CA ASP I 149 8.15 23.06 -7.82
C ASP I 149 9.38 22.53 -8.54
N TYR I 150 10.56 22.85 -8.02
CA TYR I 150 11.78 22.28 -8.54
C TYR I 150 12.66 21.71 -7.45
N PHE I 151 13.56 20.82 -7.87
CA PHE I 151 14.51 20.21 -6.96
C PHE I 151 15.64 19.59 -7.77
N PRO I 152 16.89 19.79 -7.31
CA PRO I 152 17.21 20.65 -6.17
C PRO I 152 17.72 22.01 -6.60
N GLU I 153 18.14 22.81 -5.62
CA GLU I 153 18.76 24.11 -5.89
C GLU I 153 20.07 23.94 -6.65
N PRO I 154 20.53 24.99 -7.34
CA PRO I 154 19.92 26.32 -7.50
C PRO I 154 19.28 26.55 -8.86
N VAL I 155 18.54 27.65 -8.96
CA VAL I 155 17.96 28.08 -10.22
C VAL I 155 18.42 29.52 -10.48
N THR I 156 18.67 29.83 -11.75
CA THR I 156 19.11 31.17 -12.11
C THR I 156 18.09 31.90 -12.96
N VAL I 157 17.79 33.13 -12.58
CA VAL I 157 16.78 33.92 -13.28
C VAL I 157 17.35 35.26 -13.73
N SER I 158 17.09 35.61 -14.99
CA SER I 158 17.50 36.89 -15.53
C SER I 158 16.40 37.46 -16.40
N TRP I 159 16.42 38.78 -16.59
CA TRP I 159 15.38 39.46 -17.36
C TRP I 159 15.94 40.09 -18.63
N ASN I 160 15.25 39.84 -19.74
CA ASN I 160 15.66 40.33 -21.05
C ASN I 160 17.09 39.95 -21.41
N SER I 161 17.48 38.74 -21.03
CA SER I 161 18.81 38.20 -21.32
C SER I 161 19.93 39.11 -20.79
N GLY I 162 19.69 39.71 -19.64
CA GLY I 162 20.69 40.54 -18.98
C GLY I 162 20.60 42.02 -19.34
N ALA I 163 19.63 42.37 -20.18
CA ALA I 163 19.43 43.76 -20.57
C ALA I 163 18.89 44.57 -19.40
N LEU I 164 18.03 43.94 -18.62
CA LEU I 164 17.41 44.58 -17.46
C LEU I 164 18.05 44.08 -16.18
N THR I 165 18.85 44.94 -15.54
CA THR I 165 19.56 44.58 -14.33
C THR I 165 19.27 45.54 -13.19
N SER I 166 18.57 46.62 -13.50
CA SER I 166 18.22 47.62 -12.50
C SER I 166 16.85 47.35 -11.89
N GLY I 167 16.79 47.36 -10.56
CA GLY I 167 15.54 47.19 -9.85
C GLY I 167 14.99 45.77 -9.92
N VAL I 168 15.88 44.81 -10.10
CA VAL I 168 15.48 43.41 -10.17
C VAL I 168 15.75 42.69 -8.85
N HIS I 169 14.73 42.03 -8.32
CA HIS I 169 14.87 41.27 -7.08
C HIS I 169 14.49 39.82 -7.29
N THR I 170 15.47 38.93 -7.14
CA THR I 170 15.23 37.50 -7.20
C THR I 170 15.34 36.91 -5.81
N PHE I 171 14.19 36.56 -5.24
CA PHE I 171 14.12 36.08 -3.86
C PHE I 171 14.77 34.70 -3.71
N PRO I 172 15.44 34.49 -2.57
CA PRO I 172 16.01 33.17 -2.27
C PRO I 172 14.90 32.14 -2.10
N ALA I 173 15.15 30.93 -2.57
CA ALA I 173 14.14 29.89 -2.55
C ALA I 173 13.74 29.48 -1.15
N VAL I 174 12.54 28.92 -1.04
CA VAL I 174 12.05 28.39 0.22
C VAL I 174 11.60 26.95 0.02
N LEU I 175 11.80 26.12 1.03
CA LEU I 175 11.46 24.71 0.94
C LEU I 175 9.98 24.52 1.25
N GLN I 176 9.21 24.12 0.24
CA GLN I 176 7.78 23.93 0.41
C GLN I 176 7.47 22.65 1.17
N SER I 177 6.21 22.50 1.55
CA SER I 177 5.74 21.29 2.24
C SER I 177 5.79 20.11 1.27
N SER I 178 5.76 20.42 -0.02
CA SER I 178 5.80 19.40 -1.06
C SER I 178 7.19 18.80 -1.22
N GLY I 179 8.19 19.49 -0.67
CA GLY I 179 9.57 19.06 -0.78
C GLY I 179 10.19 19.62 -2.05
N LEU I 180 9.56 20.65 -2.60
CA LEU I 180 10.03 21.30 -3.81
C LEU I 180 10.33 22.77 -3.53
N TYR I 181 11.50 23.22 -3.97
CA TYR I 181 11.86 24.63 -3.80
C TYR I 181 11.00 25.53 -4.68
N SER I 182 10.81 26.76 -4.23
CA SER I 182 10.00 27.74 -4.97
C SER I 182 10.42 29.15 -4.63
N LEU I 183 10.42 30.02 -5.62
CA LEU I 183 10.74 31.43 -5.41
C LEU I 183 10.09 32.30 -6.48
N SER I 184 10.13 33.61 -6.24
CA SER I 184 9.60 34.56 -7.19
C SER I 184 10.66 35.63 -7.48
N SER I 185 10.74 36.04 -8.73
CA SER I 185 11.65 37.12 -9.12
C SER I 185 10.84 38.28 -9.70
N VAL I 186 11.05 39.47 -9.15
CA VAL I 186 10.25 40.62 -9.54
C VAL I 186 11.12 41.80 -9.97
N VAL I 187 10.53 42.68 -10.76
CA VAL I 187 11.22 43.87 -11.23
C VAL I 187 10.26 45.06 -11.29
N THR I 188 10.74 46.22 -10.84
CA THR I 188 9.96 47.44 -10.86
C THR I 188 10.32 48.29 -12.08
N VAL I 189 9.30 48.69 -12.84
CA VAL I 189 9.49 49.50 -14.04
C VAL I 189 8.46 50.62 -14.05
N PRO I 190 8.74 51.70 -14.79
CA PRO I 190 7.74 52.77 -14.96
C PRO I 190 6.48 52.24 -15.65
N SER I 191 5.32 52.68 -15.18
CA SER I 191 4.04 52.17 -15.65
C SER I 191 3.78 52.46 -17.12
N SER I 192 4.42 53.49 -17.66
CA SER I 192 4.22 53.87 -19.05
C SER I 192 4.89 52.86 -19.98
N SER I 193 5.91 52.19 -19.47
CA SER I 193 6.73 51.29 -20.28
C SER I 193 6.11 49.92 -20.49
N LEU I 194 5.21 49.51 -19.60
CA LEU I 194 4.65 48.15 -19.63
C LEU I 194 3.97 47.81 -20.95
N GLY I 195 3.25 48.78 -21.51
CA GLY I 195 2.55 48.57 -22.77
C GLY I 195 3.50 48.51 -23.95
N THR I 196 4.44 49.45 -23.99
CA THR I 196 5.37 49.56 -25.11
C THR I 196 6.50 48.53 -25.04
N GLN I 197 6.92 48.19 -23.83
CA GLN I 197 8.03 47.27 -23.62
C GLN I 197 7.56 45.88 -23.21
N THR I 198 8.15 44.85 -23.82
CA THR I 198 7.84 43.48 -23.48
C THR I 198 8.89 42.93 -22.52
N TYR I 199 8.45 42.16 -21.54
CA TYR I 199 9.35 41.62 -20.53
C TYR I 199 9.34 40.10 -20.50
N ILE I 200 10.52 39.50 -20.53
CA ILE I 200 10.64 38.05 -20.50
C ILE I 200 11.62 37.61 -19.41
N CYS I 201 11.22 36.60 -18.63
CA CYS I 201 12.10 36.08 -17.59
C CYS I 201 12.85 34.84 -18.08
N ASN I 202 14.17 34.94 -18.10
CA ASN I 202 15.01 33.83 -18.54
C ASN I 202 15.36 32.92 -17.38
N VAL I 203 14.68 31.77 -17.32
CA VAL I 203 14.86 30.83 -16.22
C VAL I 203 15.75 29.67 -16.63
N ASN I 204 16.72 29.35 -15.79
CA ASN I 204 17.64 28.25 -16.07
C ASN I 204 17.83 27.36 -14.85
N HIS I 205 17.81 26.05 -15.09
CA HIS I 205 17.96 25.08 -14.01
C HIS I 205 19.01 24.03 -14.37
N LYS I 206 20.11 24.02 -13.63
CA LYS I 206 21.26 23.19 -13.96
C LYS I 206 21.21 21.69 -13.59
N PRO I 207 20.66 21.34 -12.41
CA PRO I 207 20.57 19.91 -12.08
C PRO I 207 19.79 19.12 -13.13
N SER I 208 18.62 19.61 -13.51
CA SER I 208 17.91 19.09 -14.66
C SER I 208 18.42 19.83 -15.88
N ASN I 209 17.81 19.60 -17.04
CA ASN I 209 18.21 20.34 -18.24
C ASN I 209 17.05 21.13 -18.84
N THR I 210 16.44 21.97 -18.01
CA THR I 210 15.29 22.74 -18.43
C THR I 210 15.61 24.23 -18.53
N LYS I 211 15.21 24.83 -19.63
CA LYS I 211 15.38 26.27 -19.84
C LYS I 211 14.08 26.86 -20.37
N VAL I 212 13.35 27.57 -19.52
CA VAL I 212 12.05 28.09 -19.88
C VAL I 212 12.03 29.62 -19.92
N ASP I 213 11.44 30.17 -20.97
CA ASP I 213 11.20 31.61 -21.06
C ASP I 213 9.71 31.88 -21.07
N LYS I 214 9.29 32.88 -20.31
CA LYS I 214 7.88 33.22 -20.21
C LYS I 214 7.64 34.72 -20.37
N ARG I 215 6.72 35.06 -21.25
CA ARG I 215 6.37 36.45 -21.49
C ARG I 215 5.44 36.95 -20.40
N VAL I 216 5.62 38.21 -20.00
CA VAL I 216 4.79 38.82 -18.98
C VAL I 216 4.00 39.99 -19.55
N GLU I 217 2.67 39.84 -19.55
CA GLU I 217 1.79 40.87 -20.08
C GLU I 217 0.61 41.10 -19.14
N PRO I 218 0.14 42.36 -19.08
CA PRO I 218 -1.04 42.70 -18.26
C PRO I 218 -2.31 42.03 -18.80
N GLU J 1 44.92 21.53 14.65
CA GLU J 1 44.08 22.52 13.96
C GLU J 1 43.90 23.79 14.79
N ILE J 2 44.40 24.89 14.24
CA ILE J 2 44.24 26.20 14.89
C ILE J 2 42.80 26.67 14.73
N VAL J 3 42.23 27.18 15.81
CA VAL J 3 40.84 27.62 15.81
C VAL J 3 40.72 29.12 15.96
N LEU J 4 39.99 29.74 15.02
CA LEU J 4 39.77 31.18 15.05
C LEU J 4 38.39 31.48 15.60
N THR J 5 38.31 32.54 16.41
CA THR J 5 37.04 32.97 16.94
C THR J 5 36.89 34.47 16.75
N GLN J 6 35.82 34.86 16.07
CA GLN J 6 35.59 36.25 15.77
C GLN J 6 34.49 36.83 16.65
N SER J 7 34.55 38.15 16.85
CA SER J 7 33.54 38.84 17.63
C SER J 7 33.34 40.25 17.07
N PRO J 8 32.08 40.68 16.95
CA PRO J 8 30.88 39.89 17.29
C PRO J 8 30.50 38.96 16.14
N ASP J 9 29.62 38.00 16.42
CA ASP J 9 29.13 37.12 15.37
C ASP J 9 28.12 37.85 14.49
N PHE J 10 27.44 38.82 15.10
CA PHE J 10 26.50 39.67 14.37
C PHE J 10 26.65 41.12 14.83
N GLN J 11 26.51 42.04 13.89
CA GLN J 11 26.75 43.44 14.17
C GLN J 11 25.84 44.34 13.33
N SER J 12 25.31 45.38 13.97
CA SER J 12 24.43 46.32 13.28
C SER J 12 24.91 47.75 13.48
N VAL J 13 25.36 48.38 12.40
CA VAL J 13 25.99 49.69 12.48
C VAL J 13 25.30 50.72 11.57
N THR J 14 25.37 51.98 11.98
CA THR J 14 24.88 53.09 11.18
C THR J 14 25.94 53.47 10.14
N PRO J 15 25.50 53.92 8.95
CA PRO J 15 26.42 54.29 7.86
C PRO J 15 27.41 55.38 8.23
N LYS J 16 28.54 55.40 7.55
CA LYS J 16 29.61 56.38 7.78
C LYS J 16 30.11 56.39 9.22
N GLU J 17 30.06 55.23 9.86
CA GLU J 17 30.54 55.09 11.24
C GLU J 17 31.55 53.97 11.34
N LYS J 18 32.33 53.99 12.41
CA LYS J 18 33.39 53.02 12.62
C LYS J 18 32.83 51.63 12.91
N VAL J 19 33.43 50.63 12.27
CA VAL J 19 33.04 49.24 12.47
C VAL J 19 34.27 48.42 12.85
N THR J 20 34.16 47.65 13.92
CA THR J 20 35.30 46.89 14.41
C THR J 20 35.00 45.40 14.55
N ILE J 21 35.97 44.59 14.16
CA ILE J 21 35.87 43.13 14.26
C ILE J 21 37.17 42.58 14.84
N THR J 22 37.04 41.71 15.83
CA THR J 22 38.21 41.14 16.50
C THR J 22 38.38 39.67 16.14
N CYS J 23 39.63 39.23 16.02
CA CYS J 23 39.93 37.85 15.68
C CYS J 23 40.93 37.26 16.66
N ARG J 24 40.43 36.46 17.59
CA ARG J 24 41.28 35.79 18.56
C ARG J 24 41.63 34.39 18.07
N ALA J 25 42.88 33.99 18.28
CA ALA J 25 43.37 32.71 17.77
C ALA J 25 43.84 31.80 18.89
N SER J 26 43.70 30.48 18.71
CA SER J 26 44.05 29.52 19.74
C SER J 26 45.54 29.57 20.11
N GLN J 27 46.39 29.80 19.11
CA GLN J 27 47.82 29.91 19.35
C GLN J 27 48.38 31.18 18.72
N SER J 28 49.56 31.60 19.17
CA SER J 28 50.26 32.73 18.58
C SER J 28 50.53 32.48 17.11
N ILE J 29 50.06 33.40 16.27
CA ILE J 29 50.23 33.29 14.83
C ILE J 29 50.66 34.64 14.26
N SER J 30 51.74 35.18 14.82
CA SER J 30 52.23 36.53 14.51
C SER J 30 52.13 36.84 13.02
N ASP J 31 51.61 38.01 12.70
CA ASP J 31 51.63 38.54 11.33
C ASP J 31 50.75 37.72 10.37
N HIS J 32 50.79 36.40 10.48
CA HIS J 32 50.13 35.53 9.49
C HIS J 32 48.62 35.43 9.70
N LEU J 33 47.91 36.52 9.43
CA LEU J 33 46.46 36.53 9.47
C LEU J 33 45.96 37.22 8.22
N HIS J 34 44.70 36.98 7.85
CA HIS J 34 44.12 37.60 6.67
C HIS J 34 42.66 37.90 6.91
N TRP J 35 42.11 38.81 6.11
CA TRP J 35 40.73 39.20 6.25
C TRP J 35 40.01 39.12 4.92
N TYR J 36 38.80 38.56 4.94
CA TYR J 36 38.01 38.42 3.74
C TYR J 36 36.66 39.10 3.86
N GLN J 37 36.15 39.57 2.72
CA GLN J 37 34.81 40.13 2.66
C GLN J 37 33.96 39.27 1.73
N GLN J 38 32.88 38.71 2.29
CA GLN J 38 32.00 37.87 1.49
C GLN J 38 30.58 38.42 1.42
N LYS J 39 30.24 39.00 0.28
CA LYS J 39 28.87 39.43 0.02
C LYS J 39 28.03 38.19 -0.33
N PRO J 40 26.72 38.25 -0.09
CA PRO J 40 25.86 37.07 -0.30
C PRO J 40 25.86 36.58 -1.75
N ASP J 41 25.83 35.26 -1.92
CA ASP J 41 25.87 34.62 -3.24
C ASP J 41 27.11 35.03 -4.04
N GLN J 42 28.22 35.21 -3.33
CA GLN J 42 29.49 35.55 -3.95
C GLN J 42 30.65 34.86 -3.26
N SER J 43 31.77 34.76 -3.96
CA SER J 43 32.99 34.21 -3.40
C SER J 43 33.65 35.23 -2.48
N PRO J 44 34.34 34.74 -1.43
CA PRO J 44 35.06 35.62 -0.51
C PRO J 44 36.09 36.47 -1.26
N LYS J 45 36.28 37.70 -0.79
CA LYS J 45 37.22 38.61 -1.42
C LYS J 45 38.33 38.95 -0.45
N LEU J 46 39.56 38.96 -0.95
CA LEU J 46 40.71 39.30 -0.13
C LEU J 46 40.76 40.79 0.13
N LEU J 47 40.54 41.19 1.38
CA LEU J 47 40.63 42.59 1.75
C LEU J 47 42.05 42.94 2.15
N ILE J 48 42.52 42.30 3.20
CA ILE J 48 43.78 42.71 3.81
C ILE J 48 44.65 41.52 4.21
N LYS J 49 45.97 41.72 4.13
CA LYS J 49 46.91 40.63 4.42
C LYS J 49 48.06 41.04 5.35
N TYR J 50 48.43 40.10 6.23
CA TYR J 50 49.53 40.24 7.21
C TYR J 50 49.38 40.94 8.59
N ALA J 51 48.19 41.17 9.14
CA ALA J 51 46.91 41.10 8.47
C ALA J 51 46.66 42.46 7.84
N SER J 52 47.58 43.39 8.09
CA SER J 52 47.33 44.82 7.91
C SER J 52 47.58 45.41 6.52
N HIS J 53 48.30 44.72 5.65
CA HIS J 53 48.62 45.27 4.34
C HIS J 53 47.44 45.29 3.39
N ALA J 54 46.99 46.49 3.03
CA ALA J 54 45.90 46.66 2.08
C ALA J 54 46.22 45.96 0.77
N ILE J 55 45.19 45.40 0.14
CA ILE J 55 45.31 44.90 -1.22
C ILE J 55 45.06 46.08 -2.16
N SER J 56 45.43 45.95 -3.43
CA SER J 56 45.27 47.03 -4.39
C SER J 56 43.88 47.00 -5.03
N GLY J 57 42.98 47.84 -4.54
CA GLY J 57 41.62 47.90 -5.04
C GLY J 57 40.63 47.95 -3.89
N VAL J 58 41.16 47.81 -2.68
CA VAL J 58 40.37 47.94 -1.48
C VAL J 58 40.39 49.38 -1.02
N PRO J 59 39.21 49.98 -0.82
CA PRO J 59 39.07 51.39 -0.44
C PRO J 59 39.85 51.72 0.83
N SER J 60 40.15 53.00 1.03
CA SER J 60 41.00 53.45 2.12
C SER J 60 40.38 53.26 3.50
N ARG J 61 39.05 53.22 3.55
CA ARG J 61 38.36 53.12 4.84
C ARG J 61 38.64 51.78 5.51
N PHE J 62 38.87 50.74 4.70
CA PHE J 62 39.24 49.45 5.24
C PHE J 62 40.68 49.47 5.74
N SER J 63 40.89 48.95 6.93
CA SER J 63 42.21 48.86 7.53
C SER J 63 42.27 47.61 8.40
N GLY J 64 43.34 47.49 9.17
CA GLY J 64 43.50 46.34 10.05
C GLY J 64 44.77 46.42 10.86
N SER J 65 44.79 45.68 11.96
CA SER J 65 45.94 45.68 12.85
C SER J 65 45.96 44.41 13.70
N GLY J 66 47.12 44.13 14.28
CA GLY J 66 47.25 43.01 15.18
C GLY J 66 48.55 42.27 15.11
N SER J 67 48.78 41.44 16.11
CA SER J 67 49.93 40.55 16.18
C SER J 67 49.55 39.48 17.18
N GLY J 68 50.37 38.45 17.29
CA GLY J 68 50.14 37.39 18.25
C GLY J 68 48.73 36.82 18.23
N THR J 69 48.18 36.61 19.41
CA THR J 69 46.88 35.96 19.58
C THR J 69 45.69 36.81 19.08
N ASP J 70 45.87 38.13 19.03
CA ASP J 70 44.75 39.02 18.77
C ASP J 70 44.89 39.94 17.54
N PHE J 71 43.85 39.96 16.72
CA PHE J 71 43.81 40.82 15.53
C PHE J 71 42.50 41.59 15.47
N THR J 72 42.56 42.79 14.88
CA THR J 72 41.39 43.64 14.80
C THR J 72 41.19 44.21 13.40
N LEU J 73 39.99 44.02 12.87
CA LEU J 73 39.61 44.58 11.58
C LEU J 73 38.77 45.84 11.80
N THR J 74 39.13 46.92 11.14
CA THR J 74 38.45 48.20 11.36
C THR J 74 37.97 48.82 10.05
N ILE J 75 36.70 49.21 10.01
CA ILE J 75 36.15 49.93 8.89
C ILE J 75 35.92 51.39 9.28
N ASN J 76 36.78 52.28 8.78
CA ASN J 76 36.76 53.67 9.16
C ASN J 76 35.41 54.36 8.91
N SER J 77 34.86 54.14 7.71
CA SER J 77 33.56 54.71 7.36
C SER J 77 32.70 53.66 6.69
N LEU J 78 31.59 53.32 7.33
CA LEU J 78 30.70 52.29 6.82
C LEU J 78 29.90 52.79 5.63
N GLU J 79 30.01 52.09 4.51
CA GLU J 79 29.25 52.46 3.31
C GLU J 79 28.24 51.39 2.95
N ALA J 80 27.33 51.73 2.03
CA ALA J 80 26.25 50.85 1.63
C ALA J 80 26.75 49.52 1.05
N GLU J 81 27.81 49.59 0.26
CA GLU J 81 28.37 48.40 -0.38
C GLU J 81 29.01 47.45 0.62
N ASP J 82 29.41 47.98 1.78
CA ASP J 82 30.15 47.20 2.76
C ASP J 82 29.33 46.11 3.44
N ALA J 83 28.04 46.07 3.16
CA ALA J 83 27.15 45.08 3.76
C ALA J 83 27.53 43.67 3.34
N ALA J 84 28.16 42.93 4.26
CA ALA J 84 28.60 41.56 4.00
C ALA J 84 29.00 40.85 5.29
N THR J 85 29.55 39.66 5.13
CA THR J 85 30.09 38.91 6.25
C THR J 85 31.60 38.76 6.09
N TYR J 86 32.33 38.91 7.19
CA TYR J 86 33.78 38.94 7.13
C TYR J 86 34.42 37.75 7.84
N TYR J 87 35.43 37.18 7.19
CA TYR J 87 36.13 36.01 7.72
C TYR J 87 37.61 36.31 7.91
N CYS J 88 38.27 35.47 8.71
CA CYS J 88 39.71 35.60 8.92
C CYS J 88 40.39 34.23 8.94
N GLN J 89 41.51 34.12 8.23
CA GLN J 89 42.23 32.86 8.16
C GLN J 89 43.73 33.03 8.46
N GLN J 90 44.30 32.01 9.08
CA GLN J 90 45.71 32.04 9.49
C GLN J 90 46.64 31.32 8.51
N GLY J 91 47.83 31.88 8.33
CA GLY J 91 48.80 31.28 7.44
C GLY J 91 49.85 30.48 8.17
N TYR J 92 49.71 30.39 9.49
CA TYR J 92 50.75 29.78 10.32
C TYR J 92 50.98 28.30 10.01
N ASP J 93 49.92 27.52 9.98
CA ASP J 93 50.08 26.08 9.83
C ASP J 93 48.90 25.39 9.19
N PHE J 94 49.19 24.29 8.51
CA PHE J 94 48.17 23.42 7.93
C PHE J 94 47.68 22.49 9.03
N PRO J 95 46.39 22.12 8.98
CA PRO J 95 45.41 22.58 7.99
C PRO J 95 45.02 24.03 8.20
N LEU J 96 44.71 24.70 7.10
CA LEU J 96 44.28 26.10 7.17
C LEU J 96 42.87 26.15 7.72
N THR J 97 42.56 27.23 8.42
CA THR J 97 41.25 27.40 9.03
C THR J 97 40.78 28.83 8.87
N PHE J 98 39.46 29.00 8.91
CA PHE J 98 38.86 30.31 8.81
C PHE J 98 38.12 30.65 10.09
N GLY J 99 37.82 31.93 10.28
CA GLY J 99 37.06 32.37 11.43
C GLY J 99 35.60 31.95 11.34
N GLY J 100 34.86 32.19 12.41
CA GLY J 100 33.45 31.84 12.45
C GLY J 100 32.61 32.72 11.55
N GLY J 101 33.15 33.87 11.18
CA GLY J 101 32.45 34.80 10.33
C GLY J 101 31.74 35.88 11.12
N THR J 102 31.69 37.09 10.56
CA THR J 102 31.05 38.21 11.22
C THR J 102 30.09 38.91 10.27
N LYS J 103 28.80 38.82 10.58
CA LYS J 103 27.79 39.46 9.75
C LYS J 103 27.55 40.90 10.17
N VAL J 104 27.62 41.80 9.21
CA VAL J 104 27.45 43.22 9.47
C VAL J 104 26.23 43.78 8.76
N GLU J 105 25.27 44.25 9.54
CA GLU J 105 24.07 44.85 9.00
C GLU J 105 24.13 46.36 9.10
N ILE J 106 23.82 47.03 8.00
CA ILE J 106 23.79 48.49 7.98
C ILE J 106 22.50 49.00 8.57
N LYS J 107 22.59 49.89 9.55
CA LYS J 107 21.40 50.47 10.17
C LYS J 107 21.02 51.78 9.50
N ARG J 108 20.18 51.70 8.48
CA ARG J 108 19.78 52.89 7.75
C ARG J 108 18.49 53.47 8.30
N THR J 109 18.24 54.74 7.99
CA THR J 109 17.03 55.43 8.41
C THR J 109 15.79 54.68 7.95
N VAL J 110 14.80 54.59 8.83
CA VAL J 110 13.60 53.80 8.60
C VAL J 110 12.88 54.21 7.32
N ALA J 111 12.49 53.20 6.53
CA ALA J 111 11.77 53.44 5.29
C ALA J 111 10.54 52.55 5.19
N ALA J 112 9.45 53.13 4.68
CA ALA J 112 8.19 52.42 4.55
C ALA J 112 8.20 51.48 3.33
N PRO J 113 7.55 50.31 3.46
CA PRO J 113 7.50 49.34 2.37
C PRO J 113 6.48 49.72 1.31
N SER J 114 6.84 49.55 0.04
CA SER J 114 5.90 49.71 -1.06
C SER J 114 5.30 48.34 -1.35
N VAL J 115 4.01 48.21 -1.07
CA VAL J 115 3.35 46.90 -1.12
C VAL J 115 2.56 46.69 -2.40
N PHE J 116 2.74 45.52 -3.00
CA PHE J 116 2.01 45.14 -4.21
C PHE J 116 1.43 43.74 -4.04
N ILE J 117 0.32 43.48 -4.71
CA ILE J 117 -0.29 42.15 -4.66
C ILE J 117 -0.48 41.58 -6.06
N PHE J 118 -0.17 40.29 -6.21
CA PHE J 118 -0.26 39.64 -7.51
C PHE J 118 -1.22 38.45 -7.48
N PRO J 119 -2.17 38.43 -8.43
CA PRO J 119 -3.11 37.32 -8.57
C PRO J 119 -2.44 36.11 -9.19
N PRO J 120 -2.93 34.90 -8.87
CA PRO J 120 -2.37 33.66 -9.44
C PRO J 120 -2.63 33.57 -10.93
N SER J 121 -1.69 32.98 -11.66
CA SER J 121 -1.80 32.86 -13.10
C SER J 121 -2.88 31.88 -13.53
N ASP J 122 -3.62 32.24 -14.58
CA ASP J 122 -4.64 31.35 -15.14
C ASP J 122 -4.00 30.05 -15.65
N GLU J 123 -2.74 30.14 -16.04
CA GLU J 123 -2.01 28.97 -16.53
C GLU J 123 -1.77 27.97 -15.39
N GLN J 124 -1.68 28.49 -14.17
CA GLN J 124 -1.40 27.65 -13.00
C GLN J 124 -2.69 27.07 -12.43
N LEU J 125 -3.81 27.71 -12.73
CA LEU J 125 -5.11 27.24 -12.27
C LEU J 125 -5.44 25.89 -12.91
N LYS J 126 -4.95 25.70 -14.14
CA LYS J 126 -5.12 24.42 -14.83
C LYS J 126 -4.39 23.31 -14.08
N SER J 127 -3.31 23.67 -13.40
CA SER J 127 -2.54 22.70 -12.63
C SER J 127 -3.31 22.22 -11.39
N GLY J 128 -4.28 23.03 -10.95
CA GLY J 128 -5.11 22.68 -9.81
C GLY J 128 -4.66 23.36 -8.54
N THR J 129 -3.64 24.21 -8.64
CA THR J 129 -3.14 24.95 -7.49
C THR J 129 -3.03 26.44 -7.80
N ALA J 130 -3.40 27.26 -6.83
CA ALA J 130 -3.34 28.70 -6.99
C ALA J 130 -2.43 29.33 -5.94
N SER J 131 -1.49 30.14 -6.40
CA SER J 131 -0.56 30.80 -5.50
C SER J 131 -0.66 32.31 -5.63
N VAL J 132 -0.91 32.97 -4.49
CA VAL J 132 -1.01 34.41 -4.45
C VAL J 132 0.18 34.99 -3.69
N VAL J 133 0.86 35.96 -4.29
CA VAL J 133 2.04 36.53 -3.67
C VAL J 133 1.88 38.02 -3.35
N CYS J 134 2.33 38.39 -2.16
CA CYS J 134 2.35 39.79 -1.75
C CYS J 134 3.81 40.21 -1.67
N LEU J 135 4.12 41.40 -2.21
CA LEU J 135 5.49 41.87 -2.22
C LEU J 135 5.66 43.14 -1.38
N LEU J 136 6.64 43.10 -0.48
CA LEU J 136 7.03 44.28 0.28
C LEU J 136 8.43 44.65 -0.21
N ASN J 137 8.53 45.82 -0.85
CA ASN J 137 9.76 46.18 -1.55
C ASN J 137 10.48 47.37 -0.91
N ASN J 138 11.80 47.28 -0.83
CA ASN J 138 12.65 48.34 -0.31
C ASN J 138 12.19 48.94 1.01
N PHE J 139 12.39 48.21 2.09
CA PHE J 139 12.01 48.70 3.41
C PHE J 139 13.08 48.38 4.44
N TYR J 140 13.12 49.18 5.50
CA TYR J 140 13.96 48.91 6.66
C TYR J 140 13.13 49.29 7.88
N PRO J 141 13.16 48.47 8.94
CA PRO J 141 13.88 47.21 9.16
C PRO J 141 13.29 45.99 8.47
N ARG J 142 14.06 44.90 8.48
CA ARG J 142 13.62 43.62 7.92
C ARG J 142 12.35 43.15 8.61
N GLU J 143 12.23 43.48 9.89
CA GLU J 143 11.07 43.10 10.68
C GLU J 143 9.80 43.70 10.13
N ALA J 144 8.87 42.82 9.77
CA ALA J 144 7.58 43.23 9.22
C ALA J 144 6.56 42.10 9.39
N LYS J 145 5.29 42.45 9.39
CA LYS J 145 4.23 41.47 9.58
C LYS J 145 3.26 41.46 8.41
N VAL J 146 3.02 40.27 7.86
CA VAL J 146 2.11 40.12 6.74
C VAL J 146 0.92 39.23 7.11
N GLN J 147 -0.28 39.75 6.92
CA GLN J 147 -1.49 39.01 7.22
C GLN J 147 -2.36 38.84 5.98
N TRP J 148 -2.73 37.60 5.69
CA TRP J 148 -3.59 37.30 4.54
C TRP J 148 -5.06 37.22 4.95
N LYS J 149 -5.91 37.95 4.22
CA LYS J 149 -7.34 37.92 4.48
C LYS J 149 -8.12 37.43 3.26
N VAL J 150 -8.82 36.32 3.44
CA VAL J 150 -9.67 35.78 2.40
C VAL J 150 -11.14 35.97 2.79
N ASP J 151 -11.83 36.86 2.08
CA ASP J 151 -13.18 37.28 2.45
C ASP J 151 -13.20 37.76 3.89
N ASN J 152 -12.21 38.59 4.23
CA ASN J 152 -12.05 39.13 5.57
C ASN J 152 -11.90 38.07 6.66
N ALA J 153 -11.34 36.92 6.28
CA ALA J 153 -11.07 35.85 7.24
C ALA J 153 -9.56 35.66 7.37
N LEU J 154 -9.07 35.75 8.59
CA LEU J 154 -7.64 35.64 8.87
C LEU J 154 -7.12 34.24 8.59
N GLN J 155 -6.07 34.15 7.80
CA GLN J 155 -5.48 32.86 7.44
C GLN J 155 -4.14 32.63 8.09
N SER J 156 -3.87 31.38 8.45
CA SER J 156 -2.60 31.02 9.07
C SER J 156 -2.19 29.59 8.72
N GLY J 157 -0.89 29.40 8.51
CA GLY J 157 -0.34 28.08 8.27
C GLY J 157 -0.27 27.68 6.80
N ASN J 158 -0.78 28.55 5.93
CA ASN J 158 -0.77 28.28 4.50
C ASN J 158 0.07 29.29 3.72
N SER J 159 0.85 30.08 4.43
CA SER J 159 1.68 31.11 3.81
C SER J 159 3.14 30.95 4.18
N GLN J 160 4.01 31.13 3.19
CA GLN J 160 5.45 31.12 3.41
C GLN J 160 6.07 32.45 2.99
N GLU J 161 7.08 32.88 3.73
CA GLU J 161 7.73 34.16 3.46
C GLU J 161 9.20 34.00 3.11
N SER J 162 9.66 34.81 2.17
CA SER J 162 11.06 34.84 1.78
C SER J 162 11.59 36.26 1.84
N VAL J 163 12.77 36.41 2.44
CA VAL J 163 13.40 37.71 2.57
C VAL J 163 14.74 37.73 1.86
N THR J 164 14.99 38.80 1.10
CA THR J 164 16.25 38.91 0.38
C THR J 164 17.32 39.57 1.23
N GLU J 165 18.56 39.52 0.75
CA GLU J 165 19.68 40.12 1.46
C GLU J 165 19.67 41.63 1.31
N GLN J 166 20.45 42.29 2.16
CA GLN J 166 20.52 43.75 2.15
C GLN J 166 21.09 44.26 0.83
N ASP J 167 20.48 45.32 0.31
CA ASP J 167 20.89 45.86 -0.99
C ASP J 167 22.25 46.54 -0.92
N SER J 168 23.01 46.44 -2.00
CA SER J 168 24.34 47.04 -2.07
C SER J 168 24.26 48.56 -2.14
N LYS J 169 23.19 49.07 -2.74
CA LYS J 169 23.06 50.51 -2.99
C LYS J 169 22.27 51.24 -1.90
N ASP J 170 20.99 50.90 -1.75
CA ASP J 170 20.15 51.60 -0.78
C ASP J 170 20.04 50.87 0.57
N SER J 171 20.62 49.67 0.64
CA SER J 171 20.66 48.88 1.87
C SER J 171 19.27 48.59 2.44
N THR J 172 18.31 48.33 1.56
CA THR J 172 16.96 48.02 1.99
C THR J 172 16.62 46.55 1.72
N TYR J 173 15.87 45.96 2.63
CA TYR J 173 15.45 44.57 2.49
C TYR J 173 14.18 44.46 1.66
N SER J 174 13.91 43.25 1.17
CA SER J 174 12.66 42.97 0.45
C SER J 174 12.10 41.63 0.90
N LEU J 175 10.77 41.56 0.98
CA LEU J 175 10.09 40.38 1.48
C LEU J 175 8.94 39.98 0.58
N SER J 176 8.76 38.66 0.40
CA SER J 176 7.67 38.14 -0.42
C SER J 176 6.92 37.06 0.35
N SER J 177 5.61 37.25 0.48
CA SER J 177 4.77 36.26 1.15
C SER J 177 3.91 35.53 0.14
N THR J 178 4.00 34.20 0.13
CA THR J 178 3.28 33.39 -0.84
C THR J 178 2.14 32.60 -0.20
N LEU J 179 0.94 32.83 -0.71
CA LEU J 179 -0.25 32.13 -0.22
C LEU J 179 -0.64 31.04 -1.20
N THR J 180 -0.63 29.79 -0.74
CA THR J 180 -0.91 28.66 -1.61
C THR J 180 -2.25 28.01 -1.29
N LEU J 181 -3.11 27.92 -2.30
CA LEU J 181 -4.42 27.31 -2.15
C LEU J 181 -4.78 26.46 -3.36
N SER J 182 -5.65 25.48 -3.15
CA SER J 182 -6.16 24.66 -4.24
C SER J 182 -7.17 25.45 -5.04
N LYS J 183 -7.29 25.13 -6.33
CA LYS J 183 -8.25 25.81 -7.20
C LYS J 183 -9.68 25.63 -6.67
N ALA J 184 -9.95 24.47 -6.11
CA ALA J 184 -11.25 24.16 -5.52
C ALA J 184 -11.60 25.17 -4.43
N ASP J 185 -10.58 25.57 -3.66
CA ASP J 185 -10.77 26.54 -2.59
C ASP J 185 -10.53 27.96 -3.08
N TYR J 186 -9.79 28.09 -4.18
CA TYR J 186 -9.45 29.39 -4.73
C TYR J 186 -10.66 30.17 -5.23
N GLU J 187 -11.61 29.46 -5.85
CA GLU J 187 -12.78 30.11 -6.43
C GLU J 187 -14.01 30.07 -5.55
N LYS J 188 -13.87 29.50 -4.36
CA LYS J 188 -14.97 29.51 -3.39
C LYS J 188 -14.86 30.75 -2.50
N HIS J 189 -14.21 31.78 -3.04
CA HIS J 189 -14.00 33.03 -2.31
C HIS J 189 -13.86 34.19 -3.30
N LYS J 190 -14.06 35.41 -2.81
CA LYS J 190 -14.05 36.59 -3.67
C LYS J 190 -12.88 37.54 -3.40
N VAL J 191 -12.71 37.94 -2.16
CA VAL J 191 -11.74 38.98 -1.82
C VAL J 191 -10.49 38.43 -1.13
N TYR J 192 -9.34 38.70 -1.74
CA TYR J 192 -8.05 38.35 -1.17
C TYR J 192 -7.30 39.62 -0.80
N ALA J 193 -6.74 39.66 0.41
CA ALA J 193 -6.09 40.87 0.88
C ALA J 193 -4.75 40.62 1.58
N CYS J 194 -3.84 41.57 1.43
CA CYS J 194 -2.53 41.50 2.06
C CYS J 194 -2.35 42.70 2.97
N GLU J 195 -2.27 42.45 4.27
CA GLU J 195 -2.12 43.54 5.25
C GLU J 195 -0.71 43.61 5.82
N VAL J 196 -0.08 44.77 5.64
CA VAL J 196 1.30 44.96 6.03
C VAL J 196 1.43 45.98 7.15
N THR J 197 2.07 45.56 8.24
CA THR J 197 2.32 46.44 9.37
C THR J 197 3.83 46.62 9.55
N HIS J 198 4.30 47.85 9.42
CA HIS J 198 5.71 48.15 9.54
C HIS J 198 5.93 49.44 10.33
N GLN J 199 7.16 49.62 10.82
CA GLN J 199 7.52 50.81 11.57
C GLN J 199 7.40 52.08 10.72
N GLY J 200 7.68 51.93 9.43
CA GLY J 200 7.61 53.06 8.52
C GLY J 200 6.18 53.50 8.25
N LEU J 201 5.24 52.59 8.42
CA LEU J 201 3.82 52.88 8.18
C LEU J 201 3.12 53.34 9.44
N SER J 202 2.41 54.47 9.33
CA SER J 202 1.64 54.99 10.45
C SER J 202 0.49 54.04 10.77
N SER J 203 -0.17 53.56 9.73
CA SER J 203 -1.26 52.59 9.86
C SER J 203 -1.07 51.48 8.84
N PRO J 204 -1.52 50.25 9.19
CA PRO J 204 -1.42 49.08 8.31
C PRO J 204 -2.00 49.34 6.92
N VAL J 205 -1.28 48.89 5.90
CA VAL J 205 -1.70 49.10 4.52
C VAL J 205 -2.17 47.79 3.89
N THR J 206 -3.35 47.82 3.28
CA THR J 206 -3.93 46.64 2.68
C THR J 206 -4.18 46.80 1.18
N LYS J 207 -3.62 45.89 0.39
CA LYS J 207 -3.87 45.86 -1.04
C LYS J 207 -4.62 44.60 -1.43
N SER J 208 -5.74 44.76 -2.12
CA SER J 208 -6.61 43.63 -2.43
C SER J 208 -7.07 43.62 -3.89
N PHE J 209 -7.52 42.46 -4.35
CA PHE J 209 -8.08 42.30 -5.67
C PHE J 209 -9.23 41.29 -5.60
N ASN J 210 -10.08 41.30 -6.63
CA ASN J 210 -11.24 40.42 -6.66
C ASN J 210 -11.20 39.43 -7.82
N ARG J 211 -12.36 38.87 -8.13
CA ARG J 211 -12.51 37.90 -9.22
C ARG J 211 -11.64 36.67 -9.03
N GLN K 1 -57.68 91.92 -20.43
CA GLN K 1 -59.04 91.53 -20.82
C GLN K 1 -59.02 90.57 -22.01
N VAL K 2 -57.84 90.04 -22.30
CA VAL K 2 -57.68 89.12 -23.43
C VAL K 2 -58.19 87.74 -23.07
N GLN K 3 -58.98 87.16 -23.97
CA GLN K 3 -59.47 85.80 -23.79
C GLN K 3 -59.35 85.02 -25.10
N LEU K 4 -59.06 83.74 -24.99
CA LEU K 4 -58.93 82.89 -26.17
C LEU K 4 -59.69 81.60 -25.96
N GLN K 5 -60.37 81.14 -27.01
CA GLN K 5 -61.15 79.93 -26.93
C GLN K 5 -61.07 79.15 -28.24
N GLU K 6 -60.87 77.84 -28.14
CA GLU K 6 -60.69 76.99 -29.30
C GLU K 6 -61.88 76.06 -29.49
N SER K 7 -62.28 75.88 -30.75
CA SER K 7 -63.41 75.02 -31.07
C SER K 7 -63.12 74.21 -32.33
N GLY K 8 -63.60 72.98 -32.35
CA GLY K 8 -63.42 72.10 -33.50
C GLY K 8 -64.11 70.77 -33.34
N PRO K 9 -63.88 69.84 -34.29
CA PRO K 9 -64.45 68.50 -34.26
C PRO K 9 -63.81 67.64 -33.17
N GLY K 10 -64.58 66.73 -32.59
CA GLY K 10 -64.09 65.90 -31.51
C GLY K 10 -63.26 64.71 -31.96
N LEU K 11 -63.54 64.22 -33.16
CA LEU K 11 -62.88 63.03 -33.68
C LEU K 11 -62.50 63.20 -35.15
N VAL K 12 -61.34 62.68 -35.53
CA VAL K 12 -60.91 62.69 -36.91
C VAL K 12 -60.35 61.34 -37.33
N LYS K 13 -60.70 60.90 -38.54
CA LYS K 13 -60.20 59.65 -39.08
C LYS K 13 -58.71 59.79 -39.35
N PRO K 14 -57.97 58.66 -39.23
CA PRO K 14 -56.53 58.72 -39.53
C PRO K 14 -56.30 59.00 -41.02
N SER K 15 -55.14 59.56 -41.33
CA SER K 15 -54.77 59.94 -42.70
C SER K 15 -55.69 61.03 -43.27
N ASP K 16 -56.44 61.69 -42.40
CA ASP K 16 -57.28 62.81 -42.82
C ASP K 16 -56.63 64.12 -42.43
N THR K 17 -57.43 65.18 -42.39
CA THR K 17 -56.94 66.50 -42.04
C THR K 17 -57.62 67.05 -40.79
N LEU K 18 -56.80 67.48 -39.84
CA LEU K 18 -57.30 68.09 -38.60
C LEU K 18 -57.49 69.58 -38.80
N SER K 19 -58.66 70.08 -38.45
CA SER K 19 -58.96 71.50 -38.61
C SER K 19 -59.55 72.09 -37.34
N LEU K 20 -58.88 73.11 -36.80
CA LEU K 20 -59.30 73.75 -35.56
C LEU K 20 -59.28 75.27 -35.71
N THR K 21 -60.13 75.95 -34.94
CA THR K 21 -60.21 77.40 -34.99
C THR K 21 -60.22 77.99 -33.58
N CYS K 22 -59.44 79.05 -33.38
CA CYS K 22 -59.39 79.75 -32.10
C CYS K 22 -59.97 81.16 -32.25
N ALA K 23 -60.86 81.52 -31.34
CA ALA K 23 -61.52 82.82 -31.38
C ALA K 23 -61.02 83.74 -30.26
N VAL K 24 -60.43 84.86 -30.66
CA VAL K 24 -59.87 85.81 -29.70
C VAL K 24 -60.87 86.92 -29.38
N SER K 25 -61.00 87.24 -28.10
CA SER K 25 -61.89 88.31 -27.67
C SER K 25 -61.19 89.23 -26.66
N GLY K 26 -61.46 90.52 -26.76
CA GLY K 26 -60.85 91.48 -25.86
C GLY K 26 -59.61 92.11 -26.44
N TYR K 27 -59.16 91.54 -27.56
CA TYR K 27 -57.98 92.04 -28.26
C TYR K 27 -58.12 91.65 -29.72
N PRO K 28 -57.53 92.46 -30.62
CA PRO K 28 -57.56 92.09 -32.04
C PRO K 28 -56.23 91.54 -32.57
N ILE K 29 -56.32 90.51 -33.42
CA ILE K 29 -55.14 89.83 -33.96
C ILE K 29 -54.27 90.75 -34.80
N ARG K 30 -54.90 91.53 -35.68
CA ARG K 30 -54.16 92.40 -36.60
C ARG K 30 -53.16 93.28 -35.83
N PHE K 31 -53.53 93.65 -34.62
CA PHE K 31 -52.67 94.47 -33.79
C PHE K 31 -51.70 93.55 -33.06
N GLY K 32 -50.53 94.08 -32.73
CA GLY K 32 -49.66 93.46 -31.76
C GLY K 32 -49.05 92.08 -31.93
N TYR K 33 -49.35 91.24 -30.95
CA TYR K 33 -48.48 90.12 -30.60
C TYR K 33 -48.82 88.88 -31.41
N SER K 34 -47.87 87.95 -31.47
CA SER K 34 -48.06 86.71 -32.21
C SER K 34 -49.01 85.78 -31.46
N TRP K 35 -49.65 84.89 -32.19
CA TRP K 35 -50.65 84.00 -31.62
C TRP K 35 -50.27 82.56 -31.94
N HIS K 36 -50.31 81.70 -30.92
CA HIS K 36 -49.70 80.38 -31.01
C HIS K 36 -50.67 79.21 -30.85
N TRP K 37 -50.21 78.05 -31.30
CA TRP K 37 -50.92 76.80 -31.11
C TRP K 37 -50.04 75.82 -30.34
N ILE K 38 -50.57 75.31 -29.23
CA ILE K 38 -49.84 74.36 -28.39
C ILE K 38 -50.66 73.10 -28.21
N ARG K 39 -50.01 71.95 -28.32
CA ARG K 39 -50.71 70.68 -28.10
C ARG K 39 -50.00 69.82 -27.06
N GLN K 40 -50.78 69.09 -26.27
CA GLN K 40 -50.22 68.13 -25.32
C GLN K 40 -50.97 66.80 -25.37
N PRO K 41 -50.25 65.73 -25.74
CA PRO K 41 -50.81 64.38 -25.71
C PRO K 41 -51.19 64.01 -24.28
N PRO K 42 -52.20 63.13 -24.11
CA PRO K 42 -52.67 62.76 -22.78
C PRO K 42 -51.57 62.13 -21.93
N GLY K 43 -51.31 62.73 -20.77
CA GLY K 43 -50.27 62.24 -19.88
C GLY K 43 -48.88 62.52 -20.40
N LYS K 44 -48.78 63.50 -21.29
CA LYS K 44 -47.49 63.89 -21.87
C LYS K 44 -47.24 65.39 -21.73
N GLY K 45 -46.05 65.81 -22.15
CA GLY K 45 -45.65 67.20 -22.05
C GLY K 45 -46.22 68.05 -23.18
N LEU K 46 -46.17 69.37 -22.99
CA LEU K 46 -46.66 70.31 -23.98
C LEU K 46 -45.70 70.43 -25.15
N GLU K 47 -46.26 70.52 -26.35
CA GLU K 47 -45.46 70.70 -27.55
C GLU K 47 -45.86 71.97 -28.29
N TRP K 48 -44.87 72.75 -28.70
CA TRP K 48 -45.13 73.97 -29.45
C TRP K 48 -45.20 73.69 -30.94
N MET K 49 -46.32 74.08 -31.55
CA MET K 49 -46.54 73.78 -32.96
C MET K 49 -46.10 74.90 -33.88
N GLY K 50 -46.59 76.12 -33.62
CA GLY K 50 -46.25 77.25 -34.45
C GLY K 50 -47.03 78.49 -34.07
N TYR K 51 -46.85 79.55 -34.85
CA TYR K 51 -47.56 80.79 -34.59
C TYR K 51 -47.81 81.62 -35.83
N ILE K 52 -48.63 82.64 -35.63
CA ILE K 52 -48.90 83.63 -36.66
C ILE K 52 -48.70 85.02 -36.08
N HIS K 53 -47.95 85.86 -36.79
CA HIS K 53 -47.69 87.21 -36.32
C HIS K 53 -48.89 88.08 -36.66
N TYR K 54 -48.93 89.28 -36.10
CA TYR K 54 -49.95 90.24 -36.50
C TYR K 54 -49.67 90.69 -37.92
N SER K 55 -48.39 90.72 -38.26
CA SER K 55 -47.90 91.18 -39.54
C SER K 55 -48.21 90.11 -40.56
N GLY K 56 -48.41 88.90 -40.08
CA GLY K 56 -48.82 87.79 -40.92
C GLY K 56 -47.73 86.78 -41.20
N TYR K 57 -46.62 86.84 -40.45
CA TYR K 57 -45.62 85.78 -40.55
C TYR K 57 -46.31 84.49 -40.16
N THR K 58 -45.89 83.39 -40.77
CA THR K 58 -46.25 82.08 -40.26
C THR K 58 -44.97 81.31 -40.14
N ASP K 59 -44.71 80.77 -38.94
CA ASP K 59 -43.54 79.92 -38.74
C ASP K 59 -43.97 78.70 -37.95
N PHE K 60 -43.28 77.59 -38.17
CA PHE K 60 -43.70 76.32 -37.58
C PHE K 60 -42.57 75.59 -36.89
N ASN K 61 -42.94 74.69 -36.01
CA ASN K 61 -41.98 73.78 -35.41
C ASN K 61 -41.57 72.73 -36.42
N PRO K 62 -40.27 72.38 -36.44
CA PRO K 62 -39.80 71.30 -37.31
C PRO K 62 -40.45 69.97 -36.95
N SER K 63 -40.17 68.93 -37.75
CA SER K 63 -40.74 67.59 -37.55
C SER K 63 -42.27 67.59 -37.61
N LEU K 64 -42.83 68.71 -38.06
CA LEU K 64 -44.28 68.84 -38.28
C LEU K 64 -44.50 69.66 -39.53
N LYS K 65 -43.65 70.67 -39.70
CA LYS K 65 -43.70 71.66 -40.79
C LYS K 65 -44.45 71.24 -42.05
N THR K 66 -44.04 70.12 -42.63
CA THR K 66 -44.66 69.59 -43.84
C THR K 66 -46.16 69.39 -43.67
N ARG K 67 -46.59 69.14 -42.43
CA ARG K 67 -47.98 68.81 -42.15
C ARG K 67 -48.81 69.99 -41.63
N ILE K 68 -48.14 71.02 -41.12
CA ILE K 68 -48.86 72.09 -40.43
C ILE K 68 -49.00 73.39 -41.24
N THR K 69 -50.19 73.96 -41.19
CA THR K 69 -50.46 75.25 -41.80
C THR K 69 -51.36 76.07 -40.88
N ILE K 70 -51.02 77.34 -40.70
CA ILE K 70 -51.81 78.22 -39.85
C ILE K 70 -52.36 79.40 -40.66
N SER K 71 -53.64 79.68 -40.47
CA SER K 71 -54.29 80.78 -41.17
C SER K 71 -55.17 81.59 -40.21
N ARG K 72 -55.58 82.76 -40.67
CA ARG K 72 -56.41 83.62 -39.84
C ARG K 72 -57.50 84.34 -40.65
N ASP K 73 -58.54 84.75 -39.96
CA ASP K 73 -59.58 85.59 -40.55
C ASP K 73 -59.75 86.83 -39.68
N THR K 74 -59.06 87.90 -40.08
CA THR K 74 -59.02 89.12 -39.29
C THR K 74 -60.40 89.75 -39.07
N SER K 75 -61.29 89.57 -40.05
CA SER K 75 -62.64 90.12 -39.97
C SER K 75 -63.39 89.60 -38.76
N LYS K 76 -63.24 88.31 -38.49
CA LYS K 76 -63.95 87.68 -37.38
C LYS K 76 -63.07 87.59 -36.15
N ASN K 77 -61.86 88.13 -36.26
CA ASN K 77 -60.89 88.10 -35.17
C ASN K 77 -60.58 86.66 -34.76
N GLN K 78 -60.21 85.83 -35.74
CA GLN K 78 -59.93 84.42 -35.49
C GLN K 78 -58.68 83.94 -36.22
N PHE K 79 -58.06 82.88 -35.69
CA PHE K 79 -56.90 82.27 -36.33
C PHE K 79 -56.97 80.74 -36.22
N SER K 80 -56.88 80.07 -37.36
CA SER K 80 -57.16 78.64 -37.44
C SER K 80 -55.92 77.79 -37.67
N LEU K 81 -56.06 76.50 -37.35
CA LEU K 81 -54.97 75.54 -37.48
C LEU K 81 -55.38 74.34 -38.32
N LYS K 82 -54.51 73.92 -39.22
CA LYS K 82 -54.76 72.75 -40.04
C LYS K 82 -53.59 71.77 -40.06
N LEU K 83 -53.89 70.52 -39.73
CA LEU K 83 -52.87 69.47 -39.72
C LEU K 83 -53.28 68.34 -40.65
N SER K 84 -52.38 67.93 -41.53
CA SER K 84 -52.68 66.94 -42.54
C SER K 84 -51.93 65.62 -42.30
N SER K 85 -52.43 64.54 -42.90
CA SER K 85 -51.86 63.21 -42.74
C SER K 85 -51.78 62.83 -41.26
N VAL K 86 -52.89 63.00 -40.57
CA VAL K 86 -52.96 62.79 -39.13
C VAL K 86 -52.79 61.32 -38.76
N THR K 87 -52.02 61.07 -37.71
CA THR K 87 -51.82 59.72 -37.21
C THR K 87 -52.30 59.62 -35.76
N ALA K 88 -52.04 58.48 -35.14
CA ALA K 88 -52.45 58.24 -33.75
C ALA K 88 -51.67 59.13 -32.78
N VAL K 89 -50.49 59.55 -33.19
CA VAL K 89 -49.63 60.38 -32.35
C VAL K 89 -50.24 61.77 -32.13
N ASP K 90 -50.93 62.25 -33.15
CA ASP K 90 -51.49 63.61 -33.12
C ASP K 90 -52.66 63.76 -32.14
N THR K 91 -53.08 62.64 -31.56
CA THR K 91 -54.13 62.66 -30.55
C THR K 91 -53.67 63.45 -29.34
N ALA K 92 -54.29 64.60 -29.10
CA ALA K 92 -53.89 65.48 -28.02
C ALA K 92 -54.94 66.55 -27.74
N VAL K 93 -54.74 67.29 -26.66
CA VAL K 93 -55.50 68.49 -26.39
C VAL K 93 -54.76 69.67 -27.01
N TYR K 94 -55.48 70.53 -27.72
CA TYR K 94 -54.87 71.64 -28.41
C TYR K 94 -55.20 72.98 -27.76
N TYR K 95 -54.19 73.82 -27.62
CA TYR K 95 -54.34 75.12 -26.96
C TYR K 95 -53.98 76.26 -27.90
N CYS K 96 -54.68 77.37 -27.77
CA CYS K 96 -54.33 78.59 -28.48
C CYS K 96 -53.83 79.63 -27.48
N ALA K 97 -52.81 80.38 -27.85
CA ALA K 97 -52.18 81.30 -26.91
C ALA K 97 -51.44 82.48 -27.57
N ARG K 98 -51.01 83.41 -26.74
CA ARG K 98 -50.33 84.63 -27.18
C ARG K 98 -48.84 84.55 -26.93
N LYS K 99 -48.03 84.83 -27.96
CA LYS K 99 -46.58 84.90 -27.78
C LYS K 99 -46.23 85.93 -26.72
N ASP K 100 -47.03 86.98 -26.69
CA ASP K 100 -46.67 88.19 -25.98
C ASP K 100 -45.31 88.65 -26.55
N SER K 101 -44.38 88.96 -25.67
CA SER K 101 -43.06 89.41 -26.07
C SER K 101 -42.02 88.58 -25.31
N GLY K 102 -40.83 88.39 -25.84
CA GLY K 102 -39.84 87.60 -25.14
C GLY K 102 -40.25 86.15 -24.95
N ASN K 103 -41.24 85.72 -25.72
CA ASN K 103 -41.59 84.32 -25.88
C ASN K 103 -42.04 83.60 -24.61
N TYR K 104 -42.93 84.25 -23.87
CA TYR K 104 -43.67 83.61 -22.78
C TYR K 104 -45.14 83.78 -23.10
N PHE K 105 -45.93 82.77 -22.81
CA PHE K 105 -47.36 82.83 -23.08
C PHE K 105 -48.10 83.19 -21.81
N PRO K 106 -48.43 84.49 -21.63
CA PRO K 106 -49.10 84.92 -20.40
C PRO K 106 -50.58 84.57 -20.47
N TYR K 107 -51.08 84.40 -21.69
CA TYR K 107 -52.49 84.15 -21.92
C TYR K 107 -52.70 82.87 -22.68
N TRP K 108 -53.51 81.98 -22.11
CA TRP K 108 -53.81 80.69 -22.70
C TRP K 108 -55.31 80.52 -22.92
N GLY K 109 -55.66 79.63 -23.83
CA GLY K 109 -57.06 79.31 -24.09
C GLY K 109 -57.56 78.21 -23.18
N GLN K 110 -58.81 77.82 -23.38
CA GLN K 110 -59.42 76.77 -22.55
C GLN K 110 -58.88 75.38 -22.86
N GLY K 111 -58.56 75.15 -24.12
CA GLY K 111 -58.05 73.85 -24.55
C GLY K 111 -59.16 72.94 -25.04
N THR K 112 -58.97 72.35 -26.21
CA THR K 112 -59.94 71.42 -26.77
C THR K 112 -59.29 70.08 -27.12
N LEU K 113 -60.06 69.01 -27.03
CA LEU K 113 -59.54 67.67 -27.24
C LEU K 113 -59.87 67.13 -28.62
N VAL K 114 -58.86 66.61 -29.31
CA VAL K 114 -59.06 65.95 -30.59
C VAL K 114 -58.50 64.53 -30.54
N THR K 115 -59.34 63.55 -30.83
CA THR K 115 -58.94 62.15 -30.78
C THR K 115 -58.92 61.54 -32.18
N VAL K 116 -57.86 60.80 -32.47
CA VAL K 116 -57.68 60.20 -33.79
C VAL K 116 -58.01 58.71 -33.76
N SER K 117 -59.13 58.34 -34.35
CA SER K 117 -59.55 56.95 -34.39
C SER K 117 -60.37 56.64 -35.64
N SER K 118 -60.29 55.40 -36.10
CA SER K 118 -61.04 54.95 -37.26
C SER K 118 -62.47 54.61 -36.86
N ALA K 119 -62.68 54.39 -35.57
CA ALA K 119 -63.99 54.05 -35.04
C ALA K 119 -64.98 55.19 -35.25
N SER K 120 -66.24 54.84 -35.39
CA SER K 120 -67.29 55.84 -35.49
C SER K 120 -67.62 56.35 -34.08
N THR K 121 -68.67 57.14 -33.97
CA THR K 121 -69.04 57.70 -32.68
C THR K 121 -70.29 57.02 -32.12
N LYS K 122 -70.20 56.54 -30.88
CA LYS K 122 -71.34 55.92 -30.24
C LYS K 122 -71.92 56.80 -29.13
N GLY K 123 -73.24 56.90 -29.09
CA GLY K 123 -73.94 57.70 -28.09
C GLY K 123 -74.32 56.87 -26.88
N PRO K 124 -74.11 57.42 -25.67
CA PRO K 124 -74.08 56.64 -24.42
C PRO K 124 -75.36 56.62 -23.58
N SER K 125 -75.52 55.50 -22.87
CA SER K 125 -76.66 55.29 -21.99
C SER K 125 -76.37 55.79 -20.58
N VAL K 126 -77.37 56.42 -19.98
CA VAL K 126 -77.25 56.94 -18.63
C VAL K 126 -78.13 56.13 -17.68
N PHE K 127 -77.49 55.44 -16.73
CA PHE K 127 -78.21 54.65 -15.74
C PHE K 127 -78.00 55.24 -14.36
N PRO K 128 -79.08 55.36 -13.58
CA PRO K 128 -78.98 55.95 -12.24
C PRO K 128 -78.44 54.94 -11.23
N LEU K 129 -77.66 55.43 -10.27
CA LEU K 129 -77.24 54.61 -9.15
C LEU K 129 -78.15 54.93 -7.97
N ALA K 130 -78.67 53.89 -7.33
CA ALA K 130 -79.59 54.08 -6.22
C ALA K 130 -78.83 54.40 -4.92
N PRO K 131 -79.22 55.51 -4.27
CA PRO K 131 -78.60 55.92 -3.00
C PRO K 131 -78.71 54.83 -1.94
N SER K 132 -77.89 54.93 -0.90
CA SER K 132 -77.88 53.95 0.17
C SER K 132 -79.26 53.80 0.80
N SER K 133 -79.59 52.58 1.22
CA SER K 133 -80.88 52.30 1.84
C SER K 133 -80.98 52.92 3.23
N LYS K 134 -79.84 53.33 3.77
CA LYS K 134 -79.81 53.93 5.10
C LYS K 134 -79.95 55.45 5.06
N SER K 135 -81.18 55.90 4.81
CA SER K 135 -81.51 57.32 4.92
C SER K 135 -81.85 57.61 6.37
N THR K 136 -82.10 56.54 7.12
CA THR K 136 -82.42 56.62 8.53
C THR K 136 -81.16 56.82 9.36
N SER K 137 -80.01 56.54 8.74
CA SER K 137 -78.72 56.64 9.41
C SER K 137 -78.41 58.06 9.89
N GLY K 138 -78.98 59.04 9.20
CA GLY K 138 -78.78 60.44 9.56
C GLY K 138 -77.45 60.98 9.08
N GLY K 139 -76.61 60.10 8.58
CA GLY K 139 -75.29 60.50 8.09
C GLY K 139 -75.34 60.91 6.63
N THR K 140 -74.16 61.07 6.05
CA THR K 140 -74.05 61.46 4.64
C THR K 140 -74.30 60.26 3.74
N ALA K 141 -75.04 60.49 2.65
CA ALA K 141 -75.33 59.44 1.70
C ALA K 141 -74.94 59.89 0.30
N ALA K 142 -74.53 58.94 -0.53
CA ALA K 142 -74.07 59.27 -1.87
C ALA K 142 -74.98 58.69 -2.95
N LEU K 143 -75.00 59.35 -4.10
CA LEU K 143 -75.74 58.89 -5.26
C LEU K 143 -74.98 59.29 -6.51
N GLY K 144 -75.27 58.65 -7.63
CA GLY K 144 -74.54 58.93 -8.85
C GLY K 144 -75.23 58.52 -10.14
N CYS K 145 -74.70 59.04 -11.25
CA CYS K 145 -75.17 58.68 -12.57
C CYS K 145 -74.10 57.90 -13.32
N LEU K 146 -74.49 56.80 -13.93
CA LEU K 146 -73.55 55.97 -14.70
C LEU K 146 -73.66 56.28 -16.18
N VAL K 147 -72.52 56.67 -16.78
CA VAL K 147 -72.48 56.93 -18.21
C VAL K 147 -71.63 55.86 -18.89
N LYS K 148 -72.25 55.11 -19.79
CA LYS K 148 -71.59 53.94 -20.34
C LYS K 148 -71.69 53.84 -21.86
N ASP K 149 -70.66 53.25 -22.47
CA ASP K 149 -70.63 52.95 -23.89
C ASP K 149 -70.71 54.18 -24.79
N TYR K 150 -69.74 55.08 -24.65
CA TYR K 150 -69.64 56.21 -25.57
C TYR K 150 -68.27 56.33 -26.20
N PHE K 151 -68.25 57.06 -27.31
CA PHE K 151 -67.01 57.32 -28.03
C PHE K 151 -67.24 58.49 -28.99
N PRO K 152 -66.28 59.42 -29.04
CA PRO K 152 -65.09 59.43 -28.19
C PRO K 152 -65.22 60.44 -27.06
N GLU K 153 -64.16 60.60 -26.27
CA GLU K 153 -64.13 61.62 -25.23
C GLU K 153 -64.17 63.02 -25.86
N PRO K 154 -64.60 64.03 -25.09
CA PRO K 154 -65.00 64.00 -23.68
C PRO K 154 -66.50 64.05 -23.47
N VAL K 155 -66.91 63.79 -22.23
CA VAL K 155 -68.30 63.92 -21.81
C VAL K 155 -68.35 64.91 -20.64
N THR K 156 -69.40 65.72 -20.59
CA THR K 156 -69.55 66.70 -19.53
C THR K 156 -70.69 66.35 -18.60
N VAL K 157 -70.40 66.35 -17.30
CA VAL K 157 -71.40 65.99 -16.30
C VAL K 157 -71.57 67.09 -15.25
N SER K 158 -72.82 67.44 -14.97
CA SER K 158 -73.13 68.41 -13.94
C SER K 158 -74.39 67.99 -13.19
N TRP K 159 -74.54 68.48 -11.97
CA TRP K 159 -75.67 68.10 -11.13
C TRP K 159 -76.58 69.29 -10.84
N ASN K 160 -77.89 69.08 -11.02
CA ASN K 160 -78.88 70.12 -10.85
C ASN K 160 -78.57 71.38 -11.68
N SER K 161 -78.09 71.16 -12.90
CA SER K 161 -77.75 72.24 -13.82
C SER K 161 -76.73 73.21 -13.24
N GLY K 162 -75.78 72.67 -12.47
CA GLY K 162 -74.72 73.48 -11.90
C GLY K 162 -75.02 74.02 -10.52
N ALA K 163 -76.21 73.71 -10.00
CA ALA K 163 -76.60 74.15 -8.66
C ALA K 163 -75.79 73.41 -7.60
N LEU K 164 -75.51 72.14 -7.88
CA LEU K 164 -74.77 71.29 -6.97
C LEU K 164 -73.35 71.08 -7.45
N THR K 165 -72.39 71.72 -6.79
CA THR K 165 -70.99 71.65 -7.19
C THR K 165 -70.11 71.19 -6.04
N SER K 166 -70.70 71.07 -4.86
CA SER K 166 -69.95 70.65 -3.68
C SER K 166 -70.04 69.15 -3.47
N GLY K 167 -68.89 68.52 -3.26
CA GLY K 167 -68.81 67.10 -3.01
C GLY K 167 -69.14 66.25 -4.23
N VAL K 168 -68.89 66.80 -5.40
CA VAL K 168 -69.11 66.06 -6.65
C VAL K 168 -67.80 65.54 -7.23
N HIS K 169 -67.77 64.24 -7.50
CA HIS K 169 -66.59 63.61 -8.08
C HIS K 169 -66.93 62.96 -9.42
N THR K 170 -66.31 63.45 -10.48
CA THR K 170 -66.47 62.85 -11.80
C THR K 170 -65.18 62.14 -12.19
N PHE K 171 -65.21 60.82 -12.16
CA PHE K 171 -64.04 60.01 -12.44
C PHE K 171 -63.65 60.08 -13.91
N PRO K 172 -62.34 60.02 -14.19
CA PRO K 172 -61.87 59.98 -15.58
C PRO K 172 -62.32 58.70 -16.25
N ALA K 173 -62.67 58.79 -17.54
CA ALA K 173 -63.19 57.65 -18.28
C ALA K 173 -62.15 56.55 -18.42
N VAL K 174 -62.63 55.32 -18.61
CA VAL K 174 -61.76 54.18 -18.82
C VAL K 174 -62.16 53.44 -20.07
N LEU K 175 -61.17 52.90 -20.76
CA LEU K 175 -61.40 52.19 -22.01
C LEU K 175 -61.77 50.73 -21.74
N GLN K 176 -63.01 50.38 -22.07
CA GLN K 176 -63.48 49.00 -21.90
C GLN K 176 -62.88 48.11 -22.98
N SER K 177 -63.10 46.81 -22.84
CA SER K 177 -62.63 45.84 -23.82
C SER K 177 -63.40 46.01 -25.13
N SER K 178 -64.60 46.56 -25.03
CA SER K 178 -65.44 46.82 -26.19
C SER K 178 -64.90 47.95 -27.05
N GLY K 179 -64.05 48.78 -26.45
CA GLY K 179 -63.47 49.91 -27.15
C GLY K 179 -64.30 51.16 -26.98
N LEU K 180 -65.18 51.15 -25.98
CA LEU K 180 -66.04 52.29 -25.69
C LEU K 180 -65.80 52.81 -24.27
N TYR K 181 -65.70 54.13 -24.14
CA TYR K 181 -65.44 54.74 -22.85
C TYR K 181 -66.63 54.61 -21.90
N SER K 182 -66.33 54.65 -20.60
CA SER K 182 -67.37 54.57 -19.57
C SER K 182 -66.87 55.21 -18.28
N LEU K 183 -67.79 55.85 -17.56
CA LEU K 183 -67.43 56.50 -16.31
C LEU K 183 -68.65 56.69 -15.41
N SER K 184 -68.38 57.05 -14.17
CA SER K 184 -69.44 57.30 -13.20
C SER K 184 -69.15 58.60 -12.47
N SER K 185 -70.20 59.37 -12.23
CA SER K 185 -70.09 60.63 -11.49
C SER K 185 -71.00 60.56 -10.26
N VAL K 186 -70.43 60.81 -9.09
CA VAL K 186 -71.16 60.66 -7.84
C VAL K 186 -71.13 61.92 -6.98
N VAL K 187 -72.11 62.02 -6.09
CA VAL K 187 -72.20 63.16 -5.18
C VAL K 187 -72.73 62.74 -3.81
N THR K 188 -72.12 63.28 -2.77
CA THR K 188 -72.54 62.98 -1.39
C THR K 188 -73.45 64.07 -0.84
N VAL K 189 -74.57 63.65 -0.27
CA VAL K 189 -75.55 64.57 0.30
C VAL K 189 -76.04 64.07 1.65
N PRO K 190 -76.51 64.99 2.51
CA PRO K 190 -77.14 64.61 3.78
C PRO K 190 -78.38 63.74 3.56
N SER K 191 -78.56 62.74 4.42
CA SER K 191 -79.65 61.77 4.27
C SER K 191 -81.03 62.41 4.38
N SER K 192 -81.12 63.53 5.11
CA SER K 192 -82.38 64.24 5.29
C SER K 192 -82.85 64.88 3.99
N SER K 193 -81.89 65.17 3.11
CA SER K 193 -82.17 65.86 1.86
C SER K 193 -82.77 64.94 0.80
N LEU K 194 -82.55 63.63 0.94
CA LEU K 194 -83.00 62.66 -0.06
C LEU K 194 -84.49 62.71 -0.36
N GLY K 195 -85.30 62.82 0.69
CA GLY K 195 -86.74 62.86 0.53
C GLY K 195 -87.23 64.19 -0.02
N THR K 196 -86.73 65.28 0.54
CA THR K 196 -87.21 66.62 0.18
C THR K 196 -86.59 67.17 -1.10
N GLN K 197 -85.34 66.81 -1.36
CA GLN K 197 -84.61 67.37 -2.51
C GLN K 197 -84.47 66.35 -3.64
N THR K 198 -84.72 66.80 -4.86
CA THR K 198 -84.60 65.95 -6.04
C THR K 198 -83.25 66.20 -6.72
N TYR K 199 -82.63 65.13 -7.21
CA TYR K 199 -81.33 65.21 -7.85
C TYR K 199 -81.37 64.73 -9.29
N ILE K 200 -80.82 65.54 -10.20
CA ILE K 200 -80.80 65.21 -11.61
C ILE K 200 -79.39 65.34 -12.17
N CYS K 201 -78.92 64.31 -12.87
CA CYS K 201 -77.59 64.36 -13.49
C CYS K 201 -77.66 64.90 -14.92
N ASN K 202 -76.96 66.00 -15.15
CA ASN K 202 -76.93 66.60 -16.48
C ASN K 202 -75.75 66.09 -17.29
N VAL K 203 -76.04 65.21 -18.24
CA VAL K 203 -75.00 64.60 -19.06
C VAL K 203 -75.00 65.21 -20.46
N ASN K 204 -73.81 65.58 -20.93
CA ASN K 204 -73.66 66.16 -22.25
C ASN K 204 -72.51 65.54 -23.04
N HIS K 205 -72.78 65.22 -24.31
CA HIS K 205 -71.79 64.60 -25.17
C HIS K 205 -71.77 65.31 -26.53
N LYS K 206 -70.68 66.02 -26.81
CA LYS K 206 -70.58 66.83 -28.02
C LYS K 206 -70.50 66.10 -29.37
N PRO K 207 -69.64 65.07 -29.49
CA PRO K 207 -69.52 64.40 -30.80
C PRO K 207 -70.85 63.85 -31.35
N SER K 208 -71.64 63.22 -30.50
CA SER K 208 -72.90 62.62 -30.95
C SER K 208 -74.10 63.52 -30.65
N ASN K 209 -73.82 64.72 -30.14
CA ASN K 209 -74.86 65.68 -29.77
C ASN K 209 -75.90 65.10 -28.81
N THR K 210 -75.43 64.56 -27.70
CA THR K 210 -76.31 63.89 -26.75
C THR K 210 -76.48 64.71 -25.46
N LYS K 211 -77.72 64.87 -25.03
CA LYS K 211 -78.04 65.57 -23.79
C LYS K 211 -79.07 64.79 -23.00
N VAL K 212 -78.63 64.14 -21.92
CA VAL K 212 -79.51 63.30 -21.13
C VAL K 212 -79.65 63.80 -19.70
N ASP K 213 -80.88 63.83 -19.21
CA ASP K 213 -81.16 64.17 -17.82
C ASP K 213 -81.81 62.99 -17.11
N LYS K 214 -81.34 62.68 -15.91
CA LYS K 214 -81.85 61.54 -15.15
C LYS K 214 -82.07 61.89 -13.68
N ARG K 215 -83.28 61.65 -13.20
CA ARG K 215 -83.62 61.86 -11.80
C ARG K 215 -83.15 60.66 -10.99
N VAL K 216 -82.61 60.92 -9.80
CA VAL K 216 -82.08 59.85 -8.96
C VAL K 216 -82.79 59.78 -7.62
N GLU K 217 -83.54 58.70 -7.40
CA GLU K 217 -84.27 58.48 -6.16
C GLU K 217 -84.26 57.00 -5.79
N PRO K 218 -84.23 56.69 -4.48
CA PRO K 218 -84.26 55.31 -4.02
C PRO K 218 -85.60 54.64 -4.34
N GLU L 1 -33.07 72.21 -31.80
CA GLU L 1 -34.04 72.12 -30.71
C GLU L 1 -33.35 72.01 -29.34
N ILE L 2 -33.57 73.01 -28.51
CA ILE L 2 -33.05 73.00 -27.14
C ILE L 2 -33.89 72.06 -26.29
N VAL L 3 -33.22 71.22 -25.50
CA VAL L 3 -33.92 70.22 -24.70
C VAL L 3 -33.86 70.56 -23.21
N LEU L 4 -35.03 70.66 -22.58
CA LEU L 4 -35.10 70.91 -21.14
C LEU L 4 -35.31 69.60 -20.41
N THR L 5 -34.67 69.46 -19.25
CA THR L 5 -34.84 68.28 -18.42
C THR L 5 -35.10 68.66 -16.98
N GLN L 6 -36.25 68.23 -16.46
CA GLN L 6 -36.64 68.60 -15.12
C GLN L 6 -36.41 67.47 -14.12
N SER L 7 -36.22 67.84 -12.87
CA SER L 7 -36.08 66.87 -11.79
C SER L 7 -36.67 67.45 -10.51
N PRO L 8 -37.43 66.63 -9.78
CA PRO L 8 -37.75 65.24 -10.11
C PRO L 8 -38.92 65.14 -11.08
N ASP L 9 -39.12 63.98 -11.66
CA ASP L 9 -40.26 63.76 -12.54
C ASP L 9 -41.53 63.65 -11.70
N PHE L 10 -41.39 63.10 -10.51
CA PHE L 10 -42.49 63.01 -9.57
C PHE L 10 -42.00 63.40 -8.18
N GLN L 11 -42.87 64.04 -7.42
CA GLN L 11 -42.47 64.55 -6.11
C GLN L 11 -43.62 64.48 -5.11
N SER L 12 -43.29 64.10 -3.88
CA SER L 12 -44.28 64.01 -2.81
C SER L 12 -43.82 64.78 -1.59
N VAL L 13 -44.54 65.85 -1.26
CA VAL L 13 -44.12 66.75 -0.18
C VAL L 13 -45.24 66.97 0.84
N THR L 14 -44.83 67.22 2.09
CA THR L 14 -45.76 67.57 3.16
C THR L 14 -46.18 69.03 3.05
N PRO L 15 -47.43 69.34 3.43
CA PRO L 15 -47.95 70.70 3.38
C PRO L 15 -47.11 71.68 4.20
N LYS L 16 -47.16 72.95 3.82
CA LYS L 16 -46.46 74.02 4.53
C LYS L 16 -44.95 73.81 4.56
N GLU L 17 -44.42 73.14 3.55
CA GLU L 17 -42.99 72.87 3.46
C GLU L 17 -42.41 73.30 2.12
N LYS L 18 -41.09 73.43 2.08
CA LYS L 18 -40.41 73.91 0.89
C LYS L 18 -40.39 72.85 -0.21
N VAL L 19 -40.63 73.29 -1.44
CA VAL L 19 -40.64 72.41 -2.60
C VAL L 19 -39.71 72.98 -3.66
N THR L 20 -38.82 72.14 -4.19
CA THR L 20 -37.85 72.59 -5.16
C THR L 20 -37.91 71.76 -6.44
N ILE L 21 -37.80 72.45 -7.58
CA ILE L 21 -37.78 71.79 -8.88
C ILE L 21 -36.65 72.38 -9.71
N THR L 22 -35.86 71.51 -10.34
CA THR L 22 -34.70 71.94 -11.11
C THR L 22 -34.94 71.81 -12.60
N CYS L 23 -34.39 72.74 -13.37
CA CYS L 23 -34.56 72.74 -14.81
C CYS L 23 -33.21 72.91 -15.51
N ARG L 24 -32.66 71.80 -16.00
CA ARG L 24 -31.39 71.82 -16.71
C ARG L 24 -31.65 71.87 -18.22
N ALA L 25 -30.82 72.63 -18.93
CA ALA L 25 -31.00 72.84 -20.37
C ALA L 25 -29.84 72.27 -21.18
N SER L 26 -30.09 71.96 -22.45
CA SER L 26 -29.08 71.35 -23.33
C SER L 26 -27.88 72.25 -23.51
N GLN L 27 -28.14 73.54 -23.64
CA GLN L 27 -27.08 74.52 -23.80
C GLN L 27 -27.44 75.76 -23.00
N SER L 28 -26.43 76.58 -22.72
CA SER L 28 -26.63 77.82 -21.97
C SER L 28 -27.71 78.68 -22.61
N ILE L 29 -28.69 79.07 -21.81
CA ILE L 29 -29.78 79.90 -22.31
C ILE L 29 -29.85 81.21 -21.55
N SER L 30 -28.88 81.39 -20.65
CA SER L 30 -28.76 82.63 -19.89
C SER L 30 -30.06 83.01 -19.18
N ASP L 31 -30.50 84.23 -19.43
CA ASP L 31 -31.62 84.83 -18.71
C ASP L 31 -32.98 84.18 -19.00
N HIS L 32 -33.15 83.71 -20.23
CA HIS L 32 -34.47 83.35 -20.73
C HIS L 32 -34.98 81.98 -20.29
N LEU L 33 -35.81 81.96 -19.26
CA LEU L 33 -36.56 80.76 -18.89
C LEU L 33 -37.85 81.16 -18.17
N HIS L 34 -38.87 80.33 -18.31
CA HIS L 34 -40.17 80.60 -17.69
C HIS L 34 -40.71 79.37 -16.98
N TRP L 35 -41.70 79.59 -16.12
CA TRP L 35 -42.29 78.50 -15.34
C TRP L 35 -43.80 78.53 -15.41
N TYR L 36 -44.39 77.36 -15.61
CA TYR L 36 -45.85 77.24 -15.70
C TYR L 36 -46.41 76.23 -14.71
N GLN L 37 -47.63 76.50 -14.26
CA GLN L 37 -48.35 75.60 -13.38
C GLN L 37 -49.60 75.09 -14.06
N GLN L 38 -49.71 73.78 -14.22
CA GLN L 38 -50.86 73.18 -14.87
C GLN L 38 -51.63 72.23 -13.96
N LYS L 39 -52.76 72.70 -13.43
CA LYS L 39 -53.65 71.84 -12.67
C LYS L 39 -54.36 70.91 -13.65
N PRO L 40 -54.81 69.73 -13.17
CA PRO L 40 -55.43 68.75 -14.08
C PRO L 40 -56.68 69.30 -14.76
N ASP L 41 -56.85 68.97 -16.04
CA ASP L 41 -57.97 69.43 -16.84
C ASP L 41 -58.07 70.95 -16.90
N GLN L 42 -56.92 71.61 -16.88
CA GLN L 42 -56.87 73.06 -16.99
C GLN L 42 -55.67 73.50 -17.83
N SER L 43 -55.73 74.73 -18.32
CA SER L 43 -54.64 75.31 -19.08
C SER L 43 -53.52 75.76 -18.16
N PRO L 44 -52.26 75.65 -18.64
CA PRO L 44 -51.10 76.10 -17.88
C PRO L 44 -51.21 77.58 -17.48
N LYS L 45 -50.75 77.90 -16.29
CA LYS L 45 -50.75 79.28 -15.83
C LYS L 45 -49.32 79.78 -15.70
N LEU L 46 -49.12 81.05 -16.05
CA LEU L 46 -47.80 81.65 -15.98
C LEU L 46 -47.44 82.07 -14.56
N LEU L 47 -46.38 81.46 -14.04
CA LEU L 47 -45.94 81.72 -12.68
C LEU L 47 -44.78 82.69 -12.61
N ILE L 48 -43.67 82.30 -13.23
CA ILE L 48 -42.43 83.06 -13.14
C ILE L 48 -41.79 83.24 -14.52
N LYS L 49 -41.07 84.35 -14.65
CA LYS L 49 -40.52 84.77 -15.92
C LYS L 49 -39.10 85.32 -15.76
N TYR L 50 -38.17 84.83 -16.58
CA TYR L 50 -36.81 85.42 -16.72
C TYR L 50 -35.66 85.28 -15.70
N ALA L 51 -35.62 84.25 -14.85
CA ALA L 51 -36.68 83.34 -14.51
C ALA L 51 -36.86 83.57 -13.01
N SER L 52 -36.76 84.83 -12.60
CA SER L 52 -36.83 85.17 -11.20
C SER L 52 -37.93 86.18 -10.93
N HIS L 53 -38.70 86.51 -11.96
CA HIS L 53 -39.73 87.54 -11.82
C HIS L 53 -41.12 86.97 -11.58
N ALA L 54 -41.67 87.37 -10.44
CA ALA L 54 -43.02 86.99 -10.08
C ALA L 54 -43.99 87.67 -11.01
N ILE L 55 -45.17 87.07 -11.14
CA ILE L 55 -46.21 87.66 -11.95
C ILE L 55 -47.22 88.28 -10.98
N SER L 56 -47.95 89.30 -11.44
CA SER L 56 -48.89 90.00 -10.58
C SER L 56 -50.13 89.16 -10.33
N GLY L 57 -50.16 88.44 -9.21
CA GLY L 57 -51.28 87.58 -8.87
C GLY L 57 -50.80 86.25 -8.34
N VAL L 58 -49.50 86.01 -8.47
CA VAL L 58 -48.87 84.81 -7.94
C VAL L 58 -48.40 85.09 -6.52
N PRO L 59 -48.79 84.22 -5.56
CA PRO L 59 -48.43 84.38 -4.15
C PRO L 59 -46.93 84.47 -3.93
N SER L 60 -46.53 85.04 -2.81
CA SER L 60 -45.12 85.29 -2.49
C SER L 60 -44.33 83.99 -2.30
N ARG L 61 -45.05 82.91 -2.01
CA ARG L 61 -44.44 81.62 -1.77
C ARG L 61 -43.64 81.13 -2.97
N PHE L 62 -44.18 81.41 -4.16
CA PHE L 62 -43.51 81.04 -5.40
C PHE L 62 -42.31 81.93 -5.66
N SER L 63 -41.18 81.31 -5.95
CA SER L 63 -39.96 82.02 -6.27
C SER L 63 -39.10 81.17 -7.20
N GLY L 64 -37.95 81.69 -7.56
CA GLY L 64 -37.06 80.99 -8.46
C GLY L 64 -35.75 81.72 -8.68
N SER L 65 -34.76 80.98 -9.15
CA SER L 65 -33.44 81.54 -9.41
C SER L 65 -32.73 80.71 -10.47
N GLY L 66 -31.68 81.27 -11.03
CA GLY L 66 -30.88 80.53 -11.99
C GLY L 66 -30.31 81.36 -13.11
N SER L 67 -29.35 80.75 -13.81
CA SER L 67 -28.73 81.32 -14.98
C SER L 67 -28.09 80.15 -15.70
N GLY L 68 -27.61 80.39 -16.91
CA GLY L 68 -26.92 79.37 -17.68
C GLY L 68 -27.68 78.07 -17.79
N THR L 69 -26.96 76.96 -17.59
CA THR L 69 -27.51 75.63 -17.82
C THR L 69 -28.56 75.21 -16.77
N ASP L 70 -28.53 75.82 -15.59
CA ASP L 70 -29.35 75.35 -14.48
C ASP L 70 -30.29 76.37 -13.84
N PHE L 71 -31.54 75.98 -13.66
CA PHE L 71 -32.55 76.82 -13.03
C PHE L 71 -33.33 76.06 -11.98
N THR L 72 -33.83 76.77 -10.99
CA THR L 72 -34.56 76.16 -9.88
C THR L 72 -35.84 76.90 -9.53
N LEU L 73 -36.94 76.16 -9.50
CA LEU L 73 -38.22 76.70 -9.06
C LEU L 73 -38.47 76.29 -7.62
N THR L 74 -38.80 77.25 -6.76
CA THR L 74 -38.99 76.96 -5.34
C THR L 74 -40.34 77.45 -4.83
N ILE L 75 -41.03 76.57 -4.12
CA ILE L 75 -42.26 76.94 -3.42
C ILE L 75 -41.98 77.01 -1.93
N ASN L 76 -41.93 78.23 -1.40
CA ASN L 76 -41.55 78.46 -0.01
C ASN L 76 -42.40 77.69 1.00
N SER L 77 -43.72 77.74 0.80
CA SER L 77 -44.64 77.02 1.67
C SER L 77 -45.71 76.31 0.85
N LEU L 78 -45.70 74.99 0.90
CA LEU L 78 -46.61 74.17 0.10
C LEU L 78 -48.03 74.22 0.67
N GLU L 79 -48.98 74.64 -0.15
CA GLU L 79 -50.38 74.67 0.26
C GLU L 79 -51.19 73.64 -0.50
N ALA L 80 -52.42 73.41 -0.04
CA ALA L 80 -53.30 72.41 -0.65
C ALA L 80 -53.59 72.70 -2.12
N GLU L 81 -53.77 73.99 -2.41
CA GLU L 81 -54.08 74.44 -3.76
C GLU L 81 -52.97 74.10 -4.76
N ASP L 82 -51.73 74.09 -4.28
CA ASP L 82 -50.56 73.97 -5.15
C ASP L 82 -50.43 72.61 -5.86
N ALA L 83 -51.31 71.67 -5.51
CA ALA L 83 -51.27 70.34 -6.11
C ALA L 83 -51.47 70.39 -7.62
N ALA L 84 -50.38 70.25 -8.35
CA ALA L 84 -50.42 70.28 -9.81
C ALA L 84 -49.11 69.76 -10.40
N THR L 85 -48.99 69.87 -11.72
CA THR L 85 -47.75 69.52 -12.40
C THR L 85 -47.13 70.79 -12.98
N TYR L 86 -45.82 70.91 -12.86
CA TYR L 86 -45.14 72.13 -13.26
C TYR L 86 -44.19 71.90 -14.43
N TYR L 87 -44.22 72.82 -15.39
CA TYR L 87 -43.40 72.73 -16.58
C TYR L 87 -42.48 73.95 -16.70
N CYS L 88 -41.42 73.81 -17.49
CA CYS L 88 -40.51 74.92 -17.74
C CYS L 88 -40.16 75.06 -19.22
N GLN L 89 -40.26 76.28 -19.72
CA GLN L 89 -39.95 76.55 -21.13
C GLN L 89 -38.95 77.68 -21.30
N GLN L 90 -38.15 77.58 -22.36
CA GLN L 90 -37.13 78.57 -22.65
C GLN L 90 -37.56 79.49 -23.80
N GLY L 91 -37.19 80.76 -23.71
CA GLY L 91 -37.48 81.69 -24.76
C GLY L 91 -36.24 82.06 -25.57
N TYR L 92 -35.16 81.34 -25.33
CA TYR L 92 -33.87 81.67 -25.95
C TYR L 92 -33.92 81.64 -27.48
N ASP L 93 -34.45 80.56 -28.04
CA ASP L 93 -34.55 80.45 -29.48
C ASP L 93 -35.63 79.47 -29.91
N PHE L 94 -36.10 79.66 -31.14
CA PHE L 94 -37.10 78.80 -31.76
C PHE L 94 -36.49 77.54 -32.36
N PRO L 95 -37.27 76.45 -32.38
CA PRO L 95 -38.63 76.34 -31.84
C PRO L 95 -38.57 76.32 -30.33
N LEU L 96 -39.55 76.93 -29.67
CA LEU L 96 -39.56 76.93 -28.22
C LEU L 96 -39.84 75.51 -27.75
N THR L 97 -39.46 75.22 -26.51
CA THR L 97 -39.52 73.88 -25.99
C THR L 97 -40.01 73.92 -24.56
N PHE L 98 -40.51 72.80 -24.07
CA PHE L 98 -41.04 72.73 -22.72
C PHE L 98 -40.31 71.65 -21.93
N GLY L 99 -40.38 71.75 -20.60
CA GLY L 99 -39.77 70.76 -19.74
C GLY L 99 -40.54 69.47 -19.74
N GLY L 100 -39.96 68.44 -19.13
CA GLY L 100 -40.58 67.13 -19.07
C GLY L 100 -41.81 67.11 -18.18
N GLY L 101 -41.92 68.10 -17.30
CA GLY L 101 -43.03 68.19 -16.39
C GLY L 101 -42.71 67.56 -15.05
N THR L 102 -43.23 68.16 -13.98
CA THR L 102 -42.97 67.68 -12.63
C THR L 102 -44.26 67.56 -11.84
N LYS L 103 -44.65 66.33 -11.52
CA LYS L 103 -45.87 66.09 -10.76
C LYS L 103 -45.61 66.15 -9.27
N VAL L 104 -46.41 66.95 -8.57
CA VAL L 104 -46.23 67.16 -7.14
C VAL L 104 -47.44 66.67 -6.35
N GLU L 105 -47.22 65.66 -5.51
CA GLU L 105 -48.28 65.12 -4.67
C GLU L 105 -48.12 65.61 -3.23
N ILE L 106 -49.22 66.07 -2.66
CA ILE L 106 -49.22 66.52 -1.27
C ILE L 106 -49.37 65.34 -0.31
N LYS L 107 -48.45 65.23 0.64
CA LYS L 107 -48.50 64.17 1.63
C LYS L 107 -49.28 64.60 2.86
N ARG L 108 -50.59 64.34 2.83
CA ARG L 108 -51.45 64.71 3.96
C ARG L 108 -51.58 63.55 4.92
N THR L 109 -51.89 63.87 6.17
CA THR L 109 -52.10 62.87 7.20
C THR L 109 -53.17 61.86 6.78
N VAL L 110 -52.90 60.59 7.06
CA VAL L 110 -53.74 59.49 6.58
C VAL L 110 -55.21 59.64 6.96
N ALA L 111 -56.08 59.39 6.00
CA ALA L 111 -57.52 59.45 6.22
C ALA L 111 -58.21 58.22 5.64
N ALA L 112 -59.20 57.71 6.38
CA ALA L 112 -59.91 56.50 5.99
C ALA L 112 -60.95 56.78 4.91
N PRO L 113 -61.10 55.84 3.95
CA PRO L 113 -62.06 55.98 2.86
C PRO L 113 -63.50 55.73 3.31
N SER L 114 -64.42 56.56 2.83
CA SER L 114 -65.84 56.35 3.06
C SER L 114 -66.40 55.51 1.92
N VAL L 115 -66.83 54.29 2.24
CA VAL L 115 -67.20 53.33 1.21
C VAL L 115 -68.71 53.18 1.01
N PHE L 116 -69.13 53.22 -0.25
CA PHE L 116 -70.54 53.03 -0.62
C PHE L 116 -70.65 52.05 -1.77
N ILE L 117 -71.77 51.33 -1.83
CA ILE L 117 -72.00 50.36 -2.89
C ILE L 117 -73.34 50.63 -3.59
N PHE L 118 -73.36 50.48 -4.91
CA PHE L 118 -74.55 50.73 -5.70
C PHE L 118 -74.95 49.53 -6.55
N PRO L 119 -76.18 49.03 -6.35
CA PRO L 119 -76.74 47.95 -7.17
C PRO L 119 -77.04 48.44 -8.59
N PRO L 120 -77.00 47.53 -9.57
CA PRO L 120 -77.29 47.90 -10.96
C PRO L 120 -78.74 48.32 -11.12
N SER L 121 -78.98 49.29 -12.00
CA SER L 121 -80.33 49.82 -12.21
C SER L 121 -81.21 48.82 -12.94
N ASP L 122 -82.49 48.78 -12.55
CA ASP L 122 -83.47 47.91 -13.21
C ASP L 122 -83.58 48.23 -14.69
N GLU L 123 -83.28 49.48 -15.04
CA GLU L 123 -83.35 49.93 -16.43
C GLU L 123 -82.22 49.30 -17.26
N GLN L 124 -81.12 48.97 -16.60
CA GLN L 124 -79.96 48.43 -17.27
C GLN L 124 -80.05 46.91 -17.39
N LEU L 125 -80.81 46.29 -16.49
CA LEU L 125 -80.99 44.84 -16.54
C LEU L 125 -81.70 44.42 -17.81
N LYS L 126 -82.57 45.28 -18.31
CA LYS L 126 -83.30 45.01 -19.55
C LYS L 126 -82.34 44.93 -20.74
N SER L 127 -81.23 45.65 -20.65
CA SER L 127 -80.23 45.64 -21.71
C SER L 127 -79.50 44.30 -21.78
N GLY L 128 -79.52 43.55 -20.68
CA GLY L 128 -78.89 42.25 -20.62
C GLY L 128 -77.53 42.27 -19.95
N THR L 129 -77.13 43.45 -19.49
CA THR L 129 -75.86 43.61 -18.80
C THR L 129 -76.06 44.35 -17.49
N ALA L 130 -75.36 43.91 -16.45
CA ALA L 130 -75.47 44.52 -15.13
C ALA L 130 -74.13 45.02 -14.63
N SER L 131 -74.09 46.27 -14.20
CA SER L 131 -72.87 46.88 -13.69
C SER L 131 -73.02 47.28 -12.23
N VAL L 132 -72.12 46.77 -11.39
CA VAL L 132 -72.13 47.10 -9.97
C VAL L 132 -70.90 47.93 -9.62
N VAL L 133 -71.13 49.06 -8.95
CA VAL L 133 -70.04 49.97 -8.62
C VAL L 133 -69.83 50.13 -7.12
N CYS L 134 -68.58 50.10 -6.71
CA CYS L 134 -68.20 50.35 -5.32
C CYS L 134 -67.47 51.68 -5.27
N LEU L 135 -67.85 52.53 -4.34
CA LEU L 135 -67.28 53.88 -4.25
C LEU L 135 -66.26 54.03 -3.14
N LEU L 136 -65.01 54.30 -3.54
CA LEU L 136 -63.97 54.65 -2.58
C LEU L 136 -63.82 56.17 -2.58
N ASN L 137 -64.07 56.79 -1.44
CA ASN L 137 -64.18 58.24 -1.41
C ASN L 137 -63.29 58.91 -0.36
N ASN L 138 -62.64 59.98 -0.78
CA ASN L 138 -61.87 60.86 0.11
C ASN L 138 -60.88 60.14 1.02
N PHE L 139 -59.86 59.54 0.41
CA PHE L 139 -58.88 58.80 1.18
C PHE L 139 -57.47 59.17 0.73
N TYR L 140 -56.53 59.10 1.67
CA TYR L 140 -55.12 59.28 1.37
C TYR L 140 -54.28 58.29 2.19
N PRO L 141 -53.28 57.66 1.57
CA PRO L 141 -52.83 57.82 0.18
C PRO L 141 -53.74 57.11 -0.82
N ARG L 142 -53.40 57.23 -2.10
CA ARG L 142 -54.23 56.69 -3.17
C ARG L 142 -54.24 55.16 -3.21
N GLU L 143 -53.20 54.56 -2.62
CA GLU L 143 -53.08 53.10 -2.62
C GLU L 143 -54.19 52.45 -1.81
N ALA L 144 -54.95 51.59 -2.47
CA ALA L 144 -56.06 50.90 -1.82
C ALA L 144 -56.38 49.61 -2.56
N LYS L 145 -57.03 48.68 -1.86
CA LYS L 145 -57.36 47.39 -2.45
C LYS L 145 -58.86 47.13 -2.44
N VAL L 146 -59.40 46.73 -3.58
CA VAL L 146 -60.81 46.44 -3.73
C VAL L 146 -61.05 45.00 -4.15
N GLN L 147 -61.84 44.29 -3.38
CA GLN L 147 -62.16 42.90 -3.66
C GLN L 147 -63.65 42.69 -3.84
N TRP L 148 -64.03 42.05 -4.94
CA TRP L 148 -65.44 41.77 -5.22
C TRP L 148 -65.82 40.35 -4.80
N LYS L 149 -66.93 40.23 -4.07
CA LYS L 149 -67.39 38.94 -3.58
C LYS L 149 -68.80 38.62 -4.06
N VAL L 150 -68.94 37.53 -4.80
CA VAL L 150 -70.25 37.03 -5.22
C VAL L 150 -70.59 35.75 -4.46
N ASP L 151 -71.59 35.85 -3.58
CA ASP L 151 -71.90 34.75 -2.65
C ASP L 151 -70.64 34.30 -1.92
N ASN L 152 -69.86 35.27 -1.46
CA ASN L 152 -68.58 35.03 -0.80
C ASN L 152 -67.56 34.27 -1.66
N ALA L 153 -67.68 34.42 -2.97
CA ALA L 153 -66.70 33.86 -3.89
C ALA L 153 -65.92 34.99 -4.55
N LEU L 154 -64.60 34.93 -4.44
CA LEU L 154 -63.73 36.02 -4.88
C LEU L 154 -63.62 36.08 -6.40
N GLN L 155 -63.84 37.27 -6.95
CA GLN L 155 -63.80 37.47 -8.39
C GLN L 155 -62.63 38.32 -8.83
N SER L 156 -62.11 38.03 -10.01
CA SER L 156 -60.97 38.76 -10.56
C SER L 156 -61.02 38.79 -12.07
N GLY L 157 -60.62 39.92 -12.65
CA GLY L 157 -60.53 40.06 -14.09
C GLY L 157 -61.77 40.61 -14.76
N ASN L 158 -62.81 40.85 -13.97
CA ASN L 158 -64.06 41.39 -14.49
C ASN L 158 -64.41 42.75 -13.88
N SER L 159 -63.44 43.34 -13.19
CA SER L 159 -63.65 44.63 -12.54
C SER L 159 -62.62 45.66 -13.02
N GLN L 160 -63.09 46.89 -13.22
CA GLN L 160 -62.21 47.99 -13.58
C GLN L 160 -62.29 49.12 -12.57
N GLU L 161 -61.17 49.79 -12.37
CA GLU L 161 -61.10 50.85 -11.36
C GLU L 161 -60.68 52.18 -11.97
N SER L 162 -61.26 53.26 -11.43
CA SER L 162 -60.93 54.60 -11.88
C SER L 162 -60.62 55.51 -10.70
N VAL L 163 -59.50 56.23 -10.79
CA VAL L 163 -59.07 57.12 -9.72
C VAL L 163 -59.04 58.56 -10.21
N THR L 164 -59.54 59.47 -9.38
CA THR L 164 -59.51 60.89 -9.74
C THR L 164 -58.24 61.56 -9.22
N GLU L 165 -58.01 62.79 -9.67
CA GLU L 165 -56.85 63.55 -9.25
C GLU L 165 -57.02 64.06 -7.82
N GLN L 166 -55.91 64.48 -7.23
CA GLN L 166 -55.90 64.97 -5.87
C GLN L 166 -56.72 66.26 -5.75
N ASP L 167 -57.52 66.34 -4.70
CA ASP L 167 -58.41 67.48 -4.52
C ASP L 167 -57.65 68.75 -4.16
N SER L 168 -58.15 69.89 -4.65
CA SER L 168 -57.52 71.17 -4.39
C SER L 168 -57.70 71.59 -2.92
N LYS L 169 -58.81 71.16 -2.33
CA LYS L 169 -59.15 71.58 -0.98
C LYS L 169 -58.62 70.64 0.11
N ASP L 170 -59.07 69.40 0.10
CA ASP L 170 -58.69 68.45 1.15
C ASP L 170 -57.56 67.52 0.75
N SER L 171 -57.14 67.61 -0.52
CA SER L 171 -56.01 66.85 -1.03
C SER L 171 -56.18 65.34 -0.90
N THR L 172 -57.41 64.86 -1.11
CA THR L 172 -57.71 63.45 -0.98
C THR L 172 -58.08 62.84 -2.32
N TYR L 173 -57.64 61.60 -2.53
CA TYR L 173 -57.98 60.86 -3.75
C TYR L 173 -59.35 60.22 -3.62
N SER L 174 -59.91 59.82 -4.76
CA SER L 174 -61.16 59.06 -4.78
C SER L 174 -61.07 57.99 -5.86
N LEU L 175 -61.65 56.83 -5.58
CA LEU L 175 -61.61 55.70 -6.52
C LEU L 175 -63.00 55.09 -6.68
N SER L 176 -63.26 54.54 -7.86
CA SER L 176 -64.49 53.82 -8.11
C SER L 176 -64.18 52.50 -8.80
N SER L 177 -64.71 51.41 -8.26
CA SER L 177 -64.52 50.10 -8.87
C SER L 177 -65.83 49.62 -9.47
N THR L 178 -65.77 49.25 -10.75
CA THR L 178 -66.97 48.84 -11.48
C THR L 178 -66.94 47.36 -11.82
N LEU L 179 -67.96 46.63 -11.38
CA LEU L 179 -68.09 45.22 -11.68
C LEU L 179 -69.16 44.99 -12.74
N THR L 180 -68.76 44.45 -13.88
CA THR L 180 -69.69 44.25 -14.99
C THR L 180 -69.98 42.78 -15.23
N LEU L 181 -71.27 42.44 -15.24
CA LEU L 181 -71.70 41.06 -15.45
C LEU L 181 -72.94 40.99 -16.34
N SER L 182 -73.11 39.85 -17.00
CA SER L 182 -74.29 39.62 -17.82
C SER L 182 -75.50 39.34 -16.94
N LYS L 183 -76.69 39.65 -17.43
CA LYS L 183 -77.93 39.42 -16.69
C LYS L 183 -78.09 37.93 -16.37
N ALA L 184 -77.67 37.08 -17.31
CA ALA L 184 -77.74 35.64 -17.13
C ALA L 184 -76.93 35.19 -15.92
N ASP L 185 -75.79 35.83 -15.71
CA ASP L 185 -74.91 35.48 -14.59
C ASP L 185 -75.18 36.33 -13.36
N TYR L 186 -75.80 37.48 -13.57
CA TYR L 186 -76.08 38.41 -12.48
C TYR L 186 -77.05 37.84 -11.46
N GLU L 187 -78.02 37.07 -11.94
CA GLU L 187 -79.06 36.53 -11.07
C GLU L 187 -78.80 35.09 -10.61
N LYS L 188 -77.65 34.55 -10.98
CA LYS L 188 -77.23 33.26 -10.49
C LYS L 188 -76.47 33.43 -9.18
N HIS L 189 -76.75 34.53 -8.48
CA HIS L 189 -76.11 34.84 -7.20
C HIS L 189 -77.02 35.72 -6.36
N LYS L 190 -76.75 35.78 -5.06
CA LYS L 190 -77.60 36.54 -4.15
C LYS L 190 -76.89 37.75 -3.54
N VAL L 191 -75.76 37.51 -2.89
CA VAL L 191 -75.05 38.58 -2.18
C VAL L 191 -73.80 39.05 -2.91
N TYR L 192 -73.75 40.35 -3.18
CA TYR L 192 -72.58 40.98 -3.77
C TYR L 192 -71.94 41.91 -2.75
N ALA L 193 -70.63 41.82 -2.62
CA ALA L 193 -69.92 42.59 -1.61
C ALA L 193 -68.66 43.27 -2.15
N CYS L 194 -68.36 44.44 -1.61
CA CYS L 194 -67.17 45.18 -1.99
C CYS L 194 -66.25 45.28 -0.78
N GLU L 195 -65.05 44.72 -0.90
CA GLU L 195 -64.10 44.67 0.22
C GLU L 195 -62.97 45.68 0.05
N VAL L 196 -62.87 46.61 1.00
CA VAL L 196 -61.90 47.69 0.92
C VAL L 196 -60.83 47.59 1.99
N THR L 197 -59.57 47.57 1.56
CA THR L 197 -58.46 47.53 2.51
C THR L 197 -57.59 48.77 2.36
N HIS L 198 -57.53 49.56 3.42
CA HIS L 198 -56.77 50.80 3.39
C HIS L 198 -56.01 51.01 4.70
N GLN L 199 -55.01 51.88 4.66
CA GLN L 199 -54.19 52.17 5.83
C GLN L 199 -55.01 52.84 6.94
N GLY L 200 -55.99 53.65 6.55
CA GLY L 200 -56.84 54.34 7.50
C GLY L 200 -57.77 53.41 8.26
N LEU L 201 -58.06 52.26 7.65
CA LEU L 201 -58.96 51.29 8.24
C LEU L 201 -58.22 50.28 9.10
N SER L 202 -58.70 50.08 10.33
CA SER L 202 -58.10 49.11 11.24
C SER L 202 -58.27 47.70 10.69
N SER L 203 -59.48 47.44 10.18
CA SER L 203 -59.79 46.16 9.55
C SER L 203 -60.55 46.44 8.26
N PRO L 204 -60.35 45.58 7.25
CA PRO L 204 -61.02 45.73 5.95
C PRO L 204 -62.52 45.93 6.11
N VAL L 205 -63.07 46.88 5.38
CA VAL L 205 -64.49 47.21 5.48
C VAL L 205 -65.24 46.70 4.25
N THR L 206 -66.35 46.00 4.50
CA THR L 206 -67.14 45.42 3.43
C THR L 206 -68.56 45.97 3.42
N LYS L 207 -68.99 46.45 2.26
CA LYS L 207 -70.35 46.92 2.08
C LYS L 207 -71.06 46.04 1.05
N SER L 208 -72.21 45.48 1.44
CA SER L 208 -72.89 44.52 0.58
C SER L 208 -74.38 44.78 0.45
N PHE L 209 -74.98 44.17 -0.57
CA PHE L 209 -76.41 44.23 -0.79
C PHE L 209 -76.89 42.86 -1.27
N ASN L 210 -78.21 42.67 -1.29
CA ASN L 210 -78.78 41.38 -1.65
C ASN L 210 -79.45 41.36 -3.03
N ARG L 211 -80.24 40.33 -3.25
CA ARG L 211 -81.04 40.16 -4.48
C ARG L 211 -80.25 40.40 -5.76
N GLN M 1 64.86 -18.41 -4.71
CA GLN M 1 64.76 -19.83 -5.01
C GLN M 1 63.95 -20.55 -3.93
N VAL M 2 63.23 -19.76 -3.14
CA VAL M 2 62.39 -20.29 -2.07
C VAL M 2 61.23 -21.07 -2.66
N GLN M 3 60.91 -22.21 -2.05
CA GLN M 3 59.79 -23.03 -2.49
C GLN M 3 58.90 -23.40 -1.31
N LEU M 4 57.59 -23.46 -1.57
CA LEU M 4 56.62 -23.79 -0.54
C LEU M 4 55.67 -24.86 -1.04
N GLN M 5 55.30 -25.78 -0.15
CA GLN M 5 54.36 -26.83 -0.49
C GLN M 5 53.44 -27.12 0.69
N GLU M 6 52.15 -27.24 0.42
CA GLU M 6 51.16 -27.44 1.46
C GLU M 6 50.56 -28.84 1.42
N SER M 7 50.38 -29.41 2.60
CA SER M 7 49.81 -30.75 2.70
C SER M 7 48.87 -30.84 3.90
N GLY M 8 47.78 -31.58 3.72
CA GLY M 8 46.81 -31.77 4.77
C GLY M 8 45.70 -32.70 4.30
N PRO M 9 44.66 -32.87 5.13
CA PRO M 9 43.51 -33.69 4.76
C PRO M 9 42.77 -33.08 3.57
N GLY M 10 42.22 -33.92 2.71
CA GLY M 10 41.53 -33.45 1.52
C GLY M 10 40.12 -32.97 1.82
N LEU M 11 39.47 -33.59 2.80
CA LEU M 11 38.10 -33.24 3.15
C LEU M 11 37.89 -33.20 4.65
N VAL M 12 37.00 -32.31 5.09
CA VAL M 12 36.67 -32.20 6.50
C VAL M 12 35.17 -32.04 6.69
N LYS M 13 34.64 -32.73 7.71
CA LYS M 13 33.23 -32.63 8.05
C LYS M 13 32.92 -31.24 8.57
N PRO M 14 31.69 -30.75 8.33
CA PRO M 14 31.32 -29.42 8.83
C PRO M 14 31.33 -29.38 10.36
N SER M 15 31.49 -28.18 10.91
CA SER M 15 31.57 -27.96 12.36
C SER M 15 32.80 -28.60 12.99
N ASP M 16 33.77 -28.97 12.15
CA ASP M 16 35.04 -29.49 12.64
C ASP M 16 36.13 -28.43 12.49
N THR M 17 37.39 -28.88 12.54
CA THR M 17 38.52 -27.98 12.41
C THR M 17 39.38 -28.35 11.22
N LEU M 18 39.68 -27.35 10.40
CA LEU M 18 40.53 -27.52 9.23
C LEU M 18 41.98 -27.32 9.65
N SER M 19 42.84 -28.29 9.33
CA SER M 19 44.25 -28.20 9.69
C SER M 19 45.16 -28.44 8.49
N LEU M 20 46.03 -27.48 8.21
CA LEU M 20 46.95 -27.56 7.07
C LEU M 20 48.36 -27.14 7.47
N THR M 21 49.35 -27.66 6.76
CA THR M 21 50.76 -27.33 7.03
C THR M 21 51.50 -27.03 5.73
N CYS M 22 52.29 -25.96 5.76
CA CYS M 22 53.10 -25.57 4.61
C CYS M 22 54.59 -25.75 4.88
N ALA M 23 55.28 -26.40 3.95
CA ALA M 23 56.69 -26.71 4.12
C ALA M 23 57.57 -25.85 3.21
N VAL M 24 58.44 -25.05 3.83
CA VAL M 24 59.32 -24.16 3.09
C VAL M 24 60.69 -24.79 2.89
N SER M 25 61.24 -24.65 1.69
CA SER M 25 62.56 -25.17 1.37
C SER M 25 63.38 -24.12 0.62
N GLY M 26 64.67 -24.07 0.92
CA GLY M 26 65.56 -23.14 0.25
C GLY M 26 65.86 -21.92 1.09
N TYR M 27 65.07 -21.72 2.13
CA TYR M 27 65.25 -20.61 3.05
C TYR M 27 64.61 -20.98 4.39
N PRO M 28 65.24 -20.56 5.50
CA PRO M 28 64.71 -20.81 6.84
C PRO M 28 63.79 -19.71 7.39
N ILE M 29 62.55 -20.06 7.74
CA ILE M 29 61.58 -19.09 8.26
C ILE M 29 62.05 -18.33 9.50
N ARG M 30 62.99 -18.91 10.24
CA ARG M 30 63.48 -18.27 11.46
C ARG M 30 64.09 -16.91 11.14
N PHE M 31 64.76 -16.82 9.99
CA PHE M 31 65.27 -15.55 9.50
C PHE M 31 64.19 -14.94 8.60
N GLY M 32 64.38 -13.67 8.25
CA GLY M 32 63.67 -13.03 7.13
C GLY M 32 62.16 -12.92 6.99
N TYR M 33 61.69 -13.20 5.81
CA TYR M 33 60.34 -12.82 5.44
C TYR M 33 59.22 -13.46 6.28
N SER M 34 58.05 -12.82 6.26
CA SER M 34 56.89 -13.36 6.96
C SER M 34 56.03 -14.18 5.99
N TRP M 35 55.24 -15.09 6.55
CA TRP M 35 54.68 -16.18 5.77
C TRP M 35 53.16 -16.29 5.89
N HIS M 36 52.51 -16.43 4.75
CA HIS M 36 51.08 -16.18 4.66
C HIS M 36 50.26 -17.36 4.15
N TRP M 37 48.95 -17.27 4.38
CA TRP M 37 48.00 -18.25 3.85
C TRP M 37 46.94 -17.56 3.02
N ILE M 38 46.75 -18.06 1.79
CA ILE M 38 45.78 -17.49 0.87
C ILE M 38 44.83 -18.57 0.38
N ARG M 39 43.53 -18.26 0.36
CA ARG M 39 42.55 -19.21 -0.15
C ARG M 39 41.68 -18.63 -1.26
N GLN M 40 41.30 -19.48 -2.21
CA GLN M 40 40.34 -19.09 -3.23
C GLN M 40 39.30 -20.18 -3.46
N PRO M 41 38.02 -19.84 -3.21
CA PRO M 41 36.92 -20.77 -3.50
C PRO M 41 36.87 -21.03 -5.00
N PRO M 42 36.38 -22.23 -5.40
CA PRO M 42 36.36 -22.64 -6.81
C PRO M 42 35.65 -21.62 -7.70
N GLY M 43 36.37 -21.14 -8.71
CA GLY M 43 35.82 -20.17 -9.64
C GLY M 43 35.59 -18.82 -9.01
N LYS M 44 36.30 -18.55 -7.93
CA LYS M 44 36.15 -17.29 -7.21
C LYS M 44 37.50 -16.63 -6.93
N GLY M 45 37.45 -15.44 -6.33
CA GLY M 45 38.64 -14.65 -6.08
C GLY M 45 39.44 -15.11 -4.87
N LEU M 46 40.68 -14.62 -4.79
CA LEU M 46 41.58 -14.96 -3.70
C LEU M 46 41.23 -14.20 -2.43
N GLU M 47 41.41 -14.85 -1.30
CA GLU M 47 41.20 -14.22 0.00
C GLU M 47 42.43 -14.36 0.88
N TRP M 48 42.83 -13.27 1.52
CA TRP M 48 44.00 -13.27 2.39
C TRP M 48 43.59 -13.62 3.83
N MET M 49 44.19 -14.68 4.37
CA MET M 49 43.78 -15.18 5.68
C MET M 49 44.58 -14.60 6.84
N GLY M 50 45.90 -14.63 6.73
CA GLY M 50 46.74 -14.13 7.80
C GLY M 50 48.19 -14.50 7.59
N TYR M 51 49.02 -14.24 8.58
CA TYR M 51 50.45 -14.50 8.46
C TYR M 51 51.14 -14.75 9.77
N ILE M 52 52.37 -15.25 9.66
CA ILE M 52 53.25 -15.39 10.82
C ILE M 52 54.59 -14.73 10.54
N HIS M 53 55.00 -13.84 11.44
CA HIS M 53 56.29 -13.19 11.35
C HIS M 53 57.33 -14.22 11.80
N TYR M 54 58.59 -14.07 11.37
CA TYR M 54 59.65 -14.96 11.83
C TYR M 54 59.77 -14.94 13.34
N SER M 55 59.42 -13.80 13.93
CA SER M 55 59.64 -13.56 15.34
C SER M 55 58.52 -14.23 16.09
N GLY M 56 57.57 -14.78 15.35
CA GLY M 56 56.44 -15.48 15.92
C GLY M 56 55.24 -14.58 16.09
N TYR M 57 55.38 -13.33 15.65
CA TYR M 57 54.26 -12.40 15.62
C TYR M 57 53.22 -12.97 14.68
N THR M 58 51.96 -13.00 15.12
CA THR M 58 50.88 -13.51 14.29
C THR M 58 49.75 -12.49 14.21
N ASP M 59 49.29 -12.23 13.00
CA ASP M 59 48.15 -11.35 12.80
C ASP M 59 47.19 -11.97 11.80
N PHE M 60 45.91 -11.66 11.93
CA PHE M 60 44.88 -12.32 11.13
C PHE M 60 43.99 -11.35 10.39
N ASN M 61 43.35 -11.85 9.34
CA ASN M 61 42.32 -11.11 8.64
C ASN M 61 41.03 -11.12 9.44
N PRO M 62 40.32 -9.98 9.48
CA PRO M 62 38.98 -9.97 10.07
C PRO M 62 38.02 -10.86 9.30
N SER M 63 36.79 -10.99 9.78
CA SER M 63 35.77 -11.84 9.17
C SER M 63 36.15 -13.34 9.19
N LEU M 64 37.30 -13.64 9.76
CA LEU M 64 37.77 -15.01 9.92
C LEU M 64 38.31 -15.17 11.33
N LYS M 65 38.39 -14.05 12.05
CA LYS M 65 38.94 -14.02 13.39
C LYS M 65 38.11 -14.92 14.30
N THR M 66 38.70 -15.30 15.44
CA THR M 66 38.08 -16.22 16.40
C THR M 66 37.92 -17.65 15.86
N ARG M 67 38.23 -17.85 14.59
CA ARG M 67 38.17 -19.17 13.98
C ARG M 67 39.54 -19.59 13.49
N ILE M 68 40.41 -18.60 13.30
CA ILE M 68 41.71 -18.83 12.70
C ILE M 68 42.87 -18.75 13.70
N THR M 69 43.78 -19.70 13.60
CA THR M 69 45.00 -19.71 14.40
C THR M 69 46.15 -20.19 13.53
N ILE M 70 47.28 -19.50 13.61
CA ILE M 70 48.46 -19.87 12.83
C ILE M 70 49.62 -20.22 13.75
N SER M 71 50.27 -21.33 13.45
CA SER M 71 51.40 -21.80 14.24
C SER M 71 52.51 -22.31 13.34
N ARG M 72 53.68 -22.51 13.92
CA ARG M 72 54.83 -22.97 13.15
C ARG M 72 55.68 -23.97 13.92
N ASP M 73 56.46 -24.74 13.17
CA ASP M 73 57.43 -25.63 13.76
C ASP M 73 58.78 -25.39 13.10
N THR M 74 59.57 -24.52 13.71
CA THR M 74 60.84 -24.07 13.13
C THR M 74 61.81 -25.20 12.84
N SER M 75 61.77 -26.25 13.66
CA SER M 75 62.66 -27.39 13.50
C SER M 75 62.48 -28.07 12.15
N LYS M 76 61.22 -28.13 11.69
CA LYS M 76 60.90 -28.74 10.41
C LYS M 76 60.81 -27.68 9.32
N ASN M 77 61.03 -26.43 9.70
CA ASN M 77 60.86 -25.29 8.80
C ASN M 77 59.45 -25.26 8.21
N GLN M 78 58.46 -25.31 9.08
CA GLN M 78 57.06 -25.36 8.65
C GLN M 78 56.22 -24.35 9.41
N PHE M 79 55.12 -23.93 8.79
CA PHE M 79 54.14 -23.06 9.43
C PHE M 79 52.73 -23.50 9.07
N SER M 80 51.93 -23.76 10.10
CA SER M 80 50.64 -24.41 9.92
C SER M 80 49.45 -23.48 10.13
N LEU M 81 48.31 -23.88 9.58
CA LEU M 81 47.08 -23.10 9.67
C LEU M 81 45.96 -23.95 10.26
N LYS M 82 45.16 -23.34 11.14
CA LYS M 82 44.00 -24.03 11.71
C LYS M 82 42.75 -23.16 11.65
N LEU M 83 41.71 -23.72 11.05
CA LEU M 83 40.42 -23.04 10.94
C LEU M 83 39.34 -23.86 11.63
N SER M 84 38.56 -23.21 12.49
CA SER M 84 37.56 -23.91 13.28
C SER M 84 36.15 -23.52 12.89
N SER M 85 35.18 -24.36 13.26
CA SER M 85 33.78 -24.16 12.92
C SER M 85 33.60 -24.02 11.41
N VAL M 86 34.18 -24.96 10.68
CA VAL M 86 34.20 -24.93 9.23
C VAL M 86 32.82 -25.15 8.63
N THR M 87 32.49 -24.38 7.59
CA THR M 87 31.22 -24.52 6.89
C THR M 87 31.45 -24.86 5.43
N ALA M 88 30.36 -24.89 4.66
CA ALA M 88 30.44 -25.20 3.24
C ALA M 88 31.11 -24.07 2.46
N VAL M 89 31.08 -22.87 3.03
CA VAL M 89 31.69 -21.70 2.41
C VAL M 89 33.21 -21.85 2.35
N ASP M 90 33.76 -22.51 3.37
CA ASP M 90 35.21 -22.62 3.52
C ASP M 90 35.88 -23.54 2.49
N THR M 91 35.08 -24.13 1.62
CA THR M 91 35.61 -24.99 0.55
C THR M 91 36.44 -24.17 -0.42
N ALA M 92 37.74 -24.44 -0.46
CA ALA M 92 38.64 -23.70 -1.33
C ALA M 92 39.99 -24.38 -1.46
N VAL M 93 40.81 -23.84 -2.35
CA VAL M 93 42.21 -24.24 -2.46
C VAL M 93 43.04 -23.29 -1.61
N TYR M 94 43.98 -23.83 -0.85
CA TYR M 94 44.78 -23.03 0.06
C TYR M 94 46.22 -22.86 -0.42
N TYR M 95 46.74 -21.66 -0.24
CA TYR M 95 48.04 -21.30 -0.79
C TYR M 95 49.06 -20.92 0.27
N CYS M 96 50.30 -21.34 0.05
CA CYS M 96 51.42 -20.88 0.86
C CYS M 96 52.15 -19.79 0.11
N ALA M 97 52.62 -18.79 0.85
CA ALA M 97 53.32 -17.69 0.23
C ALA M 97 54.35 -17.08 1.15
N ARG M 98 54.97 -16.01 0.66
CA ARG M 98 55.95 -15.26 1.41
C ARG M 98 55.58 -13.80 1.22
N LYS M 99 55.33 -13.08 2.31
CA LYS M 99 54.94 -11.67 2.23
C LYS M 99 55.97 -10.89 1.46
N ASP M 100 57.20 -11.33 1.58
CA ASP M 100 58.35 -10.60 1.06
C ASP M 100 58.38 -9.26 1.79
N SER M 101 58.58 -8.20 1.01
CA SER M 101 58.59 -6.85 1.52
C SER M 101 57.65 -6.04 0.67
N GLY M 102 57.07 -4.98 1.22
CA GLY M 102 56.13 -4.17 0.48
C GLY M 102 54.83 -4.89 0.15
N ASN M 103 54.62 -6.02 0.83
CA ASN M 103 53.37 -6.77 0.73
C ASN M 103 53.01 -7.21 -0.68
N TYR M 104 53.98 -7.79 -1.37
CA TYR M 104 53.72 -8.51 -2.61
C TYR M 104 54.27 -9.92 -2.47
N PHE M 105 53.51 -10.91 -2.95
CA PHE M 105 53.92 -12.31 -2.82
C PHE M 105 54.59 -12.77 -4.10
N PRO M 106 55.92 -12.96 -4.05
CA PRO M 106 56.69 -13.40 -5.22
C PRO M 106 56.72 -14.92 -5.35
N TYR M 107 56.59 -15.62 -4.23
CA TYR M 107 56.66 -17.08 -4.22
C TYR M 107 55.38 -17.70 -3.67
N TRP M 108 54.79 -18.60 -4.45
CA TRP M 108 53.55 -19.27 -4.06
C TRP M 108 53.71 -20.76 -3.94
N GLY M 109 52.83 -21.38 -3.16
CA GLY M 109 52.82 -22.83 -3.02
C GLY M 109 52.11 -23.51 -4.16
N GLN M 110 52.17 -24.84 -4.19
CA GLN M 110 51.52 -25.60 -5.25
C GLN M 110 50.01 -25.50 -5.11
N GLY M 111 49.54 -25.39 -3.88
CA GLY M 111 48.13 -25.28 -3.60
C GLY M 111 47.48 -26.63 -3.37
N THR M 112 46.69 -26.72 -2.32
CA THR M 112 45.97 -27.95 -2.02
C THR M 112 44.48 -27.67 -1.84
N LEU M 113 43.67 -28.65 -2.20
CA LEU M 113 42.23 -28.48 -2.18
C LEU M 113 41.58 -29.12 -0.95
N VAL M 114 40.78 -28.34 -0.25
CA VAL M 114 40.01 -28.83 0.88
C VAL M 114 38.52 -28.64 0.64
N THR M 115 37.78 -29.73 0.68
CA THR M 115 36.33 -29.70 0.46
C THR M 115 35.58 -30.11 1.71
N VAL M 116 34.53 -29.35 2.03
CA VAL M 116 33.76 -29.58 3.24
C VAL M 116 32.46 -30.31 2.94
N SER M 117 32.40 -31.57 3.37
CA SER M 117 31.21 -32.39 3.16
C SER M 117 31.08 -33.43 4.26
N SER M 118 29.84 -33.79 4.58
CA SER M 118 29.59 -34.80 5.60
C SER M 118 29.73 -36.19 5.01
N ALA M 119 29.75 -36.27 3.69
CA ALA M 119 29.83 -37.54 2.99
C ALA M 119 31.18 -38.22 3.21
N SER M 120 31.19 -39.54 3.15
CA SER M 120 32.43 -40.29 3.21
C SER M 120 33.18 -40.17 1.90
N THR M 121 34.34 -40.82 1.83
CA THR M 121 35.17 -40.77 0.64
C THR M 121 35.12 -42.08 -0.11
N LYS M 122 34.79 -42.04 -1.40
CA LYS M 122 34.87 -43.23 -2.22
C LYS M 122 36.02 -43.14 -3.24
N GLY M 123 36.72 -44.25 -3.41
CA GLY M 123 37.82 -44.36 -4.35
C GLY M 123 37.36 -44.82 -5.73
N PRO M 124 37.96 -44.23 -6.78
CA PRO M 124 37.55 -44.30 -8.19
C PRO M 124 37.81 -45.62 -8.91
N SER M 125 36.96 -45.90 -9.91
CA SER M 125 37.19 -46.99 -10.85
C SER M 125 37.71 -46.41 -12.15
N VAL M 126 38.71 -47.07 -12.73
CA VAL M 126 39.31 -46.58 -13.98
C VAL M 126 38.96 -47.49 -15.14
N PHE M 127 38.20 -46.96 -16.10
CA PHE M 127 37.75 -47.74 -17.24
C PHE M 127 38.32 -47.19 -18.54
N PRO M 128 38.80 -48.09 -19.41
CA PRO M 128 39.45 -47.69 -20.66
C PRO M 128 38.46 -47.36 -21.78
N LEU M 129 38.82 -46.41 -22.62
CA LEU M 129 38.06 -46.11 -23.81
C LEU M 129 38.79 -46.67 -25.02
N ALA M 130 38.04 -47.30 -25.93
CA ALA M 130 38.63 -47.94 -27.10
C ALA M 130 38.85 -46.95 -28.24
N PRO M 131 40.07 -46.94 -28.81
CA PRO M 131 40.44 -46.06 -29.92
C PRO M 131 39.50 -46.17 -31.12
N SER M 132 39.54 -45.16 -31.98
CA SER M 132 38.64 -45.06 -33.12
C SER M 132 38.75 -46.22 -34.10
N SER M 133 37.64 -46.53 -34.76
CA SER M 133 37.58 -47.64 -35.69
C SER M 133 38.15 -47.31 -37.07
N LYS M 134 38.36 -46.03 -37.34
CA LYS M 134 38.88 -45.61 -38.64
C LYS M 134 40.41 -45.61 -38.71
N SER M 135 40.98 -46.78 -38.96
CA SER M 135 42.42 -46.93 -39.08
C SER M 135 42.86 -46.61 -40.51
N THR M 136 41.90 -46.57 -41.42
CA THR M 136 42.18 -46.34 -42.84
C THR M 136 42.45 -44.86 -43.11
N SER M 137 41.99 -44.01 -42.21
CA SER M 137 42.13 -42.56 -42.36
C SER M 137 43.59 -42.11 -42.39
N GLY M 138 44.45 -42.85 -41.70
CA GLY M 138 45.86 -42.53 -41.64
C GLY M 138 46.17 -41.34 -40.74
N GLY M 139 45.11 -40.71 -40.24
CA GLY M 139 45.25 -39.55 -39.38
C GLY M 139 45.35 -39.91 -37.93
N THR M 140 45.16 -38.92 -37.06
CA THR M 140 45.26 -39.11 -35.63
C THR M 140 44.01 -39.77 -35.06
N ALA M 141 44.20 -40.69 -34.12
CA ALA M 141 43.09 -41.36 -33.45
C ALA M 141 43.22 -41.18 -31.94
N ALA M 142 42.08 -41.13 -31.26
CA ALA M 142 42.07 -40.82 -29.84
C ALA M 142 41.67 -41.98 -28.95
N LEU M 143 42.22 -41.99 -27.74
CA LEU M 143 41.85 -42.97 -26.72
C LEU M 143 41.93 -42.30 -25.36
N GLY M 144 41.25 -42.88 -24.37
CA GLY M 144 41.23 -42.27 -23.06
C GLY M 144 40.85 -43.19 -21.92
N CYS M 145 41.02 -42.68 -20.71
CA CYS M 145 40.64 -43.40 -19.50
C CYS M 145 39.52 -42.66 -18.79
N LEU M 146 38.51 -43.41 -18.40
CA LEU M 146 37.37 -42.85 -17.69
C LEU M 146 37.52 -43.04 -16.19
N VAL M 147 37.50 -41.94 -15.45
CA VAL M 147 37.55 -42.00 -14.00
C VAL M 147 36.17 -41.68 -13.45
N LYS M 148 35.57 -42.63 -12.75
CA LYS M 148 34.19 -42.50 -12.35
C LYS M 148 33.96 -42.90 -10.89
N ASP M 149 32.97 -42.25 -10.27
CA ASP M 149 32.50 -42.60 -8.93
C ASP M 149 33.57 -42.47 -7.86
N TYR M 150 34.11 -41.26 -7.72
CA TYR M 150 35.05 -40.98 -6.64
C TYR M 150 34.65 -39.73 -5.88
N PHE M 151 35.11 -39.65 -4.63
CA PHE M 151 34.83 -38.51 -3.79
C PHE M 151 35.86 -38.47 -2.67
N PRO M 152 36.38 -37.28 -2.35
CA PRO M 152 36.08 -36.02 -3.05
C PRO M 152 37.18 -35.63 -4.01
N GLU M 153 37.06 -34.45 -4.61
CA GLU M 153 38.12 -33.90 -5.45
C GLU M 153 39.39 -33.66 -4.63
N PRO M 154 40.56 -33.62 -5.28
CA PRO M 154 40.80 -33.80 -6.72
C PRO M 154 41.46 -35.13 -7.06
N VAL M 155 41.52 -35.43 -8.35
CA VAL M 155 42.20 -36.60 -8.85
C VAL M 155 43.23 -36.17 -9.88
N THR M 156 44.39 -36.81 -9.89
CA THR M 156 45.47 -36.44 -10.79
C THR M 156 45.77 -37.55 -11.78
N VAL M 157 45.86 -37.17 -13.05
CA VAL M 157 46.08 -38.14 -14.12
C VAL M 157 47.28 -37.75 -14.99
N SER M 158 48.19 -38.71 -15.18
CA SER M 158 49.35 -38.51 -16.05
C SER M 158 49.58 -39.82 -16.79
N TRP M 159 50.16 -39.76 -17.99
CA TRP M 159 50.27 -40.96 -18.81
C TRP M 159 51.69 -41.38 -19.15
N ASN M 160 51.90 -42.70 -19.22
CA ASN M 160 53.22 -43.29 -19.45
C ASN M 160 54.27 -42.76 -18.48
N SER M 161 53.86 -42.58 -17.23
CA SER M 161 54.73 -42.10 -16.16
C SER M 161 55.37 -40.75 -16.51
N GLY M 162 54.60 -39.90 -17.18
CA GLY M 162 55.06 -38.56 -17.53
C GLY M 162 55.71 -38.47 -18.90
N ALA M 163 55.75 -39.59 -19.62
CA ALA M 163 56.34 -39.61 -20.96
C ALA M 163 55.44 -38.91 -21.97
N LEU M 164 54.13 -39.10 -21.82
CA LEU M 164 53.16 -38.49 -22.72
C LEU M 164 52.48 -37.28 -22.09
N THR M 165 52.85 -36.09 -22.55
CA THR M 165 52.27 -34.85 -22.05
C THR M 165 51.72 -34.03 -23.19
N SER M 166 52.01 -34.45 -24.42
CA SER M 166 51.58 -33.73 -25.61
C SER M 166 50.25 -34.25 -26.14
N GLY M 167 49.33 -33.33 -26.41
CA GLY M 167 48.04 -33.69 -26.97
C GLY M 167 47.15 -34.43 -26.00
N VAL M 168 47.39 -34.22 -24.70
CA VAL M 168 46.60 -34.87 -23.67
C VAL M 168 45.61 -33.88 -23.06
N HIS M 169 44.33 -34.27 -23.06
CA HIS M 169 43.30 -33.43 -22.47
C HIS M 169 42.61 -34.15 -21.32
N THR M 170 42.73 -33.57 -20.13
CA THR M 170 42.05 -34.10 -18.95
C THR M 170 40.94 -33.14 -18.54
N PHE M 171 39.70 -33.55 -18.80
CA PHE M 171 38.54 -32.72 -18.53
C PHE M 171 38.31 -32.54 -17.04
N PRO M 172 37.84 -31.35 -16.64
CA PRO M 172 37.50 -31.08 -15.25
C PRO M 172 36.31 -31.94 -14.83
N ALA M 173 36.34 -32.42 -13.59
CA ALA M 173 35.32 -33.32 -13.09
C ALA M 173 33.95 -32.66 -13.00
N VAL M 174 32.91 -33.47 -13.06
CA VAL M 174 31.54 -33.01 -12.88
C VAL M 174 30.87 -33.83 -11.80
N LEU M 175 30.02 -33.16 -11.02
CA LEU M 175 29.33 -33.83 -9.93
C LEU M 175 28.08 -34.53 -10.43
N GLN M 176 28.09 -35.85 -10.34
CA GLN M 176 26.96 -36.65 -10.81
C GLN M 176 25.79 -36.57 -9.85
N SER M 177 24.64 -37.09 -10.28
CA SER M 177 23.45 -37.15 -9.45
C SER M 177 23.68 -38.12 -8.30
N SER M 178 24.67 -39.01 -8.46
CA SER M 178 25.03 -39.99 -7.44
C SER M 178 25.79 -39.32 -6.30
N GLY M 179 26.32 -38.13 -6.56
CA GLY M 179 27.08 -37.39 -5.57
C GLY M 179 28.55 -37.75 -5.59
N LEU M 180 28.95 -38.38 -6.69
CA LEU M 180 30.33 -38.76 -6.90
C LEU M 180 30.85 -38.06 -8.14
N TYR M 181 32.07 -37.53 -8.04
CA TYR M 181 32.70 -36.86 -9.16
C TYR M 181 33.09 -37.85 -10.25
N SER M 182 33.13 -37.38 -11.48
CA SER M 182 33.55 -38.20 -12.60
C SER M 182 34.10 -37.35 -13.73
N LEU M 183 35.11 -37.87 -14.42
CA LEU M 183 35.69 -37.18 -15.56
C LEU M 183 36.36 -38.15 -16.51
N SER M 184 36.73 -37.64 -17.68
CA SER M 184 37.42 -38.43 -18.69
C SER M 184 38.66 -37.70 -19.16
N SER M 185 39.74 -38.45 -19.38
CA SER M 185 40.99 -37.88 -19.89
C SER M 185 41.37 -38.58 -21.19
N VAL M 186 41.67 -37.80 -22.22
CA VAL M 186 41.90 -38.34 -23.56
C VAL M 186 43.19 -37.86 -24.21
N VAL M 187 43.77 -38.70 -25.08
CA VAL M 187 44.90 -38.28 -25.90
C VAL M 187 44.61 -38.53 -27.37
N THR M 188 45.26 -37.76 -28.22
CA THR M 188 45.25 -38.02 -29.64
C THR M 188 46.64 -38.49 -30.05
N VAL M 189 46.70 -39.60 -30.77
CA VAL M 189 47.96 -40.18 -31.19
C VAL M 189 47.83 -40.64 -32.64
N PRO M 190 48.97 -40.74 -33.36
CA PRO M 190 48.94 -41.27 -34.72
C PRO M 190 48.40 -42.69 -34.75
N SER M 191 47.51 -42.98 -35.70
CA SER M 191 46.87 -44.28 -35.79
C SER M 191 47.88 -45.41 -36.04
N SER M 192 49.02 -45.06 -36.62
CA SER M 192 50.05 -46.05 -36.92
C SER M 192 50.76 -46.51 -35.65
N SER M 193 50.73 -45.67 -34.62
CA SER M 193 51.50 -45.91 -33.41
C SER M 193 50.89 -46.96 -32.48
N LEU M 194 49.60 -47.21 -32.62
CA LEU M 194 48.89 -48.10 -31.69
C LEU M 194 49.47 -49.51 -31.62
N GLY M 195 49.92 -50.03 -32.75
CA GLY M 195 50.45 -51.38 -32.80
C GLY M 195 51.82 -51.49 -32.17
N THR M 196 52.71 -50.59 -32.57
CA THR M 196 54.09 -50.62 -32.11
C THR M 196 54.24 -50.07 -30.69
N GLN M 197 53.44 -49.06 -30.37
CA GLN M 197 53.52 -48.42 -29.06
C GLN M 197 52.30 -48.74 -28.19
N THR M 198 52.54 -49.06 -26.92
CA THR M 198 51.48 -49.34 -25.98
C THR M 198 51.16 -48.11 -25.13
N TYR M 199 49.89 -47.95 -24.78
CA TYR M 199 49.43 -46.77 -24.03
C TYR M 199 48.79 -47.14 -22.71
N ILE M 200 49.13 -46.42 -21.65
CA ILE M 200 48.47 -46.61 -20.36
C ILE M 200 48.15 -45.27 -19.67
N CYS M 201 47.11 -45.29 -18.84
CA CYS M 201 46.69 -44.11 -18.11
C CYS M 201 46.89 -44.29 -16.60
N ASN M 202 47.42 -43.26 -15.94
CA ASN M 202 47.71 -43.36 -14.50
C ASN M 202 46.83 -42.42 -13.68
N VAL M 203 46.25 -42.97 -12.61
CA VAL M 203 45.28 -42.23 -11.82
C VAL M 203 45.67 -42.20 -10.34
N ASN M 204 45.63 -41.01 -9.75
CA ASN M 204 45.93 -40.85 -8.34
C ASN M 204 44.90 -39.93 -7.68
N HIS M 205 44.50 -40.27 -6.46
CA HIS M 205 43.47 -39.52 -5.75
C HIS M 205 43.88 -39.42 -4.28
N LYS M 206 44.25 -38.22 -3.84
CA LYS M 206 44.89 -38.00 -2.55
C LYS M 206 44.04 -38.27 -1.31
N PRO M 207 42.73 -37.94 -1.35
CA PRO M 207 41.93 -38.48 -0.24
C PRO M 207 41.78 -39.99 -0.30
N SER M 208 41.47 -40.53 -1.47
CA SER M 208 41.18 -41.95 -1.63
C SER M 208 42.34 -42.87 -1.28
N ASN M 209 43.55 -42.40 -1.59
CA ASN M 209 44.74 -43.26 -1.58
C ASN M 209 44.58 -44.45 -2.52
N THR M 210 43.99 -44.21 -3.69
CA THR M 210 43.88 -45.21 -4.73
C THR M 210 44.75 -44.80 -5.91
N LYS M 211 45.52 -45.76 -6.42
CA LYS M 211 46.32 -45.55 -7.61
C LYS M 211 46.06 -46.71 -8.56
N VAL M 212 45.50 -46.42 -9.73
CA VAL M 212 45.13 -47.46 -10.67
C VAL M 212 45.77 -47.27 -12.05
N ASP M 213 46.28 -48.35 -12.62
CA ASP M 213 46.81 -48.34 -13.98
C ASP M 213 46.06 -49.36 -14.82
N LYS M 214 45.68 -48.96 -16.04
CA LYS M 214 44.92 -49.83 -16.94
C LYS M 214 45.40 -49.70 -18.38
N ARG M 215 45.73 -50.84 -18.98
CA ARG M 215 46.18 -50.84 -20.38
C ARG M 215 45.00 -50.68 -21.33
N VAL M 216 45.23 -49.96 -22.42
CA VAL M 216 44.16 -49.61 -23.36
C VAL M 216 44.43 -50.16 -24.76
N GLU M 217 43.51 -50.99 -25.25
CA GLU M 217 43.60 -51.52 -26.60
C GLU M 217 42.28 -51.37 -27.35
N PRO M 218 42.34 -51.21 -28.68
CA PRO M 218 41.14 -51.13 -29.51
C PRO M 218 40.44 -52.48 -29.67
N GLU N 1 38.75 -2.32 5.49
CA GLU N 1 39.10 -3.12 4.32
C GLU N 1 39.00 -2.31 3.03
N ILE N 2 40.14 -2.13 2.37
CA ILE N 2 40.17 -1.45 1.09
C ILE N 2 39.63 -2.38 0.01
N VAL N 3 38.79 -1.83 -0.86
CA VAL N 3 38.13 -2.63 -1.88
C VAL N 3 38.62 -2.30 -3.29
N LEU N 4 39.12 -3.31 -3.99
CA LEU N 4 39.58 -3.16 -5.36
C LEU N 4 38.51 -3.61 -6.34
N THR N 5 38.39 -2.88 -7.44
CA THR N 5 37.42 -3.23 -8.47
C THR N 5 38.08 -3.21 -9.84
N GLN N 6 38.00 -4.33 -10.54
CA GLN N 6 38.64 -4.47 -11.85
C GLN N 6 37.63 -4.42 -12.98
N SER N 7 38.09 -3.98 -14.14
CA SER N 7 37.27 -3.93 -15.34
C SER N 7 38.14 -4.14 -16.56
N PRO N 8 37.66 -4.97 -17.52
CA PRO N 8 36.38 -5.68 -17.47
C PRO N 8 36.50 -6.99 -16.69
N ASP N 9 35.36 -7.56 -16.31
CA ASP N 9 35.35 -8.85 -15.64
C ASP N 9 35.74 -9.94 -16.61
N PHE N 10 35.34 -9.77 -17.86
CA PHE N 10 35.66 -10.72 -18.91
C PHE N 10 36.13 -9.98 -20.16
N GLN N 11 37.06 -10.57 -20.88
CA GLN N 11 37.65 -9.91 -22.02
C GLN N 11 38.08 -10.91 -23.08
N SER N 12 37.82 -10.57 -24.34
CA SER N 12 38.19 -11.43 -25.46
C SER N 12 38.96 -10.62 -26.49
N VAL N 13 40.23 -10.98 -26.69
CA VAL N 13 41.11 -10.20 -27.55
C VAL N 13 41.75 -11.05 -28.65
N THR N 14 42.06 -10.42 -29.76
CA THR N 14 42.80 -11.05 -30.84
C THR N 14 44.29 -11.02 -30.55
N PRO N 15 45.02 -12.07 -30.98
CA PRO N 15 46.47 -12.18 -30.75
C PRO N 15 47.26 -11.00 -31.30
N LYS N 16 48.43 -10.78 -30.72
CA LYS N 16 49.37 -9.73 -31.13
C LYS N 16 48.75 -8.33 -31.03
N GLU N 17 47.83 -8.17 -30.08
CA GLU N 17 47.19 -6.88 -29.87
C GLU N 17 47.28 -6.43 -28.42
N LYS N 18 47.09 -5.14 -28.20
CA LYS N 18 47.17 -4.56 -26.87
C LYS N 18 45.98 -4.98 -26.00
N VAL N 19 46.27 -5.34 -24.76
CA VAL N 19 45.24 -5.73 -23.80
C VAL N 19 45.37 -4.89 -22.55
N THR N 20 44.27 -4.31 -22.09
CA THR N 20 44.30 -3.41 -20.94
C THR N 20 43.34 -3.82 -19.85
N ILE N 21 43.79 -3.70 -18.61
CA ILE N 21 42.97 -4.00 -17.44
C ILE N 21 43.12 -2.88 -16.41
N THR N 22 41.98 -2.42 -15.88
CA THR N 22 41.98 -1.30 -14.96
C THR N 22 41.68 -1.74 -13.53
N CYS N 23 42.32 -1.08 -12.57
CA CYS N 23 42.15 -1.41 -11.16
C CYS N 23 41.86 -0.17 -10.34
N ARG N 24 40.59 0.02 -9.99
CA ARG N 24 40.18 1.18 -9.20
C ARG N 24 40.14 0.81 -7.72
N ALA N 25 40.58 1.73 -6.87
CA ALA N 25 40.71 1.45 -5.43
C ALA N 25 39.77 2.29 -4.58
N SER N 26 39.30 1.71 -3.48
CA SER N 26 38.41 2.40 -2.54
C SER N 26 39.03 3.67 -1.98
N GLN N 27 40.33 3.60 -1.72
CA GLN N 27 41.05 4.70 -1.08
C GLN N 27 42.38 4.90 -1.81
N SER N 28 42.89 6.12 -1.78
CA SER N 28 44.21 6.40 -2.33
C SER N 28 45.25 5.44 -1.77
N ILE N 29 45.95 4.74 -2.66
CA ILE N 29 46.98 3.82 -2.20
C ILE N 29 48.39 4.18 -2.66
N SER N 30 48.50 5.31 -3.36
CA SER N 30 49.79 5.81 -3.84
C SER N 30 50.59 4.73 -4.55
N ASP N 31 51.80 4.50 -4.05
CA ASP N 31 52.77 3.62 -4.71
C ASP N 31 52.36 2.15 -4.74
N HIS N 32 51.67 1.69 -3.69
CA HIS N 32 51.52 0.26 -3.45
C HIS N 32 50.38 -0.39 -4.23
N LEU N 33 50.73 -1.15 -5.25
CA LEU N 33 49.82 -2.06 -5.93
C LEU N 33 50.60 -3.11 -6.70
N HIS N 34 50.04 -4.31 -6.80
CA HIS N 34 50.71 -5.39 -7.51
C HIS N 34 49.77 -6.09 -8.47
N TRP N 35 50.33 -6.87 -9.38
CA TRP N 35 49.55 -7.57 -10.39
C TRP N 35 49.94 -9.04 -10.48
N TYR N 36 48.93 -9.90 -10.61
CA TYR N 36 49.18 -11.33 -10.68
C TYR N 36 48.52 -11.98 -11.88
N GLN N 37 49.14 -13.04 -12.35
CA GLN N 37 48.59 -13.84 -13.44
C GLN N 37 48.32 -15.25 -12.94
N GLN N 38 47.08 -15.70 -13.04
CA GLN N 38 46.72 -17.04 -12.61
C GLN N 38 46.15 -17.88 -13.74
N LYS N 39 46.95 -18.82 -14.22
CA LYS N 39 46.47 -19.80 -15.18
C LYS N 39 45.65 -20.85 -14.43
N PRO N 40 44.72 -21.52 -15.13
CA PRO N 40 43.85 -22.50 -14.45
C PRO N 40 44.64 -23.63 -13.81
N ASP N 41 44.21 -24.06 -12.63
CA ASP N 41 44.85 -25.12 -11.87
C ASP N 41 46.32 -24.84 -11.57
N GLN N 42 46.63 -23.57 -11.37
CA GLN N 42 47.98 -23.16 -11.01
C GLN N 42 47.96 -22.01 -10.01
N SER N 43 49.09 -21.82 -9.33
CA SER N 43 49.24 -20.73 -8.39
C SER N 43 49.48 -19.42 -9.14
N PRO N 44 48.97 -18.31 -8.58
CA PRO N 44 49.18 -16.97 -9.14
C PRO N 44 50.67 -16.64 -9.25
N LYS N 45 51.02 -15.86 -10.27
CA LYS N 45 52.41 -15.45 -10.48
C LYS N 45 52.53 -13.94 -10.38
N LEU N 46 53.61 -13.49 -9.75
CA LEU N 46 53.86 -12.07 -9.57
C LEU N 46 54.28 -11.42 -10.89
N LEU N 47 53.50 -10.45 -11.34
CA LEU N 47 53.79 -9.76 -12.61
C LEU N 47 54.51 -8.44 -12.40
N ILE N 48 53.84 -7.51 -11.75
CA ILE N 48 54.38 -6.17 -11.55
C ILE N 48 54.25 -5.76 -10.10
N LYS N 49 55.10 -4.85 -9.65
CA LYS N 49 55.07 -4.39 -8.27
C LYS N 49 55.41 -2.92 -8.15
N TYR N 50 54.81 -2.26 -7.15
CA TYR N 50 55.24 -0.94 -6.70
C TYR N 50 55.23 0.30 -7.62
N ALA N 51 54.35 0.45 -8.63
CA ALA N 51 53.41 -0.54 -9.15
C ALA N 51 53.71 -0.67 -10.64
N SER N 52 54.90 -0.21 -11.02
CA SER N 52 55.31 -0.15 -12.41
C SER N 52 56.61 -0.92 -12.63
N HIS N 53 57.00 -1.70 -11.63
CA HIS N 53 58.28 -2.41 -11.68
C HIS N 53 58.12 -3.85 -12.16
N ALA N 54 58.76 -4.14 -13.29
CA ALA N 54 58.79 -5.49 -13.83
C ALA N 54 59.47 -6.43 -12.84
N ILE N 55 59.02 -7.69 -12.84
CA ILE N 55 59.67 -8.73 -12.08
C ILE N 55 60.72 -9.38 -12.98
N SER N 56 61.74 -9.97 -12.38
CA SER N 56 62.78 -10.63 -13.15
C SER N 56 62.34 -12.03 -13.59
N GLY N 57 61.89 -12.13 -14.83
CA GLY N 57 61.41 -13.39 -15.39
C GLY N 57 60.11 -13.18 -16.12
N VAL N 58 59.56 -11.98 -15.96
CA VAL N 58 58.35 -11.58 -16.67
C VAL N 58 58.75 -10.92 -17.98
N PRO N 59 58.17 -11.39 -19.10
CA PRO N 59 58.49 -10.88 -20.44
C PRO N 59 58.31 -9.37 -20.54
N SER N 60 59.01 -8.75 -21.49
CA SER N 60 58.98 -7.31 -21.68
C SER N 60 57.62 -6.83 -22.14
N ARG N 61 56.86 -7.72 -22.77
CA ARG N 61 55.53 -7.39 -23.26
C ARG N 61 54.61 -6.96 -22.12
N PHE N 62 54.77 -7.59 -20.96
CA PHE N 62 53.99 -7.24 -19.79
C PHE N 62 54.50 -5.95 -19.17
N SER N 63 53.57 -5.05 -18.89
CA SER N 63 53.88 -3.78 -18.27
C SER N 63 52.75 -3.35 -17.36
N GLY N 64 52.84 -2.12 -16.85
CA GLY N 64 51.82 -1.58 -15.98
C GLY N 64 52.12 -0.16 -15.57
N SER N 65 51.09 0.54 -15.16
CA SER N 65 51.23 1.93 -14.74
C SER N 65 50.10 2.35 -13.81
N GLY N 66 50.28 3.47 -13.13
CA GLY N 66 49.24 4.02 -12.29
C GLY N 66 49.75 4.68 -11.03
N SER N 67 48.84 5.41 -10.39
CA SER N 67 49.10 6.06 -9.12
C SER N 67 47.73 6.34 -8.53
N GLY N 68 47.71 6.81 -7.28
CA GLY N 68 46.46 7.19 -6.63
C GLY N 68 45.37 6.14 -6.73
N THR N 69 44.15 6.61 -6.99
CA THR N 69 42.97 5.74 -7.00
C THR N 69 42.94 4.75 -8.18
N ASP N 70 43.67 5.08 -9.25
CA ASP N 70 43.56 4.30 -10.49
C ASP N 70 44.87 3.69 -11.01
N PHE N 71 44.82 2.42 -11.38
CA PHE N 71 45.96 1.72 -11.94
C PHE N 71 45.55 0.91 -13.15
N THR N 72 46.48 0.74 -14.09
CA THR N 72 46.21 0.02 -15.32
C THR N 72 47.31 -0.98 -15.66
N LEU N 73 46.90 -2.21 -15.97
CA LEU N 73 47.81 -3.26 -16.40
C LEU N 73 47.69 -3.44 -17.91
N THR N 74 48.81 -3.43 -18.61
CA THR N 74 48.80 -3.51 -20.07
C THR N 74 49.62 -4.66 -20.62
N ILE N 75 49.03 -5.41 -21.54
CA ILE N 75 49.75 -6.45 -22.28
C ILE N 75 49.96 -5.97 -23.70
N ASN N 76 51.20 -5.62 -24.03
CA ASN N 76 51.52 -5.02 -25.31
C ASN N 76 51.11 -5.87 -26.52
N SER N 77 51.44 -7.15 -26.47
CA SER N 77 51.08 -8.07 -27.55
C SER N 77 50.56 -9.38 -26.96
N LEU N 78 49.28 -9.65 -27.20
CA LEU N 78 48.64 -10.82 -26.64
C LEU N 78 49.18 -12.09 -27.30
N GLU N 79 49.69 -13.01 -26.49
CA GLU N 79 50.21 -14.27 -27.00
C GLU N 79 49.36 -15.44 -26.50
N ALA N 80 49.54 -16.61 -27.11
CA ALA N 80 48.79 -17.80 -26.74
C ALA N 80 48.98 -18.17 -25.27
N GLU N 81 50.20 -17.97 -24.78
CA GLU N 81 50.55 -18.28 -23.39
C GLU N 81 49.76 -17.43 -22.39
N ASP N 82 49.40 -16.22 -22.80
CA ASP N 82 48.79 -15.23 -21.92
C ASP N 82 47.38 -15.56 -21.44
N ALA N 83 46.80 -16.63 -21.98
CA ALA N 83 45.44 -17.04 -21.62
C ALA N 83 45.33 -17.39 -20.14
N ALA N 84 44.78 -16.48 -19.36
CA ALA N 84 44.60 -16.68 -17.93
C ALA N 84 43.67 -15.63 -17.32
N THR N 85 43.58 -15.63 -16.00
CA THR N 85 42.82 -14.60 -15.28
C THR N 85 43.79 -13.78 -14.42
N TYR N 86 43.58 -12.47 -14.41
CA TYR N 86 44.52 -11.57 -13.76
C TYR N 86 43.90 -10.87 -12.56
N TYR N 87 44.66 -10.79 -11.47
CA TYR N 87 44.20 -10.19 -10.23
C TYR N 87 45.09 -9.01 -9.86
N CYS N 88 44.58 -8.15 -8.98
CA CYS N 88 45.36 -7.02 -8.46
C CYS N 88 45.13 -6.86 -6.96
N GLN N 89 46.22 -6.73 -6.22
CA GLN N 89 46.14 -6.66 -4.76
C GLN N 89 46.77 -5.38 -4.21
N GLN N 90 46.19 -4.86 -3.14
CA GLN N 90 46.71 -3.64 -2.55
C GLN N 90 47.78 -3.93 -1.50
N GLY N 91 48.77 -3.04 -1.41
CA GLY N 91 49.83 -3.19 -0.43
C GLY N 91 49.81 -2.08 0.60
N TYR N 92 48.87 -1.15 0.46
CA TYR N 92 48.82 0.02 1.33
C TYR N 92 48.56 -0.35 2.78
N ASP N 93 47.54 -1.16 3.02
CA ASP N 93 47.14 -1.44 4.39
C ASP N 93 46.43 -2.77 4.59
N PHE N 94 46.68 -3.36 5.75
CA PHE N 94 46.00 -4.58 6.16
C PHE N 94 44.54 -4.29 6.56
N PRO N 95 43.66 -5.29 6.37
CA PRO N 95 43.97 -6.59 5.77
C PRO N 95 44.21 -6.48 4.27
N LEU N 96 45.11 -7.31 3.76
CA LEU N 96 45.41 -7.33 2.34
C LEU N 96 44.22 -7.87 1.57
N THR N 97 43.99 -7.31 0.39
CA THR N 97 42.85 -7.70 -0.42
C THR N 97 43.25 -7.85 -1.88
N PHE N 98 42.40 -8.54 -2.63
CA PHE N 98 42.65 -8.77 -4.05
C PHE N 98 41.51 -8.23 -4.91
N GLY N 99 41.78 -8.05 -6.19
CA GLY N 99 40.77 -7.60 -7.13
C GLY N 99 39.78 -8.70 -7.45
N GLY N 100 38.76 -8.35 -8.21
CA GLY N 100 37.73 -9.31 -8.58
C GLY N 100 38.21 -10.34 -9.59
N GLY N 101 39.29 -10.02 -10.28
CA GLY N 101 39.84 -10.91 -11.28
C GLY N 101 39.35 -10.57 -12.68
N THR N 102 40.23 -10.72 -13.66
CA THR N 102 39.90 -10.41 -15.04
C THR N 102 40.29 -11.56 -15.97
N LYS N 103 39.29 -12.20 -16.56
CA LYS N 103 39.55 -13.31 -17.47
C LYS N 103 39.76 -12.82 -18.89
N VAL N 104 40.87 -13.26 -19.50
CA VAL N 104 41.21 -12.85 -20.85
C VAL N 104 41.15 -14.03 -21.80
N GLU N 105 40.26 -13.94 -22.79
CA GLU N 105 40.11 -14.99 -23.79
C GLU N 105 40.77 -14.60 -25.11
N ILE N 106 41.55 -15.53 -25.65
CA ILE N 106 42.20 -15.32 -26.94
C ILE N 106 41.22 -15.61 -28.07
N LYS N 107 41.04 -14.64 -28.96
CA LYS N 107 40.16 -14.83 -30.11
C LYS N 107 40.94 -15.36 -31.29
N ARG N 108 40.97 -16.68 -31.44
CA ARG N 108 41.70 -17.31 -32.52
C ARG N 108 40.80 -17.58 -33.71
N THR N 109 41.41 -17.72 -34.88
CA THR N 109 40.68 -18.03 -36.11
C THR N 109 39.91 -19.33 -35.93
N VAL N 110 38.66 -19.32 -36.41
CA VAL N 110 37.73 -20.43 -36.22
C VAL N 110 38.29 -21.78 -36.65
N ALA N 111 38.07 -22.80 -35.83
CA ALA N 111 38.52 -24.15 -36.14
C ALA N 111 37.42 -25.18 -35.88
N ALA N 112 37.36 -26.19 -36.74
CA ALA N 112 36.33 -27.22 -36.65
C ALA N 112 36.68 -28.30 -35.62
N PRO N 113 35.66 -28.82 -34.92
CA PRO N 113 35.85 -29.86 -33.90
C PRO N 113 36.17 -31.22 -34.51
N SER N 114 37.14 -31.91 -33.92
CA SER N 114 37.43 -33.29 -34.30
C SER N 114 36.65 -34.20 -33.36
N VAL N 115 35.67 -34.92 -33.92
CA VAL N 115 34.74 -35.68 -33.10
C VAL N 115 35.03 -37.18 -33.10
N PHE N 116 35.03 -37.76 -31.89
CA PHE N 116 35.20 -39.19 -31.72
C PHE N 116 34.17 -39.70 -30.72
N ILE N 117 33.79 -40.96 -30.86
CA ILE N 117 32.82 -41.56 -29.95
C ILE N 117 33.36 -42.85 -29.36
N PHE N 118 33.08 -43.08 -28.08
CA PHE N 118 33.59 -44.25 -27.39
C PHE N 118 32.48 -45.11 -26.81
N PRO N 119 32.47 -46.40 -27.16
CA PRO N 119 31.54 -47.37 -26.60
C PRO N 119 31.93 -47.72 -25.17
N PRO N 120 30.95 -48.09 -24.32
CA PRO N 120 31.21 -48.49 -22.94
C PRO N 120 32.13 -49.71 -22.87
N SER N 121 32.99 -49.73 -21.85
CA SER N 121 33.91 -50.84 -21.67
C SER N 121 33.19 -52.11 -21.26
N ASP N 122 33.69 -53.25 -21.75
CA ASP N 122 33.16 -54.55 -21.36
C ASP N 122 33.27 -54.77 -19.85
N GLU N 123 34.27 -54.14 -19.25
CA GLU N 123 34.48 -54.22 -17.81
C GLU N 123 33.41 -53.43 -17.05
N GLN N 124 32.86 -52.42 -17.71
CA GLN N 124 31.88 -51.54 -17.09
C GLN N 124 30.46 -52.06 -17.27
N LEU N 125 30.24 -52.81 -18.34
CA LEU N 125 28.93 -53.39 -18.61
C LEU N 125 28.51 -54.35 -17.51
N LYS N 126 29.50 -55.06 -16.96
CA LYS N 126 29.25 -56.02 -15.90
C LYS N 126 28.80 -55.35 -14.61
N SER N 127 29.20 -54.09 -14.45
CA SER N 127 28.85 -53.34 -13.24
C SER N 127 27.36 -53.00 -13.20
N GLY N 128 26.71 -53.04 -14.35
CA GLY N 128 25.29 -52.73 -14.44
C GLY N 128 25.03 -51.31 -14.86
N THR N 129 26.11 -50.57 -15.13
CA THR N 129 26.01 -49.20 -15.57
C THR N 129 26.84 -49.00 -16.83
N ALA N 130 26.29 -48.28 -17.80
CA ALA N 130 27.00 -48.05 -19.05
C ALA N 130 27.12 -46.56 -19.34
N SER N 131 28.34 -46.12 -19.63
CA SER N 131 28.61 -44.72 -19.92
C SER N 131 29.18 -44.57 -21.32
N VAL N 132 28.52 -43.75 -22.13
CA VAL N 132 28.98 -43.49 -23.49
C VAL N 132 29.45 -42.04 -23.59
N VAL N 133 30.64 -41.84 -24.15
CA VAL N 133 31.20 -40.50 -24.22
C VAL N 133 31.44 -40.01 -25.65
N CYS N 134 31.05 -38.76 -25.90
CA CYS N 134 31.31 -38.12 -27.17
C CYS N 134 32.36 -37.04 -26.94
N LEU N 135 33.38 -37.00 -27.80
CA LEU N 135 34.51 -36.11 -27.62
C LEU N 135 34.59 -35.05 -28.70
N LEU N 136 34.76 -33.79 -28.29
CA LEU N 136 34.74 -32.67 -29.24
C LEU N 136 36.11 -32.00 -29.39
N ASN N 137 37.05 -32.41 -28.53
CA ASN N 137 38.48 -32.16 -28.73
C ASN N 137 38.88 -30.71 -28.98
N ASN N 138 39.35 -30.39 -30.18
CA ASN N 138 39.77 -29.01 -30.44
C ASN N 138 38.78 -28.26 -31.30
N PHE N 139 38.33 -27.10 -30.83
CA PHE N 139 37.34 -26.31 -31.53
C PHE N 139 37.19 -24.93 -30.94
N TYR N 140 37.17 -23.92 -31.82
CA TYR N 140 36.92 -22.56 -31.40
C TYR N 140 35.85 -21.94 -32.30
N PRO N 141 34.88 -21.22 -31.71
CA PRO N 141 34.75 -20.90 -30.29
C PRO N 141 34.24 -22.07 -29.44
N ARG N 142 34.03 -21.82 -28.15
CA ARG N 142 33.65 -22.86 -27.21
C ARG N 142 32.19 -23.28 -27.36
N GLU N 143 31.37 -22.39 -27.89
CA GLU N 143 29.94 -22.66 -28.05
C GLU N 143 29.68 -23.83 -28.97
N ALA N 144 29.02 -24.86 -28.45
CA ALA N 144 28.71 -26.05 -29.22
C ALA N 144 27.52 -26.79 -28.63
N LYS N 145 26.85 -27.58 -29.47
CA LYS N 145 25.67 -28.32 -29.05
C LYS N 145 25.84 -29.81 -29.31
N VAL N 146 25.53 -30.62 -28.30
CA VAL N 146 25.66 -32.06 -28.40
C VAL N 146 24.33 -32.76 -28.19
N GLN N 147 23.94 -33.57 -29.17
CA GLN N 147 22.70 -34.34 -29.08
C GLN N 147 22.94 -35.83 -29.16
N TRP N 148 22.38 -36.57 -28.21
CA TRP N 148 22.51 -38.02 -28.18
C TRP N 148 21.31 -38.71 -28.81
N LYS N 149 21.58 -39.63 -29.73
CA LYS N 149 20.52 -40.37 -30.40
C LYS N 149 20.66 -41.87 -30.17
N VAL N 150 19.64 -42.46 -29.57
CA VAL N 150 19.61 -43.90 -29.32
C VAL N 150 18.58 -44.54 -30.24
N ASP N 151 19.07 -45.30 -31.23
CA ASP N 151 18.22 -45.85 -32.28
C ASP N 151 17.41 -44.73 -32.92
N ASN N 152 18.08 -43.62 -33.22
CA ASN N 152 17.46 -42.43 -33.78
C ASN N 152 16.38 -41.82 -32.87
N ALA N 153 16.50 -42.06 -31.57
CA ALA N 153 15.61 -41.43 -30.61
C ALA N 153 16.37 -40.42 -29.76
N LEU N 154 15.87 -39.19 -29.73
CA LEU N 154 16.53 -38.09 -29.04
C LEU N 154 16.52 -38.29 -27.52
N GLN N 155 17.68 -38.17 -26.91
CA GLN N 155 17.83 -38.40 -25.47
C GLN N 155 18.11 -37.11 -24.73
N SER N 156 17.56 -36.98 -23.53
CA SER N 156 17.77 -35.80 -22.72
C SER N 156 17.72 -36.12 -21.23
N GLY N 157 18.60 -35.50 -20.45
CA GLY N 157 18.62 -35.67 -19.02
C GLY N 157 19.51 -36.80 -18.53
N ASN N 158 20.10 -37.53 -19.47
CA ASN N 158 21.00 -38.61 -19.13
C ASN N 158 22.41 -38.32 -19.60
N SER N 159 22.66 -37.07 -19.96
CA SER N 159 23.95 -36.64 -20.48
C SER N 159 24.55 -35.52 -19.64
N GLN N 160 25.86 -35.62 -19.39
CA GLN N 160 26.59 -34.56 -18.71
C GLN N 160 27.73 -34.06 -19.59
N GLU N 161 28.00 -32.75 -19.52
CA GLU N 161 29.02 -32.15 -20.36
C GLU N 161 30.13 -31.49 -19.54
N SER N 162 31.36 -31.64 -20.02
CA SER N 162 32.52 -31.02 -19.39
C SER N 162 33.35 -30.26 -20.42
N VAL N 163 33.71 -29.02 -20.09
CA VAL N 163 34.49 -28.19 -20.98
C VAL N 163 35.80 -27.79 -20.32
N THR N 164 36.89 -27.87 -21.07
CA THR N 164 38.19 -27.50 -20.54
C THR N 164 38.50 -26.04 -20.79
N GLU N 165 39.55 -25.54 -20.14
CA GLU N 165 39.98 -24.16 -20.32
C GLU N 165 40.69 -23.97 -21.65
N GLN N 166 40.87 -22.72 -22.05
CA GLN N 166 41.53 -22.39 -23.30
C GLN N 166 42.97 -22.88 -23.28
N ASP N 167 43.41 -23.50 -24.37
CA ASP N 167 44.73 -24.10 -24.42
C ASP N 167 45.83 -23.04 -24.45
N SER N 168 46.95 -23.36 -23.79
CA SER N 168 48.10 -22.47 -23.76
C SER N 168 48.80 -22.40 -25.11
N LYS N 169 48.71 -23.48 -25.87
CA LYS N 169 49.42 -23.59 -27.14
C LYS N 169 48.58 -23.13 -28.33
N ASP N 170 47.51 -23.86 -28.63
CA ASP N 170 46.69 -23.57 -29.80
C ASP N 170 45.44 -22.77 -29.48
N SER N 171 45.21 -22.49 -28.20
CA SER N 171 44.09 -21.69 -27.75
C SER N 171 42.72 -22.24 -28.15
N THR N 172 42.61 -23.57 -28.20
CA THR N 172 41.37 -24.22 -28.58
C THR N 172 40.70 -24.89 -27.37
N TYR N 173 39.38 -24.81 -27.32
CA TYR N 173 38.62 -25.42 -26.24
C TYR N 173 38.36 -26.89 -26.49
N SER N 174 38.01 -27.62 -25.43
CA SER N 174 37.66 -29.03 -25.53
C SER N 174 36.42 -29.39 -24.73
N LEU N 175 35.58 -30.24 -25.31
CA LEU N 175 34.32 -30.62 -24.68
C LEU N 175 34.11 -32.12 -24.74
N SER N 176 33.58 -32.67 -23.65
CA SER N 176 33.27 -34.09 -23.58
C SER N 176 31.85 -34.26 -23.05
N SER N 177 31.03 -35.01 -23.78
CA SER N 177 29.67 -35.28 -23.33
C SER N 177 29.54 -36.75 -22.98
N THR N 178 29.06 -37.02 -21.77
CA THR N 178 28.95 -38.39 -21.28
C THR N 178 27.49 -38.83 -21.15
N LEU N 179 27.16 -39.93 -21.83
CA LEU N 179 25.82 -40.48 -21.80
C LEU N 179 25.81 -41.71 -20.90
N THR N 180 25.02 -41.67 -19.83
CA THR N 180 25.00 -42.75 -18.84
C THR N 180 23.69 -43.54 -18.88
N LEU N 181 23.81 -44.85 -19.02
CA LEU N 181 22.64 -45.74 -19.05
C LEU N 181 22.91 -47.01 -18.27
N SER N 182 21.83 -47.64 -17.78
CA SER N 182 21.94 -48.92 -17.11
C SER N 182 22.21 -50.01 -18.14
N LYS N 183 22.83 -51.11 -17.70
CA LYS N 183 23.11 -52.23 -18.58
C LYS N 183 21.82 -52.78 -19.19
N ALA N 184 20.77 -52.78 -18.38
CA ALA N 184 19.46 -53.26 -18.81
C ALA N 184 18.96 -52.47 -20.02
N ASP N 185 19.19 -51.17 -20.01
CA ASP N 185 18.73 -50.30 -21.08
C ASP N 185 19.77 -50.14 -22.19
N TYR N 186 21.03 -50.37 -21.85
CA TYR N 186 22.11 -50.21 -22.82
C TYR N 186 22.04 -51.24 -23.94
N GLU N 187 21.64 -52.46 -23.61
CA GLU N 187 21.61 -53.53 -24.59
C GLU N 187 20.24 -53.76 -25.22
N LYS N 188 19.26 -52.97 -24.81
CA LYS N 188 17.95 -53.00 -25.45
C LYS N 188 17.92 -52.02 -26.61
N HIS N 189 19.10 -51.73 -27.15
CA HIS N 189 19.25 -50.82 -28.28
C HIS N 189 20.51 -51.19 -29.07
N LYS N 190 20.60 -50.72 -30.31
CA LYS N 190 21.71 -51.10 -31.18
C LYS N 190 22.58 -49.92 -31.61
N VAL N 191 21.94 -48.89 -32.16
CA VAL N 191 22.69 -47.77 -32.74
C VAL N 191 22.67 -46.52 -31.87
N TYR N 192 23.86 -46.06 -31.48
CA TYR N 192 24.00 -44.83 -30.70
C TYR N 192 24.73 -43.79 -31.54
N ALA N 193 24.24 -42.55 -31.52
CA ALA N 193 24.81 -41.50 -32.35
C ALA N 193 25.01 -40.18 -31.60
N CYS N 194 26.09 -39.49 -31.94
CA CYS N 194 26.40 -38.19 -31.35
C CYS N 194 26.42 -37.12 -32.43
N GLU N 195 25.53 -36.12 -32.29
CA GLU N 195 25.43 -35.05 -33.28
C GLU N 195 26.06 -33.75 -32.79
N VAL N 196 27.05 -33.27 -33.53
CA VAL N 196 27.79 -32.07 -33.15
C VAL N 196 27.53 -30.91 -34.09
N THR N 197 27.12 -29.79 -33.54
CA THR N 197 26.88 -28.58 -34.34
C THR N 197 27.77 -27.45 -33.86
N HIS N 198 28.62 -26.95 -34.75
CA HIS N 198 29.54 -25.89 -34.41
C HIS N 198 29.59 -24.82 -35.50
N GLN N 199 30.07 -23.64 -35.14
CA GLN N 199 30.19 -22.53 -36.08
C GLN N 199 31.15 -22.86 -37.23
N GLY N 200 32.17 -23.65 -36.92
CA GLY N 200 33.15 -24.05 -37.92
C GLY N 200 32.60 -25.06 -38.90
N LEU N 201 31.58 -25.79 -38.48
CA LEU N 201 30.96 -26.81 -39.33
C LEU N 201 29.80 -26.23 -40.14
N SER N 202 29.81 -26.50 -41.44
CA SER N 202 28.74 -26.05 -42.33
C SER N 202 27.45 -26.79 -42.00
N SER N 203 27.57 -28.10 -41.77
CA SER N 203 26.43 -28.93 -41.42
C SER N 203 26.79 -29.82 -40.24
N PRO N 204 25.80 -30.13 -39.39
CA PRO N 204 25.99 -30.99 -38.20
C PRO N 204 26.69 -32.30 -38.54
N VAL N 205 27.64 -32.69 -37.69
CA VAL N 205 28.40 -33.91 -37.90
C VAL N 205 28.00 -34.98 -36.89
N THR N 206 27.73 -36.18 -37.40
CA THR N 206 27.29 -37.28 -36.54
C THR N 206 28.27 -38.46 -36.58
N LYS N 207 28.70 -38.88 -35.40
CA LYS N 207 29.56 -40.05 -35.26
C LYS N 207 28.83 -41.13 -34.49
N SER N 208 28.74 -42.32 -35.08
CA SER N 208 27.94 -43.39 -34.49
C SER N 208 28.65 -44.73 -34.51
N PHE N 209 28.18 -45.64 -33.66
CA PHE N 209 28.62 -47.02 -33.65
C PHE N 209 27.40 -47.89 -33.42
N ASN N 210 27.55 -49.19 -33.64
CA ASN N 210 26.41 -50.11 -33.54
C ASN N 210 26.51 -51.08 -32.38
N ARG N 211 25.68 -52.12 -32.42
CA ARG N 211 25.65 -53.19 -31.43
C ARG N 211 25.41 -52.70 -30.01
N GLN O 1 20.16 20.23 -37.88
CA GLN O 1 18.76 19.97 -38.21
C GLN O 1 18.64 19.11 -39.47
N VAL O 2 19.78 18.57 -39.90
CA VAL O 2 19.80 17.70 -41.08
C VAL O 2 19.19 16.36 -40.74
N GLN O 3 18.32 15.87 -41.63
CA GLN O 3 17.71 14.57 -41.45
C GLN O 3 17.83 13.74 -42.73
N LEU O 4 17.90 12.43 -42.55
CA LEU O 4 18.07 11.53 -43.69
C LEU O 4 17.23 10.27 -43.53
N GLN O 5 16.61 9.85 -44.62
CA GLN O 5 15.77 8.68 -44.63
C GLN O 5 16.02 7.89 -45.92
N GLU O 6 16.11 6.57 -45.82
CA GLU O 6 16.53 5.75 -46.95
C GLU O 6 15.42 4.86 -47.50
N SER O 7 15.39 4.73 -48.82
CA SER O 7 14.41 3.88 -49.49
C SER O 7 15.01 3.24 -50.74
N GLY O 8 14.57 2.02 -51.03
CA GLY O 8 14.99 1.35 -52.25
C GLY O 8 14.53 -0.10 -52.33
N PRO O 9 15.12 -0.86 -53.26
CA PRO O 9 14.70 -2.25 -53.51
C PRO O 9 15.14 -3.20 -52.39
N GLY O 10 14.30 -4.18 -52.08
CA GLY O 10 14.57 -5.11 -51.01
C GLY O 10 15.45 -6.28 -51.42
N LEU O 11 15.32 -6.70 -52.67
CA LEU O 11 16.04 -7.88 -53.15
C LEU O 11 16.55 -7.68 -54.57
N VAL O 12 17.69 -8.27 -54.88
CA VAL O 12 18.25 -8.23 -56.22
C VAL O 12 18.87 -9.57 -56.61
N LYS O 13 18.55 -10.02 -57.82
CA LYS O 13 19.12 -11.25 -58.37
C LYS O 13 20.63 -11.09 -58.56
N PRO O 14 21.40 -12.16 -58.30
CA PRO O 14 22.85 -12.15 -58.55
C PRO O 14 23.20 -11.85 -60.00
N SER O 15 24.43 -11.40 -60.23
CA SER O 15 24.93 -11.03 -61.55
C SER O 15 24.14 -9.89 -62.20
N ASP O 16 23.35 -9.17 -61.39
CA ASP O 16 22.62 -8.02 -61.87
C ASP O 16 23.31 -6.75 -61.41
N THR O 17 22.58 -5.63 -61.47
CA THR O 17 23.08 -4.35 -61.01
C THR O 17 22.17 -3.79 -59.93
N LEU O 18 22.78 -3.26 -58.87
CA LEU O 18 22.01 -2.70 -57.78
C LEU O 18 22.21 -1.20 -57.65
N SER O 19 21.09 -0.48 -57.58
CA SER O 19 21.08 0.93 -57.31
C SER O 19 20.21 1.21 -56.10
N LEU O 20 20.64 2.14 -55.26
CA LEU O 20 19.75 2.67 -54.23
C LEU O 20 19.79 4.17 -54.28
N THR O 21 18.82 4.79 -53.62
CA THR O 21 18.71 6.23 -53.61
C THR O 21 18.55 6.76 -52.19
N CYS O 22 19.16 7.91 -51.92
CA CYS O 22 19.08 8.53 -50.62
C CYS O 22 18.44 9.90 -50.67
N ALA O 23 17.69 10.26 -49.62
CA ALA O 23 16.95 11.53 -49.61
C ALA O 23 17.14 12.31 -48.31
N VAL O 24 17.19 13.63 -48.41
CA VAL O 24 17.61 14.50 -47.32
C VAL O 24 16.62 15.62 -47.03
N SER O 25 16.63 16.11 -45.79
CA SER O 25 15.79 17.23 -45.37
C SER O 25 16.52 18.10 -44.34
N GLY O 26 16.27 19.40 -44.38
CA GLY O 26 16.89 20.31 -43.42
C GLY O 26 18.16 20.94 -43.95
N TYR O 27 18.73 20.30 -44.97
CA TYR O 27 19.91 20.81 -45.67
C TYR O 27 19.75 20.51 -47.15
N PRO O 28 20.31 21.37 -48.00
CA PRO O 28 20.22 21.21 -49.46
C PRO O 28 21.52 20.70 -50.06
N ILE O 29 21.42 19.74 -50.98
CA ILE O 29 22.53 18.92 -51.50
C ILE O 29 23.61 19.74 -52.13
N ARG O 30 23.23 20.42 -53.19
CA ARG O 30 24.12 21.22 -54.00
C ARG O 30 24.91 22.14 -53.09
N PHE O 31 24.25 22.50 -52.00
CA PHE O 31 24.74 23.44 -51.03
C PHE O 31 25.54 22.68 -49.98
N GLY O 32 26.62 23.28 -49.47
CA GLY O 32 27.31 22.70 -48.34
C GLY O 32 27.97 21.36 -48.57
N TYR O 33 27.96 20.51 -47.57
CA TYR O 33 28.90 19.41 -47.42
C TYR O 33 28.78 18.26 -48.44
N SER O 34 29.64 17.26 -48.33
CA SER O 34 29.61 16.16 -49.28
C SER O 34 29.04 14.87 -48.68
N TRP O 35 28.62 13.95 -49.55
CA TRP O 35 27.69 12.89 -49.15
C TRP O 35 28.14 11.49 -49.52
N HIS O 36 27.96 10.55 -48.60
CA HIS O 36 28.64 9.27 -48.69
C HIS O 36 27.75 8.03 -48.63
N TRP O 37 28.34 6.91 -49.03
CA TRP O 37 27.68 5.62 -48.97
C TRP O 37 28.49 4.62 -48.15
N ILE O 38 27.85 4.08 -47.12
CA ILE O 38 28.47 3.12 -46.23
C ILE O 38 27.63 1.85 -46.20
N ARG O 39 28.28 0.70 -46.25
CA ARG O 39 27.56 -0.57 -46.16
C ARG O 39 28.06 -1.40 -44.99
N GLN O 40 27.14 -2.17 -44.39
CA GLN O 40 27.48 -2.99 -43.25
C GLN O 40 26.85 -4.36 -43.37
N PRO O 41 27.67 -5.39 -43.62
CA PRO O 41 27.19 -6.78 -43.64
C PRO O 41 26.64 -7.16 -42.26
N PRO O 42 25.72 -8.12 -42.20
CA PRO O 42 25.07 -8.50 -40.94
C PRO O 42 26.06 -8.98 -39.90
N GLY O 43 26.08 -8.32 -38.74
CA GLY O 43 26.96 -8.71 -37.65
C GLY O 43 28.42 -8.45 -37.93
N LYS O 44 28.70 -7.56 -38.88
CA LYS O 44 30.08 -7.24 -39.22
C LYS O 44 30.35 -5.73 -39.27
N GLY O 45 31.59 -5.38 -39.57
CA GLY O 45 32.03 -3.99 -39.54
C GLY O 45 31.59 -3.16 -40.72
N LEU O 46 31.71 -1.84 -40.57
CA LEU O 46 31.30 -0.90 -41.59
C LEU O 46 32.33 -0.77 -42.71
N GLU O 47 31.86 -0.60 -43.94
CA GLU O 47 32.74 -0.39 -45.08
C GLU O 47 32.37 0.89 -45.81
N TRP O 48 33.40 1.67 -46.15
CA TRP O 48 33.21 2.93 -46.86
C TRP O 48 33.24 2.71 -48.37
N MET O 49 32.14 3.01 -49.04
CA MET O 49 32.00 2.74 -50.46
C MET O 49 32.49 3.90 -51.34
N GLY O 50 31.99 5.10 -51.07
CA GLY O 50 32.38 6.26 -51.83
C GLY O 50 31.52 7.47 -51.52
N TYR O 51 31.71 8.54 -52.27
CA TYR O 51 30.94 9.76 -52.05
C TYR O 51 30.74 10.59 -53.30
N ILE O 52 29.75 11.47 -53.24
CA ILE O 52 29.56 12.49 -54.25
C ILE O 52 29.66 13.88 -53.63
N HIS O 53 30.65 14.64 -54.07
CA HIS O 53 30.83 16.01 -53.63
C HIS O 53 29.61 16.82 -54.05
N TYR O 54 29.28 17.86 -53.30
CA TYR O 54 28.19 18.75 -53.69
C TYR O 54 28.46 19.37 -55.05
N SER O 55 29.74 19.54 -55.35
CA SER O 55 30.16 20.05 -56.65
C SER O 55 29.84 19.05 -57.75
N GLY O 56 29.54 17.82 -57.37
CA GLY O 56 29.26 16.76 -58.32
C GLY O 56 30.50 15.92 -58.56
N TYR O 57 31.63 16.43 -58.07
CA TYR O 57 32.89 15.70 -58.07
C TYR O 57 32.66 14.39 -57.30
N THR O 58 33.14 13.28 -57.86
CA THR O 58 32.98 11.99 -57.20
C THR O 58 34.28 11.19 -57.18
N ASP O 59 34.47 10.44 -56.09
CA ASP O 59 35.61 9.54 -55.97
C ASP O 59 35.13 8.24 -55.34
N PHE O 60 35.84 7.15 -55.62
CA PHE O 60 35.37 5.83 -55.20
C PHE O 60 36.41 5.02 -54.44
N ASN O 61 35.94 3.99 -53.74
CA ASN O 61 36.82 3.04 -53.07
C ASN O 61 37.49 2.13 -54.11
N PRO O 62 38.79 1.85 -53.92
CA PRO O 62 39.60 1.05 -54.85
C PRO O 62 39.19 -0.41 -55.05
N SER O 63 38.27 -0.94 -54.24
CA SER O 63 37.90 -2.34 -54.38
C SER O 63 36.60 -2.56 -55.17
N LEU O 64 35.77 -1.52 -55.24
CA LEU O 64 34.50 -1.60 -55.95
C LEU O 64 34.48 -0.63 -57.12
N LYS O 65 35.60 0.03 -57.34
CA LYS O 65 35.72 1.15 -58.28
C LYS O 65 35.30 0.83 -59.72
N THR O 66 35.20 -0.46 -60.04
CA THR O 66 34.75 -0.87 -61.36
C THR O 66 33.23 -1.09 -61.35
N ARG O 67 32.70 -1.39 -60.16
CA ARG O 67 31.30 -1.73 -60.02
C ARG O 67 30.44 -0.55 -59.57
N ILE O 68 31.07 0.47 -59.01
CA ILE O 68 30.32 1.53 -58.33
C ILE O 68 30.27 2.87 -59.07
N THR O 69 29.08 3.45 -59.13
CA THR O 69 28.89 4.78 -59.69
C THR O 69 27.85 5.54 -58.87
N ILE O 70 28.10 6.82 -58.64
CA ILE O 70 27.17 7.65 -57.86
C ILE O 70 26.73 8.87 -58.67
N SER O 71 25.43 9.15 -58.65
CA SER O 71 24.86 10.30 -59.35
C SER O 71 23.95 11.07 -58.40
N ARG O 72 23.25 12.07 -58.92
CA ARG O 72 22.32 12.82 -58.09
C ARG O 72 21.21 13.48 -58.88
N ASP O 73 20.13 13.81 -58.19
CA ASP O 73 19.05 14.62 -58.75
C ASP O 73 18.80 15.80 -57.82
N THR O 74 19.45 16.92 -58.13
CA THR O 74 19.47 18.09 -57.24
C THR O 74 18.10 18.72 -57.04
N SER O 75 17.28 18.74 -58.09
CA SER O 75 15.96 19.36 -58.04
C SER O 75 15.08 18.72 -56.97
N LYS O 76 15.17 17.40 -56.88
CA LYS O 76 14.35 16.66 -55.93
C LYS O 76 15.08 16.35 -54.62
N ASN O 77 16.31 16.84 -54.50
CA ASN O 77 17.15 16.56 -53.34
C ASN O 77 17.39 15.06 -53.16
N GLN O 78 17.61 14.36 -54.27
CA GLN O 78 17.80 12.91 -54.24
C GLN O 78 19.26 12.49 -54.49
N PHE O 79 19.72 11.50 -53.72
CA PHE O 79 21.04 10.90 -53.93
C PHE O 79 20.92 9.51 -54.48
N SER O 80 21.83 9.14 -55.36
CA SER O 80 21.80 7.79 -55.92
C SER O 80 23.08 7.04 -55.63
N LEU O 81 22.99 5.73 -55.37
CA LEU O 81 24.16 4.86 -55.39
C LEU O 81 23.91 3.81 -56.47
N LYS O 82 24.99 3.23 -57.00
CA LYS O 82 24.88 2.16 -57.98
C LYS O 82 26.00 1.12 -57.84
N LEU O 83 25.63 -0.14 -58.02
CA LEU O 83 26.58 -1.24 -57.92
C LEU O 83 26.23 -2.34 -58.93
N SER O 84 27.23 -2.81 -59.66
CA SER O 84 27.00 -3.78 -60.73
C SER O 84 27.64 -5.15 -60.46
N SER O 85 27.14 -6.18 -61.14
CA SER O 85 27.63 -7.55 -60.99
C SER O 85 27.60 -8.01 -59.54
N VAL O 86 26.45 -7.84 -58.89
CA VAL O 86 26.29 -8.14 -57.47
C VAL O 86 26.36 -9.63 -57.17
N THR O 87 27.00 -9.96 -56.05
CA THR O 87 27.10 -11.35 -55.60
C THR O 87 26.49 -11.48 -54.22
N ALA O 88 26.70 -12.64 -53.60
CA ALA O 88 26.19 -12.91 -52.26
C ALA O 88 26.91 -12.07 -51.21
N VAL O 89 28.12 -11.63 -51.53
CA VAL O 89 28.93 -10.83 -50.62
C VAL O 89 28.29 -9.47 -50.37
N ASP O 90 27.65 -8.92 -51.39
CA ASP O 90 27.07 -7.58 -51.33
C ASP O 90 25.84 -7.47 -50.41
N THR O 91 25.38 -8.60 -49.90
CA THR O 91 24.27 -8.62 -48.96
C THR O 91 24.63 -7.86 -47.69
N ALA O 92 23.97 -6.73 -47.47
CA ALA O 92 24.28 -5.88 -46.32
C ALA O 92 23.21 -4.82 -46.11
N VAL O 93 23.29 -4.15 -44.97
CA VAL O 93 22.52 -2.91 -44.76
C VAL O 93 23.39 -1.76 -45.23
N TYR O 94 22.78 -0.81 -45.93
CA TYR O 94 23.53 0.31 -46.49
C TYR O 94 23.22 1.58 -45.73
N TYR O 95 24.27 2.37 -45.45
CA TYR O 95 24.12 3.59 -44.69
C TYR O 95 24.51 4.83 -45.48
N CYS O 96 23.78 5.92 -45.22
CA CYS O 96 24.10 7.22 -45.81
C CYS O 96 24.53 8.18 -44.75
N ALA O 97 25.33 9.15 -45.15
CA ALA O 97 25.79 10.15 -44.21
C ALA O 97 26.32 11.39 -44.89
N ARG O 98 26.93 12.23 -44.08
CA ARG O 98 27.57 13.46 -44.50
C ARG O 98 29.04 13.36 -44.14
N LYS O 99 29.92 13.62 -45.12
CA LYS O 99 31.35 13.70 -44.84
C LYS O 99 31.58 14.76 -43.80
N ASP O 100 30.71 15.78 -43.83
CA ASP O 100 30.94 16.99 -43.09
C ASP O 100 32.28 17.53 -43.56
N SER O 101 33.18 17.77 -42.61
CA SER O 101 34.50 18.28 -42.93
C SER O 101 35.49 17.45 -42.13
N GLY O 102 36.74 17.40 -42.56
CA GLY O 102 37.75 16.61 -41.84
C GLY O 102 37.45 15.13 -41.84
N ASN O 103 36.51 14.73 -42.70
CA ASN O 103 36.21 13.33 -42.94
C ASN O 103 35.73 12.54 -41.70
N TYR O 104 34.76 13.12 -40.99
CA TYR O 104 34.02 12.39 -39.97
C TYR O 104 32.53 12.61 -40.22
N PHE O 105 31.75 11.55 -40.04
CA PHE O 105 30.32 11.59 -40.35
C PHE O 105 29.47 11.87 -39.12
N PRO O 106 28.89 13.09 -39.04
CA PRO O 106 28.08 13.48 -37.89
C PRO O 106 26.64 13.04 -38.00
N TYR O 107 26.12 13.00 -39.22
CA TYR O 107 24.72 12.66 -39.44
C TYR O 107 24.57 11.40 -40.29
N TRP O 108 23.86 10.42 -39.73
CA TRP O 108 23.66 9.15 -40.40
C TRP O 108 22.19 8.88 -40.69
N GLY O 109 21.92 8.05 -41.69
CA GLY O 109 20.55 7.71 -42.04
C GLY O 109 20.04 6.52 -41.26
N GLN O 110 18.75 6.24 -41.39
CA GLN O 110 18.13 5.13 -40.67
C GLN O 110 18.70 3.78 -41.11
N GLY O 111 19.03 3.68 -42.39
CA GLY O 111 19.60 2.46 -42.93
C GLY O 111 18.55 1.51 -43.47
N THR O 112 18.81 0.97 -44.65
CA THR O 112 17.89 0.03 -45.28
C THR O 112 18.63 -1.25 -45.65
N LEU O 113 17.90 -2.37 -45.63
CA LEU O 113 18.50 -3.67 -45.88
C LEU O 113 18.22 -4.17 -47.30
N VAL O 114 19.29 -4.55 -47.99
CA VAL O 114 19.18 -5.14 -49.32
C VAL O 114 19.82 -6.53 -49.33
N THR O 115 19.05 -7.52 -49.78
CA THR O 115 19.52 -8.90 -49.80
C THR O 115 19.64 -9.42 -51.22
N VAL O 116 20.79 -10.03 -51.51
CA VAL O 116 21.05 -10.58 -52.84
C VAL O 116 20.80 -12.08 -52.86
N SER O 117 19.69 -12.48 -53.49
CA SER O 117 19.34 -13.89 -53.58
C SER O 117 18.57 -14.20 -54.86
N SER O 118 18.70 -15.44 -55.31
CA SER O 118 17.99 -15.90 -56.50
C SER O 118 16.55 -16.28 -56.17
N ALA O 119 16.29 -16.43 -54.88
CA ALA O 119 14.96 -16.83 -54.40
C ALA O 119 13.93 -15.71 -54.58
N SER O 120 12.65 -16.09 -54.57
CA SER O 120 11.57 -15.14 -54.80
C SER O 120 11.15 -14.42 -53.53
N THR O 121 9.99 -13.78 -53.58
CA THR O 121 9.43 -13.11 -52.41
C THR O 121 8.30 -13.94 -51.83
N LYS O 122 8.16 -13.92 -50.50
CA LYS O 122 7.12 -14.69 -49.85
C LYS O 122 6.30 -13.87 -48.89
N GLY O 123 4.98 -14.09 -48.92
CA GLY O 123 4.04 -13.36 -48.09
C GLY O 123 3.80 -14.04 -46.76
N PRO O 124 3.89 -13.26 -45.67
CA PRO O 124 3.86 -13.73 -44.28
C PRO O 124 2.47 -14.16 -43.78
N SER O 125 2.47 -15.06 -42.80
CA SER O 125 1.26 -15.40 -42.08
C SER O 125 1.34 -14.79 -40.69
N VAL O 126 0.25 -14.18 -40.23
CA VAL O 126 0.25 -13.52 -38.94
C VAL O 126 -0.66 -14.24 -37.94
N PHE O 127 -0.09 -14.65 -36.83
CA PHE O 127 -0.83 -15.42 -35.83
C PHE O 127 -0.76 -14.79 -34.45
N PRO O 128 -1.90 -14.75 -33.73
CA PRO O 128 -1.95 -14.15 -32.40
C PRO O 128 -1.64 -15.15 -31.28
N LEU O 129 -1.12 -14.64 -30.18
CA LEU O 129 -0.71 -15.46 -29.05
C LEU O 129 -1.71 -15.35 -27.90
N ALA O 130 -1.98 -16.48 -27.24
CA ALA O 130 -2.96 -16.52 -26.15
C ALA O 130 -2.29 -16.29 -24.79
N PRO O 131 -2.84 -15.33 -24.02
CA PRO O 131 -2.35 -14.97 -22.68
C PRO O 131 -2.48 -16.10 -21.66
N SER O 132 -1.84 -15.94 -20.51
CA SER O 132 -1.90 -16.92 -19.43
C SER O 132 -3.32 -17.03 -18.89
N SER O 133 -3.72 -18.24 -18.50
CA SER O 133 -5.07 -18.50 -18.03
C SER O 133 -5.31 -17.96 -16.62
N LYS O 134 -4.23 -17.74 -15.88
CA LYS O 134 -4.32 -17.29 -14.49
C LYS O 134 -4.07 -15.79 -14.37
N SER O 135 -5.10 -15.00 -14.64
CA SER O 135 -5.00 -13.54 -14.52
C SER O 135 -5.40 -13.08 -13.12
N THR O 136 -6.16 -13.91 -12.43
CA THR O 136 -6.62 -13.61 -11.07
C THR O 136 -5.53 -13.98 -10.05
N SER O 137 -4.58 -14.80 -10.50
CA SER O 137 -3.52 -15.30 -9.63
C SER O 137 -2.56 -14.22 -9.13
N GLY O 138 -2.77 -12.99 -9.59
CA GLY O 138 -1.90 -11.90 -9.20
C GLY O 138 -0.58 -11.98 -9.92
N GLY O 139 -0.50 -12.86 -10.92
CA GLY O 139 0.69 -12.97 -11.74
C GLY O 139 0.57 -12.07 -12.95
N THR O 140 1.64 -11.37 -13.26
CA THR O 140 1.65 -10.46 -14.41
C THR O 140 1.76 -11.27 -15.70
N ALA O 141 1.06 -10.82 -16.74
CA ALA O 141 1.05 -11.54 -18.01
C ALA O 141 1.47 -10.64 -19.18
N ALA O 142 2.18 -11.22 -20.14
CA ALA O 142 2.61 -10.50 -21.32
C ALA O 142 1.88 -11.02 -22.55
N LEU O 143 2.02 -10.30 -23.67
CA LEU O 143 1.33 -10.68 -24.90
C LEU O 143 2.12 -10.31 -26.14
N GLY O 144 1.87 -11.03 -27.24
CA GLY O 144 2.59 -10.79 -28.47
C GLY O 144 1.93 -11.34 -29.71
N CYS O 145 2.46 -10.95 -30.87
CA CYS O 145 1.96 -11.43 -32.15
C CYS O 145 3.02 -12.24 -32.88
N LEU O 146 2.60 -13.33 -33.51
CA LEU O 146 3.53 -14.18 -34.24
C LEU O 146 3.51 -13.87 -35.74
N VAL O 147 4.68 -13.58 -36.29
CA VAL O 147 4.83 -13.34 -37.72
C VAL O 147 5.60 -14.49 -38.33
N LYS O 148 5.00 -15.16 -39.30
CA LYS O 148 5.57 -16.39 -39.84
C LYS O 148 5.61 -16.44 -41.37
N ASP O 149 6.64 -17.10 -41.90
CA ASP O 149 6.77 -17.40 -43.32
C ASP O 149 6.90 -16.18 -44.21
N TYR O 150 7.96 -15.41 -44.03
CA TYR O 150 8.23 -14.24 -44.86
C TYR O 150 9.65 -14.24 -45.41
N PHE O 151 9.82 -13.61 -46.57
CA PHE O 151 11.12 -13.49 -47.22
C PHE O 151 11.08 -12.34 -48.22
N PRO O 152 12.14 -11.53 -48.27
CA PRO O 152 13.29 -11.62 -47.37
C PRO O 152 13.19 -10.63 -46.22
N GLU O 153 14.22 -10.57 -45.39
CA GLU O 153 14.32 -9.57 -44.34
C GLU O 153 14.37 -8.17 -44.97
N PRO O 154 13.96 -7.14 -44.21
CA PRO O 154 13.46 -7.18 -42.83
C PRO O 154 11.94 -7.06 -42.73
N VAL O 155 11.43 -7.23 -41.52
CA VAL O 155 10.01 -7.04 -41.23
C VAL O 155 9.90 -5.97 -40.14
N THR O 156 8.86 -5.14 -40.21
CA THR O 156 8.70 -4.06 -39.25
C THR O 156 7.50 -4.26 -38.34
N VAL O 157 7.74 -4.13 -37.04
CA VAL O 157 6.68 -4.29 -36.05
C VAL O 157 6.60 -3.08 -35.12
N SER O 158 5.39 -2.58 -34.90
CA SER O 158 5.16 -1.49 -33.97
C SER O 158 3.97 -1.81 -33.08
N TRP O 159 3.89 -1.17 -31.92
CA TRP O 159 2.87 -1.53 -30.95
C TRP O 159 1.94 -0.37 -30.58
N ASN O 160 0.64 -0.64 -30.66
CA ASN O 160 -0.40 0.32 -30.30
C ASN O 160 -0.26 1.66 -31.02
N SER O 161 0.20 1.61 -32.27
CA SER O 161 0.39 2.80 -33.09
C SER O 161 1.27 3.85 -32.43
N GLY O 162 2.22 3.40 -31.61
CA GLY O 162 3.17 4.28 -30.97
C GLY O 162 2.70 4.86 -29.66
N ALA O 163 1.46 4.54 -29.26
CA ALA O 163 0.90 5.06 -28.02
C ALA O 163 1.57 4.40 -26.81
N LEU O 164 1.73 3.09 -26.87
CA LEU O 164 2.37 2.34 -25.80
C LEU O 164 3.76 1.91 -26.23
N THR O 165 4.78 2.51 -25.61
CA THR O 165 6.16 2.26 -25.98
C THR O 165 6.98 1.69 -24.82
N SER O 166 6.36 1.63 -23.64
CA SER O 166 7.04 1.14 -22.45
C SER O 166 6.89 -0.37 -22.30
N GLY O 167 7.99 -1.06 -22.07
CA GLY O 167 7.99 -2.49 -21.88
C GLY O 167 7.81 -3.26 -23.17
N VAL O 168 8.24 -2.66 -24.28
CA VAL O 168 8.10 -3.26 -25.60
C VAL O 168 9.40 -3.94 -26.04
N HIS O 169 9.31 -5.23 -26.37
CA HIS O 169 10.46 -5.99 -26.82
C HIS O 169 10.22 -6.64 -28.18
N THR O 170 11.01 -6.25 -29.17
CA THR O 170 10.92 -6.83 -30.50
C THR O 170 12.13 -7.71 -30.79
N PHE O 171 11.91 -9.02 -30.80
CA PHE O 171 13.00 -9.98 -30.94
C PHE O 171 13.47 -10.11 -32.39
N PRO O 172 14.77 -10.40 -32.58
CA PRO O 172 15.41 -10.62 -33.89
C PRO O 172 15.04 -11.96 -34.52
N ALA O 173 14.92 -11.97 -35.84
CA ALA O 173 14.49 -13.16 -36.58
C ALA O 173 15.51 -14.30 -36.53
N VAL O 174 15.05 -15.50 -36.84
CA VAL O 174 15.91 -16.68 -36.88
C VAL O 174 15.82 -17.38 -38.24
N LEU O 175 16.92 -18.01 -38.64
CA LEU O 175 17.01 -18.62 -39.96
C LEU O 175 16.47 -20.06 -39.97
N GLN O 176 15.39 -20.24 -40.71
CA GLN O 176 14.71 -21.52 -40.85
C GLN O 176 15.32 -22.38 -41.94
N SER O 177 14.80 -23.61 -42.09
CA SER O 177 15.25 -24.52 -43.13
C SER O 177 14.43 -24.34 -44.42
N SER O 178 13.21 -23.84 -44.26
CA SER O 178 12.27 -23.75 -45.38
C SER O 178 12.56 -22.59 -46.33
N GLY O 179 13.31 -21.61 -45.85
CA GLY O 179 13.61 -20.42 -46.64
C GLY O 179 12.69 -19.26 -46.31
N LEU O 180 11.90 -19.43 -45.24
CA LEU O 180 10.90 -18.45 -44.82
C LEU O 180 11.02 -18.02 -43.36
N TYR O 181 11.38 -16.76 -43.14
CA TYR O 181 11.57 -16.25 -41.79
C TYR O 181 10.29 -16.27 -40.96
N SER O 182 10.47 -16.40 -39.65
CA SER O 182 9.34 -16.46 -38.72
C SER O 182 9.79 -16.10 -37.31
N LEU O 183 8.97 -15.29 -36.62
CA LEU O 183 9.26 -14.93 -35.24
C LEU O 183 8.07 -14.27 -34.53
N SER O 184 8.23 -14.06 -33.24
CA SER O 184 7.20 -13.44 -32.41
C SER O 184 7.77 -12.26 -31.64
N SER O 185 6.97 -11.21 -31.48
CA SER O 185 7.37 -10.04 -30.70
C SER O 185 6.38 -9.78 -29.59
N VAL O 186 6.88 -9.61 -28.36
CA VAL O 186 6.02 -9.49 -27.19
C VAL O 186 6.24 -8.21 -26.41
N VAL O 187 5.25 -7.82 -25.59
CA VAL O 187 5.31 -6.59 -24.83
C VAL O 187 4.81 -6.80 -23.40
N THR O 188 5.54 -6.25 -22.42
CA THR O 188 5.15 -6.33 -21.02
C THR O 188 4.50 -5.04 -20.54
N VAL O 189 3.35 -5.18 -19.88
CA VAL O 189 2.59 -4.04 -19.37
C VAL O 189 2.00 -4.43 -18.01
N PRO O 190 1.72 -3.44 -17.14
CA PRO O 190 1.06 -3.73 -15.86
C PRO O 190 -0.29 -4.42 -16.05
N SER O 191 -0.54 -5.46 -15.26
CA SER O 191 -1.73 -6.29 -15.42
C SER O 191 -3.05 -5.56 -15.21
N SER O 192 -3.01 -4.43 -14.51
CA SER O 192 -4.23 -3.69 -14.20
C SER O 192 -4.90 -3.10 -15.43
N SER O 193 -4.09 -2.69 -16.41
CA SER O 193 -4.59 -2.09 -17.63
C SER O 193 -5.14 -3.14 -18.58
N LEU O 194 -4.65 -4.37 -18.44
CA LEU O 194 -5.00 -5.45 -19.35
C LEU O 194 -6.48 -5.82 -19.36
N GLY O 195 -7.08 -5.91 -18.18
CA GLY O 195 -8.46 -6.32 -18.06
C GLY O 195 -9.46 -5.33 -18.63
N THR O 196 -9.32 -4.07 -18.23
CA THR O 196 -10.27 -3.03 -18.62
C THR O 196 -9.99 -2.46 -20.02
N GLN O 197 -8.72 -2.37 -20.38
CA GLN O 197 -8.32 -1.76 -21.65
C GLN O 197 -7.80 -2.78 -22.65
N THR O 198 -8.20 -2.64 -23.91
CA THR O 198 -7.76 -3.54 -24.96
C THR O 198 -6.63 -2.91 -25.79
N TYR O 199 -5.68 -3.73 -26.20
CA TYR O 199 -4.50 -3.25 -26.91
C TYR O 199 -4.28 -3.98 -28.24
N ILE O 200 -3.85 -3.24 -29.25
CA ILE O 200 -3.69 -3.79 -30.60
C ILE O 200 -2.26 -3.60 -31.14
N CYS O 201 -1.74 -4.65 -31.77
CA CYS O 201 -0.37 -4.63 -32.29
C CYS O 201 -0.33 -4.42 -33.80
N ASN O 202 0.41 -3.40 -34.24
CA ASN O 202 0.51 -3.07 -35.65
C ASN O 202 1.68 -3.75 -36.35
N VAL O 203 1.36 -4.67 -37.25
CA VAL O 203 2.37 -5.44 -37.97
C VAL O 203 2.56 -4.91 -39.40
N ASN O 204 3.82 -4.81 -39.81
CA ASN O 204 4.15 -4.26 -41.13
C ASN O 204 5.18 -5.10 -41.88
N HIS O 205 4.94 -5.31 -43.17
CA HIS O 205 5.88 -6.08 -43.99
C HIS O 205 6.14 -5.39 -45.33
N LYS O 206 7.37 -4.92 -45.52
CA LYS O 206 7.73 -4.15 -46.71
C LYS O 206 7.92 -4.93 -48.03
N PRO O 207 8.66 -6.06 -48.02
CA PRO O 207 8.89 -6.77 -49.29
C PRO O 207 7.61 -7.18 -50.02
N SER O 208 6.67 -7.77 -49.30
CA SER O 208 5.40 -8.17 -49.89
C SER O 208 4.39 -7.03 -49.81
N ASN O 209 4.84 -5.91 -49.25
CA ASN O 209 4.01 -4.72 -49.06
C ASN O 209 2.70 -5.04 -48.35
N THR O 210 2.81 -5.75 -47.23
CA THR O 210 1.63 -6.16 -46.47
C THR O 210 1.55 -5.39 -45.16
N LYS O 211 0.34 -4.94 -44.82
CA LYS O 211 0.11 -4.20 -43.59
C LYS O 211 -1.10 -4.76 -42.84
N VAL O 212 -0.82 -5.51 -41.78
CA VAL O 212 -1.87 -6.14 -40.99
C VAL O 212 -1.86 -5.63 -39.55
N ASP O 213 -3.06 -5.35 -39.02
CA ASP O 213 -3.20 -4.94 -37.63
C ASP O 213 -4.01 -5.99 -36.88
N LYS O 214 -3.52 -6.37 -35.69
CA LYS O 214 -4.15 -7.46 -34.95
C LYS O 214 -4.37 -7.15 -33.47
N ARG O 215 -5.60 -7.39 -33.02
CA ARG O 215 -5.97 -7.20 -31.62
C ARG O 215 -5.55 -8.39 -30.77
N VAL O 216 -5.05 -8.10 -29.57
CA VAL O 216 -4.70 -9.15 -28.62
C VAL O 216 -5.62 -9.11 -27.40
N GLU O 217 -6.37 -10.20 -27.20
CA GLU O 217 -7.34 -10.26 -26.12
C GLU O 217 -7.35 -11.65 -25.50
N PRO O 218 -7.47 -11.73 -24.16
CA PRO O 218 -7.56 -13.03 -23.49
C PRO O 218 -8.88 -13.73 -23.81
N GLU P 1 45.60 1.61 -48.33
CA GLU P 1 44.50 1.51 -47.38
C GLU P 1 44.98 1.26 -45.97
N ILE P 2 44.68 2.19 -45.08
CA ILE P 2 45.04 2.07 -43.67
C ILE P 2 44.10 1.09 -42.97
N VAL P 3 44.68 0.21 -42.16
CA VAL P 3 43.90 -0.83 -41.48
C VAL P 3 43.85 -0.59 -39.97
N LEU P 4 42.63 -0.52 -39.45
CA LEU P 4 42.42 -0.32 -38.02
C LEU P 4 42.06 -1.64 -37.33
N THR P 5 42.59 -1.83 -36.14
CA THR P 5 42.31 -3.02 -35.34
C THR P 5 41.96 -2.63 -33.91
N GLN P 6 40.80 -3.05 -33.45
CA GLN P 6 40.31 -2.68 -32.14
C GLN P 6 40.43 -3.82 -31.14
N SER P 7 40.57 -3.48 -29.87
CA SER P 7 40.67 -4.47 -28.81
C SER P 7 40.07 -3.92 -27.52
N PRO P 8 39.33 -4.76 -26.78
CA PRO P 8 39.04 -6.16 -27.11
C PRO P 8 37.84 -6.28 -28.05
N ASP P 9 37.70 -7.43 -28.70
CA ASP P 9 36.58 -7.64 -29.61
C ASP P 9 35.26 -7.83 -28.86
N PHE P 10 35.36 -8.36 -27.65
CA PHE P 10 34.18 -8.59 -26.81
C PHE P 10 34.50 -8.22 -25.37
N GLN P 11 33.54 -7.65 -24.66
CA GLN P 11 33.81 -7.12 -23.33
C GLN P 11 32.60 -7.16 -22.40
N SER P 12 32.84 -7.49 -21.13
CA SER P 12 31.79 -7.53 -20.11
C SER P 12 32.27 -6.78 -18.87
N VAL P 13 31.55 -5.74 -18.48
CA VAL P 13 32.04 -4.82 -17.45
C VAL P 13 31.02 -4.54 -16.33
N THR P 14 31.52 -4.17 -15.15
CA THR P 14 30.71 -3.76 -14.02
C THR P 14 30.30 -2.28 -14.12
N PRO P 15 29.11 -1.92 -13.59
CA PRO P 15 28.56 -0.57 -13.73
C PRO P 15 29.36 0.42 -12.94
N LYS P 16 29.21 1.69 -13.27
CA LYS P 16 29.90 2.78 -12.60
C LYS P 16 31.41 2.56 -12.57
N GLU P 17 31.91 1.82 -13.56
CA GLU P 17 33.34 1.53 -13.64
C GLU P 17 33.89 1.92 -15.00
N LYS P 18 35.20 2.15 -15.04
CA LYS P 18 35.88 2.57 -16.26
C LYS P 18 35.87 1.49 -17.32
N VAL P 19 35.59 1.91 -18.56
CA VAL P 19 35.63 1.01 -19.71
C VAL P 19 36.60 1.56 -20.74
N THR P 20 37.51 0.72 -21.21
CA THR P 20 38.54 1.16 -22.14
C THR P 20 38.52 0.40 -23.46
N ILE P 21 38.72 1.13 -24.55
CA ILE P 21 38.77 0.55 -25.88
C ILE P 21 39.97 1.10 -26.63
N THR P 22 40.74 0.19 -27.24
CA THR P 22 41.96 0.59 -27.93
C THR P 22 41.80 0.50 -29.44
N CYS P 23 42.43 1.43 -30.15
CA CYS P 23 42.38 1.46 -31.60
C CYS P 23 43.79 1.56 -32.17
N ARG P 24 44.31 0.42 -32.65
CA ARG P 24 45.63 0.39 -33.25
C ARG P 24 45.52 0.57 -34.77
N ALA P 25 46.40 1.38 -35.33
CA ALA P 25 46.37 1.70 -36.75
C ALA P 25 47.59 1.15 -37.48
N SER P 26 47.42 0.77 -38.75
CA SER P 26 48.50 0.23 -39.56
C SER P 26 49.68 1.18 -39.63
N GLN P 27 49.38 2.47 -39.78
CA GLN P 27 50.41 3.50 -39.81
C GLN P 27 49.97 4.67 -38.94
N SER P 28 50.94 5.51 -38.58
CA SER P 28 50.67 6.71 -37.79
C SER P 28 49.68 7.60 -38.53
N ILE P 29 48.57 7.90 -37.87
CA ILE P 29 47.57 8.77 -38.48
C ILE P 29 47.46 10.07 -37.69
N SER P 30 48.38 10.25 -36.75
CA SER P 30 48.46 11.47 -35.96
C SER P 30 47.11 11.80 -35.31
N ASP P 31 46.65 13.03 -35.54
CA ASP P 31 45.50 13.58 -34.85
C ASP P 31 44.18 12.88 -35.19
N HIS P 32 44.02 12.47 -36.44
CA HIS P 32 42.72 12.10 -36.97
C HIS P 32 42.24 10.69 -36.62
N LEU P 33 41.28 10.62 -35.69
CA LEU P 33 40.65 9.36 -35.31
C LEU P 33 39.30 9.70 -34.69
N HIS P 34 38.29 8.88 -34.97
CA HIS P 34 36.96 9.13 -34.45
C HIS P 34 36.37 7.90 -33.77
N TRP P 35 35.29 8.11 -33.02
CA TRP P 35 34.65 7.02 -32.31
C TRP P 35 33.14 7.03 -32.51
N TYR P 36 32.58 5.85 -32.75
CA TYR P 36 31.15 5.72 -32.98
C TYR P 36 30.51 4.70 -32.04
N GLN P 37 29.24 4.91 -31.74
CA GLN P 37 28.47 3.99 -30.92
C GLN P 37 27.30 3.43 -31.71
N GLN P 38 27.25 2.12 -31.87
CA GLN P 38 26.17 1.50 -32.61
C GLN P 38 25.36 0.50 -31.79
N LYS P 39 24.15 0.90 -31.42
CA LYS P 39 23.21 -0.01 -30.78
C LYS P 39 22.64 -0.91 -31.88
N PRO P 40 22.21 -2.14 -31.52
CA PRO P 40 21.76 -3.09 -32.54
C PRO P 40 20.55 -2.58 -33.34
N ASP P 41 20.56 -2.89 -34.64
CA ASP P 41 19.51 -2.43 -35.56
C ASP P 41 19.35 -0.92 -35.57
N GLN P 42 20.47 -0.22 -35.41
CA GLN P 42 20.49 1.23 -35.47
C GLN P 42 21.74 1.74 -36.17
N SER P 43 21.68 2.99 -36.60
CA SER P 43 22.82 3.62 -37.25
C SER P 43 23.85 4.07 -36.24
N PRO P 44 25.13 4.05 -36.62
CA PRO P 44 26.22 4.53 -35.76
C PRO P 44 26.04 5.99 -35.35
N LYS P 45 26.48 6.31 -34.14
CA LYS P 45 26.35 7.66 -33.62
C LYS P 45 27.73 8.25 -33.36
N LEU P 46 27.90 9.53 -33.69
CA LEU P 46 29.17 10.21 -33.47
C LEU P 46 29.39 10.49 -31.99
N LEU P 47 30.43 9.89 -31.43
CA LEU P 47 30.74 10.06 -30.02
C LEU P 47 31.82 11.10 -29.80
N ILE P 48 33.00 10.75 -30.28
CA ILE P 48 34.17 11.59 -30.09
C ILE P 48 34.92 11.76 -31.40
N LYS P 49 35.67 12.84 -31.46
CA LYS P 49 36.52 13.18 -32.58
C LYS P 49 37.28 14.33 -31.99
N TYR P 50 38.58 14.48 -32.20
CA TYR P 50 39.42 13.70 -33.10
C TYR P 50 40.83 13.86 -32.54
N ALA P 51 41.26 12.98 -31.65
CA ALA P 51 40.40 11.93 -31.11
C ALA P 51 39.62 12.46 -29.92
N SER P 52 40.27 13.32 -29.14
CA SER P 52 39.80 13.72 -27.82
C SER P 52 38.52 14.57 -27.72
N HIS P 53 38.26 15.43 -28.69
CA HIS P 53 37.20 16.43 -28.53
C HIS P 53 35.78 15.89 -28.38
N ALA P 54 35.10 16.34 -27.34
CA ALA P 54 33.72 15.93 -27.10
C ALA P 54 32.80 16.40 -28.22
N ILE P 55 31.67 15.72 -28.37
CA ILE P 55 30.57 16.22 -29.19
C ILE P 55 29.60 16.91 -28.25
N SER P 56 28.84 17.86 -28.76
CA SER P 56 27.83 18.55 -27.96
C SER P 56 26.57 17.69 -27.86
N GLY P 57 26.45 16.91 -26.79
CA GLY P 57 25.30 16.06 -26.59
C GLY P 57 25.68 14.71 -26.02
N VAL P 58 26.98 14.44 -26.01
CA VAL P 58 27.49 13.22 -25.37
C VAL P 58 27.81 13.53 -23.92
N PRO P 59 27.40 12.64 -23.01
CA PRO P 59 27.60 12.83 -21.57
C PRO P 59 29.08 13.02 -21.23
N SER P 60 29.35 13.68 -20.11
CA SER P 60 30.70 14.05 -19.73
C SER P 60 31.59 12.83 -19.46
N ARG P 61 30.97 11.71 -19.13
CA ARG P 61 31.71 10.49 -18.81
C ARG P 61 32.50 9.98 -20.01
N PHE P 62 31.98 10.22 -21.20
CA PHE P 62 32.68 9.85 -22.42
C PHE P 62 33.90 10.74 -22.64
N SER P 63 35.03 10.10 -22.92
CA SER P 63 36.26 10.80 -23.21
C SER P 63 37.10 9.98 -24.18
N GLY P 64 38.33 10.43 -24.40
CA GLY P 64 39.23 9.72 -25.29
C GLY P 64 40.57 10.42 -25.38
N SER P 65 41.58 9.69 -25.83
CA SER P 65 42.91 10.24 -25.95
C SER P 65 43.72 9.43 -26.95
N GLY P 66 44.80 10.02 -27.45
CA GLY P 66 45.70 9.32 -28.34
C GLY P 66 46.33 10.17 -29.41
N SER P 67 47.33 9.59 -30.05
CA SER P 67 48.01 10.19 -31.19
C SER P 67 48.70 9.04 -31.87
N GLY P 68 49.30 9.30 -33.04
CA GLY P 68 50.05 8.30 -33.76
C GLY P 68 49.34 6.96 -33.92
N THR P 69 50.08 5.88 -33.72
CA THR P 69 49.58 4.53 -33.96
C THR P 69 48.50 4.08 -32.96
N ASP P 70 48.46 4.70 -31.79
CA ASP P 70 47.60 4.20 -30.72
C ASP P 70 46.57 5.20 -30.18
N PHE P 71 45.33 4.73 -30.06
CA PHE P 71 44.23 5.54 -29.54
C PHE P 71 43.44 4.78 -28.49
N THR P 72 42.89 5.51 -27.53
CA THR P 72 42.14 4.90 -26.44
C THR P 72 40.82 5.60 -26.19
N LEU P 73 39.74 4.83 -26.20
CA LEU P 73 38.41 5.32 -25.87
C LEU P 73 38.07 4.95 -24.44
N THR P 74 37.69 5.93 -23.64
CA THR P 74 37.41 5.69 -22.23
C THR P 74 36.00 6.13 -21.82
N ILE P 75 35.30 5.24 -21.12
CA ILE P 75 34.02 5.58 -20.52
C ILE P 75 34.22 5.68 -19.01
N ASN P 76 34.24 6.91 -18.51
CA ASN P 76 34.56 7.16 -17.10
C ASN P 76 33.68 6.39 -16.12
N SER P 77 32.38 6.38 -16.38
CA SER P 77 31.45 5.61 -15.56
C SER P 77 30.39 4.95 -16.43
N LEU P 78 30.38 3.62 -16.41
CA LEU P 78 29.52 2.85 -17.31
C LEU P 78 28.08 2.79 -16.81
N GLU P 79 27.14 3.16 -17.69
CA GLU P 79 25.72 3.09 -17.35
C GLU P 79 25.02 2.04 -18.19
N ALA P 80 23.80 1.68 -17.78
CA ALA P 80 23.04 0.61 -18.43
C ALA P 80 22.76 0.88 -19.90
N GLU P 81 22.50 2.14 -20.23
CA GLU P 81 22.16 2.55 -21.59
C GLU P 81 23.29 2.28 -22.59
N ASP P 82 24.52 2.30 -22.08
CA ASP P 82 25.72 2.23 -22.93
C ASP P 82 25.90 0.91 -23.69
N ALA P 83 25.01 -0.04 -23.46
CA ALA P 83 25.09 -1.34 -24.12
C ALA P 83 25.01 -1.23 -25.64
N ALA P 84 26.16 -1.37 -26.30
CA ALA P 84 26.25 -1.29 -27.75
C ALA P 84 27.61 -1.80 -28.24
N THR P 85 27.85 -1.66 -29.53
CA THR P 85 29.14 -1.98 -30.11
C THR P 85 29.80 -0.70 -30.60
N TYR P 86 31.09 -0.56 -30.34
CA TYR P 86 31.81 0.68 -30.63
C TYR P 86 32.83 0.51 -31.74
N TYR P 87 32.86 1.49 -32.64
CA TYR P 87 33.75 1.46 -33.78
C TYR P 87 34.66 2.67 -33.77
N CYS P 88 35.75 2.61 -34.53
CA CYS P 88 36.65 3.73 -34.68
C CYS P 88 37.00 3.94 -36.15
N GLN P 89 36.92 5.18 -36.60
CA GLN P 89 37.16 5.50 -38.00
C GLN P 89 38.21 6.60 -38.13
N GLN P 90 39.03 6.50 -39.18
CA GLN P 90 40.14 7.42 -39.39
C GLN P 90 39.88 8.40 -40.54
N GLY P 91 40.36 9.63 -40.40
CA GLY P 91 40.16 10.63 -41.42
C GLY P 91 41.47 11.10 -42.03
N TYR P 92 42.56 10.42 -41.68
CA TYR P 92 43.89 10.79 -42.14
C TYR P 92 44.00 10.77 -43.66
N ASP P 93 43.54 9.68 -44.25
CA ASP P 93 43.63 9.52 -45.70
C ASP P 93 42.57 8.55 -46.23
N PHE P 94 42.16 8.80 -47.46
CA PHE P 94 41.25 7.93 -48.17
C PHE P 94 41.93 6.64 -48.65
N PRO P 95 41.17 5.55 -48.78
CA PRO P 95 39.73 5.47 -48.49
C PRO P 95 39.49 5.37 -47.00
N LEU P 96 38.30 5.77 -46.56
CA LEU P 96 37.98 5.71 -45.15
C LEU P 96 37.80 4.27 -44.73
N THR P 97 38.26 3.96 -43.52
CA THR P 97 38.16 2.61 -42.99
C THR P 97 37.66 2.64 -41.55
N PHE P 98 37.12 1.51 -41.12
CA PHE P 98 36.59 1.40 -39.76
C PHE P 98 37.26 0.25 -39.03
N GLY P 99 37.16 0.26 -37.71
CA GLY P 99 37.72 -0.80 -36.91
C GLY P 99 36.86 -2.05 -36.93
N GLY P 100 37.37 -3.11 -36.33
CA GLY P 100 36.67 -4.38 -36.29
C GLY P 100 35.41 -4.33 -35.45
N GLY P 101 35.33 -3.34 -34.57
CA GLY P 101 34.18 -3.20 -33.69
C GLY P 101 34.42 -3.87 -32.35
N THR P 102 33.92 -3.24 -31.28
CA THR P 102 34.05 -3.78 -29.94
C THR P 102 32.69 -3.89 -29.28
N LYS P 103 32.25 -5.11 -29.02
CA LYS P 103 30.96 -5.33 -28.38
C LYS P 103 31.11 -5.29 -26.87
N VAL P 104 30.25 -4.52 -26.22
CA VAL P 104 30.29 -4.42 -24.77
C VAL P 104 29.10 -5.13 -24.14
N GLU P 105 29.38 -6.29 -23.55
CA GLU P 105 28.36 -6.95 -22.74
C GLU P 105 28.18 -6.14 -21.47
N ILE P 106 27.12 -6.48 -20.77
CA ILE P 106 26.58 -5.71 -19.69
C ILE P 106 26.88 -6.54 -18.46
N LYS P 107 26.89 -5.92 -17.28
CA LYS P 107 27.33 -6.63 -16.08
C LYS P 107 26.55 -7.92 -15.86
N ARG P 108 27.12 -8.81 -15.07
CA ARG P 108 26.50 -10.09 -14.79
C ARG P 108 25.96 -10.13 -13.38
N THR P 109 25.68 -8.95 -12.81
CA THR P 109 25.09 -8.88 -11.48
C THR P 109 23.82 -9.70 -11.46
N VAL P 110 23.70 -10.53 -10.44
CA VAL P 110 22.51 -11.35 -10.30
C VAL P 110 21.23 -10.52 -10.39
N ALA P 111 20.37 -10.90 -11.33
CA ALA P 111 19.00 -10.44 -11.31
C ALA P 111 18.13 -11.65 -11.56
N ALA P 112 17.10 -11.80 -10.73
CA ALA P 112 16.18 -12.91 -10.85
C ALA P 112 15.56 -12.94 -12.23
N PRO P 113 15.32 -14.14 -12.77
CA PRO P 113 14.65 -14.25 -14.06
C PRO P 113 13.14 -14.36 -13.87
N SER P 114 12.39 -13.35 -14.30
CA SER P 114 10.94 -13.50 -14.30
C SER P 114 10.46 -13.98 -15.65
N VAL P 115 9.74 -15.10 -15.64
CA VAL P 115 9.68 -15.94 -16.84
C VAL P 115 8.36 -16.63 -17.08
N PHE P 116 7.89 -16.53 -18.31
CA PHE P 116 6.53 -16.92 -18.60
C PHE P 116 6.22 -17.93 -19.72
N ILE P 117 5.01 -18.48 -19.63
CA ILE P 117 4.62 -19.69 -20.33
C ILE P 117 3.23 -19.45 -20.84
N PHE P 118 2.95 -19.88 -22.07
CA PHE P 118 1.62 -19.73 -22.65
C PHE P 118 1.09 -21.05 -23.20
N PRO P 119 -0.21 -21.29 -22.99
CA PRO P 119 -0.87 -22.48 -23.55
C PRO P 119 -1.05 -22.32 -25.06
N PRO P 120 -1.12 -23.44 -25.80
CA PRO P 120 -1.28 -23.39 -27.25
C PRO P 120 -2.61 -22.78 -27.66
N SER P 121 -2.60 -22.01 -28.73
CA SER P 121 -3.80 -21.30 -29.18
C SER P 121 -4.81 -22.24 -29.84
N ASP P 122 -6.09 -21.95 -29.63
CA ASP P 122 -7.16 -22.72 -30.24
C ASP P 122 -7.16 -22.49 -31.75
N GLU P 123 -6.58 -21.36 -32.15
CA GLU P 123 -6.60 -20.92 -33.54
C GLU P 123 -5.56 -21.61 -34.42
N GLN P 124 -4.51 -22.15 -33.81
CA GLN P 124 -3.44 -22.80 -34.57
C GLN P 124 -3.77 -24.25 -34.93
N LEU P 125 -4.82 -24.78 -34.32
CA LEU P 125 -5.24 -26.15 -34.57
C LEU P 125 -5.66 -26.31 -36.03
N LYS P 126 -6.20 -25.25 -36.61
CA LYS P 126 -6.68 -25.28 -37.98
C LYS P 126 -5.55 -25.34 -38.99
N SER P 127 -4.41 -24.75 -38.64
CA SER P 127 -3.27 -24.70 -39.55
C SER P 127 -2.58 -26.04 -39.68
N GLY P 128 -2.75 -26.88 -38.66
CA GLY P 128 -2.13 -28.19 -38.64
C GLY P 128 -0.81 -28.19 -37.89
N THR P 129 -0.44 -27.02 -37.39
CA THR P 129 0.79 -26.88 -36.62
C THR P 129 0.51 -26.15 -35.30
N ALA P 130 1.14 -26.62 -34.23
CA ALA P 130 0.94 -26.03 -32.92
C ALA P 130 2.27 -25.55 -32.33
N SER P 131 2.29 -24.29 -31.89
CA SER P 131 3.49 -23.72 -31.28
C SER P 131 3.21 -23.27 -29.86
N VAL P 132 4.02 -23.75 -28.93
CA VAL P 132 3.89 -23.38 -27.52
C VAL P 132 5.12 -22.57 -27.11
N VAL P 133 4.89 -21.40 -26.54
CA VAL P 133 6.01 -20.50 -26.23
C VAL P 133 6.20 -20.22 -24.73
N CYS P 134 7.45 -20.32 -24.30
CA CYS P 134 7.85 -19.89 -22.96
C CYS P 134 8.71 -18.64 -23.12
N LEU P 135 8.33 -17.55 -22.46
CA LEU P 135 8.98 -16.25 -22.65
C LEU P 135 9.97 -15.91 -21.55
N LEU P 136 11.24 -15.72 -21.94
CA LEU P 136 12.29 -15.42 -20.99
C LEU P 136 12.79 -13.96 -20.97
N ASN P 137 12.00 -13.07 -20.36
CA ASN P 137 12.28 -11.64 -20.37
C ASN P 137 13.46 -11.20 -19.49
N ASN P 138 13.59 -11.78 -18.30
CA ASN P 138 14.79 -11.53 -17.50
C ASN P 138 15.79 -12.67 -17.66
N PHE P 139 16.94 -12.34 -18.23
CA PHE P 139 18.00 -13.31 -18.48
C PHE P 139 19.29 -12.78 -17.89
N TYR P 140 19.48 -13.00 -16.59
CA TYR P 140 20.53 -12.31 -15.88
C TYR P 140 21.20 -13.21 -14.84
N PRO P 141 22.32 -13.85 -15.21
CA PRO P 141 23.05 -13.70 -16.49
C PRO P 141 22.42 -14.43 -17.67
N ARG P 142 23.11 -14.38 -18.81
CA ARG P 142 22.66 -14.99 -20.05
C ARG P 142 22.61 -16.52 -19.94
N GLU P 143 23.50 -17.10 -19.14
CA GLU P 143 23.53 -18.54 -18.99
C GLU P 143 22.27 -19.06 -18.30
N ALA P 144 21.50 -19.85 -19.01
CA ALA P 144 20.28 -20.44 -18.48
C ALA P 144 19.88 -21.67 -19.26
N LYS P 145 19.12 -22.56 -18.63
CA LYS P 145 18.73 -23.81 -19.26
C LYS P 145 17.21 -23.98 -19.29
N VAL P 146 16.69 -24.27 -20.47
CA VAL P 146 15.24 -24.44 -20.65
C VAL P 146 14.93 -25.83 -21.19
N GLN P 147 14.06 -26.55 -20.49
CA GLN P 147 13.67 -27.89 -20.91
C GLN P 147 12.16 -27.99 -21.11
N TRP P 148 11.77 -28.55 -22.25
CA TRP P 148 10.37 -28.78 -22.54
C TRP P 148 9.96 -30.20 -22.20
N LYS P 149 8.85 -30.34 -21.48
CA LYS P 149 8.39 -31.66 -21.09
C LYS P 149 7.03 -32.01 -21.66
N VAL P 150 6.95 -33.15 -22.35
CA VAL P 150 5.68 -33.65 -22.83
C VAL P 150 5.27 -34.87 -22.01
N ASP P 151 4.20 -34.71 -21.22
CA ASP P 151 3.78 -35.72 -20.26
C ASP P 151 4.91 -36.07 -19.30
N ASN P 152 5.58 -35.03 -18.79
CA ASN P 152 6.70 -35.16 -17.88
C ASN P 152 7.89 -35.93 -18.47
N ALA P 153 7.98 -35.93 -19.80
CA ALA P 153 9.14 -36.47 -20.49
C ALA P 153 9.89 -35.34 -21.16
N LEU P 154 11.14 -35.14 -20.76
CA LEU P 154 11.93 -34.01 -21.25
C LEU P 154 12.31 -34.17 -22.73
N GLN P 155 11.94 -33.17 -23.53
CA GLN P 155 12.19 -33.21 -24.96
C GLN P 155 13.23 -32.19 -25.39
N SER P 156 14.01 -32.56 -26.40
CA SER P 156 15.07 -31.69 -26.91
C SER P 156 15.21 -31.87 -28.42
N GLY P 157 15.56 -30.78 -29.11
CA GLY P 157 15.71 -30.81 -30.56
C GLY P 157 14.42 -30.47 -31.27
N ASN P 158 13.36 -30.25 -30.50
CA ASN P 158 12.07 -29.85 -31.03
C ASN P 158 11.73 -28.44 -30.59
N SER P 159 12.74 -27.73 -30.07
CA SER P 159 12.57 -26.37 -29.59
C SER P 159 13.42 -25.41 -30.41
N GLN P 160 12.91 -24.20 -30.61
CA GLN P 160 13.64 -23.17 -31.34
C GLN P 160 13.93 -21.99 -30.42
N GLU P 161 15.09 -21.37 -30.62
CA GLU P 161 15.56 -20.30 -29.75
C GLU P 161 15.77 -18.99 -30.49
N SER P 162 15.37 -17.88 -29.85
CA SER P 162 15.59 -16.56 -30.41
C SER P 162 16.25 -15.67 -29.36
N VAL P 163 17.26 -14.92 -29.75
CA VAL P 163 18.00 -14.09 -28.82
C VAL P 163 17.97 -12.63 -29.19
N THR P 164 17.65 -11.79 -28.21
CA THR P 164 17.64 -10.36 -28.42
C THR P 164 18.78 -9.71 -27.67
N GLU P 165 19.08 -8.47 -28.03
CA GLU P 165 20.06 -7.72 -27.27
C GLU P 165 19.45 -7.21 -25.97
N GLN P 166 20.29 -6.74 -25.08
CA GLN P 166 19.84 -6.29 -23.78
C GLN P 166 19.07 -4.99 -23.86
N ASP P 167 18.02 -4.90 -23.05
CA ASP P 167 17.21 -3.70 -22.99
C ASP P 167 17.99 -2.57 -22.32
N SER P 168 17.74 -1.35 -22.81
CA SER P 168 18.37 -0.15 -22.26
C SER P 168 17.95 0.14 -20.82
N LYS P 169 16.76 -0.34 -20.46
CA LYS P 169 16.16 0.01 -19.16
C LYS P 169 16.46 -1.00 -18.06
N ASP P 170 15.85 -2.18 -18.14
CA ASP P 170 15.96 -3.18 -17.09
C ASP P 170 17.30 -3.87 -17.17
N SER P 171 17.99 -3.66 -18.28
CA SER P 171 19.27 -4.28 -18.52
C SER P 171 19.22 -5.82 -18.40
N THR P 172 18.42 -6.46 -19.23
CA THR P 172 18.38 -7.94 -19.27
C THR P 172 18.26 -8.43 -20.70
N TYR P 173 18.84 -9.60 -20.98
CA TYR P 173 18.56 -10.29 -22.24
C TYR P 173 17.14 -10.81 -22.19
N SER P 174 16.57 -11.11 -23.35
CA SER P 174 15.25 -11.74 -23.41
C SER P 174 15.24 -12.90 -24.40
N LEU P 175 14.60 -13.99 -24.00
CA LEU P 175 14.58 -15.20 -24.83
C LEU P 175 13.17 -15.76 -24.92
N SER P 176 12.86 -16.34 -26.08
CA SER P 176 11.58 -17.02 -26.25
C SER P 176 11.83 -18.44 -26.71
N SER P 177 11.24 -19.40 -26.01
CA SER P 177 11.40 -20.80 -26.38
C SER P 177 10.11 -21.35 -26.97
N THR P 178 10.20 -21.84 -28.20
CA THR P 178 9.03 -22.35 -28.91
C THR P 178 9.08 -23.87 -29.04
N LEU P 179 8.03 -24.53 -28.58
CA LEU P 179 7.92 -25.98 -28.70
C LEU P 179 7.01 -26.32 -29.87
N THR P 180 7.57 -27.01 -30.87
CA THR P 180 6.83 -27.28 -32.11
C THR P 180 6.55 -28.77 -32.32
N LEU P 181 5.28 -29.10 -32.49
CA LEU P 181 4.85 -30.46 -32.80
C LEU P 181 3.70 -30.39 -33.80
N SER P 182 3.50 -31.47 -34.55
CA SER P 182 2.39 -31.54 -35.50
C SER P 182 1.08 -31.66 -34.73
N LYS P 183 0.03 -31.03 -35.25
CA LYS P 183 -1.26 -30.98 -34.57
C LYS P 183 -1.86 -32.36 -34.32
N ALA P 184 -1.65 -33.26 -35.27
CA ALA P 184 -2.24 -34.59 -35.20
C ALA P 184 -1.77 -35.40 -33.99
N ASP P 185 -0.48 -35.32 -33.69
CA ASP P 185 0.09 -36.12 -32.60
C ASP P 185 0.27 -35.33 -31.30
N TYR P 186 0.26 -34.00 -31.40
CA TYR P 186 0.53 -33.17 -30.23
C TYR P 186 -0.59 -33.20 -29.19
N GLU P 187 -1.80 -33.50 -29.63
CA GLU P 187 -2.96 -33.46 -28.73
C GLU P 187 -3.23 -34.75 -27.96
N LYS P 188 -2.36 -35.74 -28.14
CA LYS P 188 -2.49 -36.98 -27.35
C LYS P 188 -1.75 -36.85 -26.02
N HIS P 189 -1.67 -35.62 -25.52
CA HIS P 189 -0.93 -35.34 -24.29
C HIS P 189 -1.60 -34.27 -23.45
N LYS P 190 -1.26 -34.23 -22.16
CA LYS P 190 -1.89 -33.30 -21.23
C LYS P 190 -0.95 -32.25 -20.68
N VAL P 191 0.18 -32.68 -20.12
CA VAL P 191 1.05 -31.77 -19.39
C VAL P 191 2.26 -31.28 -20.20
N TYR P 192 2.32 -29.98 -20.43
CA TYR P 192 3.48 -29.35 -21.04
C TYR P 192 4.16 -28.46 -20.02
N ALA P 193 5.48 -28.53 -19.94
CA ALA P 193 6.21 -27.82 -18.89
C ALA P 193 7.42 -27.03 -19.40
N CYS P 194 7.67 -25.91 -18.74
CA CYS P 194 8.85 -25.10 -19.02
C CYS P 194 9.78 -25.18 -17.81
N GLU P 195 10.94 -25.80 -18.00
CA GLU P 195 11.89 -26.00 -16.90
C GLU P 195 13.04 -25.03 -16.98
N VAL P 196 13.17 -24.19 -15.96
CA VAL P 196 14.22 -23.17 -15.96
C VAL P 196 15.27 -23.42 -14.88
N THR P 197 16.52 -23.54 -15.31
CA THR P 197 17.65 -23.62 -14.38
C THR P 197 18.48 -22.37 -14.54
N HIS P 198 18.53 -21.56 -13.49
CA HIS P 198 19.16 -20.25 -13.56
C HIS P 198 19.92 -19.94 -12.28
N GLN P 199 20.83 -18.97 -12.36
CA GLN P 199 21.63 -18.56 -11.21
C GLN P 199 20.77 -17.91 -10.13
N GLY P 200 19.74 -17.18 -10.55
CA GLY P 200 18.88 -16.47 -9.63
C GLY P 200 18.00 -17.38 -8.77
N LEU P 201 17.63 -18.53 -9.33
CA LEU P 201 16.76 -19.46 -8.61
C LEU P 201 17.56 -20.47 -7.78
N SER P 202 17.12 -20.66 -6.54
CA SER P 202 17.76 -21.62 -5.64
C SER P 202 17.54 -23.04 -6.15
N SER P 203 16.32 -23.30 -6.63
CA SER P 203 15.97 -24.58 -7.21
C SER P 203 15.25 -24.34 -8.53
N PRO P 204 15.39 -25.28 -9.48
CA PRO P 204 14.74 -25.18 -10.79
C PRO P 204 13.25 -24.87 -10.69
N VAL P 205 12.79 -23.92 -11.49
CA VAL P 205 11.40 -23.50 -11.45
C VAL P 205 10.63 -24.01 -12.66
N THR P 206 9.50 -24.65 -12.40
CA THR P 206 8.66 -25.19 -13.45
C THR P 206 7.30 -24.50 -13.47
N LYS P 207 6.92 -23.98 -14.64
CA LYS P 207 5.62 -23.36 -14.78
C LYS P 207 4.75 -24.20 -15.71
N SER P 208 3.49 -24.40 -15.31
CA SER P 208 2.59 -25.29 -16.05
C SER P 208 1.21 -24.67 -16.22
N PHE P 209 0.40 -25.30 -17.07
CA PHE P 209 -0.95 -24.82 -17.36
C PHE P 209 -1.93 -25.98 -17.43
N ASN P 210 -3.23 -25.65 -17.40
CA ASN P 210 -4.27 -26.68 -17.43
C ASN P 210 -5.14 -26.61 -18.68
N ARG P 211 -6.34 -27.20 -18.58
CA ARG P 211 -7.31 -27.23 -19.67
C ARG P 211 -6.81 -28.02 -20.88
N GLN Q 1 4.67 13.48 13.55
CA GLN Q 1 3.60 14.47 13.62
C GLN Q 1 2.94 14.61 12.26
N VAL Q 2 3.17 13.62 11.39
CA VAL Q 2 2.59 13.61 10.05
C VAL Q 2 1.10 13.30 10.11
N GLN Q 3 0.33 14.01 9.29
CA GLN Q 3 -1.11 13.78 9.22
C GLN Q 3 -1.55 13.54 7.78
N LEU Q 4 -2.54 12.68 7.61
CA LEU Q 4 -3.02 12.32 6.28
C LEU Q 4 -4.54 12.39 6.22
N GLN Q 5 -5.06 12.87 5.09
CA GLN Q 5 -6.49 12.96 4.89
C GLN Q 5 -6.90 12.52 3.49
N GLU Q 6 -7.95 11.72 3.42
CA GLU Q 6 -8.43 11.19 2.15
C GLU Q 6 -9.78 11.80 1.75
N SER Q 7 -9.92 12.11 0.48
CA SER Q 7 -11.14 12.71 -0.02
C SER Q 7 -11.54 12.13 -1.38
N GLY Q 8 -12.84 11.92 -1.56
CA GLY Q 8 -13.35 11.39 -2.81
C GLY Q 8 -14.86 11.31 -2.80
N PRO Q 9 -15.45 10.73 -3.86
CA PRO Q 9 -16.90 10.53 -3.92
C PRO Q 9 -17.37 9.53 -2.86
N GLY Q 10 -18.59 9.73 -2.36
CA GLY Q 10 -19.14 8.88 -1.33
C GLY Q 10 -19.64 7.54 -1.86
N LEU Q 11 -20.11 7.55 -3.10
CA LEU Q 11 -20.62 6.34 -3.71
C LEU Q 11 -20.18 6.22 -5.16
N VAL Q 12 -20.08 4.97 -5.64
CA VAL Q 12 -19.72 4.71 -7.02
C VAL Q 12 -20.58 3.59 -7.60
N LYS Q 13 -21.10 3.81 -8.80
CA LYS Q 13 -21.89 2.81 -9.50
C LYS Q 13 -21.04 1.57 -9.78
N PRO Q 14 -21.68 0.39 -9.79
CA PRO Q 14 -20.94 -0.84 -10.09
C PRO Q 14 -20.43 -0.81 -11.54
N SER Q 15 -19.36 -1.56 -11.79
CA SER Q 15 -18.71 -1.63 -13.11
C SER Q 15 -18.13 -0.28 -13.55
N ASP Q 16 -17.99 0.65 -12.61
CA ASP Q 16 -17.36 1.93 -12.89
C ASP Q 16 -15.97 1.97 -12.27
N THR Q 17 -15.43 3.19 -12.13
CA THR Q 17 -14.10 3.36 -11.58
C THR Q 17 -14.11 4.18 -10.30
N LEU Q 18 -13.46 3.66 -9.27
CA LEU Q 18 -13.35 4.32 -7.98
C LEU Q 18 -12.07 5.16 -7.97
N SER Q 19 -12.21 6.43 -7.59
CA SER Q 19 -11.05 7.32 -7.53
C SER Q 19 -10.98 8.08 -6.20
N LEU Q 20 -9.85 7.96 -5.51
CA LEU Q 20 -9.64 8.60 -4.22
C LEU Q 20 -8.29 9.28 -4.15
N THR Q 21 -8.19 10.33 -3.34
CA THR Q 21 -6.94 11.06 -3.19
C THR Q 21 -6.61 11.30 -1.72
N CYS Q 22 -5.34 11.10 -1.36
CA CYS Q 22 -4.90 11.35 0.01
C CYS Q 22 -3.92 12.51 0.08
N ALA Q 23 -4.13 13.40 1.04
CA ALA Q 23 -3.28 14.58 1.18
C ALA Q 23 -2.40 14.48 2.43
N VAL Q 24 -1.09 14.52 2.22
CA VAL Q 24 -0.13 14.40 3.32
C VAL Q 24 0.33 15.77 3.79
N SER Q 25 0.42 15.93 5.11
CA SER Q 25 0.89 17.18 5.70
C SER Q 25 1.89 16.92 6.82
N GLY Q 26 2.90 17.76 6.90
CA GLY Q 26 3.90 17.64 7.94
C GLY Q 26 5.19 17.01 7.45
N TYR Q 27 5.14 16.50 6.22
CA TYR Q 27 6.29 15.86 5.60
C TYR Q 27 6.02 15.77 4.11
N PRO Q 28 7.07 15.88 3.28
CA PRO Q 28 6.82 15.63 1.85
C PRO Q 28 7.06 14.18 1.45
N ILE Q 29 6.06 13.57 0.81
CA ILE Q 29 6.12 12.19 0.34
C ILE Q 29 7.44 11.84 -0.33
N ARG Q 30 7.89 12.71 -1.24
CA ARG Q 30 9.03 12.44 -2.11
C ARG Q 30 10.36 12.26 -1.38
N PHE Q 31 10.47 12.78 -0.16
CA PHE Q 31 11.61 12.43 0.68
C PHE Q 31 11.13 11.30 1.57
N GLY Q 32 11.98 10.32 1.87
CA GLY Q 32 11.74 9.41 2.98
C GLY Q 32 10.78 8.23 2.85
N TYR Q 33 9.69 8.27 3.60
CA TYR Q 33 8.86 7.08 3.72
C TYR Q 33 8.02 6.77 2.48
N SER Q 34 7.62 5.51 2.36
CA SER Q 34 6.74 5.11 1.27
C SER Q 34 5.31 5.05 1.77
N TRP Q 35 4.35 5.19 0.86
CA TRP Q 35 3.00 5.55 1.22
C TRP Q 35 1.98 4.59 0.64
N HIS Q 36 1.07 4.14 1.50
CA HIS Q 36 0.27 2.95 1.23
C HIS Q 36 -1.23 3.24 1.29
N TRP Q 37 -2.00 2.31 0.73
CA TRP Q 37 -3.44 2.36 0.79
C TRP Q 37 -3.98 1.12 1.47
N ILE Q 38 -4.83 1.32 2.48
CA ILE Q 38 -5.41 0.22 3.23
C ILE Q 38 -6.93 0.26 3.13
N ARG Q 39 -7.54 -0.91 2.96
CA ARG Q 39 -8.99 -0.99 2.82
C ARG Q 39 -9.60 -1.92 3.88
N GLN Q 40 -10.76 -1.54 4.38
CA GLN Q 40 -11.45 -2.34 5.39
C GLN Q 40 -12.95 -2.41 5.13
N PRO Q 41 -13.44 -3.59 4.73
CA PRO Q 41 -14.89 -3.81 4.54
C PRO Q 41 -15.63 -3.67 5.86
N PRO Q 42 -16.90 -3.24 5.82
CA PRO Q 42 -17.68 -2.99 7.03
C PRO Q 42 -17.82 -4.24 7.89
N GLY Q 43 -17.38 -4.15 9.15
CA GLY Q 43 -17.44 -5.28 10.07
C GLY Q 43 -16.48 -6.39 9.69
N LYS Q 44 -15.46 -6.05 8.90
CA LYS Q 44 -14.48 -7.04 8.44
C LYS Q 44 -13.06 -6.58 8.69
N GLY Q 45 -12.11 -7.45 8.37
CA GLY Q 45 -10.69 -7.17 8.59
C GLY Q 45 -10.10 -6.25 7.55
N LEU Q 46 -8.94 -5.67 7.88
CA LEU Q 46 -8.26 -4.75 6.97
C LEU Q 46 -7.55 -5.47 5.85
N GLU Q 47 -7.50 -4.85 4.68
CA GLU Q 47 -6.82 -5.41 3.52
C GLU Q 47 -5.81 -4.42 2.96
N TRP Q 48 -4.61 -4.91 2.67
CA TRP Q 48 -3.55 -4.06 2.13
C TRP Q 48 -3.62 -4.03 0.61
N MET Q 49 -3.78 -2.83 0.04
CA MET Q 49 -4.00 -2.69 -1.39
C MET Q 49 -2.71 -2.56 -2.20
N GLY Q 50 -1.85 -1.65 -1.79
CA GLY Q 50 -0.60 -1.42 -2.48
C GLY Q 50 0.06 -0.14 -1.99
N TYR Q 51 1.15 0.25 -2.64
CA TYR Q 51 1.85 1.46 -2.22
C TYR Q 51 2.72 2.07 -3.29
N ILE Q 52 3.13 3.31 -3.01
CA ILE Q 52 4.09 3.99 -3.84
C ILE Q 52 5.28 4.42 -2.99
N HIS Q 53 6.46 3.97 -3.40
CA HIS Q 53 7.69 4.49 -2.81
C HIS Q 53 7.76 5.93 -3.28
N TYR Q 54 8.38 6.79 -2.50
CA TYR Q 54 8.49 8.20 -2.88
C TYR Q 54 9.13 8.38 -4.23
N SER Q 55 9.95 7.42 -4.62
CA SER Q 55 10.62 7.49 -5.90
C SER Q 55 9.76 6.81 -6.95
N GLY Q 56 8.52 7.27 -7.05
CA GLY Q 56 7.61 6.83 -8.08
C GLY Q 56 7.19 5.36 -8.08
N TYR Q 57 8.14 4.46 -7.81
CA TYR Q 57 7.88 3.02 -8.02
C TYR Q 57 6.71 2.46 -7.19
N THR Q 58 5.94 1.59 -7.82
CA THR Q 58 4.71 1.06 -7.23
C THR Q 58 4.61 -0.46 -7.36
N ASP Q 59 3.87 -1.07 -6.44
CA ASP Q 59 3.59 -2.50 -6.49
C ASP Q 59 2.25 -2.77 -5.80
N PHE Q 60 1.58 -3.86 -6.21
CA PHE Q 60 0.23 -4.14 -5.74
C PHE Q 60 0.02 -5.54 -5.14
N ASN Q 61 -0.97 -5.64 -4.26
CA ASN Q 61 -1.46 -6.89 -3.70
C ASN Q 61 -2.02 -7.75 -4.84
N PRO Q 62 -1.87 -9.11 -4.78
CA PRO Q 62 -2.23 -9.96 -5.93
C PRO Q 62 -3.69 -9.85 -6.31
N SER Q 63 -4.57 -9.95 -5.33
CA SER Q 63 -5.96 -9.57 -5.50
C SER Q 63 -5.96 -8.14 -6.00
N LEU Q 64 -6.92 -7.78 -6.84
CA LEU Q 64 -7.06 -6.41 -7.37
C LEU Q 64 -5.93 -5.95 -8.31
N LYS Q 65 -4.93 -6.80 -8.55
CA LYS Q 65 -3.82 -6.45 -9.46
C LYS Q 65 -4.29 -6.13 -10.87
N THR Q 66 -5.56 -6.44 -11.13
CA THR Q 66 -6.18 -6.18 -12.41
C THR Q 66 -7.00 -4.89 -12.31
N ARG Q 67 -7.31 -4.51 -11.08
CA ARG Q 67 -8.25 -3.41 -10.83
C ARG Q 67 -7.57 -2.15 -10.31
N ILE Q 68 -6.39 -2.30 -9.71
CA ILE Q 68 -5.77 -1.20 -8.97
C ILE Q 68 -4.64 -0.47 -9.71
N THR Q 69 -4.67 0.85 -9.64
CA THR Q 69 -3.58 1.70 -10.13
C THR Q 69 -3.36 2.85 -9.16
N ILE Q 70 -2.10 3.11 -8.83
CA ILE Q 70 -1.77 4.18 -7.89
C ILE Q 70 -0.88 5.23 -8.54
N SER Q 71 -1.23 6.49 -8.33
CA SER Q 71 -0.47 7.60 -8.87
C SER Q 71 -0.37 8.72 -7.84
N ARG Q 72 0.46 9.72 -8.12
CA ARG Q 72 0.68 10.79 -7.18
C ARG Q 72 0.91 12.13 -7.86
N ASP Q 73 0.70 13.20 -7.09
CA ASP Q 73 1.01 14.54 -7.55
C ASP Q 73 1.84 15.23 -6.48
N THR Q 74 3.16 15.23 -6.67
CA THR Q 74 4.10 15.76 -5.68
C THR Q 74 3.88 17.25 -5.41
N SER Q 75 3.41 17.98 -6.43
CA SER Q 75 3.19 19.42 -6.30
C SER Q 75 2.21 19.77 -5.19
N LYS Q 76 1.16 18.97 -5.07
CA LYS Q 76 0.15 19.19 -4.05
C LYS Q 76 0.44 18.34 -2.81
N ASN Q 77 1.57 17.62 -2.86
CA ASN Q 77 1.93 16.68 -1.81
C ASN Q 77 0.81 15.66 -1.59
N GLN Q 78 0.35 15.05 -2.67
CA GLN Q 78 -0.74 14.10 -2.61
C GLN Q 78 -0.43 12.85 -3.43
N PHE Q 79 -1.04 11.74 -3.06
CA PHE Q 79 -0.91 10.51 -3.83
C PHE Q 79 -2.25 9.79 -3.89
N SER Q 80 -2.73 9.56 -5.11
CA SER Q 80 -4.10 9.11 -5.33
C SER Q 80 -4.22 7.62 -5.64
N LEU Q 81 -5.42 7.09 -5.44
CA LEU Q 81 -5.73 5.70 -5.69
C LEU Q 81 -6.90 5.55 -6.64
N LYS Q 82 -6.77 4.64 -7.60
CA LYS Q 82 -7.85 4.38 -8.55
C LYS Q 82 -8.18 2.90 -8.68
N LEU Q 83 -9.44 2.56 -8.45
CA LEU Q 83 -9.90 1.18 -8.57
C LEU Q 83 -10.97 1.10 -9.66
N SER Q 84 -10.82 0.15 -10.57
CA SER Q 84 -11.71 0.04 -11.71
C SER Q 84 -12.57 -1.23 -11.67
N SER Q 85 -13.67 -1.21 -12.42
CA SER Q 85 -14.63 -2.31 -12.47
C SER Q 85 -15.10 -2.69 -11.08
N VAL Q 86 -15.55 -1.69 -10.32
CA VAL Q 86 -15.95 -1.89 -8.93
C VAL Q 86 -17.22 -2.72 -8.79
N THR Q 87 -17.24 -3.59 -7.78
CA THR Q 87 -18.42 -4.40 -7.50
C THR Q 87 -18.89 -4.13 -6.08
N ALA Q 88 -19.87 -4.91 -5.64
CA ALA Q 88 -20.44 -4.77 -4.31
C ALA Q 88 -19.43 -5.10 -3.22
N VAL Q 89 -18.42 -5.89 -3.57
CA VAL Q 89 -17.40 -6.30 -2.61
C VAL Q 89 -16.54 -5.10 -2.19
N ASP Q 90 -16.35 -4.17 -3.13
CA ASP Q 90 -15.47 -3.03 -2.90
C ASP Q 90 -16.02 -2.00 -1.91
N THR Q 91 -17.26 -2.19 -1.47
CA THR Q 91 -17.85 -1.32 -0.47
C THR Q 91 -17.09 -1.43 0.84
N ALA Q 92 -16.39 -0.36 1.21
CA ALA Q 92 -15.53 -0.37 2.39
C ALA Q 92 -15.10 1.04 2.78
N VAL Q 93 -14.48 1.15 3.96
CA VAL Q 93 -13.82 2.37 4.36
C VAL Q 93 -12.37 2.30 3.90
N TYR Q 94 -11.85 3.43 3.40
CA TYR Q 94 -10.50 3.44 2.86
C TYR Q 94 -9.54 4.22 3.74
N TYR Q 95 -8.35 3.67 3.94
CA TYR Q 95 -7.37 4.25 4.83
C TYR Q 95 -6.08 4.64 4.13
N CYS Q 96 -5.47 5.71 4.60
CA CYS Q 96 -4.23 6.23 4.06
C CYS Q 96 -3.15 6.06 5.12
N ALA Q 97 -1.95 5.65 4.72
CA ALA Q 97 -0.92 5.33 5.70
C ALA Q 97 0.53 5.47 5.24
N ARG Q 98 1.43 5.35 6.20
CA ARG Q 98 2.87 5.49 5.99
C ARG Q 98 3.55 4.16 6.30
N LYS Q 99 4.33 3.64 5.35
CA LYS Q 99 5.03 2.37 5.56
C LYS Q 99 5.94 2.46 6.76
N ASP Q 100 6.47 3.66 6.97
CA ASP Q 100 7.53 3.89 7.93
C ASP Q 100 8.70 2.99 7.51
N SER Q 101 9.26 2.27 8.47
CA SER Q 101 10.36 1.35 8.22
C SER Q 101 10.00 0.03 8.86
N GLY Q 102 10.54 -1.07 8.35
CA GLY Q 102 10.23 -2.39 8.87
C GLY Q 102 8.77 -2.77 8.64
N ASN Q 103 8.12 -2.04 7.75
CA ASN Q 103 6.77 -2.35 7.30
C ASN Q 103 5.72 -2.41 8.41
N TYR Q 104 5.70 -1.37 9.23
CA TYR Q 104 4.60 -1.15 10.17
C TYR Q 104 4.09 0.27 9.98
N PHE Q 105 2.77 0.44 10.05
CA PHE Q 105 2.16 1.75 9.81
C PHE Q 105 1.80 2.44 11.13
N PRO Q 106 2.51 3.54 11.42
CA PRO Q 106 2.31 4.34 12.64
C PRO Q 106 1.36 5.52 12.46
N TYR Q 107 1.25 6.04 11.24
CA TYR Q 107 0.41 7.18 10.96
C TYR Q 107 -0.69 6.81 9.96
N TRP Q 108 -1.94 7.01 10.38
CA TRP Q 108 -3.10 6.67 9.56
C TRP Q 108 -3.93 7.90 9.26
N GLY Q 109 -4.73 7.81 8.19
CA GLY Q 109 -5.67 8.86 7.85
C GLY Q 109 -6.94 8.73 8.67
N GLN Q 110 -7.83 9.70 8.53
CA GLN Q 110 -9.11 9.67 9.24
C GLN Q 110 -9.95 8.51 8.71
N GLY Q 111 -9.80 8.24 7.42
CA GLY Q 111 -10.56 7.19 6.77
C GLY Q 111 -11.85 7.71 6.18
N THR Q 112 -12.13 7.30 4.94
CA THR Q 112 -13.37 7.69 4.28
C THR Q 112 -14.12 6.47 3.77
N LEU Q 113 -15.45 6.58 3.72
CA LEU Q 113 -16.30 5.46 3.33
C LEU Q 113 -16.79 5.61 1.89
N VAL Q 114 -16.58 4.56 1.10
CA VAL Q 114 -17.09 4.51 -0.26
C VAL Q 114 -17.98 3.28 -0.44
N THR Q 115 -19.22 3.50 -0.86
CA THR Q 115 -20.18 2.42 -1.03
C THR Q 115 -20.52 2.22 -2.50
N VAL Q 116 -20.48 0.97 -2.95
CA VAL Q 116 -20.75 0.65 -4.34
C VAL Q 116 -22.19 0.18 -4.53
N SER Q 117 -23.01 1.02 -5.13
CA SER Q 117 -24.41 0.69 -5.38
C SER Q 117 -24.93 1.40 -6.62
N SER Q 118 -25.92 0.79 -7.26
CA SER Q 118 -26.53 1.36 -8.46
C SER Q 118 -27.58 2.41 -8.08
N ALA Q 119 -27.97 2.41 -6.81
CA ALA Q 119 -28.99 3.34 -6.33
C ALA Q 119 -28.49 4.78 -6.35
N SER Q 120 -29.42 5.72 -6.44
CA SER Q 120 -29.08 7.14 -6.47
C SER Q 120 -28.99 7.70 -5.06
N THR Q 121 -28.56 8.97 -4.97
CA THR Q 121 -28.42 9.64 -3.68
C THR Q 121 -29.66 10.45 -3.35
N LYS Q 122 -29.93 10.58 -2.05
CA LYS Q 122 -31.05 11.38 -1.60
C LYS Q 122 -30.67 12.26 -0.41
N GLY Q 123 -31.65 12.96 0.15
CA GLY Q 123 -31.41 13.84 1.29
C GLY Q 123 -32.24 13.44 2.49
N PRO Q 124 -31.59 13.36 3.66
CA PRO Q 124 -32.25 12.90 4.89
C PRO Q 124 -33.35 13.83 5.35
N SER Q 125 -34.40 13.24 5.90
CA SER Q 125 -35.45 14.03 6.56
C SER Q 125 -35.17 14.03 8.05
N VAL Q 126 -35.33 15.18 8.68
CA VAL Q 126 -34.99 15.32 10.09
C VAL Q 126 -36.23 15.59 10.92
N PHE Q 127 -36.54 14.66 11.82
CA PHE Q 127 -37.71 14.78 12.69
C PHE Q 127 -37.30 14.77 14.15
N PRO Q 128 -37.89 15.68 14.94
CA PRO Q 128 -37.55 15.78 16.36
C PRO Q 128 -38.30 14.77 17.22
N LEU Q 129 -37.63 14.28 18.25
CA LEU Q 129 -38.28 13.44 19.25
C LEU Q 129 -38.55 14.27 20.49
N ALA Q 130 -39.75 14.13 21.03
CA ALA Q 130 -40.17 14.94 22.16
C ALA Q 130 -39.67 14.38 23.49
N PRO Q 131 -39.10 15.24 24.34
CA PRO Q 131 -38.61 14.88 25.67
C PRO Q 131 -39.70 14.23 26.52
N SER Q 132 -39.30 13.55 27.58
CA SER Q 132 -40.22 12.85 28.46
C SER Q 132 -41.31 13.77 29.02
N SER Q 133 -42.52 13.23 29.14
CA SER Q 133 -43.65 13.98 29.65
C SER Q 133 -43.55 14.22 31.16
N LYS Q 134 -42.66 13.47 31.81
CA LYS Q 134 -42.50 13.57 33.26
C LYS Q 134 -41.42 14.59 33.62
N SER Q 135 -41.81 15.86 33.64
CA SER Q 135 -40.88 16.94 33.98
C SER Q 135 -40.86 17.18 35.49
N THR Q 136 -41.86 16.65 36.18
CA THR Q 136 -41.99 16.84 37.62
C THR Q 136 -41.05 15.90 38.38
N SER Q 137 -40.60 14.85 37.72
CA SER Q 137 -39.76 13.83 38.35
C SER Q 137 -38.43 14.37 38.86
N GLY Q 138 -37.91 15.41 38.19
CA GLY Q 138 -36.65 16.01 38.60
C GLY Q 138 -35.44 15.18 38.25
N GLY Q 139 -35.68 13.98 37.74
CA GLY Q 139 -34.60 13.09 37.35
C GLY Q 139 -34.12 13.37 35.94
N THR Q 140 -33.34 12.44 35.39
CA THR Q 140 -32.83 12.59 34.04
C THR Q 140 -33.91 12.28 33.01
N ALA Q 141 -33.99 13.11 31.98
CA ALA Q 141 -34.95 12.91 30.91
C ALA Q 141 -34.22 12.89 29.57
N ALA Q 142 -34.77 12.17 28.60
CA ALA Q 142 -34.10 12.01 27.32
C ALA Q 142 -34.87 12.66 26.17
N LEU Q 143 -34.13 13.13 25.18
CA LEU Q 143 -34.69 13.66 23.95
C LEU Q 143 -33.76 13.29 22.81
N GLY Q 144 -34.26 13.31 21.59
CA GLY Q 144 -33.45 12.88 20.47
C GLY Q 144 -33.85 13.45 19.13
N CYS Q 145 -32.98 13.23 18.15
CA CYS Q 145 -33.21 13.68 16.79
C CYS Q 145 -33.25 12.47 15.88
N LEU Q 146 -34.29 12.39 15.05
CA LEU Q 146 -34.47 11.26 14.15
C LEU Q 146 -34.08 11.61 12.72
N VAL Q 147 -33.13 10.85 12.18
CA VAL Q 147 -32.70 11.03 10.80
C VAL Q 147 -33.10 9.81 9.97
N LYS Q 148 -33.98 10.01 9.00
CA LYS Q 148 -34.49 8.88 8.25
C LYS Q 148 -34.47 9.09 6.74
N ASP Q 149 -34.41 7.97 6.01
CA ASP Q 149 -34.51 7.94 4.56
C ASP Q 149 -33.43 8.74 3.85
N TYR Q 150 -32.18 8.35 4.04
CA TYR Q 150 -31.08 8.97 3.33
C TYR Q 150 -30.19 7.91 2.69
N PHE Q 151 -29.47 8.31 1.65
CA PHE Q 151 -28.55 7.41 0.98
C PHE Q 151 -27.54 8.21 0.18
N PRO Q 152 -26.26 7.81 0.25
CA PRO Q 152 -25.78 6.70 1.08
C PRO Q 152 -25.15 7.17 2.38
N GLU Q 153 -24.63 6.23 3.16
CA GLU Q 153 -23.88 6.52 4.37
C GLU Q 153 -22.63 7.33 4.04
N PRO Q 154 -22.09 8.08 5.02
CA PRO Q 154 -22.56 8.23 6.40
C PRO Q 154 -23.22 9.59 6.65
N VAL Q 155 -23.85 9.71 7.82
CA VAL Q 155 -24.39 10.99 8.28
C VAL Q 155 -23.81 11.30 9.65
N THR Q 156 -23.48 12.57 9.86
CA THR Q 156 -22.90 13.01 11.12
C THR Q 156 -23.88 13.88 11.90
N VAL Q 157 -24.02 13.59 13.19
CA VAL Q 157 -24.94 14.32 14.05
C VAL Q 157 -24.22 14.87 15.26
N SER Q 158 -24.47 16.14 15.57
CA SER Q 158 -23.89 16.77 16.75
C SER Q 158 -24.94 17.64 17.43
N TRP Q 159 -24.75 17.89 18.72
CA TRP Q 159 -25.71 18.67 19.49
C TRP Q 159 -25.14 19.98 20.00
N ASN Q 160 -25.92 21.05 19.83
CA ASN Q 160 -25.51 22.39 20.23
C ASN Q 160 -24.17 22.81 19.65
N SER Q 161 -23.93 22.42 18.40
CA SER Q 161 -22.69 22.75 17.69
C SER Q 161 -21.44 22.26 18.44
N GLY Q 162 -21.57 21.11 19.10
CA GLY Q 162 -20.46 20.51 19.80
C GLY Q 162 -20.37 20.89 21.27
N ALA Q 163 -21.30 21.72 21.73
CA ALA Q 163 -21.32 22.14 23.13
C ALA Q 163 -21.75 20.98 24.03
N LEU Q 164 -22.69 20.18 23.51
CA LEU Q 164 -23.23 19.05 24.24
C LEU Q 164 -22.66 17.74 23.71
N THR Q 165 -21.77 17.12 24.48
CA THR Q 165 -21.12 15.88 24.06
C THR Q 165 -21.27 14.79 25.10
N SER Q 166 -21.81 15.16 26.25
CA SER Q 166 -21.98 14.21 27.35
C SER Q 166 -23.36 13.56 27.34
N GLY Q 167 -23.39 12.23 27.41
CA GLY Q 167 -24.62 11.49 27.47
C GLY Q 167 -25.38 11.48 26.17
N VAL Q 168 -24.67 11.68 25.06
CA VAL Q 168 -25.28 11.64 23.73
C VAL Q 168 -24.98 10.33 23.02
N HIS Q 169 -26.04 9.66 22.58
CA HIS Q 169 -25.88 8.39 21.86
C HIS Q 169 -26.44 8.49 20.45
N THR Q 170 -25.56 8.34 19.47
CA THR Q 170 -25.96 8.32 18.07
C THR Q 170 -25.85 6.89 17.53
N PHE Q 171 -27.00 6.25 17.36
CA PHE Q 171 -27.03 4.86 16.92
C PHE Q 171 -26.55 4.71 15.49
N PRO Q 172 -25.88 3.58 15.20
CA PRO Q 172 -25.50 3.27 13.82
C PRO Q 172 -26.73 3.05 12.95
N ALA Q 173 -26.68 3.54 11.73
CA ALA Q 173 -27.82 3.48 10.82
C ALA Q 173 -28.20 2.05 10.46
N VAL Q 174 -29.46 1.87 10.08
CA VAL Q 174 -29.94 0.58 9.63
C VAL Q 174 -30.59 0.74 8.25
N LEU Q 175 -30.43 -0.28 7.41
CA LEU Q 175 -30.97 -0.23 6.07
C LEU Q 175 -32.43 -0.65 6.05
N GLN Q 176 -33.31 0.29 5.70
CA GLN Q 176 -34.74 0.02 5.62
C GLN Q 176 -35.09 -0.83 4.40
N SER Q 177 -36.33 -1.28 4.34
CA SER Q 177 -36.81 -2.05 3.21
C SER Q 177 -36.87 -1.20 1.96
N SER Q 178 -37.00 0.11 2.14
CA SER Q 178 -37.07 1.06 1.03
C SER Q 178 -35.71 1.21 0.33
N GLY Q 179 -34.66 0.77 1.01
CA GLY Q 179 -33.30 0.88 0.48
C GLY Q 179 -32.64 2.17 0.90
N LEU Q 180 -33.21 2.82 1.92
CA LEU Q 180 -32.68 4.07 2.42
C LEU Q 180 -32.32 3.96 3.89
N TYR Q 181 -31.15 4.46 4.25
CA TYR Q 181 -30.67 4.40 5.64
C TYR Q 181 -31.48 5.29 6.57
N SER Q 182 -31.51 4.90 7.84
CA SER Q 182 -32.23 5.66 8.86
C SER Q 182 -31.62 5.41 10.23
N LEU Q 183 -31.59 6.44 11.07
CA LEU Q 183 -31.04 6.29 12.41
C LEU Q 183 -31.61 7.34 13.37
N SER Q 184 -31.35 7.13 14.66
CA SER Q 184 -31.78 8.07 15.68
C SER Q 184 -30.60 8.44 16.57
N SER Q 185 -30.52 9.72 16.92
CA SER Q 185 -29.48 10.20 17.83
C SER Q 185 -30.14 10.81 19.06
N VAL Q 186 -29.77 10.31 20.23
CA VAL Q 186 -30.42 10.72 21.47
C VAL Q 186 -29.42 11.21 22.51
N VAL Q 187 -29.91 12.03 23.44
CA VAL Q 187 -29.09 12.60 24.50
C VAL Q 187 -29.89 12.73 25.78
N THR Q 188 -29.26 12.40 26.90
CA THR Q 188 -29.91 12.50 28.22
C THR Q 188 -29.54 13.80 28.90
N VAL Q 189 -30.54 14.53 29.37
CA VAL Q 189 -30.34 15.81 30.03
C VAL Q 189 -31.20 15.93 31.29
N PRO Q 190 -30.78 16.78 32.24
CA PRO Q 190 -31.59 17.06 33.42
C PRO Q 190 -32.96 17.62 33.03
N SER Q 191 -34.01 17.11 33.68
CA SER Q 191 -35.38 17.51 33.37
C SER Q 191 -35.65 18.98 33.64
N SER Q 192 -34.93 19.54 34.61
CA SER Q 192 -35.11 20.94 34.99
C SER Q 192 -34.61 21.89 33.91
N SER Q 193 -33.66 21.40 33.11
CA SER Q 193 -33.03 22.22 32.08
C SER Q 193 -33.90 22.39 30.84
N LEU Q 194 -34.89 21.51 30.69
CA LEU Q 194 -35.74 21.48 29.50
C LEU Q 194 -36.40 22.81 29.18
N GLY Q 195 -36.92 23.48 30.20
CA GLY Q 195 -37.61 24.74 30.02
C GLY Q 195 -36.66 25.88 29.67
N THR Q 196 -35.58 25.99 30.42
CA THR Q 196 -34.64 27.10 30.29
C THR Q 196 -33.66 26.92 29.13
N GLN Q 197 -33.25 25.68 28.91
CA GLN Q 197 -32.23 25.39 27.91
C GLN Q 197 -32.82 24.76 26.64
N THR Q 198 -32.39 25.28 25.48
CA THR Q 198 -32.83 24.77 24.20
C THR Q 198 -31.79 23.81 23.63
N TYR Q 199 -32.26 22.74 23.00
CA TYR Q 199 -31.37 21.74 22.42
C TYR Q 199 -31.62 21.63 20.93
N ILE Q 200 -30.54 21.67 20.15
CA ILE Q 200 -30.64 21.55 18.69
C ILE Q 200 -29.71 20.47 18.15
N CYS Q 201 -30.22 19.64 17.25
CA CYS Q 201 -29.42 18.59 16.65
C CYS Q 201 -28.89 19.02 15.28
N ASN Q 202 -27.57 19.05 15.16
CA ASN Q 202 -26.92 19.44 13.90
C ASN Q 202 -26.66 18.23 13.01
N VAL Q 203 -27.48 18.11 11.96
CA VAL Q 203 -27.38 16.98 11.04
C VAL Q 203 -26.64 17.37 9.77
N ASN Q 204 -25.69 16.52 9.37
CA ASN Q 204 -24.88 16.79 8.19
C ASN Q 204 -24.77 15.56 7.28
N HIS Q 205 -24.90 15.78 5.98
CA HIS Q 205 -24.85 14.69 5.01
C HIS Q 205 -23.91 15.05 3.86
N LYS Q 206 -22.81 14.31 3.76
CA LYS Q 206 -21.76 14.60 2.77
C LYS Q 206 -22.06 14.26 1.30
N PRO Q 207 -22.65 13.07 1.03
CA PRO Q 207 -22.95 12.75 -0.37
C PRO Q 207 -23.88 13.78 -1.01
N SER Q 208 -24.96 14.09 -0.31
CA SER Q 208 -25.81 15.21 -0.69
C SER Q 208 -25.17 16.48 -0.13
N ASN Q 209 -25.89 17.58 -0.22
CA ASN Q 209 -25.40 18.83 0.35
C ASN Q 209 -26.39 19.38 1.35
N THR Q 210 -26.79 18.53 2.29
CA THR Q 210 -27.81 18.89 3.25
C THR Q 210 -27.21 19.10 4.63
N LYS Q 211 -27.57 20.22 5.24
CA LYS Q 211 -27.20 20.53 6.61
C LYS Q 211 -28.44 21.01 7.32
N VAL Q 212 -28.99 20.19 8.21
CA VAL Q 212 -30.24 20.53 8.86
C VAL Q 212 -30.07 20.69 10.37
N ASP Q 213 -30.64 21.76 10.91
CA ASP Q 213 -30.70 21.95 12.35
C ASP Q 213 -32.16 21.94 12.79
N LYS Q 214 -32.45 21.20 13.86
CA LYS Q 214 -33.81 21.10 14.36
C LYS Q 214 -33.89 21.30 15.87
N ARG Q 215 -34.81 22.17 16.27
CA ARG Q 215 -35.04 22.42 17.69
C ARG Q 215 -35.84 21.29 18.32
N VAL Q 216 -35.49 20.93 19.54
CA VAL Q 216 -36.22 19.90 20.28
C VAL Q 216 -36.90 20.53 21.48
N GLU Q 217 -38.22 20.51 21.48
CA GLU Q 217 -39.00 21.19 22.51
C GLU Q 217 -40.12 20.32 23.05
N PRO Q 218 -40.41 20.45 24.36
CA PRO Q 218 -41.50 19.72 25.00
C PRO Q 218 -42.87 20.16 24.48
N GLU R 1 0.36 -15.61 -0.70
CA GLU R 1 -0.45 -14.95 0.33
C GLU R 1 -0.26 -15.59 1.69
N ILE R 2 0.35 -14.85 2.61
CA ILE R 2 0.52 -15.31 3.98
C ILE R 2 -0.81 -15.17 4.73
N VAL R 3 -1.14 -16.17 5.53
CA VAL R 3 -2.42 -16.17 6.24
C VAL R 3 -2.23 -16.08 7.74
N LEU R 4 -2.82 -15.04 8.34
CA LEU R 4 -2.79 -14.87 9.78
C LEU R 4 -4.10 -15.34 10.39
N THR R 5 -4.01 -15.98 11.56
CA THR R 5 -5.20 -16.47 12.23
C THR R 5 -5.16 -16.14 13.72
N GLN R 6 -6.18 -15.44 14.19
CA GLN R 6 -6.26 -15.05 15.59
C GLN R 6 -7.29 -15.90 16.33
N SER R 7 -7.06 -16.07 17.63
CA SER R 7 -7.98 -16.81 18.48
C SER R 7 -7.94 -16.27 19.91
N PRO R 8 -9.12 -16.10 20.53
CA PRO R 8 -10.43 -16.31 19.91
C PRO R 8 -10.87 -15.10 19.07
N ASP R 9 -11.89 -15.29 18.25
CA ASP R 9 -12.43 -14.18 17.46
C ASP R 9 -13.18 -13.19 18.34
N PHE R 10 -13.73 -13.71 19.44
CA PHE R 10 -14.42 -12.87 20.41
C PHE R 10 -14.04 -13.28 21.82
N GLN R 11 -13.89 -12.29 22.69
CA GLN R 11 -13.51 -12.54 24.08
C GLN R 11 -14.18 -11.53 25.00
N SER R 12 -14.62 -12.00 26.16
CA SER R 12 -15.27 -11.15 27.15
C SER R 12 -14.59 -11.29 28.50
N VAL R 13 -13.97 -10.21 28.97
CA VAL R 13 -13.17 -10.26 30.19
C VAL R 13 -13.61 -9.22 31.22
N THR R 14 -13.41 -9.56 32.48
CA THR R 14 -13.68 -8.67 33.60
C THR R 14 -12.54 -7.66 33.72
N PRO R 15 -12.85 -6.39 34.04
CA PRO R 15 -11.80 -5.38 34.21
C PRO R 15 -10.75 -5.76 35.25
N LYS R 16 -9.57 -5.13 35.13
CA LYS R 16 -8.43 -5.41 36.01
C LYS R 16 -8.00 -6.87 35.97
N GLU R 17 -8.18 -7.51 34.82
CA GLU R 17 -7.79 -8.91 34.66
C GLU R 17 -6.96 -9.11 33.40
N LYS R 18 -6.20 -10.21 33.37
CA LYS R 18 -5.33 -10.51 32.23
C LYS R 18 -6.11 -10.85 30.97
N VAL R 19 -5.67 -10.28 29.84
CA VAL R 19 -6.27 -10.57 28.55
C VAL R 19 -5.19 -11.00 27.55
N THR R 20 -5.43 -12.13 26.89
CA THR R 20 -4.45 -12.66 25.95
C THR R 20 -5.06 -12.96 24.58
N ILE R 21 -4.31 -12.62 23.53
CA ILE R 21 -4.74 -12.90 22.16
C ILE R 21 -3.56 -13.50 21.38
N THR R 22 -3.83 -14.59 20.66
CA THR R 22 -2.78 -15.28 19.93
C THR R 22 -2.88 -15.03 18.42
N CYS R 23 -1.73 -14.94 17.77
CA CYS R 23 -1.67 -14.70 16.33
C CYS R 23 -0.80 -15.74 15.64
N ARG R 24 -1.43 -16.73 15.04
CA ARG R 24 -0.71 -17.80 14.35
C ARG R 24 -0.61 -17.50 12.85
N ALA R 25 0.53 -17.84 12.27
CA ALA R 25 0.81 -17.52 10.88
C ALA R 25 1.01 -18.77 10.02
N SER R 26 0.93 -18.59 8.71
CA SER R 26 1.13 -19.69 7.77
C SER R 26 2.60 -20.10 7.71
N GLN R 27 3.49 -19.12 7.86
CA GLN R 27 4.92 -19.35 7.73
C GLN R 27 5.71 -18.71 8.87
N SER R 28 7.04 -18.75 8.76
CA SER R 28 7.90 -18.24 9.82
C SER R 28 8.06 -16.71 9.82
N ILE R 29 7.57 -16.09 10.88
CA ILE R 29 7.42 -14.64 10.95
C ILE R 29 8.43 -14.01 11.92
N SER R 30 9.34 -14.84 12.45
CA SER R 30 10.55 -14.42 13.20
C SER R 30 10.38 -13.21 14.08
N ASP R 31 11.30 -12.25 13.97
CA ASP R 31 11.33 -11.12 14.89
C ASP R 31 10.30 -10.04 14.56
N HIS R 32 9.93 -9.91 13.29
CA HIS R 32 9.06 -8.80 12.92
C HIS R 32 7.57 -9.13 12.98
N LEU R 33 6.87 -8.44 13.86
CA LEU R 33 5.43 -8.62 14.05
C LEU R 33 4.91 -7.37 14.76
N HIS R 34 3.67 -6.99 14.45
CA HIS R 34 3.12 -5.76 15.03
C HIS R 34 1.70 -5.94 15.54
N TRP R 35 1.21 -4.93 16.25
CA TRP R 35 -0.11 -4.99 16.87
C TRP R 35 -0.82 -3.65 16.83
N TYR R 36 -2.11 -3.70 16.58
CA TYR R 36 -2.92 -2.50 16.46
C TYR R 36 -4.16 -2.56 17.34
N GLN R 37 -4.59 -1.40 17.80
CA GLN R 37 -5.82 -1.27 18.55
C GLN R 37 -6.78 -0.37 17.80
N GLN R 38 -7.94 -0.90 17.44
CA GLN R 38 -8.92 -0.12 16.69
C GLN R 38 -10.22 0.06 17.45
N LYS R 39 -10.43 1.27 17.96
CA LYS R 39 -11.68 1.64 18.60
C LYS R 39 -12.73 1.91 17.52
N PRO R 40 -14.02 1.77 17.86
CA PRO R 40 -15.08 1.94 16.85
C PRO R 40 -15.10 3.33 16.23
N ASP R 41 -15.39 3.38 14.93
CA ASP R 41 -15.44 4.64 14.18
C ASP R 41 -14.14 5.42 14.24
N GLN R 42 -13.02 4.70 14.30
CA GLN R 42 -11.70 5.31 14.28
C GLN R 42 -10.74 4.45 13.48
N SER R 43 -9.67 5.07 13.00
CA SER R 43 -8.62 4.34 12.31
C SER R 43 -7.79 3.58 13.34
N PRO R 44 -7.26 2.41 12.96
CA PRO R 44 -6.40 1.63 13.87
C PRO R 44 -5.14 2.40 14.25
N LYS R 45 -4.68 2.23 15.48
CA LYS R 45 -3.48 2.92 15.93
C LYS R 45 -2.34 1.93 16.16
N LEU R 46 -1.12 2.39 15.91
CA LEU R 46 0.06 1.56 16.14
C LEU R 46 0.30 1.39 17.63
N LEU R 47 0.38 0.14 18.07
CA LEU R 47 0.39 -0.16 19.49
C LEU R 47 1.74 -0.69 19.94
N ILE R 48 2.17 -1.80 19.34
CA ILE R 48 3.37 -2.51 19.75
C ILE R 48 4.08 -3.04 18.52
N LYS R 49 5.41 -2.99 18.52
CA LYS R 49 6.18 -3.48 17.38
C LYS R 49 7.30 -4.45 17.74
N TYR R 50 7.45 -5.49 16.90
CA TYR R 50 8.64 -6.35 16.85
C TYR R 50 8.92 -7.55 17.80
N ALA R 51 8.00 -8.03 18.64
CA ALA R 51 6.70 -7.45 18.96
C ALA R 51 6.59 -7.33 20.46
N SER R 52 7.40 -6.46 21.05
CA SER R 52 7.39 -6.24 22.50
C SER R 52 7.72 -4.80 22.84
N HIS R 53 8.23 -4.07 21.86
CA HIS R 53 8.62 -2.69 22.08
C HIS R 53 7.42 -1.76 22.04
N ALA R 54 7.10 -1.18 23.19
CA ALA R 54 6.01 -0.24 23.30
C ALA R 54 6.29 0.97 22.42
N ILE R 55 5.21 1.58 21.93
CA ILE R 55 5.31 2.86 21.24
C ILE R 55 5.26 3.94 22.34
N SER R 56 5.49 5.20 21.97
CA SER R 56 5.48 6.27 22.95
C SER R 56 4.08 6.85 23.14
N GLY R 57 3.38 6.37 24.15
CA GLY R 57 2.02 6.82 24.43
C GLY R 57 1.13 5.64 24.74
N VAL R 58 1.71 4.45 24.63
CA VAL R 58 1.01 3.22 24.95
C VAL R 58 1.23 2.87 26.41
N PRO R 59 0.12 2.68 27.16
CA PRO R 59 0.17 2.37 28.60
C PRO R 59 1.03 1.16 28.94
N SER R 60 1.47 1.10 30.20
CA SER R 60 2.40 0.06 30.65
C SER R 60 1.77 -1.33 30.69
N ARG R 61 0.45 -1.38 30.72
CA ARG R 61 -0.28 -2.64 30.77
C ARG R 61 -0.15 -3.39 29.46
N PHE R 62 0.14 -2.64 28.40
CA PHE R 62 0.22 -3.18 27.06
C PHE R 62 1.61 -3.70 26.74
N SER R 63 1.74 -5.02 26.67
CA SER R 63 3.02 -5.64 26.35
C SER R 63 2.82 -6.85 25.45
N GLY R 64 3.75 -7.79 25.51
CA GLY R 64 3.63 -9.04 24.77
C GLY R 64 4.93 -9.44 24.12
N SER R 65 5.16 -10.75 24.01
CA SER R 65 6.36 -11.26 23.37
C SER R 65 5.99 -12.24 22.26
N GLY R 66 6.94 -12.59 21.41
CA GLY R 66 6.63 -13.40 20.26
C GLY R 66 7.71 -14.34 19.76
N SER R 67 7.28 -15.41 19.11
CA SER R 67 8.16 -16.48 18.68
C SER R 67 8.67 -16.27 17.26
N GLY R 68 8.96 -17.38 16.61
CA GLY R 68 9.35 -17.36 15.22
C GLY R 68 8.12 -17.17 14.33
N THR R 69 6.99 -17.73 14.72
CA THR R 69 5.84 -17.74 13.82
C THR R 69 4.54 -17.32 14.51
N ASP R 70 4.30 -17.92 15.67
CA ASP R 70 3.03 -17.78 16.35
C ASP R 70 3.28 -16.74 17.45
N PHE R 71 2.36 -15.78 17.56
CA PHE R 71 2.61 -14.61 18.40
C PHE R 71 1.55 -14.33 19.47
N THR R 72 1.92 -13.55 20.48
CA THR R 72 1.08 -13.38 21.67
C THR R 72 1.08 -11.94 22.20
N LEU R 73 -0.08 -11.53 22.72
CA LEU R 73 -0.22 -10.22 23.36
C LEU R 73 -0.93 -10.36 24.70
N THR R 74 -0.35 -9.78 25.74
CA THR R 74 -0.94 -9.86 27.08
C THR R 74 -1.29 -8.47 27.58
N ILE R 75 -2.53 -8.32 28.06
CA ILE R 75 -2.97 -7.08 28.69
C ILE R 75 -3.03 -7.31 30.19
N ASN R 76 -2.09 -6.72 30.92
CA ASN R 76 -1.92 -6.97 32.35
C ASN R 76 -3.19 -6.69 33.17
N SER R 77 -3.77 -5.51 32.99
CA SER R 77 -5.09 -5.26 33.55
C SER R 77 -6.01 -4.55 32.56
N LEU R 78 -7.18 -5.14 32.35
CA LEU R 78 -8.16 -4.65 31.39
C LEU R 78 -8.89 -3.45 31.98
N GLU R 79 -8.93 -2.35 31.23
CA GLU R 79 -9.59 -1.15 31.70
C GLU R 79 -10.74 -0.74 30.79
N ALA R 80 -11.55 0.20 31.26
CA ALA R 80 -12.71 0.70 30.53
C ALA R 80 -12.33 1.22 29.15
N GLU R 81 -11.22 1.95 29.09
CA GLU R 81 -10.71 2.53 27.85
C GLU R 81 -10.37 1.46 26.82
N ASP R 82 -9.93 0.30 27.31
CA ASP R 82 -9.44 -0.77 26.46
C ASP R 82 -10.50 -1.37 25.54
N ALA R 83 -11.76 -0.99 25.74
CA ALA R 83 -12.87 -1.50 24.94
C ALA R 83 -12.69 -1.18 23.46
N ALA R 84 -12.26 -2.17 22.70
CA ALA R 84 -12.04 -2.02 21.27
C ALA R 84 -11.85 -3.39 20.61
N THR R 85 -11.48 -3.36 19.34
CA THR R 85 -11.11 -4.56 18.61
C THR R 85 -9.64 -4.47 18.24
N TYR R 86 -8.91 -5.56 18.45
CA TYR R 86 -7.46 -5.56 18.25
C TYR R 86 -7.07 -6.44 17.06
N TYR R 87 -6.18 -5.92 16.23
CA TYR R 87 -5.74 -6.62 15.04
C TYR R 87 -4.24 -6.90 15.10
N CYS R 88 -3.78 -7.83 14.26
CA CYS R 88 -2.36 -8.09 14.13
C CYS R 88 -2.00 -8.28 12.66
N GLN R 89 -1.00 -7.53 12.21
CA GLN R 89 -0.49 -7.67 10.85
C GLN R 89 0.88 -8.31 10.92
N GLN R 90 1.38 -8.79 9.79
CA GLN R 90 2.64 -9.52 9.78
C GLN R 90 3.84 -8.65 9.40
N GLY R 91 4.78 -8.54 10.34
CA GLY R 91 6.07 -7.96 10.02
C GLY R 91 6.84 -8.96 9.19
N TYR R 92 6.46 -9.11 7.93
CA TYR R 92 7.27 -9.94 7.05
C TYR R 92 6.98 -9.58 5.62
N ASP R 93 7.39 -10.48 4.74
CA ASP R 93 7.36 -10.23 3.33
C ASP R 93 5.95 -9.96 2.80
N PHE R 94 5.93 -9.21 1.72
CA PHE R 94 4.71 -8.79 1.07
C PHE R 94 4.16 -9.94 0.23
N PRO R 95 2.88 -9.89 -0.12
CA PRO R 95 1.86 -8.91 0.29
C PRO R 95 1.58 -8.99 1.78
N LEU R 96 1.50 -7.84 2.42
CA LEU R 96 1.22 -7.77 3.83
C LEU R 96 -0.23 -8.14 4.10
N THR R 97 -0.47 -8.79 5.23
CA THR R 97 -1.80 -9.26 5.57
C THR R 97 -2.13 -8.98 7.03
N PHE R 98 -3.42 -9.04 7.35
CA PHE R 98 -3.89 -8.78 8.70
C PHE R 98 -4.60 -9.99 9.27
N GLY R 99 -4.73 -10.02 10.60
CA GLY R 99 -5.47 -11.07 11.26
C GLY R 99 -6.96 -10.88 11.08
N GLY R 100 -7.72 -11.87 11.54
CA GLY R 100 -9.17 -11.80 11.45
C GLY R 100 -9.75 -10.74 12.37
N GLY R 101 -8.97 -10.35 13.36
CA GLY R 101 -9.40 -9.34 14.31
C GLY R 101 -9.99 -9.96 15.55
N THR R 102 -9.76 -9.32 16.69
CA THR R 102 -10.27 -9.81 17.96
C THR R 102 -11.01 -8.71 18.72
N LYS R 103 -12.33 -8.87 18.83
CA LYS R 103 -13.15 -7.90 19.55
C LYS R 103 -13.19 -8.25 21.04
N VAL R 104 -12.92 -7.24 21.87
CA VAL R 104 -12.84 -7.47 23.31
C VAL R 104 -13.95 -6.72 24.05
N GLU R 105 -14.79 -7.47 24.73
CA GLU R 105 -15.90 -6.89 25.50
C GLU R 105 -15.59 -6.90 27.00
N ILE R 106 -15.85 -5.77 27.65
CA ILE R 106 -15.64 -5.64 29.08
C ILE R 106 -16.82 -6.22 29.85
N LYS R 107 -16.52 -7.09 30.82
CA LYS R 107 -17.56 -7.69 31.64
C LYS R 107 -17.82 -6.83 32.88
N ARG R 108 -18.78 -5.92 32.77
CA ARG R 108 -19.13 -5.05 33.88
C ARG R 108 -20.33 -5.62 34.63
N THR R 109 -20.45 -5.26 35.90
CA THR R 109 -21.56 -5.70 36.73
C THR R 109 -22.88 -5.30 36.09
N VAL R 110 -23.85 -6.22 36.15
CA VAL R 110 -25.13 -6.05 35.46
C VAL R 110 -25.87 -4.77 35.85
N ALA R 111 -26.38 -4.07 34.85
CA ALA R 111 -27.14 -2.84 35.07
C ALA R 111 -28.43 -2.84 34.24
N ALA R 112 -29.51 -2.35 34.86
CA ALA R 112 -30.81 -2.32 34.22
C ALA R 112 -30.95 -1.16 33.23
N PRO R 113 -31.66 -1.39 32.12
CA PRO R 113 -31.88 -0.35 31.11
C PRO R 113 -32.90 0.69 31.55
N SER R 114 -32.59 1.95 31.28
CA SER R 114 -33.55 3.04 31.49
C SER R 114 -34.32 3.24 30.19
N VAL R 115 -35.61 2.99 30.22
CA VAL R 115 -36.41 2.95 29.01
C VAL R 115 -37.25 4.20 28.76
N PHE R 116 -37.18 4.72 27.54
CA PHE R 116 -38.01 5.85 27.14
C PHE R 116 -38.67 5.56 25.80
N ILE R 117 -39.85 6.14 25.59
CA ILE R 117 -40.57 5.95 24.33
C ILE R 117 -40.92 7.29 23.71
N PHE R 118 -40.83 7.37 22.38
CA PHE R 118 -41.10 8.61 21.67
C PHE R 118 -42.19 8.46 20.62
N PRO R 119 -43.20 9.33 20.71
CA PRO R 119 -44.27 9.49 19.72
C PRO R 119 -43.70 9.96 18.38
N PRO R 120 -44.34 9.59 17.27
CA PRO R 120 -43.92 10.15 15.99
C PRO R 120 -44.19 11.65 15.96
N SER R 121 -43.29 12.40 15.32
CA SER R 121 -43.39 13.84 15.29
C SER R 121 -44.58 14.29 14.43
N ASP R 122 -45.23 15.38 14.85
CA ASP R 122 -46.33 15.95 14.09
C ASP R 122 -45.88 16.39 12.70
N GLU R 123 -44.60 16.71 12.57
CA GLU R 123 -44.02 17.11 11.29
C GLU R 123 -43.96 15.93 10.33
N GLN R 124 -43.82 14.73 10.88
CA GLN R 124 -43.72 13.52 10.08
C GLN R 124 -45.10 12.94 9.78
N LEU R 125 -46.06 13.23 10.65
CA LEU R 125 -47.43 12.75 10.45
C LEU R 125 -48.05 13.36 9.21
N LYS R 126 -47.72 14.61 8.93
CA LYS R 126 -48.19 15.28 7.72
C LYS R 126 -47.67 14.57 6.48
N SER R 127 -46.48 13.99 6.60
CA SER R 127 -45.85 13.29 5.49
C SER R 127 -46.59 12.00 5.12
N GLY R 128 -47.37 11.48 6.06
CA GLY R 128 -48.17 10.28 5.82
C GLY R 128 -47.52 9.02 6.35
N THR R 129 -46.39 9.18 7.02
CA THR R 129 -45.67 8.05 7.61
C THR R 129 -45.39 8.34 9.07
N ALA R 130 -45.53 7.34 9.92
CA ALA R 130 -45.31 7.51 11.35
C ALA R 130 -44.25 6.54 11.88
N SER R 131 -43.28 7.08 12.59
CA SER R 131 -42.23 6.27 13.19
C SER R 131 -42.21 6.41 14.70
N VAL R 132 -42.31 5.28 15.39
CA VAL R 132 -42.28 5.27 16.85
C VAL R 132 -41.02 4.56 17.34
N VAL R 133 -40.30 5.21 18.24
CA VAL R 133 -39.04 4.65 18.72
C VAL R 133 -39.01 4.41 20.23
N CYS R 134 -38.44 3.27 20.60
CA CYS R 134 -38.26 2.91 22.00
C CYS R 134 -36.77 2.90 22.31
N LEU R 135 -36.40 3.49 23.44
CA LEU R 135 -34.99 3.68 23.78
C LEU R 135 -34.53 2.89 25.01
N LEU R 136 -33.45 2.14 24.84
CA LEU R 136 -32.81 1.44 25.96
C LEU R 136 -31.41 2.02 26.11
N ASN R 137 -31.21 2.78 27.17
CA ASN R 137 -30.10 3.75 27.24
C ASN R 137 -28.76 3.22 27.78
N ASN R 138 -28.76 2.73 29.01
CA ASN R 138 -27.54 2.18 29.60
C ASN R 138 -27.80 0.82 30.24
N PHE R 139 -27.36 -0.24 29.57
CA PHE R 139 -27.66 -1.58 30.04
C PHE R 139 -26.59 -2.58 29.64
N TYR R 140 -26.19 -3.41 30.60
CA TYR R 140 -25.28 -4.50 30.34
C TYR R 140 -25.84 -5.80 30.92
N PRO R 141 -25.78 -6.90 30.14
CA PRO R 141 -25.16 -7.01 28.82
C PRO R 141 -26.02 -6.45 27.69
N ARG R 142 -25.51 -6.54 26.46
CA ARG R 142 -26.19 -5.97 25.30
C ARG R 142 -27.44 -6.75 24.93
N GLU R 143 -27.47 -8.04 25.29
CA GLU R 143 -28.60 -8.89 24.97
C GLU R 143 -29.87 -8.42 25.66
N ALA R 144 -30.87 -8.09 24.87
CA ALA R 144 -32.15 -7.63 25.39
C ALA R 144 -33.25 -7.88 24.38
N LYS R 145 -34.48 -7.97 24.86
CA LYS R 145 -35.62 -8.25 24.00
C LYS R 145 -36.65 -7.12 24.07
N VAL R 146 -37.03 -6.61 22.91
CA VAL R 146 -38.01 -5.54 22.83
C VAL R 146 -39.27 -6.02 22.10
N GLN R 147 -40.41 -5.89 22.76
CA GLN R 147 -41.68 -6.35 22.20
C GLN R 147 -42.63 -5.18 22.04
N TRP R 148 -43.20 -5.04 20.85
CA TRP R 148 -44.13 -3.95 20.56
C TRP R 148 -45.58 -4.39 20.71
N LYS R 149 -46.35 -3.60 21.47
CA LYS R 149 -47.76 -3.90 21.69
C LYS R 149 -48.65 -2.76 21.23
N VAL R 150 -49.54 -3.06 20.29
CA VAL R 150 -50.53 -2.10 19.83
C VAL R 150 -51.91 -2.52 20.32
N ASP R 151 -52.47 -1.74 21.25
CA ASP R 151 -53.70 -2.11 21.93
C ASP R 151 -53.57 -3.51 22.52
N ASN R 152 -52.43 -3.74 23.18
CA ASN R 152 -52.11 -5.03 23.78
C ASN R 152 -52.07 -6.18 22.77
N ALA R 153 -51.75 -5.86 21.52
CA ALA R 153 -51.58 -6.88 20.49
C ALA R 153 -50.13 -6.94 20.04
N LEU R 154 -49.55 -8.13 20.08
CA LEU R 154 -48.16 -8.33 19.73
C LEU R 154 -47.89 -8.04 18.26
N GLN R 155 -46.87 -7.23 18.00
CA GLN R 155 -46.54 -6.81 16.65
C GLN R 155 -45.26 -7.48 16.16
N SER R 156 -45.23 -7.83 14.89
CA SER R 156 -44.06 -8.47 14.29
C SER R 156 -43.90 -8.08 12.82
N GLY R 157 -42.66 -7.83 12.41
CA GLY R 157 -42.36 -7.55 11.02
C GLY R 157 -42.35 -6.08 10.66
N ASN R 158 -42.68 -5.22 11.62
CA ASN R 158 -42.72 -3.78 11.38
C ASN R 158 -41.75 -3.00 12.26
N SER R 159 -40.85 -3.71 12.92
CA SER R 159 -39.90 -3.08 13.82
C SER R 159 -38.46 -3.42 13.44
N GLN R 160 -37.59 -2.42 13.54
CA GLN R 160 -36.17 -2.61 13.27
C GLN R 160 -35.38 -2.13 14.48
N GLU R 161 -34.28 -2.82 14.78
CA GLU R 161 -33.49 -2.49 15.96
C GLU R 161 -32.04 -2.15 15.62
N SER R 162 -31.47 -1.21 16.37
CA SER R 162 -30.08 -0.82 16.19
C SER R 162 -29.37 -0.79 17.54
N VAL R 163 -28.17 -1.36 17.57
CA VAL R 163 -27.38 -1.43 18.80
C VAL R 163 -26.05 -0.72 18.62
N THR R 164 -25.65 0.06 19.62
CA THR R 164 -24.40 0.80 19.55
C THR R 164 -23.25 0.02 20.18
N GLU R 165 -22.03 0.52 19.98
CA GLU R 165 -20.84 -0.13 20.52
C GLU R 165 -20.68 0.15 22.01
N GLN R 166 -19.82 -0.63 22.65
CA GLN R 166 -19.59 -0.50 24.09
C GLN R 166 -18.95 0.84 24.44
N ASP R 167 -19.42 1.46 25.51
CA ASP R 167 -18.93 2.77 25.91
C ASP R 167 -17.51 2.69 26.46
N SER R 168 -16.71 3.72 26.17
CA SER R 168 -15.33 3.77 26.61
C SER R 168 -15.22 4.00 28.12
N LYS R 169 -16.21 4.69 28.69
CA LYS R 169 -16.16 5.07 30.10
C LYS R 169 -16.90 4.09 31.00
N ASP R 170 -18.20 3.97 30.82
CA ASP R 170 -19.01 3.10 31.69
C ASP R 170 -19.23 1.70 31.11
N SER R 171 -18.78 1.49 29.88
CA SER R 171 -18.85 0.18 29.24
C SER R 171 -20.26 -0.39 29.12
N THR R 172 -21.23 0.49 28.88
CA THR R 172 -22.62 0.07 28.76
C THR R 172 -23.11 0.21 27.33
N TYR R 173 -23.92 -0.76 26.90
CA TYR R 173 -24.48 -0.74 25.55
C TYR R 173 -25.79 0.05 25.52
N SER R 174 -26.21 0.43 24.32
CA SER R 174 -27.48 1.12 24.13
C SER R 174 -28.20 0.57 22.90
N LEU R 175 -29.52 0.48 23.00
CA LEU R 175 -30.32 -0.10 21.95
C LEU R 175 -31.54 0.77 21.65
N SER R 176 -31.89 0.85 20.37
CA SER R 176 -33.06 1.60 19.94
C SER R 176 -33.93 0.74 19.02
N SER R 177 -35.22 0.67 19.35
CA SER R 177 -36.17 -0.08 18.53
C SER R 177 -37.14 0.88 17.85
N THR R 178 -37.23 0.78 16.53
CA THR R 178 -38.06 1.70 15.75
C THR R 178 -39.26 0.99 15.14
N LEU R 179 -40.45 1.49 15.44
CA LEU R 179 -41.68 0.95 14.88
C LEU R 179 -42.22 1.87 13.79
N THR R 180 -42.32 1.36 12.57
CA THR R 180 -42.75 2.16 11.44
C THR R 180 -44.12 1.76 10.92
N LEU R 181 -45.04 2.72 10.88
CA LEU R 181 -46.39 2.49 10.39
C LEU R 181 -46.86 3.68 9.54
N SER R 182 -47.79 3.41 8.64
CA SER R 182 -48.40 4.47 7.85
C SER R 182 -49.36 5.24 8.74
N LYS R 183 -49.58 6.51 8.40
CA LYS R 183 -50.51 7.35 9.16
C LYS R 183 -51.92 6.74 9.16
N ALA R 184 -52.27 6.12 8.04
CA ALA R 184 -53.56 5.43 7.91
C ALA R 184 -53.69 4.32 8.94
N ASP R 185 -52.59 3.61 9.19
CA ASP R 185 -52.58 2.52 10.16
C ASP R 185 -52.23 3.02 11.56
N TYR R 186 -51.54 4.16 11.62
CA TYR R 186 -51.11 4.74 12.88
C TYR R 186 -52.29 5.22 13.71
N GLU R 187 -53.33 5.69 13.02
CA GLU R 187 -54.46 6.34 13.70
C GLU R 187 -55.68 5.44 13.90
N LYS R 188 -55.60 4.20 13.42
CA LYS R 188 -56.68 3.25 13.64
C LYS R 188 -56.46 2.46 14.93
N HIS R 189 -55.68 3.05 15.84
CA HIS R 189 -55.37 2.45 17.13
C HIS R 189 -55.15 3.52 18.19
N LYS R 190 -55.17 3.13 19.45
CA LYS R 190 -55.06 4.10 20.54
C LYS R 190 -53.78 3.96 21.35
N VAL R 191 -53.52 2.76 21.85
CA VAL R 191 -52.41 2.54 22.78
C VAL R 191 -51.23 1.80 22.15
N TYR R 192 -50.06 2.43 22.17
CA TYR R 192 -48.83 1.77 21.76
C TYR R 192 -47.91 1.61 22.96
N ALA R 193 -47.28 0.45 23.07
CA ALA R 193 -46.46 0.14 24.22
C ALA R 193 -45.15 -0.52 23.83
N CYS R 194 -44.12 -0.26 24.63
CA CYS R 194 -42.82 -0.87 24.42
C CYS R 194 -42.48 -1.73 25.63
N GLU R 195 -42.38 -3.05 25.42
CA GLU R 195 -42.10 -3.97 26.52
C GLU R 195 -40.65 -4.43 26.49
N VAL R 196 -39.92 -4.14 27.57
CA VAL R 196 -38.51 -4.46 27.65
C VAL R 196 -38.22 -5.57 28.65
N THR R 197 -37.58 -6.64 28.17
CA THR R 197 -37.17 -7.74 29.02
C THR R 197 -35.66 -7.85 29.03
N HIS R 198 -35.05 -7.64 30.19
CA HIS R 198 -33.60 -7.65 30.29
C HIS R 198 -33.14 -8.37 31.55
N GLN R 199 -31.87 -8.78 31.56
CA GLN R 199 -31.27 -9.46 32.70
C GLN R 199 -31.28 -8.57 33.95
N GLY R 200 -31.17 -7.26 33.74
CA GLY R 200 -31.15 -6.31 34.83
C GLY R 200 -32.52 -6.13 35.46
N LEU R 201 -33.56 -6.36 34.68
CA LEU R 201 -34.92 -6.15 35.15
C LEU R 201 -35.52 -7.41 35.77
N SER R 202 -36.06 -7.25 36.97
CA SER R 202 -36.71 -8.35 37.66
C SER R 202 -37.95 -8.81 36.91
N SER R 203 -38.74 -7.85 36.48
CA SER R 203 -39.93 -8.12 35.69
C SER R 203 -39.92 -7.18 34.50
N PRO R 204 -40.50 -7.64 33.36
CA PRO R 204 -40.54 -6.83 32.14
C PRO R 204 -41.16 -5.46 32.37
N VAL R 205 -40.53 -4.43 31.84
CA VAL R 205 -40.99 -3.06 32.02
C VAL R 205 -41.65 -2.55 30.74
N THR R 206 -42.84 -1.98 30.88
CA THR R 206 -43.58 -1.48 29.74
C THR R 206 -43.81 0.02 29.84
N LYS R 207 -43.40 0.73 28.78
CA LYS R 207 -43.61 2.17 28.70
C LYS R 207 -44.55 2.45 27.54
N SER R 208 -45.67 3.12 27.82
CA SER R 208 -46.70 3.29 26.80
C SER R 208 -47.23 4.71 26.72
N PHE R 209 -47.96 4.97 25.64
CA PHE R 209 -48.58 6.27 25.42
C PHE R 209 -49.81 6.14 24.54
N ASN R 210 -50.63 7.17 24.54
CA ASN R 210 -51.80 7.23 23.67
C ASN R 210 -51.62 8.34 22.64
N ARG R 211 -52.29 9.47 22.88
CA ARG R 211 -52.17 10.63 22.00
C ARG R 211 -52.26 11.94 22.81
N GLY R 212 -51.60 11.99 23.95
CA GLY R 212 -51.66 13.17 24.81
C GLY R 212 -50.38 13.97 24.83
N GLU R 213 -50.49 15.27 25.14
CA GLU R 213 -49.32 16.15 25.20
C GLU R 213 -49.64 17.45 25.94
N GLN S 1 80.74 -56.74 -2.75
CA GLN S 1 79.76 -55.67 -2.89
C GLN S 1 79.11 -55.75 -4.26
N VAL S 2 79.30 -56.88 -4.94
CA VAL S 2 78.74 -57.09 -6.27
C VAL S 2 77.26 -57.40 -6.18
N GLN S 3 76.48 -56.82 -7.10
CA GLN S 3 75.05 -57.08 -7.18
C GLN S 3 74.64 -57.41 -8.60
N LEU S 4 73.70 -58.33 -8.74
CA LEU S 4 73.22 -58.74 -10.05
C LEU S 4 71.69 -58.74 -10.08
N GLN S 5 71.12 -58.28 -11.19
CA GLN S 5 69.68 -58.26 -11.32
C GLN S 5 69.27 -58.64 -12.74
N GLU S 6 68.26 -59.50 -12.86
CA GLU S 6 67.83 -59.99 -14.15
C GLU S 6 66.48 -59.41 -14.56
N SER S 7 66.37 -59.03 -15.83
CA SER S 7 65.14 -58.46 -16.35
C SER S 7 64.82 -58.99 -17.74
N GLY S 8 63.54 -59.22 -17.99
CA GLY S 8 63.09 -59.72 -19.28
C GLY S 8 61.57 -59.77 -19.35
N PRO S 9 61.04 -60.39 -20.41
CA PRO S 9 59.58 -60.52 -20.56
C PRO S 9 59.02 -61.51 -19.56
N GLY S 10 57.80 -61.27 -19.09
CA GLY S 10 57.18 -62.13 -18.11
C GLY S 10 56.61 -63.40 -18.71
N LEU S 11 56.19 -63.32 -19.97
CA LEU S 11 55.53 -64.44 -20.64
C LEU S 11 56.06 -64.63 -22.06
N VAL S 12 56.18 -65.89 -22.48
CA VAL S 12 56.61 -66.20 -23.84
C VAL S 12 55.81 -67.37 -24.41
N LYS S 13 55.35 -67.20 -25.65
CA LYS S 13 54.62 -68.27 -26.34
C LYS S 13 55.53 -69.47 -26.60
N PRO S 14 54.95 -70.68 -26.61
CA PRO S 14 55.75 -71.88 -26.87
C PRO S 14 56.30 -71.88 -28.30
N SER S 15 57.39 -72.61 -28.51
CA SER S 15 58.08 -72.70 -29.81
C SER S 15 58.67 -71.36 -30.26
N ASP S 16 58.75 -70.40 -29.34
CA ASP S 16 59.39 -69.12 -29.63
C ASP S 16 60.78 -69.07 -29.01
N THR S 17 61.30 -67.86 -28.84
CA THR S 17 62.64 -67.68 -28.28
C THR S 17 62.60 -66.90 -26.98
N LEU S 18 63.24 -67.46 -25.96
CA LEU S 18 63.33 -66.81 -24.65
C LEU S 18 64.57 -65.94 -24.61
N SER S 19 64.40 -64.67 -24.23
CA SER S 19 65.52 -63.74 -24.16
C SER S 19 65.56 -63.03 -22.81
N LEU S 20 66.69 -63.13 -22.12
CA LEU S 20 66.86 -62.55 -20.80
C LEU S 20 68.19 -61.84 -20.66
N THR S 21 68.24 -60.81 -19.82
CA THR S 21 69.46 -60.04 -19.61
C THR S 21 69.73 -59.81 -18.13
N CYS S 22 70.97 -60.01 -17.71
CA CYS S 22 71.35 -59.73 -16.33
C CYS S 22 72.31 -58.55 -16.26
N ALA S 23 72.05 -57.63 -15.33
CA ALA S 23 72.86 -56.43 -15.19
C ALA S 23 73.70 -56.47 -13.93
N VAL S 24 75.02 -56.39 -14.09
CA VAL S 24 75.94 -56.43 -12.97
C VAL S 24 76.36 -55.02 -12.57
N SER S 25 76.38 -54.77 -11.26
CA SER S 25 76.80 -53.47 -10.74
C SER S 25 77.76 -53.65 -9.56
N GLY S 26 78.75 -52.77 -9.47
CA GLY S 26 79.72 -52.83 -8.38
C GLY S 26 81.01 -53.49 -8.79
N TYR S 27 80.98 -54.11 -9.97
CA TYR S 27 82.15 -54.75 -10.54
C TYR S 27 81.90 -54.88 -12.03
N PRO S 28 82.94 -54.73 -12.85
CA PRO S 28 82.68 -54.93 -14.28
C PRO S 28 82.97 -56.34 -14.74
N ILE S 29 82.08 -56.92 -15.54
CA ILE S 29 82.32 -58.24 -16.11
C ILE S 29 83.73 -58.34 -16.68
N ARG S 30 84.10 -57.37 -17.51
CA ARG S 30 85.31 -57.40 -18.36
C ARG S 30 86.63 -57.72 -17.66
N PHE S 31 86.79 -57.31 -16.41
CA PHE S 31 87.88 -57.86 -15.61
C PHE S 31 87.20 -58.83 -14.65
N GLY S 32 87.92 -59.83 -14.17
CA GLY S 32 87.42 -60.62 -13.06
C GLY S 32 86.82 -61.95 -13.39
N TYR S 33 85.71 -62.26 -12.73
CA TYR S 33 85.23 -63.62 -12.69
C TYR S 33 84.21 -63.92 -13.79
N SER S 34 83.98 -65.19 -14.07
CA SER S 34 83.06 -65.55 -15.15
C SER S 34 81.62 -65.66 -14.64
N TRP S 35 80.67 -65.48 -15.55
CA TRP S 35 79.29 -65.20 -15.16
C TRP S 35 78.34 -66.22 -15.75
N HIS S 36 77.44 -66.73 -14.91
CA HIS S 36 76.66 -67.90 -15.25
C HIS S 36 75.16 -67.65 -15.25
N TRP S 37 74.43 -68.57 -15.87
CA TRP S 37 72.97 -68.55 -15.87
C TRP S 37 72.43 -69.83 -15.26
N ILE S 38 71.58 -69.69 -14.25
CA ILE S 38 71.00 -70.84 -13.57
C ILE S 38 69.49 -70.72 -13.48
N ARG S 39 68.79 -71.81 -13.76
CA ARG S 39 67.33 -71.79 -13.70
C ARG S 39 66.78 -72.83 -12.75
N GLN S 40 65.61 -72.53 -12.18
CA GLN S 40 64.95 -73.46 -11.27
C GLN S 40 63.44 -73.51 -11.53
N PRO S 41 62.97 -74.64 -12.08
CA PRO S 41 61.53 -74.85 -12.28
C PRO S 41 60.81 -74.93 -10.93
N PRO S 42 59.52 -74.54 -10.90
CA PRO S 42 58.75 -74.47 -9.65
C PRO S 42 58.70 -75.79 -8.89
N GLY S 43 59.16 -75.77 -7.65
CA GLY S 43 59.13 -76.95 -6.80
C GLY S 43 60.13 -78.01 -7.23
N LYS S 44 61.14 -77.60 -7.97
CA LYS S 44 62.16 -78.53 -8.45
C LYS S 44 63.57 -78.03 -8.19
N GLY S 45 64.56 -78.84 -8.56
CA GLY S 45 65.94 -78.52 -8.31
C GLY S 45 66.54 -77.53 -9.29
N LEU S 46 67.69 -76.99 -8.93
CA LEU S 46 68.39 -76.02 -9.76
C LEU S 46 69.10 -76.69 -10.94
N GLU S 47 69.11 -76.01 -12.08
CA GLU S 47 69.81 -76.52 -13.25
C GLU S 47 70.80 -75.49 -13.79
N TRP S 48 72.03 -75.94 -14.04
CA TRP S 48 73.07 -75.08 -14.57
C TRP S 48 73.09 -75.12 -16.09
N MET S 49 72.88 -73.96 -16.72
CA MET S 49 72.81 -73.88 -18.19
C MET S 49 74.17 -73.73 -18.84
N GLY S 50 74.98 -72.83 -18.31
CA GLY S 50 76.27 -72.54 -18.89
C GLY S 50 76.82 -71.23 -18.36
N TYR S 51 77.86 -70.72 -19.00
CA TYR S 51 78.48 -69.51 -18.52
C TYR S 51 79.15 -68.68 -19.60
N ILE S 52 79.42 -67.43 -19.21
CA ILE S 52 80.15 -66.51 -20.06
C ILE S 52 81.35 -66.02 -19.26
N HIS S 53 82.52 -66.08 -19.85
CA HIS S 53 83.67 -65.41 -19.28
C HIS S 53 83.42 -63.94 -19.59
N TYR S 54 84.11 -63.06 -18.90
CA TYR S 54 84.19 -61.69 -19.34
C TYR S 54 84.83 -61.70 -20.70
N SER S 55 85.80 -62.59 -20.84
CA SER S 55 86.43 -62.83 -22.12
C SER S 55 85.38 -63.47 -23.00
N GLY S 56 85.52 -63.31 -24.31
CA GLY S 56 84.51 -63.75 -25.25
C GLY S 56 83.95 -65.15 -25.05
N TYR S 57 84.83 -66.14 -24.96
CA TYR S 57 84.43 -67.55 -25.02
C TYR S 57 83.37 -67.97 -24.00
N THR S 58 82.37 -68.66 -24.51
CA THR S 58 81.21 -69.04 -23.74
C THR S 58 80.97 -70.54 -23.81
N ASP S 59 80.85 -71.17 -22.65
CA ASP S 59 80.55 -72.59 -22.59
C ASP S 59 79.17 -72.78 -21.99
N PHE S 60 78.45 -73.80 -22.47
CA PHE S 60 77.17 -74.14 -21.89
C PHE S 60 77.13 -75.61 -21.51
N ASN S 61 76.29 -75.93 -20.53
CA ASN S 61 76.01 -77.31 -20.19
C ASN S 61 75.46 -78.05 -21.41
N PRO S 62 75.76 -79.35 -21.53
CA PRO S 62 75.26 -80.10 -22.69
C PRO S 62 73.75 -80.19 -22.77
N SER S 63 73.06 -80.40 -21.65
CA SER S 63 71.61 -80.56 -21.68
C SER S 63 70.91 -79.35 -22.30
N LEU S 64 69.91 -79.64 -23.13
CA LEU S 64 69.13 -78.61 -23.80
C LEU S 64 70.03 -77.67 -24.60
N LYS S 65 71.03 -78.25 -25.24
CA LYS S 65 72.09 -77.51 -25.92
C LYS S 65 71.64 -76.65 -27.09
N THR S 66 71.10 -77.30 -28.11
CA THR S 66 70.93 -76.69 -29.44
C THR S 66 70.26 -75.32 -29.42
N ARG S 67 69.39 -75.10 -28.45
CA ARG S 67 68.61 -73.87 -28.40
C ARG S 67 69.36 -72.65 -27.87
N ILE S 68 70.23 -72.88 -26.91
CA ILE S 68 70.83 -71.80 -26.12
C ILE S 68 71.84 -70.93 -26.87
N THR S 69 71.73 -69.61 -26.69
CA THR S 69 72.76 -68.67 -27.13
C THR S 69 72.96 -67.59 -26.07
N ILE S 70 74.22 -67.38 -25.68
CA ILE S 70 74.56 -66.34 -24.72
C ILE S 70 75.15 -65.14 -25.47
N SER S 71 74.93 -63.94 -24.93
CA SER S 71 75.59 -62.75 -25.44
C SER S 71 75.89 -61.81 -24.29
N ARG S 72 76.84 -60.90 -24.51
CA ARG S 72 77.15 -59.89 -23.50
C ARG S 72 77.24 -58.53 -24.17
N ASP S 73 77.00 -57.50 -23.38
CA ASP S 73 77.21 -56.13 -23.83
C ASP S 73 78.01 -55.41 -22.77
N THR S 74 79.33 -55.39 -22.95
CA THR S 74 80.26 -54.84 -21.96
C THR S 74 80.01 -53.36 -21.68
N SER S 75 79.55 -52.64 -22.68
CA SER S 75 79.27 -51.21 -22.55
C SER S 75 78.25 -50.94 -21.45
N LYS S 76 77.24 -51.80 -21.37
CA LYS S 76 76.20 -51.66 -20.36
C LYS S 76 76.47 -52.54 -19.16
N ASN S 77 77.60 -53.25 -19.18
CA ASN S 77 77.98 -54.19 -18.14
C ASN S 77 76.90 -55.28 -17.97
N GLN S 78 76.54 -55.91 -19.08
CA GLN S 78 75.47 -56.92 -19.08
C GLN S 78 75.87 -58.19 -19.79
N PHE S 79 75.22 -59.29 -19.42
CA PHE S 79 75.43 -60.58 -20.09
C PHE S 79 74.09 -61.30 -20.24
N SER S 80 73.73 -61.61 -21.47
CA SER S 80 72.38 -62.05 -21.78
C SER S 80 72.27 -63.54 -22.11
N LEU S 81 71.05 -64.06 -22.00
CA LEU S 81 70.78 -65.47 -22.26
C LEU S 81 69.65 -65.61 -23.27
N LYS S 82 69.83 -66.52 -24.23
CA LYS S 82 68.78 -66.82 -25.20
C LYS S 82 68.48 -68.30 -25.29
N LEU S 83 67.20 -68.65 -25.17
CA LEU S 83 66.75 -70.02 -25.32
C LEU S 83 65.73 -70.08 -26.44
N SER S 84 65.91 -70.98 -27.39
CA SER S 84 64.99 -71.08 -28.52
C SER S 84 64.15 -72.35 -28.49
N SER S 85 63.12 -72.41 -29.33
CA SER S 85 62.19 -73.53 -29.37
C SER S 85 61.68 -73.87 -27.96
N VAL S 86 61.19 -72.85 -27.27
CA VAL S 86 60.77 -72.98 -25.87
C VAL S 86 59.50 -73.80 -25.73
N THR S 87 59.49 -74.69 -24.74
CA THR S 87 58.31 -75.49 -24.44
C THR S 87 57.81 -75.19 -23.04
N ALA S 88 56.83 -75.98 -22.58
CA ALA S 88 56.26 -75.80 -21.25
C ALA S 88 57.24 -76.14 -20.14
N VAL S 89 58.22 -76.99 -20.47
CA VAL S 89 59.21 -77.42 -19.49
C VAL S 89 60.12 -76.28 -19.06
N ASP S 90 60.38 -75.36 -19.97
CA ASP S 90 61.31 -74.26 -19.73
C ASP S 90 60.81 -73.23 -18.73
N THR S 91 59.57 -73.38 -18.28
CA THR S 91 59.00 -72.47 -17.30
C THR S 91 59.75 -72.60 -15.97
N ALA S 92 60.43 -71.52 -15.58
CA ALA S 92 61.27 -71.54 -14.38
C ALA S 92 61.68 -70.13 -13.95
N VAL S 93 62.32 -70.04 -12.79
CA VAL S 93 62.94 -68.80 -12.35
C VAL S 93 64.42 -68.81 -12.76
N TYR S 94 64.93 -67.66 -13.17
CA TYR S 94 66.28 -67.57 -13.72
C TYR S 94 67.20 -66.71 -12.85
N TYR S 95 68.46 -67.13 -12.76
CA TYR S 95 69.41 -66.52 -11.81
C TYR S 95 70.70 -66.01 -12.44
N CYS S 96 71.27 -64.99 -11.82
CA CYS S 96 72.57 -64.45 -12.24
C CYS S 96 73.62 -64.70 -11.17
N ALA S 97 74.85 -65.03 -11.57
CA ALA S 97 75.89 -65.36 -10.60
C ALA S 97 77.33 -65.32 -11.11
N ARG S 98 78.26 -65.44 -10.17
CA ARG S 98 79.70 -65.34 -10.41
C ARG S 98 80.35 -66.71 -10.15
N LYS S 99 81.08 -67.23 -11.14
CA LYS S 99 81.78 -68.51 -11.00
C LYS S 99 82.72 -68.48 -9.82
N ASP S 100 83.26 -67.29 -9.56
CA ASP S 100 84.33 -67.12 -8.60
C ASP S 100 85.51 -67.96 -9.07
N SER S 101 86.05 -68.75 -8.15
CA SER S 101 87.16 -69.64 -8.43
C SER S 101 86.78 -70.99 -7.85
N GLY S 102 87.32 -72.07 -8.38
CA GLY S 102 86.99 -73.40 -7.89
C GLY S 102 85.55 -73.79 -8.18
N ASN S 103 84.91 -73.02 -9.06
CA ASN S 103 83.56 -73.30 -9.53
C ASN S 103 82.49 -73.40 -8.43
N TYR S 104 82.49 -72.42 -7.54
CA TYR S 104 81.39 -72.22 -6.60
C TYR S 104 80.87 -70.80 -6.72
N PHE S 105 79.56 -70.65 -6.68
CA PHE S 105 78.94 -69.33 -6.83
C PHE S 105 78.57 -68.77 -5.47
N PRO S 106 79.27 -67.71 -5.04
CA PRO S 106 79.04 -67.03 -3.76
C PRO S 106 78.03 -65.91 -3.86
N TYR S 107 77.89 -65.30 -5.04
CA TYR S 107 76.99 -64.18 -5.23
C TYR S 107 75.91 -64.49 -6.25
N TRP S 108 74.65 -64.30 -5.86
CA TRP S 108 73.51 -64.60 -6.74
C TRP S 108 72.63 -63.38 -6.97
N GLY S 109 71.82 -63.44 -8.01
CA GLY S 109 70.90 -62.38 -8.35
C GLY S 109 69.54 -62.54 -7.69
N GLN S 110 68.63 -61.62 -8.00
CA GLN S 110 67.31 -61.61 -7.38
C GLN S 110 66.41 -62.73 -7.89
N GLY S 111 66.48 -63.01 -9.18
CA GLY S 111 65.67 -64.06 -9.78
C GLY S 111 64.42 -63.50 -10.45
N THR S 112 64.18 -63.90 -11.70
CA THR S 112 62.99 -63.48 -12.41
C THR S 112 62.24 -64.71 -12.95
N LEU S 113 60.92 -64.58 -13.04
CA LEU S 113 60.08 -65.69 -13.47
C LEU S 113 59.65 -65.56 -14.93
N VAL S 114 59.84 -66.63 -15.69
CA VAL S 114 59.36 -66.69 -17.06
C VAL S 114 58.41 -67.87 -17.22
N THR S 115 57.20 -67.58 -17.67
CA THR S 115 56.18 -68.62 -17.83
C THR S 115 55.84 -68.81 -19.31
N VAL S 116 55.74 -70.06 -19.73
CA VAL S 116 55.49 -70.39 -21.11
C VAL S 116 54.04 -70.78 -21.33
N SER S 117 53.28 -69.88 -21.97
CA SER S 117 51.87 -70.13 -22.24
C SER S 117 51.41 -69.38 -23.49
N SER S 118 50.41 -69.93 -24.16
CA SER S 118 49.87 -69.32 -25.37
C SER S 118 48.79 -68.29 -25.03
N ALA S 119 48.33 -68.32 -23.78
CA ALA S 119 47.28 -67.42 -23.34
C ALA S 119 47.77 -65.97 -23.26
N SER S 120 46.83 -65.03 -23.34
CA SER S 120 47.18 -63.61 -23.27
C SER S 120 47.24 -63.13 -21.83
N THR S 121 47.60 -61.87 -21.63
CA THR S 121 47.81 -61.34 -20.29
C THR S 121 46.68 -60.47 -19.77
N LYS S 122 46.47 -60.56 -18.45
CA LYS S 122 45.55 -59.71 -17.70
C LYS S 122 46.38 -59.36 -16.47
N GLY S 123 45.95 -58.45 -15.58
CA GLY S 123 44.67 -57.76 -15.60
C GLY S 123 43.93 -58.00 -14.29
N PRO S 124 44.64 -57.90 -13.14
CA PRO S 124 44.02 -58.37 -11.89
C PRO S 124 42.98 -57.41 -11.36
N SER S 125 41.99 -57.97 -10.67
CA SER S 125 41.01 -57.17 -9.95
C SER S 125 41.31 -57.28 -8.47
N VAL S 126 41.27 -56.16 -7.76
CA VAL S 126 41.57 -56.17 -6.33
C VAL S 126 40.33 -55.90 -5.49
N PHE S 127 39.95 -56.89 -4.70
CA PHE S 127 38.75 -56.80 -3.86
C PHE S 127 39.12 -56.91 -2.39
N PRO S 128 38.52 -56.06 -1.55
CA PRO S 128 38.85 -56.03 -0.12
C PRO S 128 38.11 -57.08 0.69
N LEU S 129 38.77 -57.63 1.70
CA LEU S 129 38.12 -58.51 2.67
C LEU S 129 37.86 -57.73 3.94
N ALA S 130 36.66 -57.89 4.50
CA ALA S 130 36.25 -57.12 5.66
C ALA S 130 36.69 -57.76 6.98
N PRO S 131 37.29 -56.96 7.87
CA PRO S 131 37.76 -57.45 9.17
C PRO S 131 36.61 -57.85 10.08
N SER S 132 36.94 -58.52 11.19
CA SER S 132 35.93 -59.04 12.11
C SER S 132 35.03 -57.95 12.68
N SER S 133 33.76 -58.29 12.86
CA SER S 133 32.76 -57.36 13.36
C SER S 133 32.90 -57.11 14.86
N LYS S 134 33.66 -57.96 15.54
CA LYS S 134 33.85 -57.82 16.99
C LYS S 134 35.00 -56.88 17.35
N SER S 135 34.69 -55.59 17.38
CA SER S 135 35.71 -54.59 17.71
C SER S 135 35.83 -54.40 19.22
N THR S 136 34.85 -54.90 19.96
CA THR S 136 34.82 -54.77 21.42
C THR S 136 35.73 -55.81 22.08
N SER S 137 36.06 -56.86 21.33
CA SER S 137 36.85 -57.96 21.87
C SER S 137 38.25 -57.55 22.33
N GLY S 138 38.83 -56.58 21.64
CA GLY S 138 40.15 -56.06 21.99
C GLY S 138 41.29 -56.97 21.58
N GLY S 139 40.95 -58.14 21.04
CA GLY S 139 41.95 -59.10 20.61
C GLY S 139 42.42 -58.85 19.19
N THR S 140 43.11 -59.84 18.63
CA THR S 140 43.62 -59.71 17.26
C THR S 140 42.54 -59.97 16.23
N ALA S 141 42.50 -59.14 15.20
CA ALA S 141 41.55 -59.29 14.12
C ALA S 141 42.27 -59.25 12.77
N ALA S 142 41.73 -59.97 11.79
CA ALA S 142 42.39 -60.08 10.50
C ALA S 142 41.60 -59.40 9.38
N LEU S 143 42.32 -58.82 8.43
CA LEU S 143 41.71 -58.26 7.22
C LEU S 143 42.65 -58.51 6.04
N GLY S 144 42.10 -58.46 4.83
CA GLY S 144 42.91 -58.75 3.66
C GLY S 144 42.39 -58.19 2.35
N CYS S 145 43.26 -58.23 1.34
CA CYS S 145 42.89 -57.83 -0.01
C CYS S 145 42.92 -59.04 -0.94
N LEU S 146 41.89 -59.17 -1.75
CA LEU S 146 41.81 -60.30 -2.69
C LEU S 146 42.28 -59.88 -4.08
N VAL S 147 43.27 -60.60 -4.59
CA VAL S 147 43.74 -60.39 -5.96
C VAL S 147 43.28 -61.53 -6.83
N LYS S 148 42.49 -61.21 -7.85
CA LYS S 148 41.82 -62.24 -8.64
C LYS S 148 41.92 -61.99 -10.14
N ASP S 149 41.96 -63.08 -10.90
CA ASP S 149 41.89 -63.03 -12.37
C ASP S 149 43.04 -62.28 -13.04
N TYR S 150 44.27 -62.74 -12.80
CA TYR S 150 45.43 -62.16 -13.47
C TYR S 150 46.28 -63.25 -14.11
N PHE S 151 47.03 -62.87 -15.14
CA PHE S 151 47.91 -63.80 -15.82
C PHE S 151 49.00 -63.08 -16.59
N PRO S 152 50.25 -63.53 -16.45
CA PRO S 152 50.65 -64.65 -15.59
C PRO S 152 51.23 -64.16 -14.27
N GLU S 153 51.73 -65.10 -13.47
CA GLU S 153 52.43 -64.78 -12.23
C GLU S 153 53.72 -64.03 -12.56
N PRO S 154 54.27 -63.27 -11.59
CA PRO S 154 53.79 -63.04 -10.22
C PRO S 154 53.13 -61.68 -10.01
N VAL S 155 52.49 -61.53 -8.85
CA VAL S 155 51.94 -60.27 -8.41
C VAL S 155 52.54 -59.93 -7.05
N THR S 156 52.80 -58.65 -6.81
CA THR S 156 53.41 -58.23 -5.56
C THR S 156 52.46 -57.41 -4.70
N VAL S 157 52.37 -57.78 -3.43
CA VAL S 157 51.47 -57.12 -2.50
C VAL S 157 52.20 -56.63 -1.26
N SER S 158 51.95 -55.37 -0.90
CA SER S 158 52.53 -54.80 0.31
C SER S 158 51.48 -53.95 1.02
N TRP S 159 51.67 -53.73 2.32
CA TRP S 159 50.70 -52.99 3.11
C TRP S 159 51.27 -51.70 3.66
N ASN S 160 50.49 -50.62 3.53
CA ASN S 160 50.90 -49.28 3.95
C ASN S 160 52.23 -48.85 3.33
N SER S 161 52.43 -49.20 2.07
CA SER S 161 53.64 -48.86 1.33
C SER S 161 54.91 -49.38 2.01
N GLY S 162 54.80 -50.55 2.64
CA GLY S 162 55.94 -51.17 3.28
C GLY S 162 56.10 -50.80 4.74
N ALA S 163 55.20 -49.96 5.26
CA ALA S 163 55.25 -49.56 6.66
C ALA S 163 54.82 -50.71 7.56
N LEU S 164 53.84 -51.47 7.11
CA LEU S 164 53.32 -52.61 7.85
C LEU S 164 53.78 -53.91 7.21
N THR S 165 54.69 -54.60 7.89
CA THR S 165 55.26 -55.85 7.37
C THR S 165 55.10 -56.99 8.36
N SER S 166 54.66 -56.66 9.57
CA SER S 166 54.52 -57.67 10.62
C SER S 166 53.15 -58.34 10.61
N GLY S 167 53.15 -59.67 10.67
CA GLY S 167 51.92 -60.42 10.72
C GLY S 167 51.19 -60.46 9.38
N VAL S 168 51.94 -60.31 8.30
CA VAL S 168 51.36 -60.31 6.96
C VAL S 168 51.62 -61.62 6.24
N HIS S 169 50.55 -62.25 5.78
CA HIS S 169 50.65 -63.49 5.02
C HIS S 169 50.08 -63.35 3.62
N THR S 170 50.94 -63.53 2.62
CA THR S 170 50.52 -63.52 1.23
C THR S 170 50.58 -64.94 0.67
N PHE S 171 49.41 -65.54 0.48
CA PHE S 171 49.33 -66.92 0.02
C PHE S 171 49.75 -67.06 -1.43
N PRO S 172 50.41 -68.20 -1.76
CA PRO S 172 50.79 -68.50 -3.14
C PRO S 172 49.55 -68.65 -4.02
N ALA S 173 49.63 -68.14 -5.24
CA ALA S 173 48.48 -68.15 -6.15
C ALA S 173 48.07 -69.55 -6.55
N VAL S 174 46.81 -69.69 -6.94
CA VAL S 174 46.29 -70.95 -7.45
C VAL S 174 45.62 -70.71 -8.80
N LEU S 175 45.74 -71.68 -9.69
CA LEU S 175 45.17 -71.55 -11.02
C LEU S 175 43.69 -71.93 -11.03
N GLN S 176 42.84 -70.94 -11.31
CA GLN S 176 41.41 -71.16 -11.35
C GLN S 176 40.99 -71.91 -12.60
N SER S 177 39.72 -72.30 -12.65
CA SER S 177 39.17 -73.01 -13.81
C SER S 177 39.09 -72.08 -15.02
N SER S 178 39.02 -70.78 -14.76
CA SER S 178 38.97 -69.77 -15.82
C SER S 178 40.31 -69.66 -16.54
N GLY S 179 41.37 -70.16 -15.91
CA GLY S 179 42.69 -70.09 -16.49
C GLY S 179 43.45 -68.86 -16.03
N LEU S 180 42.96 -68.25 -14.95
CA LEU S 180 43.58 -67.04 -14.42
C LEU S 180 43.95 -67.24 -12.95
N TYR S 181 45.14 -66.79 -12.58
CA TYR S 181 45.64 -66.91 -11.21
C TYR S 181 44.84 -66.03 -10.26
N SER S 182 44.78 -66.46 -8.99
CA SER S 182 44.10 -65.70 -7.95
C SER S 182 44.67 -66.04 -6.59
N LEU S 183 44.76 -65.03 -5.72
CA LEU S 183 45.26 -65.24 -4.36
C LEU S 183 44.74 -64.17 -3.41
N SER S 184 44.94 -64.40 -2.12
CA SER S 184 44.53 -63.46 -1.09
C SER S 184 45.70 -63.20 -0.14
N SER S 185 45.85 -61.94 0.27
CA SER S 185 46.86 -61.56 1.24
C SER S 185 46.21 -60.95 2.46
N VAL S 186 46.49 -61.50 3.63
CA VAL S 186 45.83 -61.09 4.85
C VAL S 186 46.81 -60.66 5.95
N VAL S 187 46.33 -59.84 6.87
CA VAL S 187 47.16 -59.35 7.97
C VAL S 187 46.35 -59.23 9.26
N THR S 188 46.94 -59.67 10.37
CA THR S 188 46.28 -59.59 11.67
C THR S 188 46.75 -58.37 12.45
N VAL S 189 45.78 -57.59 12.93
CA VAL S 189 46.07 -56.39 13.71
C VAL S 189 45.19 -56.36 14.96
N PRO S 190 45.60 -55.61 15.98
CA PRO S 190 44.74 -55.43 17.16
C PRO S 190 43.39 -54.82 16.78
N SER S 191 42.31 -55.37 17.34
CA SER S 191 40.97 -54.94 16.99
C SER S 191 40.70 -53.48 17.36
N SER S 192 41.42 -53.00 18.38
CA SER S 192 41.27 -51.63 18.83
C SER S 192 41.84 -50.64 17.82
N SER S 193 42.77 -51.11 16.99
CA SER S 193 43.47 -50.26 16.05
C SER S 193 42.64 -49.91 14.82
N LEU S 194 41.58 -50.68 14.58
CA LEU S 194 40.76 -50.52 13.36
C LEU S 194 40.22 -49.12 13.14
N GLY S 195 39.74 -48.48 14.20
CA GLY S 195 39.16 -47.16 14.11
C GLY S 195 40.20 -46.08 13.84
N THR S 196 41.30 -46.12 14.59
CA THR S 196 42.32 -45.09 14.51
C THR S 196 43.28 -45.30 13.33
N GLN S 197 43.54 -46.56 12.99
CA GLN S 197 44.51 -46.87 11.95
C GLN S 197 43.86 -47.33 10.65
N THR S 198 44.33 -46.78 9.54
CA THR S 198 43.86 -47.17 8.21
C THR S 198 44.82 -48.18 7.59
N TYR S 199 44.26 -49.17 6.90
CA TYR S 199 45.07 -50.21 6.27
C TYR S 199 44.84 -50.24 4.77
N ILE S 200 45.94 -50.26 4.02
CA ILE S 200 45.88 -50.19 2.56
C ILE S 200 46.76 -51.29 1.95
N CYS S 201 46.22 -52.02 0.99
CA CYS S 201 46.99 -53.04 0.29
C CYS S 201 47.55 -52.50 -1.02
N ASN S 202 48.87 -52.51 -1.15
CA ASN S 202 49.52 -52.04 -2.37
C ASN S 202 49.80 -53.19 -3.32
N VAL S 203 48.99 -53.29 -4.37
CA VAL S 203 49.10 -54.38 -5.32
C VAL S 203 49.78 -53.94 -6.61
N ASN S 204 50.78 -54.71 -7.03
CA ASN S 204 51.50 -54.41 -8.26
C ASN S 204 51.68 -55.66 -9.12
N HIS S 205 51.45 -55.49 -10.42
CA HIS S 205 51.59 -56.58 -11.38
C HIS S 205 52.52 -56.11 -12.49
N LYS S 206 53.55 -56.91 -12.77
CA LYS S 206 54.56 -56.53 -13.77
C LYS S 206 54.25 -56.84 -15.24
N PRO S 207 53.84 -58.09 -15.55
CA PRO S 207 53.59 -58.45 -16.97
C PRO S 207 52.60 -57.51 -17.65
N SER S 208 51.34 -57.57 -17.23
CA SER S 208 50.45 -56.47 -17.51
C SER S 208 50.97 -55.33 -16.66
N ASN S 209 51.06 -54.15 -17.22
CA ASN S 209 51.28 -52.98 -16.39
C ASN S 209 49.97 -52.77 -15.68
N THR S 210 50.00 -52.83 -14.35
CA THR S 210 48.81 -52.63 -13.54
C THR S 210 49.26 -52.48 -12.10
N LYS S 211 48.83 -51.40 -11.48
CA LYS S 211 49.16 -51.12 -10.10
C LYS S 211 47.88 -50.67 -9.44
N VAL S 212 47.40 -51.43 -8.47
CA VAL S 212 46.13 -51.12 -7.81
C VAL S 212 46.32 -51.01 -6.30
N ASP S 213 45.71 -49.97 -5.71
CA ASP S 213 45.72 -49.80 -4.26
C ASP S 213 44.31 -49.83 -3.73
N LYS S 214 44.11 -50.51 -2.60
CA LYS S 214 42.78 -50.66 -2.03
C LYS S 214 42.76 -50.48 -0.52
N ARG S 215 41.85 -49.63 -0.05
CA ARG S 215 41.66 -49.41 1.38
C ARG S 215 40.73 -50.47 1.94
N VAL S 216 41.00 -50.90 3.17
CA VAL S 216 40.17 -51.92 3.83
C VAL S 216 39.41 -51.35 5.03
N GLU S 217 38.08 -51.36 4.93
CA GLU S 217 37.23 -50.82 5.97
C GLU S 217 36.05 -51.73 6.25
N PRO S 218 35.60 -51.78 7.52
CA PRO S 218 34.44 -52.58 7.90
C PRO S 218 33.15 -52.06 7.25
N GLU T 1 78.93 -86.38 -16.06
CA GLU T 1 78.16 -85.67 -15.05
C GLU T 1 78.16 -86.38 -13.70
N ILE T 2 78.76 -85.74 -12.70
CA ILE T 2 78.78 -86.28 -11.35
C ILE T 2 77.42 -86.10 -10.67
N VAL T 3 76.95 -87.15 -10.01
CA VAL T 3 75.64 -87.10 -9.38
C VAL T 3 75.76 -87.13 -7.85
N LEU T 4 75.19 -86.11 -7.21
CA LEU T 4 75.22 -86.00 -5.76
C LEU T 4 73.90 -86.48 -5.16
N THR T 5 73.99 -87.14 -4.00
CA THR T 5 72.81 -87.66 -3.34
C THR T 5 72.80 -87.28 -1.86
N GLN T 6 71.72 -86.63 -1.42
CA GLN T 6 71.61 -86.18 -0.05
C GLN T 6 70.63 -87.03 0.75
N SER T 7 70.83 -87.09 2.06
CA SER T 7 69.94 -87.82 2.94
C SER T 7 69.86 -87.13 4.30
N PRO T 8 68.63 -87.00 4.83
CA PRO T 8 67.39 -87.43 4.20
C PRO T 8 66.87 -86.38 3.23
N ASP T 9 65.92 -86.76 2.38
CA ASP T 9 65.30 -85.81 1.45
C ASP T 9 64.39 -84.86 2.20
N PHE T 10 63.81 -85.35 3.29
CA PHE T 10 62.97 -84.52 4.15
C PHE T 10 63.30 -84.80 5.62
N GLN T 11 63.29 -83.76 6.43
CA GLN T 11 63.67 -83.89 7.83
C GLN T 11 62.83 -82.98 8.73
N SER T 12 62.44 -83.50 9.89
CA SER T 12 61.68 -82.73 10.87
C SER T 12 62.35 -82.80 12.23
N VAL T 13 62.83 -81.65 12.72
CA VAL T 13 63.59 -81.62 13.96
C VAL T 13 63.01 -80.64 14.97
N THR T 14 63.18 -80.95 16.25
CA THR T 14 62.79 -80.05 17.33
C THR T 14 63.83 -78.94 17.48
N PRO T 15 63.38 -77.74 17.88
CA PRO T 15 64.26 -76.58 18.05
C PRO T 15 65.38 -76.85 19.06
N LYS T 16 66.48 -76.11 18.93
CA LYS T 16 67.62 -76.20 19.84
C LYS T 16 68.21 -77.61 19.87
N GLU T 17 68.09 -78.33 18.76
CA GLU T 17 68.62 -79.68 18.66
C GLU T 17 69.53 -79.85 17.45
N LYS T 18 70.37 -80.88 17.49
CA LYS T 18 71.36 -81.13 16.43
C LYS T 18 70.71 -81.62 15.14
N VAL T 19 71.18 -81.10 14.02
CA VAL T 19 70.68 -81.48 12.71
C VAL T 19 71.83 -81.87 11.80
N THR T 20 71.72 -83.03 11.15
CA THR T 20 72.80 -83.53 10.29
C THR T 20 72.28 -83.87 8.89
N ILE T 21 73.08 -83.51 7.89
CA ILE T 21 72.75 -83.82 6.50
C ILE T 21 73.98 -84.39 5.79
N THR T 22 73.79 -85.50 5.07
CA THR T 22 74.90 -86.17 4.40
C THR T 22 74.86 -85.96 2.89
N CYS T 23 76.03 -85.82 2.28
CA CYS T 23 76.13 -85.62 0.84
C CYS T 23 77.10 -86.62 0.23
N ARG T 24 76.57 -87.68 -0.38
CA ARG T 24 77.39 -88.69 -1.01
C ARG T 24 77.54 -88.41 -2.49
N ALA T 25 78.73 -88.68 -3.03
CA ALA T 25 79.02 -88.37 -4.43
C ALA T 25 79.25 -89.63 -5.25
N SER T 26 79.15 -89.50 -6.57
CA SER T 26 79.36 -90.62 -7.48
C SER T 26 80.85 -90.98 -7.52
N GLN T 27 81.70 -89.97 -7.46
CA GLN T 27 83.15 -90.16 -7.49
C GLN T 27 83.81 -89.47 -6.31
N SER T 28 85.12 -89.67 -6.16
CA SER T 28 85.88 -89.02 -5.09
C SER T 28 86.23 -87.59 -5.48
N ILE T 29 85.53 -86.62 -4.92
CA ILE T 29 85.71 -85.22 -5.30
C ILE T 29 86.70 -84.47 -4.39
N SER T 30 87.24 -85.20 -3.42
CA SER T 30 88.26 -84.66 -2.51
C SER T 30 87.85 -83.37 -1.80
N ASP T 31 88.68 -82.36 -1.94
CA ASP T 31 88.52 -81.10 -1.20
C ASP T 31 87.40 -80.24 -1.75
N HIS T 32 86.89 -80.56 -2.93
CA HIS T 32 85.94 -79.66 -3.60
C HIS T 32 84.47 -80.03 -3.41
N LEU T 33 83.85 -79.41 -2.43
CA LEU T 33 82.42 -79.58 -2.16
C LEU T 33 81.91 -78.31 -1.48
N HIS T 34 80.66 -77.96 -1.74
CA HIS T 34 80.08 -76.75 -1.16
C HIS T 34 78.66 -77.01 -0.70
N TRP T 35 78.12 -76.07 0.06
CA TRP T 35 76.78 -76.20 0.60
C TRP T 35 75.99 -74.91 0.41
N TYR T 36 74.69 -75.04 0.18
CA TYR T 36 73.83 -73.87 -0.03
C TYR T 36 72.54 -73.92 0.79
N GLN T 37 72.12 -72.75 1.27
CA GLN T 37 70.86 -72.62 1.99
C GLN T 37 69.88 -71.79 1.18
N GLN T 38 68.72 -72.37 0.90
CA GLN T 38 67.72 -71.66 0.13
C GLN T 38 66.41 -71.54 0.90
N LYS T 39 66.16 -70.36 1.44
CA LYS T 39 64.88 -70.05 2.05
C LYS T 39 63.86 -69.81 0.93
N PRO T 40 62.57 -70.03 1.21
CA PRO T 40 61.54 -69.92 0.16
C PRO T 40 61.48 -68.52 -0.47
N ASP T 41 61.27 -68.49 -1.78
CA ASP T 41 61.20 -67.24 -2.55
C ASP T 41 62.46 -66.39 -2.42
N GLN T 42 63.60 -67.06 -2.30
CA GLN T 42 64.89 -66.38 -2.23
C GLN T 42 65.97 -67.17 -2.97
N SER T 43 67.06 -66.49 -3.29
CA SER T 43 68.19 -67.11 -3.95
C SER T 43 69.02 -67.90 -2.94
N PRO T 44 69.66 -68.99 -3.38
CA PRO T 44 70.52 -69.79 -2.52
C PRO T 44 71.66 -68.98 -1.93
N LYS T 45 72.10 -69.36 -0.73
CA LYS T 45 73.22 -68.69 -0.07
C LYS T 45 74.26 -69.75 0.27
N LEU T 46 75.53 -69.42 0.08
CA LEU T 46 76.60 -70.32 0.48
C LEU T 46 76.60 -70.45 2.01
N LEU T 47 76.87 -71.65 2.50
CA LEU T 47 77.06 -71.84 3.94
C LEU T 47 78.45 -72.35 4.29
N ILE T 48 78.96 -73.31 3.52
CA ILE T 48 80.23 -73.96 3.83
C ILE T 48 81.11 -74.13 2.58
N LYS T 49 82.42 -74.04 2.78
CA LYS T 49 83.38 -74.20 1.68
C LYS T 49 84.40 -75.31 1.93
N TYR T 50 84.66 -76.11 0.90
CA TYR T 50 85.86 -76.97 0.82
C TYR T 50 86.06 -78.32 1.58
N ALA T 51 85.08 -78.94 2.24
CA ALA T 51 83.77 -78.41 2.60
C ALA T 51 83.70 -78.30 4.12
N SER T 52 84.47 -77.37 4.68
CA SER T 52 84.47 -77.14 6.12
C SER T 52 84.81 -75.68 6.44
N HIS T 53 85.17 -74.92 5.41
CA HIS T 53 85.55 -73.52 5.59
C HIS T 53 84.33 -72.60 5.61
N ALA T 54 84.20 -71.83 6.69
CA ALA T 54 83.09 -70.91 6.87
C ALA T 54 83.21 -69.73 5.90
N ILE T 55 82.08 -69.07 5.66
CA ILE T 55 82.05 -67.92 4.76
C ILE T 55 81.98 -66.62 5.57
N SER T 56 82.23 -66.73 6.87
CA SER T 56 82.30 -65.57 7.76
C SER T 56 81.00 -64.79 7.83
N GLY T 57 79.90 -65.43 7.45
CA GLY T 57 78.59 -64.80 7.48
C GLY T 57 77.56 -65.77 8.02
N VAL T 58 77.94 -67.04 8.08
CA VAL T 58 77.08 -68.08 8.64
C VAL T 58 77.36 -68.24 10.13
N PRO T 59 76.28 -68.32 10.93
CA PRO T 59 76.41 -68.46 12.39
C PRO T 59 77.26 -69.66 12.79
N SER T 60 77.81 -69.63 13.99
CA SER T 60 78.70 -70.68 14.48
C SER T 60 78.00 -72.03 14.56
N ARG T 61 76.68 -72.00 14.68
CA ARG T 61 75.88 -73.22 14.75
C ARG T 61 76.05 -74.02 13.46
N PHE T 62 76.13 -73.31 12.35
CA PHE T 62 76.35 -73.94 11.06
C PHE T 62 77.78 -74.44 10.93
N SER T 63 77.92 -75.68 10.48
CA SER T 63 79.22 -76.30 10.30
C SER T 63 79.19 -77.30 9.16
N GLY T 64 80.27 -78.04 9.01
CA GLY T 64 80.38 -79.03 7.97
C GLY T 64 81.71 -79.75 7.99
N SER T 65 81.74 -80.96 7.43
CA SER T 65 82.95 -81.75 7.39
C SER T 65 82.88 -82.77 6.27
N GLY T 66 84.02 -83.31 5.89
CA GLY T 66 84.05 -84.36 4.89
C GLY T 66 85.26 -84.35 3.98
N SER T 67 85.42 -85.48 3.28
CA SER T 67 86.45 -85.65 2.28
C SER T 67 85.95 -86.77 1.40
N GLY T 68 86.64 -87.03 0.29
CA GLY T 68 86.29 -88.13 -0.60
C GLY T 68 84.81 -88.21 -0.96
N THR T 69 84.27 -89.42 -0.93
CA THR T 69 82.91 -89.69 -1.37
C THR T 69 81.85 -89.10 -0.43
N ASP T 70 82.21 -88.84 0.82
CA ASP T 70 81.21 -88.46 1.83
C ASP T 70 81.44 -87.11 2.52
N PHE T 71 80.38 -86.30 2.56
CA PHE T 71 80.40 -85.00 3.24
C PHE T 71 79.18 -84.85 4.14
N THR T 72 79.37 -84.19 5.28
CA THR T 72 78.28 -84.00 6.23
C THR T 72 78.18 -82.57 6.74
N LEU T 73 76.99 -81.99 6.61
CA LEU T 73 76.70 -80.68 7.19
C LEU T 73 75.98 -80.89 8.52
N THR T 74 76.46 -80.20 9.55
CA THR T 74 75.86 -80.32 10.88
C THR T 74 75.41 -78.97 11.40
N ILE T 75 74.18 -78.92 11.92
CA ILE T 75 73.68 -77.75 12.61
C ILE T 75 73.67 -78.04 14.10
N ASN T 76 74.61 -77.46 14.83
CA ASN T 76 74.79 -77.73 16.25
C ASN T 76 73.53 -77.43 17.08
N SER T 77 72.93 -76.28 16.82
CA SER T 77 71.70 -75.90 17.49
C SER T 77 70.69 -75.35 16.48
N LEU T 78 69.56 -76.03 16.34
CA LEU T 78 68.55 -75.65 15.38
C LEU T 78 67.79 -74.41 15.86
N GLU T 79 67.79 -73.37 15.05
CA GLU T 79 67.08 -72.14 15.39
C GLU T 79 65.88 -71.93 14.48
N ALA T 80 65.02 -70.99 14.86
CA ALA T 80 63.79 -70.72 14.11
C ALA T 80 64.06 -70.26 12.68
N GLU T 81 65.13 -69.49 12.52
CA GLU T 81 65.50 -68.94 11.21
C GLU T 81 65.98 -70.00 10.23
N ASP T 82 66.45 -71.13 10.77
CA ASP T 82 67.06 -72.17 9.96
C ASP T 82 66.09 -72.91 9.04
N ALA T 83 64.79 -72.63 9.22
CA ALA T 83 63.75 -73.28 8.42
C ALA T 83 63.92 -72.96 6.92
N ALA T 84 64.46 -73.93 6.19
CA ALA T 84 64.69 -73.78 4.75
C ALA T 84 65.02 -75.12 4.10
N THR T 85 65.42 -75.06 2.83
CA THR T 85 65.87 -76.25 2.12
C THR T 85 67.35 -76.07 1.78
N TYR T 86 68.12 -77.13 1.97
CA TYR T 86 69.57 -77.05 1.81
C TYR T 86 70.07 -77.88 0.64
N TYR T 87 71.01 -77.32 -0.12
CA TYR T 87 71.54 -77.99 -1.30
C TYR T 87 73.06 -78.14 -1.23
N CYS T 88 73.61 -79.03 -2.06
CA CYS T 88 75.05 -79.20 -2.15
C CYS T 88 75.48 -79.40 -3.59
N GLN T 89 76.64 -78.87 -3.94
CA GLN T 89 77.15 -78.99 -5.30
C GLN T 89 78.62 -79.37 -5.30
N GLN T 90 79.03 -80.12 -6.31
CA GLN T 90 80.38 -80.64 -6.40
C GLN T 90 81.33 -79.59 -6.98
N GLY T 91 82.62 -79.73 -6.71
CA GLY T 91 83.60 -78.81 -7.25
C GLY T 91 84.61 -79.55 -8.12
N TYR T 92 84.36 -80.84 -8.32
CA TYR T 92 85.29 -81.72 -9.03
C TYR T 92 85.46 -81.33 -10.50
N ASP T 93 84.35 -81.29 -11.25
CA ASP T 93 84.44 -81.18 -12.69
C ASP T 93 83.19 -80.56 -13.31
N PHE T 94 83.34 -80.04 -14.52
CA PHE T 94 82.22 -79.60 -15.33
C PHE T 94 81.58 -80.80 -16.03
N PRO T 95 80.25 -80.75 -16.25
CA PRO T 95 79.37 -79.63 -15.90
C PRO T 95 79.03 -79.60 -14.40
N LEU T 96 78.66 -78.43 -13.91
CA LEU T 96 78.30 -78.27 -12.50
C LEU T 96 76.91 -78.85 -12.22
N THR T 97 76.76 -79.46 -11.05
CA THR T 97 75.53 -80.13 -10.66
C THR T 97 75.19 -79.84 -9.21
N PHE T 98 73.94 -80.05 -8.82
CA PHE T 98 73.52 -79.82 -7.44
C PHE T 98 72.90 -81.07 -6.83
N GLY T 99 72.81 -81.07 -5.50
CA GLY T 99 72.17 -82.18 -4.80
C GLY T 99 70.67 -82.14 -4.97
N GLY T 100 69.99 -83.19 -4.52
CA GLY T 100 68.55 -83.27 -4.64
C GLY T 100 67.83 -82.27 -3.76
N GLY T 101 68.54 -81.76 -2.75
CA GLY T 101 67.97 -80.81 -1.83
C GLY T 101 67.42 -81.47 -0.58
N THR T 102 67.58 -80.80 0.56
CA THR T 102 67.10 -81.33 1.83
C THR T 102 66.24 -80.31 2.55
N LYS T 103 64.96 -80.61 2.69
CA LYS T 103 64.03 -79.71 3.36
C LYS T 103 63.97 -80.01 4.86
N VAL T 104 64.17 -78.98 5.66
CA VAL T 104 64.17 -79.13 7.12
C VAL T 104 62.99 -78.41 7.75
N GLU T 105 62.12 -79.17 8.40
CA GLU T 105 60.95 -78.61 9.07
C GLU T 105 61.14 -78.58 10.58
N ILE T 106 60.86 -77.44 11.19
CA ILE T 106 60.98 -77.28 12.63
C ILE T 106 59.75 -77.85 13.33
N LYS T 107 59.99 -78.74 14.29
CA LYS T 107 58.90 -79.35 15.05
C LYS T 107 58.63 -78.57 16.34
N ARG T 108 57.72 -77.60 16.25
CA ARG T 108 57.39 -76.77 17.40
C ARG T 108 56.21 -77.33 18.16
N THR T 109 56.14 -77.01 19.45
CA THR T 109 55.03 -77.44 20.31
C THR T 109 53.69 -77.02 19.72
N VAL T 110 52.71 -77.93 19.80
CA VAL T 110 51.42 -77.75 19.13
C VAL T 110 50.69 -76.47 19.54
N ALA T 111 50.16 -75.77 18.53
CA ALA T 111 49.40 -74.56 18.76
C ALA T 111 48.10 -74.57 17.95
N ALA T 112 47.03 -74.07 18.54
CA ALA T 112 45.73 -74.04 17.90
C ALA T 112 45.62 -72.91 16.89
N PRO T 113 44.92 -73.17 15.76
CA PRO T 113 44.74 -72.18 14.71
C PRO T 113 43.74 -71.10 15.11
N SER T 114 44.07 -69.84 14.82
CA SER T 114 43.13 -68.75 15.02
C SER T 114 42.34 -68.58 13.73
N VAL T 115 41.04 -68.84 13.79
CA VAL T 115 40.21 -68.92 12.59
C VAL T 115 39.36 -67.67 12.36
N PHE T 116 39.38 -67.18 11.12
CA PHE T 116 38.56 -66.05 10.73
C PHE T 116 37.84 -66.35 9.41
N ILE T 117 36.69 -65.74 9.21
CA ILE T 117 35.93 -65.93 7.99
C ILE T 117 35.59 -64.58 7.34
N PHE T 118 35.70 -64.52 6.02
CA PHE T 118 35.47 -63.27 5.29
C PHE T 118 34.36 -63.40 4.26
N PRO T 119 33.35 -62.50 4.35
CA PRO T 119 32.27 -62.44 3.37
C PRO T 119 32.77 -61.85 2.06
N PRO T 120 32.12 -62.18 0.94
CA PRO T 120 32.51 -61.63 -0.37
C PRO T 120 32.25 -60.13 -0.43
N SER T 121 33.14 -59.41 -1.12
CA SER T 121 33.03 -57.96 -1.25
C SER T 121 31.83 -57.57 -2.11
N ASP T 122 31.18 -56.47 -1.73
CA ASP T 122 30.06 -55.92 -2.50
C ASP T 122 30.51 -55.55 -3.91
N GLU T 123 31.78 -55.21 -4.06
CA GLU T 123 32.35 -54.88 -5.36
C GLU T 123 32.46 -56.14 -6.22
N GLN T 124 32.54 -57.29 -5.57
CA GLN T 124 32.68 -58.57 -6.26
C GLN T 124 31.33 -59.13 -6.68
N LEU T 125 30.28 -58.73 -5.96
CA LEU T 125 28.93 -59.18 -6.27
C LEU T 125 28.47 -58.65 -7.63
N LYS T 126 28.96 -57.46 -7.99
CA LYS T 126 28.64 -56.87 -9.28
C LYS T 126 29.22 -57.69 -10.43
N SER T 127 30.34 -58.37 -10.16
CA SER T 127 30.99 -59.19 -11.18
C SER T 127 30.16 -60.43 -11.52
N GLY T 128 29.29 -60.83 -10.59
CA GLY T 128 28.43 -61.98 -10.80
C GLY T 128 28.99 -63.24 -10.16
N THR T 129 30.11 -63.09 -9.47
CA THR T 129 30.73 -64.21 -8.78
C THR T 129 31.05 -63.83 -7.34
N ALA T 130 30.82 -64.76 -6.42
CA ALA T 130 31.08 -64.51 -5.01
C ALA T 130 32.08 -65.51 -4.44
N SER T 131 33.11 -64.99 -3.78
CA SER T 131 34.14 -65.84 -3.19
C SER T 131 34.20 -65.65 -1.68
N VAL T 132 34.09 -66.75 -0.94
CA VAL T 132 34.17 -66.72 0.50
C VAL T 132 35.42 -67.44 0.97
N VAL T 133 36.20 -66.78 1.82
CA VAL T 133 37.47 -67.34 2.26
C VAL T 133 37.53 -67.59 3.76
N CYS T 134 38.11 -68.73 4.12
CA CYS T 134 38.34 -69.06 5.53
C CYS T 134 39.84 -69.06 5.80
N LEU T 135 40.22 -68.39 6.87
CA LEU T 135 41.62 -68.24 7.22
C LEU T 135 41.95 -68.94 8.53
N LEU T 136 43.06 -69.66 8.56
CA LEU T 136 43.55 -70.29 9.78
C LEU T 136 45.06 -70.02 9.90
N ASN T 137 45.38 -68.99 10.68
CA ASN T 137 46.67 -68.32 10.59
C ASN T 137 47.90 -69.02 11.18
N ASN T 138 47.84 -69.43 12.44
CA ASN T 138 49.04 -69.92 13.11
C ASN T 138 48.92 -71.31 13.73
N PHE T 139 49.10 -72.33 12.90
CA PHE T 139 48.85 -73.70 13.32
C PHE T 139 50.04 -74.63 13.03
N TYR T 140 50.48 -75.33 14.06
CA TYR T 140 51.40 -76.45 13.88
C TYR T 140 50.81 -77.68 14.56
N PRO T 141 50.80 -78.82 13.87
CA PRO T 141 51.40 -79.06 12.54
C PRO T 141 50.61 -78.52 11.36
N ARG T 142 51.10 -78.80 10.16
CA ARG T 142 50.53 -78.29 8.92
C ARG T 142 49.20 -78.97 8.60
N GLU T 143 49.03 -80.20 9.08
CA GLU T 143 47.84 -80.98 8.82
C GLU T 143 46.59 -80.32 9.43
N ALA T 144 45.60 -80.07 8.59
CA ALA T 144 44.35 -79.45 9.03
C ALA T 144 43.20 -79.78 8.09
N LYS T 145 41.98 -79.71 8.61
CA LYS T 145 40.79 -80.03 7.83
C LYS T 145 39.83 -78.84 7.75
N VAL T 146 39.40 -78.52 6.53
CA VAL T 146 38.46 -77.42 6.33
C VAL T 146 37.16 -77.91 5.68
N GLN T 147 36.04 -77.64 6.34
CA GLN T 147 34.74 -78.01 5.82
C GLN T 147 33.84 -76.79 5.61
N TRP T 148 33.29 -76.66 4.41
CA TRP T 148 32.39 -75.57 4.09
C TRP T 148 30.93 -75.98 4.24
N LYS T 149 30.18 -75.20 5.00
CA LYS T 149 28.76 -75.47 5.21
C LYS T 149 27.90 -74.28 4.77
N VAL T 150 27.04 -74.53 3.79
CA VAL T 150 26.10 -73.51 3.33
C VAL T 150 24.69 -73.89 3.77
N ASP T 151 24.15 -73.13 4.72
CA ASP T 151 22.88 -73.48 5.36
C ASP T 151 22.93 -74.89 5.94
N ASN T 152 24.03 -75.19 6.63
CA ASN T 152 24.29 -76.50 7.20
C ASN T 152 24.30 -77.64 6.18
N ALA T 153 24.64 -77.30 4.94
CA ALA T 153 24.78 -78.30 3.88
C ALA T 153 26.24 -78.41 3.45
N LEU T 154 26.78 -79.62 3.50
CA LEU T 154 28.18 -79.85 3.18
C LEU T 154 28.46 -79.62 1.70
N GLN T 155 29.47 -78.80 1.42
CA GLN T 155 29.83 -78.45 0.07
C GLN T 155 31.13 -79.12 -0.36
N SER T 156 31.19 -79.53 -1.62
CA SER T 156 32.38 -80.19 -2.15
C SER T 156 32.59 -79.86 -3.63
N GLY T 157 33.85 -79.67 -4.01
CA GLY T 157 34.20 -79.42 -5.39
C GLY T 157 34.21 -77.95 -5.75
N ASN T 158 33.86 -77.10 -4.79
CA ASN T 158 33.81 -75.66 -5.02
C ASN T 158 34.77 -74.89 -4.12
N SER T 159 35.67 -75.61 -3.47
CA SER T 159 36.62 -75.00 -2.54
C SER T 159 38.07 -75.28 -2.93
N GLN T 160 38.92 -74.27 -2.79
CA GLN T 160 40.34 -74.41 -3.08
C GLN T 160 41.15 -73.95 -1.86
N GLU T 161 42.26 -74.62 -1.60
CA GLU T 161 43.07 -74.32 -0.43
C GLU T 161 44.50 -73.92 -0.79
N SER T 162 45.05 -72.96 -0.04
CA SER T 162 46.42 -72.51 -0.24
C SER T 162 47.18 -72.50 1.07
N VAL T 163 48.39 -73.06 1.06
CA VAL T 163 49.22 -73.13 2.25
C VAL T 163 50.53 -72.38 2.06
N THR T 164 50.93 -71.61 3.07
CA THR T 164 52.18 -70.86 3.00
C THR T 164 53.32 -71.65 3.63
N GLU T 165 54.55 -71.15 3.45
CA GLU T 165 55.73 -71.82 3.98
C GLU T 165 55.86 -71.57 5.49
N GLN T 166 56.73 -72.34 6.12
CA GLN T 166 56.96 -72.21 7.56
C GLN T 166 57.57 -70.86 7.89
N ASP T 167 57.06 -70.24 8.96
CA ASP T 167 57.50 -68.90 9.34
C ASP T 167 58.92 -68.91 9.90
N SER T 168 59.67 -67.86 9.61
CA SER T 168 61.06 -67.75 10.06
C SER T 168 61.15 -67.52 11.56
N LYS T 169 60.15 -66.85 12.12
CA LYS T 169 60.19 -66.46 13.54
C LYS T 169 59.49 -67.47 14.45
N ASP T 170 58.19 -67.66 14.26
CA ASP T 170 57.41 -68.54 15.14
C ASP T 170 57.26 -69.95 14.60
N SER T 171 57.73 -70.17 13.38
CA SER T 171 57.72 -71.50 12.74
C SER T 171 56.32 -72.09 12.62
N THR T 172 55.33 -71.24 12.35
CA THR T 172 53.94 -71.68 12.24
C THR T 172 53.45 -71.57 10.80
N TYR T 173 52.61 -72.53 10.40
CA TYR T 173 52.03 -72.52 9.07
C TYR T 173 50.74 -71.71 9.03
N SER T 174 50.37 -71.26 7.83
CA SER T 174 49.11 -70.60 7.59
C SER T 174 48.47 -71.17 6.33
N LEU T 175 47.16 -71.30 6.33
CA LEU T 175 46.46 -71.83 5.16
C LEU T 175 45.17 -71.04 4.95
N SER T 176 44.70 -71.01 3.71
CA SER T 176 43.49 -70.29 3.37
C SER T 176 42.62 -71.14 2.45
N SER T 177 41.35 -71.26 2.78
CA SER T 177 40.42 -72.01 1.96
C SER T 177 39.43 -71.06 1.30
N THR T 178 39.32 -71.14 -0.02
CA THR T 178 38.47 -70.24 -0.78
C THR T 178 37.26 -70.96 -1.36
N LEU T 179 36.07 -70.48 -1.02
CA LEU T 179 34.83 -71.03 -1.55
C LEU T 179 34.27 -70.11 -2.63
N THR T 180 34.14 -70.64 -3.85
CA THR T 180 33.71 -69.83 -4.98
C THR T 180 32.32 -70.24 -5.47
N LEU T 181 31.43 -69.25 -5.53
CA LEU T 181 30.06 -69.49 -5.98
C LEU T 181 29.58 -68.34 -6.87
N SER T 182 28.63 -68.63 -7.73
CA SER T 182 28.02 -67.59 -8.57
C SER T 182 27.07 -66.76 -7.70
N LYS T 183 26.84 -65.52 -8.12
CA LYS T 183 25.93 -64.63 -7.41
C LYS T 183 24.52 -65.21 -7.38
N ALA T 184 24.16 -65.89 -8.46
CA ALA T 184 22.85 -66.52 -8.57
C ALA T 184 22.63 -67.56 -7.48
N ASP T 185 23.68 -68.30 -7.14
CA ASP T 185 23.59 -69.34 -6.13
C ASP T 185 23.97 -68.83 -4.73
N TYR T 186 24.76 -67.77 -4.69
CA TYR T 186 25.22 -67.21 -3.43
C TYR T 186 24.08 -66.62 -2.60
N GLU T 187 23.10 -66.03 -3.28
CA GLU T 187 22.03 -65.32 -2.60
C GLU T 187 20.78 -66.19 -2.35
N LYS T 188 20.84 -67.43 -2.79
CA LYS T 188 19.76 -68.38 -2.51
C LYS T 188 20.06 -69.15 -1.23
N HIS T 189 20.82 -68.51 -0.34
CA HIS T 189 21.22 -69.12 0.92
C HIS T 189 21.44 -68.06 1.99
N LYS T 190 21.43 -68.48 3.25
CA LYS T 190 21.54 -67.54 4.36
C LYS T 190 22.84 -67.72 5.17
N VAL T 191 23.08 -68.95 5.63
CA VAL T 191 24.19 -69.20 6.54
C VAL T 191 25.38 -69.91 5.88
N TYR T 192 26.54 -69.29 5.98
CA TYR T 192 27.79 -69.88 5.48
C TYR T 192 28.75 -70.08 6.65
N ALA T 193 29.34 -71.27 6.72
CA ALA T 193 30.18 -71.63 7.86
C ALA T 193 31.47 -72.35 7.45
N CYS T 194 32.52 -72.13 8.23
CA CYS T 194 33.81 -72.76 7.99
C CYS T 194 34.19 -73.63 9.19
N GLU T 195 34.36 -74.92 8.96
CA GLU T 195 34.67 -75.85 10.04
C GLU T 195 36.12 -76.29 10.02
N VAL T 196 36.82 -76.04 11.12
CA VAL T 196 38.25 -76.33 11.22
C VAL T 196 38.54 -77.43 12.23
N THR T 197 39.28 -78.45 11.79
CA THR T 197 39.67 -79.55 12.65
C THR T 197 41.19 -79.64 12.74
N HIS T 198 41.73 -79.44 13.93
CA HIS T 198 43.18 -79.43 14.13
C HIS T 198 43.54 -80.09 15.46
N GLN T 199 44.80 -80.48 15.59
CA GLN T 199 45.29 -81.11 16.81
C GLN T 199 45.20 -80.17 18.01
N GLY T 200 45.43 -78.89 17.77
CA GLY T 200 45.38 -77.88 18.82
C GLY T 200 43.98 -77.71 19.36
N LEU T 201 42.99 -77.95 18.51
CA LEU T 201 41.59 -77.88 18.89
C LEU T 201 41.13 -79.22 19.41
N SER T 202 40.54 -79.24 20.61
CA SER T 202 40.04 -80.48 21.18
C SER T 202 38.78 -80.90 20.43
N SER T 203 37.99 -79.92 20.01
CA SER T 203 36.81 -80.17 19.18
C SER T 203 36.80 -79.19 18.01
N PRO T 204 36.26 -79.63 16.85
CA PRO T 204 36.18 -78.80 15.65
C PRO T 204 35.53 -77.44 15.91
N VAL T 205 36.15 -76.38 15.39
CA VAL T 205 35.66 -75.03 15.58
C VAL T 205 35.03 -74.48 14.31
N THR T 206 33.83 -73.93 14.44
CA THR T 206 33.11 -73.37 13.30
C THR T 206 32.88 -71.87 13.42
N LYS T 207 33.31 -71.13 12.40
CA LYS T 207 33.12 -69.69 12.36
C LYS T 207 32.19 -69.34 11.21
N SER T 208 31.07 -68.67 11.53
CA SER T 208 30.05 -68.42 10.52
C SER T 208 29.55 -66.98 10.48
N PHE T 209 28.93 -66.61 9.36
CA PHE T 209 28.29 -65.32 9.19
C PHE T 209 26.99 -65.53 8.43
N ASN T 210 26.13 -64.51 8.43
CA ASN T 210 24.83 -64.61 7.78
C ASN T 210 24.68 -63.64 6.61
N ARG T 211 23.43 -63.42 6.22
CA ARG T 211 23.07 -62.50 5.14
C ARG T 211 23.82 -62.82 3.84
#